data_6E5P
#
_entry.id   6E5P
#
loop_
_entity.id
_entity.type
_entity.pdbx_description
1 polymer '2G12 Light chain'
2 polymer '2G12 heavy chain'
3 polymer 'Envelope glycoprotein gp120'
4 polymer 'Envelope glycoprotein gp160'
5 polymer 'VRC03 heavy chain'
6 polymer 'VRC03 Light chain'
7 branched alpha-D-mannopyranose-(1-2)-alpha-D-mannopyranose
8 branched alpha-D-mannopyranose-(1-3)-[alpha-D-mannopyranose-(1-6)]alpha-D-mannopyranose-(1-6)-beta-D-mannopyranose-(1-4)-2-acetamido-2-deoxy-beta-D-glucopyranose-(1-4)-2-acetamido-2-deoxy-beta-D-glucopyranose
9 branched alpha-D-mannopyranose-(1-2)-alpha-D-mannopyranose-(1-6)-alpha-D-mannopyranose-(1-6)-[alpha-D-mannopyranose-(1-3)]beta-D-mannopyranose-(1-4)-2-acetamido-2-deoxy-beta-D-glucopyranose-(1-4)-2-acetamido-2-deoxy-beta-D-glucopyranose
10 branched alpha-D-mannopyranose-(1-3)-beta-D-mannopyranose-(1-4)-2-acetamido-2-deoxy-beta-D-glucopyranose-(1-4)-2-acetamido-2-deoxy-beta-D-glucopyranose
#
loop_
_entity_poly.entity_id
_entity_poly.type
_entity_poly.pdbx_seq_one_letter_code
_entity_poly.pdbx_strand_id
1 'polypeptide(L)'
;VVMTQSPSTLSASVGDTITITCRASQSIETWLAWYQQKPGKAPKLLIYKASTLKTGVPSRFSGSGSGTEFTLTISGLQFD
DFATYHCQHYAGYSATFGQGTRVEIKRTVAAPSVFIFPPSDEQLKSGTASVVCLLNNFYPREAKVQWKVDNALQSGNSQE
SVTEQDSKDSTYSLSSTLTLSKADYEKHKVYACEVTHQGLSSPVTKSFNRGE
;
1,4,K,L,Q,T
2 'polypeptide(L)'
;EVQLVESGGGLVKAGGSLILSCGVSNFRISAHTMNWVRRVPGGGLEWVASISTSSTYRDYADAVKGRFTVSRDDLEDFVY
LQMHKMRVEDTAIYYCARKGSDRLSDNDPFDAWGPGTVVTVSPASTKGPSVFPLAPSSKSTSGGTAALGCLVKDYFPEPV
TVSWNSGALTSGVHTFPAVLQSSGLYSLSSVVTVPSSSLGTQTYICNVNHKPSNTKVDKKVEPKS
;
2,3,H,M,R,S
3 'polypeptide(L)'
;AENLWVTVYYGVPVWKDAETTLFCASDAKAYETEKHNVWATHACVPTDPNPQEIHLENVTEEFNMWKNNMVEQMHTDIIS
LWDQSLKPCVKLTPLCVTLQCTNVTNNITDDMRGELKNCSFNMTTELRDKKQKVYSLFYRLDVVQINENQGNRSNNSNKE
YRLINCNTSACTQACPKVSFEPIPIHYCAPAGFAILKCKDKKFNGTGPCPSVSTVQCTHGIKPVVSTQLLLNGSLAEEEV
MIRSENITNNAKNILVQFNTPVQINCTRPNNNTRKSIRIGPGQAFYATGDIIGDIRQAHCNVSKATWNETLGKVVKQLRK
HFGNNTIIRFANSSGGDLEVTTHSFNCGGEFFYCNTSGLFNSTWISNTSVQGSNSTGSNDSITLPCRIKQIINMWQRIGQ
CMYAPPIQGVIRCVSNITGLILTRDGGSTNSTTETFRPGGGDMRDNWRSELYKYKVVKIEPLGVAPTRCKRRVV
;
A,C,E
4 'polypeptide(L)'
;AVGIGAVFLGFLGAAGSTMGAASMTLTVQARNLLSGIVQQQSNLLRAPEAQQHLLKLTVWGIKQLQARVLAVERYLRDQQ
LLGIWGCSGKLICCTNVPWNSSWSNRNLSEIWDNMTWLQWDKEISNYTQIIYGLLEESQNQQEKNEQDLLALDGSAPTKA
KRRVVQREKR
;
B,D,F
5 'polypeptide(L)'
;QVQLVQSGAVIKTPGSSVKISCRASGYNFRDYSIHWVRLIPDKGFEWIGWIKPLWGAVSYARQLQGRVSMTRQLSQDPDD
PDWGVAYMEFSGLTPADTAEYFCVRRGSCDYCGDFPWQYWCQGTVVVVSSASTKGPSVFPLAPSSGGTAALGCLVKDYFP
EPVTVSWNSGALTSGVHTFPAVLQSSGLYSLSSVVTVPSSSLGTQTYICNVNHKPSNTKVDKKVEPK
;
I,O,V
6 'polypeptide(L)'
;EIVLTQSPGILSLSPGETATLFCKASQGGNAMTWYQKRRGQVPRLLIYDTSRRASGVPDRFVGSGSGTDFFLTINKLDRE
DFAVYYCQQFEFFGLGSELEVHRTVAAPSVFIFPPSDEQLKSGTASVVCLLNNFYPREAKVQWKVDNALQSGNSQESVTE
QDSKDSTYSLSSTLTLSKADYEKHKVYACEVTHQGLSSPVTKSFNRGE
;
J,P,W
#
# COMPACT_ATOMS: atom_id res chain seq x y z
N VAL A 1 75.49 4.76 41.93
CA VAL A 1 74.28 5.66 41.72
C VAL A 1 74.07 6.88 42.72
N VAL A 2 75.13 7.57 43.17
CA VAL A 2 75.19 8.39 44.42
C VAL A 2 75.27 9.98 44.36
N MET A 3 74.47 10.74 45.16
CA MET A 3 74.34 12.22 44.95
C MET A 3 74.95 13.18 45.96
N THR A 4 76.04 13.89 45.61
CA THR A 4 76.70 14.79 46.56
C THR A 4 76.29 16.22 46.24
N GLN A 5 75.70 16.91 47.22
CA GLN A 5 75.48 18.38 47.11
C GLN A 5 76.43 19.37 47.88
N SER A 6 76.49 20.62 47.42
CA SER A 6 77.49 21.59 47.85
C SER A 6 76.81 22.92 47.71
N PRO A 7 76.81 23.72 48.76
CA PRO A 7 77.68 23.59 49.92
C PRO A 7 77.19 22.68 51.01
N SER A 8 77.46 23.02 52.27
CA SER A 8 76.99 22.20 53.41
C SER A 8 75.98 22.98 54.26
N THR A 9 76.60 23.90 55.01
CA THR A 9 75.96 25.13 55.42
C THR A 9 76.21 26.22 54.41
N LEU A 10 75.23 27.11 54.33
CA LEU A 10 75.27 28.31 53.49
C LEU A 10 74.73 29.47 54.30
N SER A 11 75.54 30.52 54.28
CA SER A 11 75.27 31.61 55.16
C SER A 11 75.19 32.71 54.20
N ALA A 12 73.96 33.15 54.02
CA ALA A 12 73.77 34.29 53.16
C ALA A 12 72.75 35.12 53.84
N SER A 13 72.28 36.13 53.11
CA SER A 13 71.54 37.23 53.66
C SER A 13 70.54 37.65 52.63
N VAL A 14 69.45 38.26 53.15
CA VAL A 14 68.23 38.30 52.39
C VAL A 14 68.57 39.04 51.17
N GLY A 15 68.07 38.54 50.05
CA GLY A 15 68.25 39.15 48.77
C GLY A 15 69.59 38.91 48.11
N ASP A 16 70.57 38.30 48.81
CA ASP A 16 71.77 37.72 48.13
C ASP A 16 71.24 36.70 47.08
N THR A 17 71.98 36.45 45.97
CA THR A 17 71.60 35.25 45.20
C THR A 17 72.50 34.10 45.43
N ILE A 18 72.13 33.29 46.38
CA ILE A 18 72.67 31.96 46.46
C ILE A 18 72.49 31.09 45.16
N THR A 19 73.52 30.27 44.84
CA THR A 19 73.25 28.96 44.18
C THR A 19 73.66 27.71 45.02
N ILE A 20 72.79 26.67 45.02
CA ILE A 20 73.05 25.35 45.57
C ILE A 20 73.26 24.39 44.40
N THR A 21 73.97 23.28 44.57
CA THR A 21 74.55 22.62 43.42
C THR A 21 74.73 21.13 43.50
N CYS A 22 73.61 20.41 43.34
CA CYS A 22 73.59 18.93 43.08
C CYS A 22 74.65 18.42 42.06
N ARG A 23 75.08 17.17 42.23
CA ARG A 23 76.24 16.57 41.55
C ARG A 23 76.24 14.98 41.48
N ALA A 24 75.76 14.37 40.38
CA ALA A 24 75.63 12.90 40.37
C ALA A 24 76.87 12.09 39.97
N SER A 25 77.05 10.94 40.63
CA SER A 25 78.21 10.09 40.44
C SER A 25 78.02 9.15 39.24
N GLN A 26 77.12 9.61 38.35
CA GLN A 26 76.96 9.09 37.00
C GLN A 26 75.79 9.80 36.35
N SER A 27 75.51 9.42 35.09
CA SER A 27 74.64 10.21 34.21
C SER A 27 73.13 10.08 34.30
N ILE A 28 72.51 11.23 34.48
CA ILE A 28 71.12 11.32 34.91
C ILE A 28 70.15 11.75 33.81
N GLU A 29 70.59 11.97 32.58
CA GLU A 29 69.71 12.68 31.63
C GLU A 29 69.24 14.00 32.25
N THR A 30 67.94 14.09 32.54
CA THR A 30 67.31 15.33 32.99
C THR A 30 66.26 15.05 34.08
N TRP A 31 66.59 14.06 34.92
CA TRP A 31 65.74 13.61 36.02
C TRP A 31 65.71 14.39 37.42
N LEU A 32 66.50 15.45 37.60
CA LEU A 32 66.61 15.94 38.95
C LEU A 32 65.39 16.74 39.39
N ALA A 33 64.97 16.52 40.64
CA ALA A 33 64.03 17.39 41.32
C ALA A 33 64.68 17.94 42.61
N TRP A 34 64.37 19.21 42.93
CA TRP A 34 64.78 19.89 44.13
C TRP A 34 63.60 20.18 45.11
N TYR A 35 63.68 19.68 46.37
CA TYR A 35 62.77 20.04 47.48
C TYR A 35 63.43 20.94 48.51
N GLN A 36 62.66 21.90 49.01
CA GLN A 36 63.01 22.57 50.29
C GLN A 36 62.12 22.03 51.40
N GLN A 37 62.69 22.10 52.59
CA GLN A 37 61.96 21.68 53.76
C GLN A 37 62.49 22.38 54.96
N LYS A 38 61.53 22.86 55.72
CA LYS A 38 61.78 23.65 56.92
C LYS A 38 61.77 22.69 58.09
N PRO A 39 62.43 23.01 59.22
CA PRO A 39 62.54 22.02 60.35
C PRO A 39 61.13 21.67 60.85
N GLY A 40 60.96 20.46 61.27
CA GLY A 40 59.67 20.03 61.73
C GLY A 40 58.57 19.81 60.71
N LYS A 41 58.87 19.95 59.45
CA LYS A 41 57.87 19.95 58.44
C LYS A 41 58.13 19.04 57.27
N ALA A 42 57.11 18.87 56.50
CA ALA A 42 57.12 18.02 55.38
C ALA A 42 57.93 18.77 54.42
N PRO A 43 58.44 18.13 53.40
CA PRO A 43 59.20 18.85 52.38
C PRO A 43 58.35 19.47 51.23
N LYS A 44 58.94 20.32 50.40
CA LYS A 44 58.16 20.82 49.24
C LYS A 44 58.85 20.57 47.90
N LEU A 45 58.08 20.09 46.90
CA LEU A 45 58.55 20.08 45.49
C LEU A 45 58.86 21.51 45.12
N LEU A 46 59.93 21.77 44.38
CA LEU A 46 60.09 23.11 43.85
C LEU A 46 60.19 23.02 42.34
N ILE A 47 61.18 22.24 41.93
CA ILE A 47 61.51 22.04 40.55
C ILE A 47 61.84 20.59 40.42
N TYR A 48 61.30 19.97 39.35
CA TYR A 48 61.65 18.65 38.91
C TYR A 48 61.97 18.74 37.41
N LYS A 49 62.23 17.61 36.73
CA LYS A 49 62.80 17.63 35.35
C LYS A 49 63.93 18.67 35.21
N ALA A 50 64.80 18.75 36.21
CA ALA A 50 65.98 19.64 36.29
C ALA A 50 65.81 21.17 36.31
N SER A 51 64.67 21.62 35.77
CA SER A 51 64.47 23.00 35.37
C SER A 51 63.03 23.46 35.49
N THR A 52 62.14 22.52 35.76
CA THR A 52 60.72 22.83 35.71
C THR A 52 60.02 23.30 37.00
N LEU A 53 59.31 24.40 36.87
CA LEU A 53 58.79 25.07 38.03
C LEU A 53 57.40 24.59 38.32
N LYS A 54 57.30 23.77 39.39
CA LYS A 54 56.06 23.40 39.99
C LYS A 54 55.21 24.63 40.23
N THR A 55 53.99 24.53 39.69
CA THR A 55 53.01 25.62 39.74
C THR A 55 52.81 26.10 41.13
N GLY A 56 52.97 27.40 41.34
CA GLY A 56 52.82 27.90 42.70
C GLY A 56 54.20 28.15 43.32
N VAL A 57 55.22 27.40 42.89
CA VAL A 57 56.49 27.76 43.43
C VAL A 57 56.80 29.12 42.80
N PRO A 58 57.34 30.12 43.54
CA PRO A 58 57.57 31.47 42.99
C PRO A 58 58.62 31.49 41.85
N SER A 59 58.84 32.61 41.17
CA SER A 59 59.79 32.45 40.10
C SER A 59 61.28 32.71 40.45
N ARG A 60 61.56 33.21 41.65
CA ARG A 60 62.93 33.32 42.09
C ARG A 60 63.69 31.98 41.98
N PHE A 61 63.01 30.90 42.28
CA PHE A 61 63.61 29.59 42.21
C PHE A 61 63.76 29.10 40.77
N SER A 62 64.91 28.49 40.44
CA SER A 62 65.03 27.75 39.19
C SER A 62 66.36 27.00 39.05
N GLY A 63 66.38 26.08 38.09
CA GLY A 63 67.43 25.09 38.02
C GLY A 63 68.42 25.28 36.90
N SER A 64 69.32 24.32 36.82
CA SER A 64 70.34 24.19 35.77
C SER A 64 70.81 22.77 35.97
N GLY A 65 71.14 22.06 34.88
CA GLY A 65 71.60 20.69 35.04
C GLY A 65 71.28 19.73 33.91
N SER A 66 72.28 18.70 33.72
CA SER A 66 72.42 17.55 32.66
C SER A 66 73.80 16.73 32.64
N GLY A 67 73.75 15.40 32.82
CA GLY A 67 74.97 14.63 33.11
C GLY A 67 75.40 14.87 34.60
N THR A 68 76.71 14.75 34.88
CA THR A 68 77.18 14.93 36.28
C THR A 68 76.70 16.17 37.07
N GLU A 69 76.47 17.31 36.40
CA GLU A 69 76.22 18.63 37.13
C GLU A 69 74.81 19.29 37.20
N PHE A 70 74.55 20.01 38.29
CA PHE A 70 73.15 20.31 38.61
C PHE A 70 72.98 21.40 39.64
N THR A 71 72.20 22.43 39.28
CA THR A 71 72.02 23.54 40.17
C THR A 71 70.64 24.15 40.26
N LEU A 72 70.37 24.51 41.49
CA LEU A 72 69.30 25.36 41.90
C LEU A 72 69.88 26.68 42.29
N THR A 73 69.23 27.74 41.84
CA THR A 73 69.64 29.08 42.20
C THR A 73 68.35 29.63 42.77
N ILE A 74 68.40 30.25 43.96
CA ILE A 74 67.25 30.98 44.46
C ILE A 74 67.63 32.42 44.24
N SER A 75 66.80 33.24 43.58
CA SER A 75 67.35 34.55 43.09
C SER A 75 67.00 35.77 43.97
N GLY A 76 67.76 35.92 45.05
CA GLY A 76 67.51 36.98 46.03
C GLY A 76 66.59 36.56 47.18
N LEU A 77 67.27 36.07 48.22
CA LEU A 77 66.62 35.47 49.41
C LEU A 77 65.58 36.34 49.92
N GLN A 78 64.49 35.69 50.19
CA GLN A 78 63.58 36.23 51.15
C GLN A 78 63.72 35.43 52.44
N PHE A 79 63.28 36.05 53.52
CA PHE A 79 63.32 35.48 54.82
C PHE A 79 62.68 34.15 54.75
N ASP A 80 61.46 34.08 54.19
CA ASP A 80 60.88 32.77 54.03
C ASP A 80 61.77 31.61 53.46
N ASP A 81 62.44 31.81 52.34
CA ASP A 81 63.47 30.90 51.82
C ASP A 81 64.64 30.45 52.74
N PHE A 82 64.75 30.85 53.98
CA PHE A 82 65.84 30.22 54.72
C PHE A 82 65.51 28.81 55.23
N ALA A 83 66.03 27.72 54.66
CA ALA A 83 65.59 26.36 55.05
C ALA A 83 66.53 25.27 54.57
N THR A 84 66.31 24.01 54.96
CA THR A 84 67.33 23.08 54.48
C THR A 84 66.87 22.77 53.07
N TYR A 85 67.77 22.79 52.09
CA TYR A 85 67.28 22.39 50.78
C TYR A 85 67.74 21.03 50.51
N HIS A 86 67.17 20.38 49.49
CA HIS A 86 67.37 18.95 49.27
C HIS A 86 67.25 18.55 47.77
N CYS A 87 68.08 17.67 47.22
CA CYS A 87 67.76 17.31 45.82
C CYS A 87 67.82 15.87 45.63
N GLN A 88 66.90 15.28 44.92
CA GLN A 88 66.95 13.82 44.86
C GLN A 88 66.96 13.40 43.43
N HIS A 89 67.51 12.23 43.13
CA HIS A 89 67.36 11.70 41.77
C HIS A 89 66.12 10.85 41.71
N TYR A 90 65.12 11.39 41.04
CA TYR A 90 63.84 10.73 40.96
C TYR A 90 63.64 9.77 39.81
N ALA A 91 63.61 8.48 40.15
CA ALA A 91 63.74 7.34 39.21
C ALA A 91 62.44 6.95 38.56
N GLY A 92 62.27 5.64 38.48
CA GLY A 92 61.12 5.03 37.86
C GLY A 92 60.31 4.47 39.00
N TYR A 93 60.79 3.31 39.50
CA TYR A 93 60.32 2.79 40.78
C TYR A 93 61.25 2.98 41.99
N SER A 94 62.18 3.96 41.95
CA SER A 94 63.27 4.10 42.93
C SER A 94 63.54 5.55 43.12
N ALA A 95 64.55 5.86 43.94
CA ALA A 95 64.96 7.25 44.20
C ALA A 95 66.14 7.40 45.17
N THR A 96 66.94 8.47 45.03
CA THR A 96 68.06 8.77 45.97
C THR A 96 68.31 10.25 46.13
N PHE A 97 68.66 10.66 47.37
CA PHE A 97 68.77 12.09 47.78
C PHE A 97 70.20 12.53 48.18
N GLY A 98 70.40 13.83 48.18
CA GLY A 98 71.58 14.41 48.74
C GLY A 98 71.51 14.58 50.24
N GLN A 99 72.55 15.22 50.78
CA GLN A 99 72.82 15.29 52.20
C GLN A 99 72.05 16.43 52.81
N GLY A 100 71.58 17.31 51.95
CA GLY A 100 70.88 18.48 52.39
C GLY A 100 71.85 19.64 52.58
N THR A 101 71.57 20.73 51.90
CA THR A 101 72.17 21.98 52.28
C THR A 101 71.21 22.80 53.09
N ARG A 102 71.62 23.13 54.29
CA ARG A 102 70.80 24.12 54.98
C ARG A 102 71.41 25.45 54.69
N VAL A 103 70.49 26.40 54.53
CA VAL A 103 70.80 27.70 54.09
C VAL A 103 70.35 28.51 55.32
N GLU A 104 71.29 29.27 55.86
CA GLU A 104 71.05 29.92 57.14
C GLU A 104 71.36 31.39 57.03
N ILE A 105 70.98 32.19 58.02
CA ILE A 105 71.00 33.62 57.86
C ILE A 105 72.39 34.21 58.33
N LYS A 106 73.32 34.61 57.44
CA LYS A 106 74.65 35.20 57.86
C LYS A 106 74.56 36.21 59.00
N ARG A 107 75.37 35.99 60.05
CA ARG A 107 75.64 37.05 61.00
C ARG A 107 76.95 36.88 61.62
N THR A 108 77.60 38.00 61.73
CA THR A 108 78.68 38.12 62.68
C THR A 108 78.69 37.04 63.81
N VAL A 109 79.87 36.42 63.95
CA VAL A 109 80.11 35.22 64.80
C VAL A 109 79.89 35.49 66.26
N ALA A 110 79.05 34.67 66.88
CA ALA A 110 78.85 34.85 68.30
C ALA A 110 79.05 33.64 69.16
N ALA A 111 80.08 33.87 69.95
CA ALA A 111 80.37 33.15 71.16
C ALA A 111 79.15 32.99 72.12
N PRO A 112 78.97 31.75 72.55
CA PRO A 112 77.90 31.39 73.47
C PRO A 112 78.31 31.65 74.89
N SER A 113 77.57 32.52 75.54
CA SER A 113 77.41 32.44 76.97
C SER A 113 76.93 31.01 77.27
N VAL A 114 77.46 30.43 78.39
CA VAL A 114 77.23 29.04 78.86
C VAL A 114 76.86 28.97 80.34
N PHE A 115 76.40 27.79 80.82
CA PHE A 115 75.81 27.51 82.19
C PHE A 115 75.44 25.97 82.53
N ILE A 116 76.25 25.33 83.39
CA ILE A 116 75.88 23.99 83.91
C ILE A 116 74.70 24.06 84.96
N PHE A 117 73.81 23.08 84.82
CA PHE A 117 72.67 22.90 85.71
C PHE A 117 72.66 21.61 86.54
N PRO A 118 72.86 21.78 87.84
CA PRO A 118 72.48 20.72 88.79
C PRO A 118 70.94 20.68 89.16
N PRO A 119 70.41 19.43 89.20
CA PRO A 119 69.11 18.97 89.80
C PRO A 119 68.47 19.64 91.05
N SER A 120 67.14 19.75 91.14
CA SER A 120 66.67 20.16 92.45
C SER A 120 66.73 18.91 93.32
N ASP A 121 66.46 19.07 94.60
CA ASP A 121 66.42 17.98 95.55
C ASP A 121 65.13 17.13 95.42
N GLU A 122 64.04 17.84 95.12
CA GLU A 122 62.73 17.26 94.87
C GLU A 122 62.84 16.23 93.77
N GLN A 123 63.31 16.66 92.60
CA GLN A 123 63.67 15.82 91.41
C GLN A 123 64.70 14.66 91.68
N LEU A 124 65.91 15.01 92.12
CA LEU A 124 66.84 14.12 92.82
C LEU A 124 66.26 12.95 93.74
N LYS A 125 65.31 13.29 94.64
CA LYS A 125 64.49 12.34 95.43
C LYS A 125 63.34 11.65 94.62
N SER A 126 62.88 12.26 93.51
CA SER A 126 62.10 11.53 92.54
C SER A 126 62.96 10.34 92.19
N GLY A 127 64.26 10.48 92.46
CA GLY A 127 65.24 9.39 92.36
C GLY A 127 66.22 9.55 91.19
N THR A 128 66.31 10.74 90.63
CA THR A 128 66.86 10.86 89.30
C THR A 128 67.59 12.25 89.09
N ALA A 129 68.78 12.18 88.52
CA ALA A 129 69.44 13.39 88.08
C ALA A 129 68.95 13.71 86.66
N SER A 130 68.83 15.00 86.32
CA SER A 130 68.49 15.55 85.00
C SER A 130 69.40 16.79 84.84
N VAL A 131 70.40 16.69 84.00
CA VAL A 131 71.55 17.56 84.30
C VAL A 131 72.01 18.68 83.31
N VAL A 132 71.40 19.90 83.34
CA VAL A 132 71.55 20.85 82.18
C VAL A 132 72.66 21.96 81.97
N CYS A 133 73.42 21.72 80.88
CA CYS A 133 74.20 22.70 80.13
C CYS A 133 73.27 23.78 79.63
N LEU A 134 73.79 24.92 79.25
CA LEU A 134 72.89 25.89 78.63
C LEU A 134 73.71 26.57 77.52
N LEU A 135 73.31 26.47 76.26
CA LEU A 135 74.24 27.01 75.28
C LEU A 135 73.74 28.19 74.61
N ASN A 136 73.21 29.09 75.44
CA ASN A 136 72.60 30.38 75.09
C ASN A 136 73.29 31.34 74.09
N ASN A 137 72.43 32.05 73.35
CA ASN A 137 72.71 32.98 72.26
C ASN A 137 73.96 32.89 71.38
N PHE A 138 74.21 31.76 70.73
CA PHE A 138 75.47 31.67 70.00
C PHE A 138 75.43 31.77 68.47
N TYR A 139 76.49 31.44 67.76
CA TYR A 139 76.48 31.50 66.32
C TYR A 139 77.87 31.30 65.86
N PRO A 140 78.11 30.41 64.88
CA PRO A 140 77.09 29.70 64.11
C PRO A 140 76.71 28.38 64.77
N ARG A 141 75.84 27.56 64.14
CA ARG A 141 75.25 26.39 64.79
C ARG A 141 76.31 25.34 65.23
N GLU A 142 76.77 24.56 64.28
CA GLU A 142 77.95 23.76 64.47
C GLU A 142 78.66 24.15 65.81
N ALA A 143 78.31 23.47 66.91
CA ALA A 143 79.06 23.53 68.16
C ALA A 143 79.39 22.11 68.68
N LYS A 144 79.59 22.03 69.98
CA LYS A 144 80.05 20.80 70.63
C LYS A 144 79.85 20.92 72.15
N VAL A 145 79.12 19.97 72.67
CA VAL A 145 78.89 19.93 74.06
C VAL A 145 79.47 18.63 74.33
N GLN A 146 80.44 18.64 75.23
CA GLN A 146 80.90 17.42 75.88
C GLN A 146 80.25 17.32 77.24
N TRP A 147 80.13 16.12 77.71
CA TRP A 147 79.73 15.94 79.05
C TRP A 147 80.97 15.20 79.42
N LYS A 148 81.38 15.22 80.69
CA LYS A 148 82.64 14.57 81.12
C LYS A 148 82.76 14.41 82.65
N VAL A 149 82.27 13.27 83.15
CA VAL A 149 82.04 13.08 84.57
C VAL A 149 83.26 12.57 85.34
N ASP A 150 83.92 13.52 85.98
CA ASP A 150 85.22 13.35 86.60
C ASP A 150 86.26 12.81 85.59
N ASN A 151 86.77 13.77 84.82
CA ASN A 151 87.47 13.61 83.52
C ASN A 151 87.10 12.28 82.72
N ALA A 152 85.88 11.77 82.90
CA ALA A 152 85.38 10.61 82.12
C ALA A 152 84.38 11.07 81.05
N LEU A 153 84.15 10.27 80.01
CA LEU A 153 83.45 10.76 78.79
C LEU A 153 82.06 10.18 78.51
N GLN A 154 81.09 11.07 78.30
CA GLN A 154 79.72 10.61 78.10
C GLN A 154 79.14 10.57 76.63
N SER A 155 79.28 9.36 76.06
CA SER A 155 78.56 8.91 74.89
C SER A 155 77.31 8.18 75.38
N GLY A 156 76.14 8.76 75.01
CA GLY A 156 74.84 8.15 75.16
C GLY A 156 74.12 8.11 76.51
N ASN A 157 74.21 9.17 77.30
CA ASN A 157 73.42 9.25 78.51
C ASN A 157 72.72 10.61 78.58
N SER A 158 72.45 11.27 77.41
CA SER A 158 72.23 12.74 77.28
C SER A 158 71.48 13.30 76.06
N GLN A 159 70.66 14.37 76.23
CA GLN A 159 69.87 15.03 75.14
C GLN A 159 69.97 16.56 74.76
N GLU A 160 70.40 16.81 73.53
CA GLU A 160 70.57 18.18 73.00
C GLU A 160 69.29 18.77 72.39
N SER A 161 68.62 19.69 73.07
CA SER A 161 67.66 20.44 72.29
C SER A 161 68.20 21.77 71.73
N VAL A 162 68.03 21.98 70.42
CA VAL A 162 68.40 23.28 69.82
C VAL A 162 67.20 24.11 69.38
N THR A 163 67.23 25.41 69.67
CA THR A 163 66.37 26.47 69.10
C THR A 163 66.66 26.81 67.63
N GLU A 164 65.68 27.30 66.91
CA GLU A 164 65.96 27.80 65.61
C GLU A 164 66.45 29.29 65.59
N GLN A 165 66.84 29.86 64.43
CA GLN A 165 67.66 31.10 64.47
C GLN A 165 66.84 32.20 64.99
N ASP A 166 67.43 33.07 65.81
CA ASP A 166 66.64 34.03 66.56
C ASP A 166 65.81 35.05 65.79
N SER A 167 64.67 35.41 66.39
CA SER A 167 63.71 36.33 65.77
C SER A 167 64.20 37.72 65.98
N LYS A 168 64.82 37.92 67.10
CA LYS A 168 65.42 39.19 67.20
C LYS A 168 66.87 39.18 66.68
N ASP A 169 67.68 38.15 66.90
CA ASP A 169 69.13 38.39 66.73
C ASP A 169 69.84 37.32 65.93
N SER A 170 69.05 36.37 65.47
CA SER A 170 69.63 35.51 64.49
C SER A 170 70.84 34.76 65.06
N THR A 171 70.75 34.49 66.39
CA THR A 171 71.56 33.50 67.09
C THR A 171 70.72 32.24 67.42
N TYR A 172 71.26 31.38 68.31
CA TYR A 172 70.73 30.04 68.58
C TYR A 172 70.91 29.75 70.06
N SER A 173 70.22 28.71 70.59
CA SER A 173 70.49 28.29 71.94
C SER A 173 70.40 26.78 72.00
N LEU A 174 71.36 26.15 72.69
CA LEU A 174 71.35 24.68 72.93
C LEU A 174 71.07 24.32 74.38
N SER A 175 71.35 23.10 74.73
CA SER A 175 70.71 22.52 75.90
C SER A 175 70.86 20.98 75.83
N SER A 176 72.07 20.58 76.25
CA SER A 176 72.41 19.19 76.50
C SER A 176 71.97 18.80 77.91
N THR A 177 71.25 17.68 77.89
CA THR A 177 70.47 17.12 79.01
C THR A 177 70.82 15.64 79.25
N LEU A 178 71.97 15.49 79.88
CA LEU A 178 72.38 14.20 80.33
C LEU A 178 71.45 13.78 81.41
N THR A 179 70.73 12.71 81.17
CA THR A 179 70.02 12.18 82.27
C THR A 179 70.82 11.09 82.95
N LEU A 180 70.44 10.80 84.20
CA LEU A 180 71.32 10.11 85.14
C LEU A 180 70.63 9.65 86.43
N SER A 181 70.60 8.33 86.69
CA SER A 181 69.84 7.81 87.84
C SER A 181 70.45 8.23 89.21
N LYS A 182 69.68 8.20 90.30
CA LYS A 182 70.13 8.79 91.59
C LYS A 182 71.39 8.19 92.16
N ALA A 183 71.38 6.88 92.28
CA ALA A 183 72.56 6.13 92.68
C ALA A 183 73.71 6.66 91.86
N ASP A 184 73.49 6.71 90.56
CA ASP A 184 74.53 7.06 89.61
C ASP A 184 74.98 8.52 89.89
N TYR A 185 74.03 9.47 89.99
CA TYR A 185 74.37 10.83 90.52
C TYR A 185 74.98 10.66 91.96
N GLU A 186 74.09 10.37 92.89
CA GLU A 186 74.42 10.16 94.31
C GLU A 186 75.53 9.07 94.45
N LYS A 187 76.62 9.17 93.66
CA LYS A 187 77.83 8.28 93.71
C LYS A 187 78.99 8.80 92.84
N HIS A 188 79.06 10.13 92.70
CA HIS A 188 80.16 10.82 92.00
C HIS A 188 80.41 12.28 92.55
N LYS A 189 81.62 12.84 92.36
CA LYS A 189 81.89 14.27 92.54
C LYS A 189 81.74 14.93 91.19
N VAL A 190 82.65 15.79 90.73
CA VAL A 190 82.36 16.72 89.59
C VAL A 190 81.44 16.17 88.48
N TYR A 191 80.70 17.07 87.84
CA TYR A 191 80.00 16.80 86.59
C TYR A 191 80.17 18.03 85.72
N ALA A 192 80.76 17.81 84.54
CA ALA A 192 81.17 18.89 83.61
C ALA A 192 80.36 19.08 82.25
N CYS A 193 80.44 20.32 81.72
CA CYS A 193 80.10 20.60 80.32
C CYS A 193 81.16 21.37 79.57
N GLU A 194 82.11 20.63 78.99
CA GLU A 194 83.09 21.12 78.02
C GLU A 194 82.40 21.69 76.80
N VAL A 195 82.63 22.99 76.54
CA VAL A 195 82.07 23.55 75.32
C VAL A 195 83.14 23.90 74.35
N THR A 196 82.78 23.70 73.09
CA THR A 196 83.68 23.93 71.98
C THR A 196 82.98 24.68 70.88
N HIS A 197 82.82 25.99 71.12
CA HIS A 197 82.27 26.92 70.14
C HIS A 197 83.31 27.68 69.30
N GLN A 198 83.08 27.61 67.98
CA GLN A 198 83.84 28.33 66.96
C GLN A 198 84.32 29.70 67.41
N GLY A 199 83.42 30.39 68.09
CA GLY A 199 83.61 31.78 68.41
C GLY A 199 84.37 31.93 69.71
N LEU A 200 84.38 30.90 70.52
CA LEU A 200 85.25 30.97 71.64
C LEU A 200 86.70 30.71 71.19
N SER A 201 87.56 31.66 71.50
CA SER A 201 88.91 31.50 71.05
C SER A 201 89.56 30.39 71.90
N SER A 202 88.94 30.02 73.03
CA SER A 202 89.25 28.73 73.68
C SER A 202 87.99 27.82 74.00
N PRO A 203 88.21 26.51 74.29
CA PRO A 203 87.21 25.61 74.89
C PRO A 203 86.99 25.74 76.42
N VAL A 204 86.17 26.70 76.77
CA VAL A 204 85.82 26.99 78.16
C VAL A 204 84.80 25.99 78.69
N THR A 205 85.18 25.43 79.83
CA THR A 205 84.46 24.31 80.43
C THR A 205 83.66 24.75 81.64
N LYS A 206 82.34 24.58 81.61
CA LYS A 206 81.74 24.67 82.93
C LYS A 206 81.03 23.45 83.56
N SER A 207 81.16 23.44 84.89
CA SER A 207 80.89 22.35 85.84
C SER A 207 80.56 22.80 87.32
N PHE A 208 80.69 21.85 88.25
CA PHE A 208 80.37 22.02 89.69
C PHE A 208 80.72 20.73 90.57
N ASN A 209 80.61 20.82 91.90
CA ASN A 209 81.09 19.73 92.74
C ASN A 209 80.03 19.06 93.62
N ARG A 210 78.99 18.46 93.05
CA ARG A 210 78.02 17.64 93.83
C ARG A 210 77.59 18.19 95.22
N GLY A 211 76.44 18.87 95.23
CA GLY A 211 75.99 19.66 96.39
C GLY A 211 76.83 20.92 96.63
N GLU A 212 76.60 21.90 95.75
CA GLU A 212 77.36 23.13 95.66
C GLU A 212 76.70 24.19 94.67
N GLU B 1 44.02 20.69 49.21
CA GLU B 1 44.99 19.84 48.47
C GLU B 1 44.86 18.43 48.94
N VAL B 2 45.38 17.54 48.12
CA VAL B 2 45.94 16.28 48.56
C VAL B 2 46.45 16.36 49.97
N GLN B 3 46.19 15.38 50.81
CA GLN B 3 46.93 15.33 52.02
C GLN B 3 47.18 13.92 52.33
N LEU B 4 48.40 13.64 52.81
CA LEU B 4 48.75 12.36 53.43
C LEU B 4 48.96 12.47 54.93
N VAL B 5 48.70 11.40 55.66
CA VAL B 5 49.00 11.36 57.08
C VAL B 5 49.33 10.00 57.62
N GLU B 6 50.63 9.77 57.87
CA GLU B 6 51.16 8.61 58.64
C GLU B 6 50.72 8.73 60.07
N SER B 7 50.23 7.59 60.60
CA SER B 7 50.12 7.25 62.02
C SER B 7 51.01 6.00 62.23
N GLY B 8 51.25 5.53 63.44
CA GLY B 8 52.42 4.69 63.64
C GLY B 8 53.39 4.96 64.82
N GLY B 9 54.34 5.83 64.62
CA GLY B 9 55.56 5.78 65.42
C GLY B 9 55.59 5.57 66.95
N GLY B 10 56.81 5.43 67.50
CA GLY B 10 57.00 5.38 68.95
C GLY B 10 58.38 4.98 69.45
N LEU B 11 58.47 4.72 70.74
CA LEU B 11 59.74 4.21 71.19
C LEU B 11 59.71 2.74 70.82
N VAL B 12 60.68 2.25 70.04
CA VAL B 12 61.01 0.78 70.10
C VAL B 12 62.42 0.40 70.55
N LYS B 13 62.57 -0.77 71.19
CA LYS B 13 63.90 -1.17 71.64
C LYS B 13 64.59 -1.85 70.47
N ALA B 14 65.89 -1.55 70.34
CA ALA B 14 66.70 -2.06 69.30
C ALA B 14 66.49 -3.52 69.36
N GLY B 15 66.08 -4.07 68.22
CA GLY B 15 65.77 -5.48 68.07
C GLY B 15 64.39 -5.57 67.48
N GLY B 16 63.47 -4.94 68.21
CA GLY B 16 62.08 -4.77 67.86
C GLY B 16 61.58 -4.77 66.43
N SER B 17 60.28 -4.46 66.39
CA SER B 17 59.44 -4.61 65.23
C SER B 17 58.40 -3.57 65.44
N LEU B 18 58.04 -2.88 64.39
CA LEU B 18 57.12 -1.78 64.47
C LEU B 18 56.62 -1.52 63.09
N ILE B 19 55.35 -1.17 63.03
CA ILE B 19 54.70 -1.16 61.73
C ILE B 19 54.00 0.15 61.32
N LEU B 20 54.31 0.89 60.26
CA LEU B 20 53.62 2.23 60.26
C LEU B 20 52.52 2.26 59.30
N SER B 21 51.80 3.39 59.25
CA SER B 21 50.66 3.50 58.31
C SER B 21 50.26 4.86 57.68
N CYS B 22 50.34 4.94 56.37
CA CYS B 22 49.98 6.13 55.64
C CYS B 22 48.46 6.22 55.35
N GLY B 23 47.82 7.36 55.53
CA GLY B 23 46.45 7.47 55.02
C GLY B 23 46.25 8.79 54.27
N VAL B 24 45.27 8.89 53.36
CA VAL B 24 45.26 10.10 52.51
C VAL B 24 44.05 11.01 52.59
N SER B 25 44.06 12.14 51.86
CA SER B 25 42.81 12.85 51.53
C SER B 25 42.87 13.46 50.15
N ASN B 26 41.80 13.31 49.37
CA ASN B 26 41.63 14.12 48.16
C ASN B 26 42.28 13.55 46.88
N PHE B 27 42.82 12.35 47.04
CA PHE B 27 42.94 11.44 45.91
C PHE B 27 42.76 10.02 46.40
N ARG B 28 42.40 9.08 45.53
CA ARG B 28 42.56 7.69 45.89
C ARG B 28 44.03 7.39 45.59
N ILE B 29 44.66 6.44 46.32
CA ILE B 29 46.02 6.03 46.03
C ILE B 29 46.26 5.40 44.66
N SER B 30 45.66 4.23 44.35
CA SER B 30 45.96 3.52 43.03
C SER B 30 46.90 4.21 42.00
N ALA B 31 46.38 5.08 41.13
CA ALA B 31 47.21 5.81 40.15
C ALA B 31 48.67 6.07 40.55
N HIS B 32 48.90 6.47 41.80
CA HIS B 32 50.29 6.73 42.28
C HIS B 32 50.91 5.59 43.04
N THR B 33 52.22 5.72 43.14
CA THR B 33 53.21 4.76 43.61
C THR B 33 53.60 5.35 44.94
N MET B 34 53.72 4.60 46.02
CA MET B 34 53.97 5.35 47.24
C MET B 34 55.33 5.06 47.68
N ASN B 35 55.88 5.93 48.51
CA ASN B 35 57.20 5.67 49.03
C ASN B 35 57.21 6.08 50.40
N TRP B 36 58.01 5.41 51.17
CA TRP B 36 58.29 5.95 52.46
C TRP B 36 59.68 6.59 52.46
N VAL B 37 59.85 7.79 53.03
CA VAL B 37 61.21 8.23 53.35
C VAL B 37 61.42 8.82 54.72
N ARG B 38 62.67 9.05 55.06
CA ARG B 38 62.92 9.40 56.45
C ARG B 38 63.93 10.43 56.65
N ARG B 39 63.73 11.30 57.61
CA ARG B 39 64.85 12.14 57.87
C ARG B 39 65.51 11.49 59.06
N VAL B 40 66.80 11.22 58.92
CA VAL B 40 67.58 10.97 60.13
C VAL B 40 67.64 12.26 60.97
N PRO B 41 68.53 12.35 61.95
CA PRO B 41 69.14 13.67 62.24
C PRO B 41 70.66 13.79 61.91
N GLY B 42 71.03 15.08 61.80
CA GLY B 42 72.12 15.56 60.94
C GLY B 42 71.45 15.82 59.60
N GLY B 43 70.34 15.01 59.49
CA GLY B 43 68.91 15.40 59.08
C GLY B 43 68.72 15.55 57.59
N GLY B 44 69.44 14.66 56.85
CA GLY B 44 69.31 14.47 55.29
C GLY B 44 68.05 13.66 55.17
N LEU B 45 67.56 13.40 53.98
CA LEU B 45 66.59 12.31 53.88
C LEU B 45 67.25 11.17 53.14
N GLU B 46 66.75 10.00 53.51
CA GLU B 46 67.12 8.71 53.02
C GLU B 46 65.84 8.04 52.36
N TRP B 47 65.95 7.62 51.07
CA TRP B 47 64.82 6.92 50.42
C TRP B 47 64.61 5.53 50.98
N VAL B 48 63.63 5.35 51.85
CA VAL B 48 63.41 4.01 52.38
C VAL B 48 62.78 2.95 51.41
N ALA B 49 61.49 2.70 51.43
CA ALA B 49 61.01 1.76 50.41
C ALA B 49 60.26 2.46 49.27
N SER B 50 59.70 1.59 48.40
CA SER B 50 58.74 2.01 47.33
C SER B 50 57.85 0.94 46.66
N ILE B 51 56.56 1.19 46.42
CA ILE B 51 55.66 0.14 45.92
C ILE B 51 55.06 0.61 44.63
N SER B 52 55.31 -0.14 43.55
CA SER B 52 54.78 0.23 42.25
C SER B 52 53.25 0.19 42.23
N THR B 53 52.68 0.87 41.27
CA THR B 53 51.25 0.75 41.02
C THR B 53 50.93 -0.72 40.89
N SER B 54 49.66 -1.05 41.00
CA SER B 54 49.15 -2.43 40.84
C SER B 54 49.98 -3.46 41.61
N SER B 55 50.60 -2.92 42.66
CA SER B 55 51.43 -3.63 43.58
C SER B 55 52.52 -4.49 42.99
N THR B 56 53.05 -4.11 41.82
CA THR B 56 53.91 -5.01 41.02
C THR B 56 55.39 -4.99 41.37
N TYR B 57 55.88 -3.99 42.05
CA TYR B 57 57.31 -3.91 42.20
C TYR B 57 57.72 -3.29 43.53
N ARG B 58 57.63 -3.96 44.64
CA ARG B 58 58.31 -3.42 45.82
C ARG B 58 59.84 -3.30 45.53
N ASP B 59 60.47 -2.18 45.82
CA ASP B 59 61.94 -1.96 45.71
C ASP B 59 62.34 -1.32 47.02
N TYR B 60 63.59 -1.54 47.46
CA TYR B 60 63.90 -0.97 48.79
C TYR B 60 65.28 -0.46 48.84
N ALA B 61 65.62 0.20 49.95
CA ALA B 61 66.98 0.63 50.19
C ALA B 61 67.82 -0.38 50.99
N ASP B 62 68.96 -0.68 50.41
CA ASP B 62 69.98 -1.48 50.99
C ASP B 62 69.94 -1.76 52.45
N ALA B 63 70.11 -0.82 53.34
CA ALA B 63 69.89 -1.14 54.77
C ALA B 63 68.38 -1.40 55.22
N VAL B 64 67.49 -1.75 54.29
CA VAL B 64 66.18 -2.19 54.71
C VAL B 64 65.68 -3.30 53.88
N LYS B 65 66.45 -3.62 52.85
CA LYS B 65 66.19 -4.87 52.18
C LYS B 65 66.33 -5.87 53.31
N GLY B 66 65.22 -6.55 53.57
CA GLY B 66 65.22 -7.68 54.44
C GLY B 66 64.69 -7.44 55.84
N ARG B 67 64.46 -6.19 56.20
CA ARG B 67 63.95 -5.98 57.52
C ARG B 67 62.55 -5.50 57.40
N PHE B 68 62.27 -4.86 56.27
CA PHE B 68 61.19 -3.89 56.10
C PHE B 68 60.29 -4.36 55.00
N THR B 69 59.01 -4.07 55.07
CA THR B 69 58.22 -4.47 53.97
C THR B 69 57.26 -3.38 53.74
N VAL B 70 57.27 -2.83 52.53
CA VAL B 70 56.15 -1.93 52.12
C VAL B 70 54.96 -2.78 51.57
N SER B 71 53.74 -2.28 51.75
CA SER B 71 52.53 -3.01 51.44
C SER B 71 51.51 -1.90 51.15
N ARG B 72 50.54 -2.13 50.27
CA ARG B 72 49.60 -1.05 49.92
C ARG B 72 48.12 -1.53 50.02
N ASP B 73 47.16 -0.61 50.27
CA ASP B 73 45.73 -0.94 50.36
C ASP B 73 44.78 -0.05 49.52
N ASP B 74 44.57 -0.38 48.24
CA ASP B 74 44.02 0.59 47.31
C ASP B 74 42.64 0.90 47.72
N LEU B 75 41.71 0.06 47.28
CA LEU B 75 40.42 -0.13 47.90
C LEU B 75 40.06 0.61 49.22
N GLU B 76 40.97 0.71 50.20
CA GLU B 76 40.64 1.36 51.45
C GLU B 76 41.41 2.61 51.63
N ASP B 77 42.47 2.70 50.80
CA ASP B 77 43.54 3.75 50.64
C ASP B 77 44.54 3.90 51.71
N PHE B 78 45.41 2.94 51.88
CA PHE B 78 46.57 3.20 52.71
C PHE B 78 47.78 2.50 52.20
N VAL B 79 48.88 2.77 52.87
CA VAL B 79 50.12 2.03 52.76
C VAL B 79 50.68 1.70 54.14
N TYR B 80 51.25 0.51 54.29
CA TYR B 80 51.99 0.22 55.48
C TYR B 80 53.47 0.00 55.22
N LEU B 81 54.28 0.23 56.26
CA LEU B 81 55.67 -0.21 56.32
C LEU B 81 55.96 -1.10 57.49
N GLN B 82 56.33 -2.31 57.17
CA GLN B 82 56.65 -3.20 58.22
C GLN B 82 58.07 -2.92 58.63
N MET B 83 58.26 -2.63 59.92
CA MET B 83 59.64 -2.62 60.38
C MET B 83 60.09 -3.60 61.48
N HIS B 84 60.91 -4.56 60.99
CA HIS B 84 61.65 -5.57 61.75
C HIS B 84 63.14 -5.45 61.91
N LYS B 85 63.54 -5.91 63.08
CA LYS B 85 64.90 -6.33 63.34
C LYS B 85 65.71 -5.04 63.36
N MET B 86 65.02 -4.12 64.01
CA MET B 86 65.23 -2.71 63.85
C MET B 86 66.58 -2.28 64.48
N ARG B 87 67.38 -1.52 63.76
CA ARG B 87 68.69 -1.10 64.31
C ARG B 87 68.58 0.38 64.73
N VAL B 88 69.54 0.89 65.46
CA VAL B 88 69.47 2.28 65.82
C VAL B 88 69.36 3.10 64.55
N GLU B 89 70.43 3.20 63.75
CA GLU B 89 70.34 3.94 62.46
C GLU B 89 69.01 3.81 61.66
N ASP B 90 67.94 3.39 62.30
CA ASP B 90 66.66 3.51 61.67
C ASP B 90 65.98 4.69 62.34
N THR B 91 66.74 5.34 63.26
CA THR B 91 66.04 6.35 64.07
C THR B 91 65.68 7.61 63.29
N ALA B 92 64.39 7.76 62.95
CA ALA B 92 64.10 8.70 61.88
C ALA B 92 62.88 9.40 62.27
N ILE B 93 62.58 10.51 61.60
CA ILE B 93 61.22 10.88 61.36
C ILE B 93 60.92 10.16 60.05
N TYR B 94 59.72 9.59 59.92
CA TYR B 94 59.41 8.87 58.69
C TYR B 94 58.16 9.44 58.09
N TYR B 95 58.14 9.54 56.75
CA TYR B 95 56.96 10.03 55.99
C TYR B 95 56.59 9.21 54.82
N CYS B 96 55.31 9.16 54.43
CA CYS B 96 55.08 8.60 53.04
C CYS B 96 54.73 9.66 51.98
N ALA B 97 55.11 9.39 50.72
CA ALA B 97 54.95 10.38 49.65
C ALA B 97 54.48 9.84 48.30
N ARG B 98 53.50 10.55 47.70
CA ARG B 98 52.85 10.34 46.40
C ARG B 98 53.86 10.23 45.32
N LYS B 99 53.46 9.72 44.15
CA LYS B 99 54.37 9.85 43.05
C LYS B 99 54.18 10.77 41.90
N GLY B 100 53.06 11.43 41.59
CA GLY B 100 53.21 12.53 40.58
C GLY B 100 52.44 13.80 40.11
N SER B 101 52.86 14.30 38.94
CA SER B 101 52.39 15.59 38.52
C SER B 101 51.14 15.64 37.65
N ASP B 102 49.93 15.43 38.17
CA ASP B 102 48.83 16.26 37.57
C ASP B 102 48.01 15.74 36.38
N ARG B 103 47.92 16.54 35.30
CA ARG B 103 47.35 16.02 34.05
C ARG B 103 48.32 14.95 33.45
N LEU B 104 49.11 14.30 34.36
CA LEU B 104 50.42 13.73 33.96
C LEU B 104 50.82 12.30 34.30
N SER B 105 52.13 12.08 34.02
CA SER B 105 52.98 11.08 34.65
C SER B 105 53.84 10.39 33.55
N ASP B 106 55.03 9.75 33.90
CA ASP B 106 55.33 8.32 33.61
C ASP B 106 56.63 7.85 34.28
N ASN B 107 57.35 8.84 34.79
CA ASN B 107 58.32 8.63 35.91
C ASN B 107 58.38 9.94 36.82
N ASP B 108 57.17 10.33 37.51
CA ASP B 108 56.95 11.70 37.95
C ASP B 108 57.49 11.75 39.35
N PRO B 109 57.56 12.92 39.97
CA PRO B 109 58.37 13.06 41.17
C PRO B 109 57.45 13.20 42.35
N PHE B 110 57.95 13.39 43.56
CA PHE B 110 57.12 13.39 44.77
C PHE B 110 56.32 14.68 44.95
N ASP B 111 55.22 14.83 44.21
CA ASP B 111 54.30 15.98 44.35
C ASP B 111 53.69 16.26 45.79
N ALA B 112 53.49 15.22 46.60
CA ALA B 112 52.78 15.40 47.83
C ALA B 112 53.44 14.67 49.04
N TRP B 113 53.68 15.30 50.20
CA TRP B 113 54.22 14.46 51.24
C TRP B 113 53.36 14.52 52.44
N GLY B 114 53.45 13.50 53.30
CA GLY B 114 52.75 13.49 54.58
C GLY B 114 53.57 14.32 55.56
N PRO B 115 53.14 14.39 56.79
CA PRO B 115 53.65 15.34 57.79
C PRO B 115 54.79 14.78 58.56
N GLY B 116 55.04 13.55 58.16
CA GLY B 116 55.82 12.64 58.95
C GLY B 116 55.40 12.28 60.38
N THR B 117 55.84 11.04 60.71
CA THR B 117 56.17 10.58 62.06
C THR B 117 57.64 10.21 62.42
N VAL B 118 57.79 10.24 63.77
CA VAL B 118 58.98 9.97 64.64
C VAL B 118 59.02 8.60 65.28
N VAL B 119 60.02 7.85 64.86
CA VAL B 119 60.23 6.51 65.32
C VAL B 119 61.59 6.40 65.97
N THR B 120 61.55 5.92 67.23
CA THR B 120 62.81 6.03 68.05
C THR B 120 63.23 4.88 69.00
N VAL B 121 64.24 4.22 68.40
CA VAL B 121 64.71 2.87 68.61
C VAL B 121 65.70 2.94 69.69
N SER B 122 65.49 2.18 70.77
CA SER B 122 66.47 2.15 71.90
C SER B 122 67.74 1.41 71.45
N PRO B 123 68.96 1.88 71.79
CA PRO B 123 70.16 1.04 71.60
C PRO B 123 70.12 -0.22 72.47
N ALA B 124 69.72 -0.05 73.73
CA ALA B 124 69.55 -1.13 74.70
C ALA B 124 68.72 -2.13 73.96
N SER B 125 68.31 -3.17 74.64
CA SER B 125 67.48 -4.17 73.97
C SER B 125 67.23 -5.23 74.96
N THR B 126 68.06 -5.22 75.96
CA THR B 126 68.00 -6.19 76.98
C THR B 126 68.00 -5.34 78.23
N LYS B 127 67.63 -5.88 79.39
CA LYS B 127 67.80 -5.17 80.64
C LYS B 127 67.55 -6.24 81.64
N GLY B 128 68.54 -6.40 82.50
CA GLY B 128 68.55 -7.42 83.51
C GLY B 128 67.58 -6.94 84.53
N PRO B 129 67.15 -7.86 85.36
CA PRO B 129 66.27 -7.66 86.51
C PRO B 129 66.88 -7.00 87.70
N SER B 130 66.08 -6.54 88.62
CA SER B 130 66.70 -6.11 89.84
C SER B 130 66.45 -6.85 91.23
N VAL B 131 66.13 -8.15 91.34
CA VAL B 131 65.74 -8.76 92.70
C VAL B 131 65.88 -8.13 94.18
N PHE B 132 64.84 -8.33 95.02
CA PHE B 132 64.80 -8.00 96.46
C PHE B 132 64.16 -9.08 97.30
N PRO B 133 64.42 -9.12 98.62
CA PRO B 133 63.75 -10.07 99.52
C PRO B 133 62.29 -9.80 99.94
N LEU B 134 61.37 -10.68 99.53
CA LEU B 134 60.23 -10.88 100.40
C LEU B 134 60.64 -11.69 101.60
N ALA B 135 60.66 -10.97 102.69
CA ALA B 135 61.27 -11.45 103.92
C ALA B 135 60.30 -12.22 104.75
N PRO B 136 60.80 -13.27 105.38
CA PRO B 136 59.97 -14.19 106.15
C PRO B 136 59.28 -13.43 107.28
N SER B 137 60.02 -12.43 107.73
CA SER B 137 59.61 -11.51 108.78
C SER B 137 58.62 -12.08 109.84
N SER B 138 58.21 -11.18 110.73
CA SER B 138 57.06 -11.30 111.62
C SER B 138 57.49 -11.80 112.98
N LYS B 139 58.62 -12.53 112.96
CA LYS B 139 59.27 -13.33 114.05
C LYS B 139 58.51 -14.56 114.66
N SER B 140 58.23 -14.53 115.99
CA SER B 140 57.45 -15.58 116.72
C SER B 140 55.90 -15.60 116.42
N THR B 141 55.59 -15.85 115.12
CA THR B 141 54.31 -15.57 114.43
C THR B 141 53.80 -16.79 113.67
N SER B 142 53.38 -17.83 114.42
CA SER B 142 53.13 -19.23 113.92
C SER B 142 54.42 -20.13 113.70
N GLY B 143 55.00 -20.63 114.82
CA GLY B 143 56.08 -21.62 114.81
C GLY B 143 55.77 -22.89 113.99
N GLY B 144 55.42 -22.70 112.70
CA GLY B 144 54.87 -23.70 111.79
C GLY B 144 55.13 -23.44 110.31
N THR B 145 54.58 -22.37 109.73
CA THR B 145 54.89 -22.13 108.30
C THR B 145 55.40 -20.73 107.88
N ALA B 146 56.08 -20.71 106.75
CA ALA B 146 57.05 -19.67 106.46
C ALA B 146 56.48 -18.76 105.47
N ALA B 147 57.21 -18.68 104.34
CA ALA B 147 56.93 -17.87 103.15
C ALA B 147 57.88 -16.76 103.10
N LEU B 148 58.51 -16.68 101.94
CA LEU B 148 59.51 -15.67 101.59
C LEU B 148 59.83 -15.99 100.14
N GLY B 149 60.44 -15.04 99.45
CA GLY B 149 60.74 -15.22 98.05
C GLY B 149 61.50 -14.02 97.59
N CYS B 150 61.93 -14.10 96.35
CA CYS B 150 62.58 -12.99 95.68
C CYS B 150 61.54 -12.15 94.92
N LEU B 151 61.72 -10.84 94.85
CA LEU B 151 60.97 -10.05 93.86
C LEU B 151 61.84 -9.69 92.66
N VAL B 152 61.74 -10.41 91.58
CA VAL B 152 62.40 -10.03 90.33
C VAL B 152 61.64 -9.04 89.43
N LYS B 153 61.63 -7.79 89.86
CA LYS B 153 60.89 -6.76 89.19
C LYS B 153 61.88 -6.10 88.30
N ASP B 154 61.80 -6.29 86.99
CA ASP B 154 62.06 -5.22 86.00
C ASP B 154 62.98 -5.40 84.85
N TYR B 155 62.79 -6.45 84.07
CA TYR B 155 63.77 -6.78 83.02
C TYR B 155 63.21 -6.83 81.65
N PHE B 156 64.00 -7.17 80.66
CA PHE B 156 63.42 -7.28 79.32
C PHE B 156 64.34 -8.16 78.58
N PRO B 157 63.85 -8.99 77.66
CA PRO B 157 62.46 -9.32 77.46
C PRO B 157 62.13 -10.36 78.47
N GLU B 158 61.15 -11.25 78.25
CA GLU B 158 61.01 -12.37 79.19
C GLU B 158 61.91 -13.39 78.52
N PRO B 159 62.40 -14.45 79.20
CA PRO B 159 62.26 -14.69 80.66
C PRO B 159 63.53 -14.91 81.56
N VAL B 160 63.44 -14.28 82.71
CA VAL B 160 63.95 -14.76 83.97
C VAL B 160 63.53 -16.22 84.32
N THR B 161 64.49 -17.10 84.68
CA THR B 161 64.19 -18.26 85.53
C THR B 161 64.55 -18.06 86.99
N VAL B 162 63.74 -18.62 87.92
CA VAL B 162 64.16 -18.61 89.30
C VAL B 162 64.34 -19.97 89.85
N SER B 163 64.98 -20.10 91.04
CA SER B 163 65.32 -21.37 91.73
C SER B 163 65.91 -21.03 93.08
N TRP B 164 66.05 -22.04 93.92
CA TRP B 164 66.36 -21.80 95.31
C TRP B 164 67.31 -22.83 95.91
N ASN B 165 68.24 -22.32 96.74
CA ASN B 165 69.30 -23.13 97.35
C ASN B 165 69.89 -23.99 96.28
N SER B 166 69.99 -23.37 95.09
CA SER B 166 70.76 -23.82 93.90
C SER B 166 70.33 -25.15 93.28
N GLY B 167 69.02 -25.42 93.38
CA GLY B 167 68.43 -26.68 92.93
C GLY B 167 67.96 -27.78 93.93
N ALA B 168 68.41 -27.70 95.22
CA ALA B 168 67.70 -28.27 96.40
C ALA B 168 66.24 -27.84 96.39
N LEU B 169 65.75 -27.38 97.54
CA LEU B 169 64.48 -26.68 97.61
C LEU B 169 63.70 -26.70 96.34
N THR B 170 62.72 -27.56 96.28
CA THR B 170 61.73 -27.41 95.20
C THR B 170 60.34 -27.61 95.72
N SER B 171 60.27 -28.47 96.73
CA SER B 171 58.99 -29.00 97.09
C SER B 171 58.25 -27.91 97.86
N GLY B 172 57.69 -26.93 97.15
CA GLY B 172 56.95 -25.85 97.79
C GLY B 172 56.90 -24.43 97.23
N VAL B 173 57.70 -24.29 96.18
CA VAL B 173 57.88 -23.07 95.46
C VAL B 173 56.69 -22.78 94.54
N HIS B 174 56.54 -21.51 94.23
CA HIS B 174 55.91 -21.17 93.00
C HIS B 174 56.59 -19.93 92.40
N THR B 175 56.90 -19.91 91.09
CA THR B 175 57.26 -18.62 90.54
C THR B 175 56.12 -18.15 89.77
N PHE B 176 55.58 -16.97 90.01
CA PHE B 176 54.22 -16.78 89.42
C PHE B 176 54.50 -16.35 88.02
N PRO B 177 53.55 -16.35 87.11
CA PRO B 177 53.82 -15.72 85.82
C PRO B 177 54.07 -14.27 85.91
N ALA B 178 55.06 -13.90 85.09
CA ALA B 178 55.53 -12.53 84.78
C ALA B 178 54.36 -11.55 84.50
N VAL B 179 54.54 -10.26 84.75
CA VAL B 179 53.49 -9.27 84.42
C VAL B 179 54.08 -8.18 83.63
N LEU B 180 53.28 -7.44 82.91
CA LEU B 180 53.90 -6.37 82.18
C LEU B 180 53.47 -5.08 82.80
N GLN B 181 54.45 -4.34 83.27
CA GLN B 181 54.10 -3.16 83.99
C GLN B 181 54.05 -1.92 83.12
N SER B 182 53.35 -0.92 83.63
CA SER B 182 53.32 0.43 83.03
C SER B 182 54.52 0.87 82.21
N SER B 183 55.70 0.35 82.58
CA SER B 183 56.92 0.90 82.03
C SER B 183 57.26 0.18 80.77
N GLY B 184 56.87 -1.07 80.68
CA GLY B 184 57.13 -1.76 79.46
C GLY B 184 58.12 -2.80 79.87
N LEU B 185 58.55 -2.79 81.13
CA LEU B 185 59.59 -3.66 81.65
C LEU B 185 58.93 -4.79 82.47
N TYR B 186 59.36 -6.06 82.30
CA TYR B 186 58.67 -7.20 82.96
C TYR B 186 58.79 -7.28 84.43
N SER B 187 58.33 -8.35 85.08
CA SER B 187 58.35 -8.40 86.57
C SER B 187 57.52 -9.50 87.21
N LEU B 188 58.14 -10.13 88.19
CA LEU B 188 57.55 -11.31 88.82
C LEU B 188 58.30 -11.61 90.18
N SER B 189 57.88 -12.70 90.85
CA SER B 189 58.19 -13.01 92.27
C SER B 189 58.11 -14.49 92.43
N SER B 190 59.20 -15.17 92.79
CA SER B 190 59.06 -16.49 93.34
C SER B 190 58.83 -16.51 94.91
N VAL B 191 58.10 -17.44 95.46
CA VAL B 191 57.97 -17.47 96.93
C VAL B 191 58.15 -18.95 97.21
N VAL B 192 58.05 -19.31 98.52
CA VAL B 192 58.09 -20.70 99.04
C VAL B 192 57.87 -20.76 100.55
N THR B 193 57.07 -21.73 100.94
CA THR B 193 56.71 -21.93 102.32
C THR B 193 57.59 -23.00 102.87
N VAL B 194 58.30 -22.66 103.94
CA VAL B 194 59.19 -23.61 104.59
C VAL B 194 58.48 -24.26 105.78
N PRO B 195 59.22 -24.80 106.70
CA PRO B 195 58.78 -24.94 108.08
C PRO B 195 59.26 -23.87 109.08
N SER B 196 58.91 -22.59 108.87
CA SER B 196 59.01 -21.53 109.88
C SER B 196 60.12 -21.64 110.89
N SER B 197 60.30 -22.85 111.41
CA SER B 197 61.25 -23.13 112.52
C SER B 197 62.73 -23.32 112.04
N SER B 198 62.94 -23.02 110.76
CA SER B 198 64.20 -23.17 110.07
C SER B 198 64.93 -21.82 109.96
N LEU B 199 64.57 -20.89 110.84
CA LEU B 199 64.96 -19.49 110.64
C LEU B 199 66.06 -18.94 111.53
N GLY B 200 67.07 -18.31 110.91
CA GLY B 200 68.35 -18.06 111.59
C GLY B 200 69.27 -19.29 111.49
N THR B 201 68.61 -20.45 111.25
CA THR B 201 69.20 -21.82 111.20
C THR B 201 69.21 -22.46 109.79
N GLN B 202 68.55 -21.86 108.81
CA GLN B 202 68.74 -22.31 107.45
C GLN B 202 68.73 -21.12 106.52
N THR B 203 69.89 -20.90 105.90
CA THR B 203 70.09 -19.77 105.00
C THR B 203 69.50 -20.07 103.61
N TYR B 204 68.59 -19.20 103.14
CA TYR B 204 67.91 -19.45 101.88
C TYR B 204 68.26 -18.52 100.73
N ILE B 205 68.58 -19.05 99.58
CA ILE B 205 68.96 -18.15 98.50
C ILE B 205 68.09 -18.41 97.26
N CYS B 206 67.93 -17.39 96.42
CA CYS B 206 67.37 -17.66 95.12
C CYS B 206 68.32 -17.35 94.03
N ASN B 207 67.97 -17.87 92.85
CA ASN B 207 68.83 -17.79 91.69
C ASN B 207 68.01 -17.44 90.40
N VAL B 208 67.78 -16.13 90.35
CA VAL B 208 67.34 -15.42 89.18
C VAL B 208 68.30 -15.58 88.05
N ASN B 209 67.81 -16.15 86.98
CA ASN B 209 68.65 -16.15 85.85
C ASN B 209 68.07 -15.54 84.61
N HIS B 210 68.39 -14.28 84.31
CA HIS B 210 67.90 -13.61 83.11
C HIS B 210 68.81 -13.62 81.85
N LYS B 211 68.64 -14.64 81.02
CA LYS B 211 69.55 -14.98 79.92
C LYS B 211 69.93 -13.86 78.99
N PRO B 212 68.99 -13.19 78.32
CA PRO B 212 69.41 -12.47 77.11
C PRO B 212 70.15 -11.23 77.60
N SER B 213 70.06 -11.02 78.92
CA SER B 213 70.91 -10.04 79.58
C SER B 213 72.28 -10.57 79.95
N ASN B 214 72.50 -11.89 79.85
CA ASN B 214 73.45 -12.66 80.71
C ASN B 214 73.42 -12.03 82.07
N THR B 215 72.61 -12.50 82.97
CA THR B 215 72.57 -11.79 84.19
C THR B 215 72.14 -12.82 85.16
N LYS B 216 73.08 -13.32 85.96
CA LYS B 216 72.62 -14.33 86.91
C LYS B 216 72.71 -13.68 88.21
N VAL B 217 71.57 -13.52 88.86
CA VAL B 217 71.59 -13.21 90.27
C VAL B 217 70.98 -14.27 91.22
N ASP B 218 71.81 -14.63 92.20
CA ASP B 218 71.46 -15.32 93.44
C ASP B 218 71.27 -14.23 94.51
N LYS B 219 70.15 -14.27 95.26
CA LYS B 219 69.98 -13.38 96.43
C LYS B 219 69.60 -14.07 97.76
N LYS B 220 70.39 -13.79 98.81
CA LYS B 220 70.12 -14.33 100.13
C LYS B 220 68.81 -13.68 100.64
N VAL B 221 68.20 -14.30 101.65
CA VAL B 221 66.90 -13.88 102.18
C VAL B 221 66.88 -13.95 103.71
N GLU B 222 66.73 -12.81 104.36
CA GLU B 222 66.86 -12.75 105.81
C GLU B 222 65.72 -12.03 106.47
N PRO B 223 65.26 -12.49 107.62
CA PRO B 223 64.31 -11.68 108.40
C PRO B 223 65.04 -10.42 108.79
N LYS B 224 64.37 -9.35 109.25
CA LYS B 224 65.11 -8.13 109.65
C LYS B 224 65.41 -8.04 111.18
N SER B 225 65.81 -6.86 111.68
CA SER B 225 65.61 -6.50 113.11
C SER B 225 65.68 -5.00 113.36
N GLU C 1 53.26 -28.04 57.64
CA GLU C 1 52.05 -27.79 58.54
C GLU C 1 51.81 -26.33 58.57
N VAL C 2 50.59 -25.88 58.59
CA VAL C 2 50.48 -24.46 58.47
C VAL C 2 50.88 -23.47 59.67
N GLN C 3 51.59 -22.35 59.44
CA GLN C 3 51.46 -21.39 60.53
C GLN C 3 51.14 -19.92 60.31
N LEU C 4 50.69 -19.27 61.39
CA LEU C 4 50.54 -17.81 61.46
C LEU C 4 51.44 -17.12 62.61
N VAL C 5 51.80 -15.86 62.42
CA VAL C 5 52.56 -15.12 63.40
C VAL C 5 52.01 -13.75 63.45
N GLU C 6 51.46 -13.38 64.60
CA GLU C 6 51.14 -11.99 64.84
C GLU C 6 52.37 -11.23 65.27
N SER C 7 52.62 -10.08 64.66
CA SER C 7 53.59 -9.17 65.22
C SER C 7 53.08 -7.74 65.10
N GLY C 8 53.14 -7.09 66.30
CA GLY C 8 52.94 -5.66 66.54
C GLY C 8 52.60 -5.25 67.96
N GLY C 9 52.12 -6.18 68.75
CA GLY C 9 51.82 -5.86 70.12
C GLY C 9 52.78 -4.99 70.93
N GLY C 10 52.30 -4.51 72.09
CA GLY C 10 53.08 -3.73 73.06
C GLY C 10 52.14 -2.72 73.72
N LEU C 11 52.70 -1.55 74.19
CA LEU C 11 51.88 -0.46 74.87
C LEU C 11 51.33 0.77 74.12
N VAL C 12 50.07 1.07 74.44
CA VAL C 12 49.39 2.23 73.91
C VAL C 12 48.70 2.90 75.11
N LYS C 13 48.75 4.22 75.14
CA LYS C 13 48.11 4.97 76.15
C LYS C 13 46.83 5.22 75.48
N ALA C 14 45.74 5.40 76.25
CA ALA C 14 44.38 5.47 75.66
C ALA C 14 44.34 6.61 74.72
N GLY C 15 43.95 6.33 73.51
CA GLY C 15 43.95 7.34 72.47
C GLY C 15 44.94 6.96 71.40
N GLY C 16 46.04 6.38 71.85
CA GLY C 16 46.85 5.63 70.93
C GLY C 16 46.42 5.16 69.54
N SER C 17 47.39 4.56 68.86
CA SER C 17 47.19 3.86 67.64
C SER C 17 48.18 2.76 67.72
N LEU C 18 48.01 1.77 66.88
CA LEU C 18 48.90 0.66 66.81
C LEU C 18 48.25 -0.01 65.74
N ILE C 19 48.97 -0.06 64.61
CA ILE C 19 48.68 -0.94 63.49
C ILE C 19 49.28 -2.21 64.06
N LEU C 20 48.77 -3.44 63.77
CA LEU C 20 49.38 -4.74 64.20
C LEU C 20 49.61 -5.45 62.89
N SER C 21 50.34 -6.57 62.84
CA SER C 21 50.34 -7.35 61.58
C SER C 21 50.72 -8.80 61.72
N CYS C 22 50.74 -9.50 60.60
CA CYS C 22 50.45 -10.91 60.66
C CYS C 22 50.77 -11.52 59.34
N GLY C 23 51.65 -12.53 59.34
CA GLY C 23 51.92 -13.25 58.12
C GLY C 23 52.24 -14.72 58.34
N VAL C 24 52.30 -15.49 57.25
CA VAL C 24 52.15 -16.91 57.41
C VAL C 24 53.43 -17.65 57.19
N SER C 25 53.28 -18.96 57.01
CA SER C 25 54.32 -19.89 56.59
C SER C 25 53.48 -21.08 56.17
N ASN C 26 53.73 -21.53 54.94
CA ASN C 26 53.13 -22.70 54.35
C ASN C 26 51.71 -22.62 53.76
N PHE C 27 51.22 -21.42 53.41
CA PHE C 27 49.98 -21.39 52.63
C PHE C 27 49.54 -20.04 51.98
N ARG C 28 49.92 -19.72 50.74
CA ARG C 28 49.48 -18.42 50.18
C ARG C 28 48.03 -17.89 50.71
N ILE C 29 47.94 -16.79 51.50
CA ILE C 29 46.72 -16.36 52.21
C ILE C 29 45.58 -15.93 51.32
N SER C 30 45.88 -15.89 50.02
CA SER C 30 45.00 -15.36 48.99
C SER C 30 43.76 -16.18 48.71
N ALA C 31 43.69 -17.44 49.07
CA ALA C 31 42.38 -18.01 48.86
C ALA C 31 41.49 -17.91 50.07
N HIS C 32 41.67 -16.95 50.93
CA HIS C 32 41.25 -17.27 52.25
C HIS C 32 40.85 -16.09 53.00
N THR C 33 39.65 -16.17 53.58
CA THR C 33 39.23 -15.06 54.44
C THR C 33 40.17 -14.84 55.68
N MET C 34 40.67 -13.67 55.95
CA MET C 34 41.61 -13.52 57.09
C MET C 34 41.01 -12.74 58.21
N ASN C 35 41.20 -13.22 59.42
CA ASN C 35 40.44 -12.66 60.60
C ASN C 35 41.23 -12.43 61.78
N TRP C 36 40.95 -11.32 62.48
CA TRP C 36 41.61 -10.99 63.79
C TRP C 36 40.65 -11.24 64.91
N VAL C 37 41.14 -11.88 65.96
CA VAL C 37 40.30 -11.92 67.12
C VAL C 37 41.08 -11.75 68.45
N ARG C 38 40.39 -11.42 69.51
CA ARG C 38 41.21 -11.19 70.64
C ARG C 38 40.70 -11.90 71.77
N ARG C 39 41.59 -12.08 72.75
CA ARG C 39 41.20 -12.64 74.05
C ARG C 39 41.29 -11.70 75.23
N VAL C 40 40.21 -11.21 75.72
CA VAL C 40 40.32 -10.41 76.95
C VAL C 40 40.86 -11.10 78.26
N PRO C 41 41.34 -10.35 79.23
CA PRO C 41 41.61 -10.91 80.58
C PRO C 41 40.34 -11.57 81.21
N GLY C 42 40.46 -12.77 81.81
CA GLY C 42 39.26 -13.48 82.25
C GLY C 42 38.41 -13.78 80.99
N GLY C 43 38.68 -14.96 80.47
CA GLY C 43 39.31 -14.95 79.17
C GLY C 43 38.57 -15.51 78.05
N GLY C 44 37.67 -14.70 77.50
CA GLY C 44 36.89 -15.08 76.37
C GLY C 44 37.40 -14.51 75.07
N LEU C 45 36.70 -14.94 74.04
CA LEU C 45 37.19 -14.43 72.75
C LEU C 45 36.25 -13.43 72.13
N GLU C 46 36.77 -12.37 71.55
CA GLU C 46 35.94 -11.48 70.81
C GLU C 46 36.40 -11.51 69.36
N TRP C 47 35.43 -11.71 68.47
CA TRP C 47 35.77 -11.52 67.07
C TRP C 47 35.92 -10.05 66.88
N VAL C 48 36.89 -9.66 66.09
CA VAL C 48 37.15 -8.22 65.94
C VAL C 48 36.88 -7.80 64.49
N ALA C 49 37.53 -8.48 63.54
CA ALA C 49 37.33 -8.10 62.13
C ALA C 49 37.60 -9.28 61.24
N SER C 50 36.86 -9.36 60.10
CA SER C 50 37.44 -10.16 59.05
C SER C 50 37.62 -9.42 57.74
N ILE C 51 38.50 -9.92 56.85
CA ILE C 51 38.58 -9.42 55.49
C ILE C 51 38.53 -10.48 54.44
N SER C 52 37.42 -10.44 53.71
CA SER C 52 37.09 -11.50 52.71
C SER C 52 38.17 -11.60 51.61
N THR C 53 37.98 -12.52 50.70
CA THR C 53 39.03 -12.79 49.73
C THR C 53 38.91 -11.59 48.80
N SER C 54 39.89 -11.40 47.91
CA SER C 54 40.09 -10.18 47.06
C SER C 54 39.66 -8.81 47.67
N SER C 55 39.70 -8.78 49.01
CA SER C 55 39.49 -7.61 49.86
C SER C 55 38.13 -7.04 49.69
N THR C 56 37.18 -7.94 49.41
CA THR C 56 35.82 -7.62 48.90
C THR C 56 34.88 -7.18 49.99
N TYR C 57 35.09 -7.64 51.21
CA TYR C 57 34.29 -7.21 52.36
C TYR C 57 35.16 -7.04 53.55
N ARG C 58 35.09 -5.91 54.20
CA ARG C 58 35.73 -5.91 55.50
C ARG C 58 34.52 -5.81 56.41
N ASP C 59 34.59 -6.26 57.67
CA ASP C 59 33.47 -6.17 58.63
C ASP C 59 34.11 -6.13 59.94
N TYR C 60 33.55 -5.50 60.93
CA TYR C 60 34.31 -5.34 62.18
C TYR C 60 33.19 -5.52 63.17
N ALA C 61 33.53 -5.68 64.42
CA ALA C 61 32.61 -5.77 65.53
C ALA C 61 32.12 -4.41 65.93
N ASP C 62 30.86 -4.30 66.31
CA ASP C 62 30.45 -3.02 66.65
C ASP C 62 31.24 -2.26 67.67
N ALA C 63 31.83 -2.93 68.66
CA ALA C 63 32.80 -2.23 69.52
C ALA C 63 34.04 -1.73 68.86
N VAL C 64 34.36 -2.19 67.65
CA VAL C 64 35.56 -1.54 67.11
C VAL C 64 35.29 -0.80 65.86
N LYS C 65 34.04 -0.89 65.41
CA LYS C 65 33.63 -0.20 64.15
C LYS C 65 34.27 1.20 64.11
N GLY C 66 35.04 1.46 63.10
CA GLY C 66 35.33 2.85 62.90
C GLY C 66 36.47 3.43 63.69
N ARG C 67 37.30 2.61 64.35
CA ARG C 67 38.35 3.04 65.20
C ARG C 67 39.43 2.15 64.67
N PHE C 68 39.05 1.12 63.82
CA PHE C 68 40.02 0.00 63.41
C PHE C 68 39.91 -0.43 62.00
N THR C 69 41.01 -0.54 61.28
CA THR C 69 40.89 -0.97 59.89
C THR C 69 41.67 -2.26 59.69
N VAL C 70 41.15 -3.15 58.83
CA VAL C 70 41.82 -4.42 58.52
C VAL C 70 42.18 -4.32 57.06
N SER C 71 43.31 -4.91 56.70
CA SER C 71 43.95 -4.70 55.37
C SER C 71 44.64 -5.98 55.02
N ARG C 72 44.70 -6.27 53.72
CA ARG C 72 45.26 -7.54 53.30
C ARG C 72 46.19 -7.33 52.10
N ASP C 73 47.41 -7.86 52.20
CA ASP C 73 48.40 -7.83 51.10
C ASP C 73 48.63 -9.25 50.61
N ASP C 74 47.91 -9.72 49.60
CA ASP C 74 48.20 -11.12 49.21
C ASP C 74 49.41 -11.23 48.33
N LEU C 75 50.00 -10.19 47.82
CA LEU C 75 51.06 -10.62 46.95
C LEU C 75 52.22 -10.94 47.84
N GLU C 76 52.31 -10.29 48.98
CA GLU C 76 53.42 -10.61 49.80
C GLU C 76 53.06 -11.47 50.92
N ASP C 77 51.77 -11.79 51.06
CA ASP C 77 51.17 -12.55 52.19
C ASP C 77 51.25 -11.95 53.56
N PHE C 78 50.49 -10.88 53.83
CA PHE C 78 50.25 -10.43 55.19
C PHE C 78 48.88 -9.78 55.30
N VAL C 79 48.49 -9.50 56.51
CA VAL C 79 47.20 -8.96 56.70
C VAL C 79 47.54 -8.09 57.92
N TYR C 80 46.95 -6.87 57.99
CA TYR C 80 47.30 -5.80 58.90
C TYR C 80 46.13 -5.38 59.83
N LEU C 81 46.42 -4.87 61.03
CA LEU C 81 45.31 -4.33 61.74
C LEU C 81 45.58 -2.92 62.30
N GLN C 82 45.02 -1.85 61.74
CA GLN C 82 45.28 -0.54 62.27
C GLN C 82 44.36 -0.46 63.44
N MET C 83 44.78 -0.33 64.71
CA MET C 83 43.83 0.19 65.68
C MET C 83 44.13 1.59 66.08
N HIS C 84 43.09 2.38 66.15
CA HIS C 84 43.12 3.75 66.64
C HIS C 84 42.13 4.18 67.72
N LYS C 85 42.23 5.44 68.02
CA LYS C 85 41.55 6.05 69.11
C LYS C 85 41.48 5.03 70.18
N MET C 86 42.51 4.28 70.44
CA MET C 86 42.29 3.05 71.24
C MET C 86 41.76 3.24 72.68
N ARG C 87 41.07 2.22 73.24
CA ARG C 87 40.33 2.34 74.57
C ARG C 87 40.79 1.29 75.60
N VAL C 88 40.56 1.51 76.88
CA VAL C 88 41.17 0.54 77.75
C VAL C 88 40.89 -0.82 77.31
N GLU C 89 39.63 -1.17 77.29
CA GLU C 89 39.21 -2.51 76.98
C GLU C 89 39.54 -2.94 75.52
N ASP C 90 40.59 -2.42 74.93
CA ASP C 90 41.09 -3.07 73.73
C ASP C 90 42.21 -4.00 74.26
N THR C 91 42.25 -4.18 75.59
CA THR C 91 43.44 -4.83 76.05
C THR C 91 43.22 -6.31 75.94
N ALA C 92 43.88 -7.00 74.98
CA ALA C 92 43.86 -8.48 74.93
C ALA C 92 45.13 -9.16 74.35
N ILE C 93 45.23 -10.48 74.35
CA ILE C 93 46.11 -11.09 73.33
C ILE C 93 45.31 -11.03 71.97
N TYR C 94 46.02 -10.70 70.87
CA TYR C 94 45.36 -10.55 69.59
C TYR C 94 45.80 -11.64 68.66
N TYR C 95 44.91 -12.36 68.00
CA TYR C 95 45.39 -13.35 67.08
C TYR C 95 44.68 -13.14 65.76
N CYS C 96 45.39 -13.46 64.62
CA CYS C 96 44.66 -13.65 63.35
C CYS C 96 44.43 -15.10 63.06
N ALA C 97 43.27 -15.39 62.48
CA ALA C 97 42.83 -16.75 62.34
C ALA C 97 42.53 -16.90 60.88
N ARG C 98 42.94 -18.01 60.28
CA ARG C 98 42.58 -18.28 58.97
C ARG C 98 41.09 -18.71 58.85
N LYS C 99 40.46 -18.49 57.71
CA LYS C 99 39.18 -18.98 57.75
C LYS C 99 39.00 -20.13 56.85
N GLY C 100 39.89 -20.57 56.01
CA GLY C 100 39.46 -21.91 55.50
C GLY C 100 39.09 -23.17 56.40
N SER C 101 38.36 -24.14 55.93
CA SER C 101 38.65 -25.53 56.39
C SER C 101 39.08 -26.43 55.23
N ASP C 102 38.93 -27.77 55.24
CA ASP C 102 39.69 -28.42 54.17
C ASP C 102 39.21 -28.36 52.71
N ARG C 103 38.20 -29.17 52.31
CA ARG C 103 37.36 -28.83 51.14
C ARG C 103 36.73 -27.46 51.48
N LEU C 104 37.14 -26.41 50.73
CA LEU C 104 36.94 -25.03 51.16
C LEU C 104 35.57 -24.57 50.74
N SER C 105 34.80 -23.97 51.63
CA SER C 105 33.38 -23.60 51.34
C SER C 105 32.94 -22.18 51.73
N ASP C 106 32.17 -21.46 50.94
CA ASP C 106 31.84 -20.10 51.40
C ASP C 106 31.48 -19.82 52.87
N ASN C 107 31.60 -20.81 53.75
CA ASN C 107 31.56 -20.62 55.22
C ASN C 107 32.33 -21.79 55.94
N ASP C 108 33.63 -21.76 56.05
CA ASP C 108 34.32 -22.74 56.91
C ASP C 108 34.67 -22.14 58.32
N PRO C 109 35.24 -22.85 59.25
CA PRO C 109 35.55 -22.16 60.48
C PRO C 109 36.97 -21.82 60.65
N PHE C 110 37.39 -21.48 61.83
CA PHE C 110 38.72 -20.97 61.91
C PHE C 110 39.73 -22.08 62.24
N ASP C 111 40.46 -22.57 61.20
CA ASP C 111 41.33 -23.71 61.36
C ASP C 111 42.80 -23.38 61.72
N ALA C 112 43.19 -22.12 61.87
CA ALA C 112 44.62 -21.89 62.07
C ALA C 112 44.91 -20.71 62.99
N TRP C 113 45.93 -20.70 63.83
CA TRP C 113 45.99 -19.43 64.50
C TRP C 113 47.45 -19.15 64.83
N GLY C 114 47.77 -17.86 64.77
CA GLY C 114 48.94 -17.41 65.41
C GLY C 114 48.77 -17.55 66.91
N PRO C 115 49.91 -17.50 67.55
CA PRO C 115 49.97 -17.61 68.99
C PRO C 115 49.60 -16.32 69.66
N GLY C 116 49.24 -15.36 68.84
CA GLY C 116 48.71 -14.13 69.38
C GLY C 116 49.79 -13.09 69.67
N THR C 117 49.43 -11.79 69.69
CA THR C 117 50.34 -10.81 70.17
C THR C 117 49.73 -9.97 71.29
N VAL C 118 50.56 -9.58 72.25
CA VAL C 118 49.93 -8.90 73.38
C VAL C 118 49.76 -7.38 73.21
N VAL C 119 48.53 -6.92 73.44
CA VAL C 119 48.24 -5.52 73.27
C VAL C 119 47.58 -4.93 74.52
N THR C 120 48.00 -3.73 74.85
CA THR C 120 47.72 -3.33 76.19
C THR C 120 47.63 -1.80 76.38
N VAL C 121 46.43 -1.40 76.85
CA VAL C 121 45.99 -0.03 76.79
C VAL C 121 45.76 0.48 78.15
N SER C 122 46.70 1.30 78.64
CA SER C 122 46.60 1.95 79.97
C SER C 122 45.71 3.19 79.83
N PRO C 123 44.73 3.41 80.74
CA PRO C 123 43.84 4.57 80.62
C PRO C 123 44.49 5.96 80.74
N ALA C 124 45.46 6.10 81.64
CA ALA C 124 46.06 7.39 81.89
C ALA C 124 46.27 7.78 80.46
N SER C 125 45.58 8.83 80.02
CA SER C 125 45.56 9.07 78.56
C SER C 125 46.22 10.38 78.22
N THR C 126 46.84 10.95 79.25
CA THR C 126 47.26 12.32 79.29
C THR C 126 47.72 12.53 80.74
N LYS C 127 48.96 13.00 80.89
CA LYS C 127 49.48 13.31 82.20
C LYS C 127 50.23 14.61 82.18
N GLY C 128 49.97 15.33 83.26
CA GLY C 128 50.65 16.59 83.50
C GLY C 128 52.15 16.51 83.70
N PRO C 129 52.75 17.66 83.57
CA PRO C 129 54.18 17.79 83.82
C PRO C 129 54.53 17.91 85.29
N SER C 130 55.76 17.53 85.57
CA SER C 130 56.40 17.74 86.89
C SER C 130 57.48 18.80 86.68
N VAL C 131 57.58 19.79 87.56
CA VAL C 131 58.28 21.05 87.19
C VAL C 131 59.47 21.52 88.10
N PHE C 132 60.70 21.36 87.63
CA PHE C 132 61.80 21.37 88.57
C PHE C 132 62.72 22.42 88.06
N PRO C 133 63.24 23.30 88.95
CA PRO C 133 63.87 24.57 88.49
C PRO C 133 65.20 24.29 87.78
N LEU C 134 65.83 25.53 87.47
CA LEU C 134 67.20 25.64 86.91
C LEU C 134 68.12 26.85 87.47
N ALA C 135 68.90 26.51 88.48
CA ALA C 135 69.41 27.46 89.46
C ALA C 135 69.92 28.88 89.02
N PRO C 136 69.18 29.97 89.38
CA PRO C 136 69.68 31.34 89.22
C PRO C 136 71.16 31.32 89.38
N SER C 137 71.57 30.99 90.61
CA SER C 137 72.83 30.31 90.85
C SER C 137 74.01 31.19 90.86
N SER C 138 75.11 30.61 91.32
CA SER C 138 76.37 31.30 91.40
C SER C 138 76.13 32.42 92.39
N LYS C 139 76.52 32.14 93.63
CA LYS C 139 77.06 33.21 94.42
C LYS C 139 78.16 33.72 93.44
N SER C 140 79.40 33.24 93.64
CA SER C 140 80.61 33.62 92.86
C SER C 140 80.87 35.14 92.85
N THR C 141 80.57 35.75 91.70
CA THR C 141 80.20 37.14 91.61
C THR C 141 79.16 37.25 90.49
N SER C 142 78.86 38.50 90.12
CA SER C 142 78.08 38.80 88.90
C SER C 142 77.82 40.31 88.68
N GLY C 143 78.90 41.09 88.50
CA GLY C 143 78.81 42.37 87.84
C GLY C 143 78.42 42.32 86.33
N GLY C 144 77.84 41.20 85.84
CA GLY C 144 77.48 41.01 84.42
C GLY C 144 76.02 40.72 84.06
N THR C 145 75.72 39.42 83.87
CA THR C 145 74.38 38.85 83.54
C THR C 145 74.22 37.33 83.86
N ALA C 146 73.07 36.95 84.44
CA ALA C 146 72.83 35.54 84.85
C ALA C 146 72.27 34.70 83.74
N ALA C 147 71.45 33.71 84.15
CA ALA C 147 70.72 32.81 83.29
C ALA C 147 70.03 32.02 84.32
N LEU C 148 68.74 31.72 84.11
CA LEU C 148 67.91 30.82 84.98
C LEU C 148 66.63 30.27 84.33
N GLY C 149 66.04 29.24 84.97
CA GLY C 149 64.85 28.51 84.49
C GLY C 149 64.03 27.44 85.28
N CYS C 150 62.74 27.42 84.94
CA CYS C 150 61.81 26.28 84.91
C CYS C 150 62.25 25.09 84.02
N LEU C 151 62.40 23.89 84.58
CA LEU C 151 62.39 22.64 83.78
C LEU C 151 60.98 21.94 83.85
N VAL C 152 60.34 21.73 82.69
CA VAL C 152 58.97 21.16 82.60
C VAL C 152 58.99 19.70 82.18
N LYS C 153 58.81 18.85 83.20
CA LYS C 153 59.27 17.48 83.14
C LYS C 153 58.16 16.39 83.19
N ASP C 154 58.37 15.38 82.34
CA ASP C 154 57.58 14.16 82.33
C ASP C 154 56.18 14.53 82.05
N TYR C 155 55.76 14.43 80.79
CA TYR C 155 54.41 14.86 80.34
C TYR C 155 54.02 14.31 78.98
N PHE C 156 52.75 14.49 78.56
CA PHE C 156 52.23 13.71 77.40
C PHE C 156 50.77 13.84 77.29
N PRO C 157 50.22 14.21 76.13
CA PRO C 157 50.99 14.43 74.92
C PRO C 157 51.43 15.85 74.90
N GLU C 158 51.76 16.31 73.72
CA GLU C 158 52.30 17.60 73.68
C GLU C 158 51.06 18.39 73.22
N PRO C 159 51.08 19.70 73.38
CA PRO C 159 52.17 20.42 74.02
C PRO C 159 51.79 21.28 75.21
N VAL C 160 52.85 21.95 75.61
CA VAL C 160 52.78 22.77 76.75
C VAL C 160 53.11 24.17 76.34
N THR C 161 52.46 25.11 77.01
CA THR C 161 52.72 26.51 76.77
C THR C 161 53.17 27.18 78.05
N VAL C 162 54.30 27.88 77.91
CA VAL C 162 54.86 28.72 78.99
C VAL C 162 55.02 30.22 78.68
N SER C 163 54.66 31.03 79.65
CA SER C 163 54.99 32.43 79.57
C SER C 163 55.56 32.64 80.94
N TRP C 164 56.36 33.69 81.11
CA TRP C 164 56.85 34.06 82.44
C TRP C 164 56.15 35.31 82.97
N ASN C 165 56.02 35.43 84.29
CA ASN C 165 55.28 36.56 84.88
C ASN C 165 54.07 36.90 84.02
N SER C 166 53.29 35.89 83.64
CA SER C 166 52.06 36.06 82.84
C SER C 166 52.15 37.09 81.75
N GLY C 167 52.61 36.69 80.56
CA GLY C 167 52.90 37.65 79.50
C GLY C 167 53.94 38.72 79.88
N ALA C 168 53.72 39.34 81.02
CA ALA C 168 54.45 40.54 81.43
C ALA C 168 55.92 40.55 81.03
N LEU C 169 56.62 39.42 81.17
CA LEU C 169 58.01 39.36 80.77
C LEU C 169 58.20 38.44 79.57
N THR C 170 58.74 38.98 78.47
CA THR C 170 59.26 38.18 77.34
C THR C 170 60.71 38.44 76.96
N SER C 171 61.13 39.68 76.93
CA SER C 171 62.38 39.81 76.20
C SER C 171 63.44 38.86 76.80
N GLY C 172 63.86 37.86 76.05
CA GLY C 172 65.02 37.11 76.52
C GLY C 172 64.72 35.77 77.16
N VAL C 173 63.50 35.30 76.86
CA VAL C 173 62.97 34.05 77.32
C VAL C 173 63.40 33.10 76.23
N HIS C 174 63.49 31.79 76.52
CA HIS C 174 63.65 30.73 75.52
C HIS C 174 62.93 29.44 75.96
N THR C 175 62.09 28.89 75.08
CA THR C 175 61.48 27.55 75.29
C THR C 175 61.87 26.56 74.12
N PHE C 176 62.27 25.35 74.48
CA PHE C 176 62.84 24.44 73.51
C PHE C 176 61.89 23.43 72.90
N PRO C 177 62.26 23.02 71.72
CA PRO C 177 61.84 21.74 71.22
C PRO C 177 61.54 20.85 72.40
N ALA C 178 60.39 20.22 72.50
CA ALA C 178 60.33 19.24 73.58
C ALA C 178 61.02 18.00 73.08
N VAL C 179 61.28 17.09 74.00
CA VAL C 179 62.17 15.94 73.75
C VAL C 179 61.35 14.72 74.11
N LEU C 180 61.30 13.74 73.21
CA LEU C 180 60.78 12.42 73.63
C LEU C 180 61.74 11.62 74.57
N GLN C 181 61.28 11.38 75.81
CA GLN C 181 62.14 10.72 76.80
C GLN C 181 62.10 9.21 76.63
N SER C 182 63.26 8.58 76.53
CA SER C 182 63.25 7.12 76.63
C SER C 182 61.91 6.57 77.33
N SER C 183 61.53 7.18 78.47
CA SER C 183 60.41 6.68 79.31
C SER C 183 59.10 6.56 78.54
N GLY C 184 58.92 7.54 77.66
CA GLY C 184 57.61 7.82 77.14
C GLY C 184 57.24 9.31 77.14
N LEU C 185 56.96 9.86 78.33
CA LEU C 185 56.73 11.29 78.59
C LEU C 185 57.71 12.29 77.96
N TYR C 186 57.09 13.22 77.26
CA TYR C 186 57.74 14.39 76.75
C TYR C 186 58.39 15.02 77.91
N SER C 187 59.44 15.79 77.64
CA SER C 187 59.75 16.93 78.50
C SER C 187 60.51 18.06 77.80
N LEU C 188 60.79 19.12 78.56
CA LEU C 188 61.28 20.36 77.94
C LEU C 188 61.93 21.41 78.91
N SER C 189 62.58 22.48 78.43
CA SER C 189 62.92 23.47 79.43
C SER C 189 62.70 24.91 79.04
N SER C 190 62.39 25.77 80.04
CA SER C 190 62.41 27.23 79.82
C SER C 190 63.60 28.03 80.44
N VAL C 191 64.16 28.96 79.68
CA VAL C 191 65.29 29.70 80.20
C VAL C 191 64.89 31.09 80.15
N VAL C 192 65.47 31.82 81.08
CA VAL C 192 65.51 33.25 80.95
C VAL C 192 66.89 33.74 81.34
N THR C 193 67.34 34.77 80.61
CA THR C 193 68.64 35.36 80.81
C THR C 193 68.32 36.68 81.50
N VAL C 194 68.52 36.72 82.81
CA VAL C 194 68.33 37.98 83.52
C VAL C 194 69.55 38.61 84.29
N PRO C 195 69.99 39.77 83.85
CA PRO C 195 71.20 40.37 84.42
C PRO C 195 71.04 40.47 85.92
N SER C 196 72.18 40.25 86.62
CA SER C 196 72.19 39.72 88.01
C SER C 196 71.59 40.59 89.11
N SER C 197 71.96 41.89 89.13
CA SER C 197 71.38 42.85 90.07
C SER C 197 69.88 42.54 90.23
N SER C 198 69.25 42.19 89.11
CA SER C 198 67.83 41.94 89.08
C SER C 198 67.36 40.80 90.06
N LEU C 199 68.01 39.59 90.05
CA LEU C 199 67.46 38.43 90.81
C LEU C 199 67.29 38.69 92.32
N GLY C 200 66.06 38.46 92.82
CA GLY C 200 65.80 38.35 94.27
C GLY C 200 65.31 39.66 94.90
N THR C 201 66.10 40.73 94.72
CA THR C 201 65.58 42.09 94.69
C THR C 201 64.66 42.17 93.45
N GLN C 202 64.43 41.02 92.79
CA GLN C 202 63.36 40.79 91.84
C GLN C 202 63.45 39.32 91.33
N THR C 203 62.48 38.47 91.77
CA THR C 203 62.33 37.05 91.35
C THR C 203 61.22 36.77 90.32
N TYR C 204 61.13 35.53 89.86
CA TYR C 204 60.50 35.24 88.57
C TYR C 204 59.46 34.10 88.60
N ILE C 205 58.60 34.06 87.59
CA ILE C 205 57.55 33.03 87.48
C ILE C 205 57.41 32.47 86.02
N CYS C 206 57.02 31.20 85.96
CA CYS C 206 56.70 30.60 84.70
C CYS C 206 55.37 30.07 84.92
N ASN C 207 54.55 30.22 83.90
CA ASN C 207 53.21 29.68 83.89
C ASN C 207 53.13 28.55 82.89
N VAL C 208 53.64 27.42 83.38
CA VAL C 208 53.53 26.20 82.63
C VAL C 208 52.12 25.70 82.58
N ASN C 209 51.57 25.78 81.38
CA ASN C 209 50.18 25.41 81.21
C ASN C 209 49.99 24.20 80.23
N HIS C 210 49.63 23.02 80.74
CA HIS C 210 49.40 21.85 79.85
C HIS C 210 47.88 21.53 79.54
N LYS C 211 47.37 21.95 78.38
CA LYS C 211 45.93 21.93 78.12
C LYS C 211 45.24 20.53 77.73
N PRO C 212 46.02 19.52 77.36
CA PRO C 212 45.47 18.20 77.09
C PRO C 212 45.00 17.63 78.37
N SER C 213 45.83 17.82 79.38
CA SER C 213 45.52 17.31 80.69
C SER C 213 44.70 18.36 81.30
N ASN C 214 44.79 19.57 80.77
CA ASN C 214 44.25 20.65 81.53
C ASN C 214 45.15 20.75 82.83
N THR C 215 46.12 21.67 82.89
CA THR C 215 46.96 21.71 84.10
C THR C 215 47.88 22.86 84.05
N LYS C 216 48.08 23.45 85.25
CA LYS C 216 48.51 24.83 85.38
C LYS C 216 49.51 25.06 86.48
N VAL C 217 50.64 24.35 86.45
CA VAL C 217 51.72 24.63 87.40
C VAL C 217 52.29 26.01 87.28
N ASP C 218 52.22 26.70 88.41
CA ASP C 218 52.99 27.91 88.59
C ASP C 218 54.06 27.70 89.63
N LYS C 219 55.18 28.40 89.47
CA LYS C 219 56.24 28.35 90.46
C LYS C 219 57.32 29.43 90.31
N LYS C 220 57.67 30.07 91.44
CA LYS C 220 58.82 30.95 91.49
C LYS C 220 60.12 30.14 91.42
N VAL C 221 61.13 30.72 90.72
CA VAL C 221 62.59 30.45 90.93
C VAL C 221 63.13 31.63 91.67
N GLU C 222 63.99 31.35 92.65
CA GLU C 222 64.87 32.38 93.22
C GLU C 222 66.22 31.71 93.41
N PRO C 223 67.16 32.37 94.11
CA PRO C 223 68.46 31.78 94.48
C PRO C 223 68.47 30.42 95.27
N LYS C 224 69.60 30.16 95.97
CA LYS C 224 69.74 28.91 96.80
C LYS C 224 70.74 29.04 98.03
N SER C 225 71.45 27.93 98.29
CA SER C 225 72.13 27.60 99.53
C SER C 225 72.43 28.86 100.41
N VAL D 1 23.06 -10.62 67.41
CA VAL D 1 23.27 -12.13 67.62
C VAL D 1 24.20 -12.72 68.82
N VAL D 2 23.65 -13.41 69.83
CA VAL D 2 24.29 -13.60 71.16
C VAL D 2 24.51 -15.04 71.68
N MET D 3 25.78 -15.47 71.85
CA MET D 3 26.00 -16.88 72.13
C MET D 3 26.11 -17.01 73.56
N THR D 4 25.41 -17.95 74.19
CA THR D 4 25.62 -18.19 75.62
C THR D 4 26.06 -19.53 76.15
N GLN D 5 27.39 -19.78 76.41
CA GLN D 5 27.81 -21.05 77.11
C GLN D 5 27.44 -21.13 78.59
N SER D 6 27.40 -22.35 79.13
CA SER D 6 27.29 -22.61 80.59
C SER D 6 27.63 -24.05 80.83
N PRO D 7 28.44 -24.22 81.84
CA PRO D 7 28.53 -23.26 82.88
C PRO D 7 29.71 -22.46 82.56
N SER D 8 29.94 -21.48 83.39
CA SER D 8 31.14 -20.70 83.25
C SER D 8 32.25 -21.65 83.47
N THR D 9 31.99 -22.42 84.55
CA THR D 9 33.04 -23.27 85.14
C THR D 9 32.75 -24.74 85.41
N LEU D 10 33.83 -25.49 85.51
CA LEU D 10 33.58 -26.87 85.49
C LEU D 10 34.67 -27.64 86.15
N SER D 11 34.45 -28.06 87.40
CA SER D 11 35.26 -29.15 87.98
C SER D 11 34.74 -30.58 87.69
N ALA D 12 35.69 -31.43 87.31
CA ALA D 12 35.47 -32.84 87.01
C ALA D 12 36.85 -33.47 87.31
N SER D 13 36.92 -34.80 87.12
CA SER D 13 38.04 -35.67 87.38
C SER D 13 38.31 -36.50 86.12
N VAL D 14 39.56 -36.93 85.89
CA VAL D 14 39.87 -37.74 84.75
C VAL D 14 38.92 -38.83 84.57
N GLY D 15 38.38 -38.92 83.37
CA GLY D 15 37.51 -40.01 83.09
C GLY D 15 36.11 -39.63 83.54
N ASP D 16 35.90 -38.64 84.40
CA ASP D 16 34.60 -37.95 84.37
C ASP D 16 34.11 -37.81 82.96
N THR D 17 32.78 -37.82 82.78
CA THR D 17 32.24 -37.42 81.47
C THR D 17 31.43 -36.14 81.45
N ILE D 18 31.61 -35.25 80.49
CA ILE D 18 31.20 -33.88 80.81
C ILE D 18 30.61 -33.35 79.65
N THR D 19 29.63 -32.51 79.88
CA THR D 19 29.03 -31.88 78.74
C THR D 19 28.78 -30.34 78.99
N ILE D 20 29.40 -29.55 78.10
CA ILE D 20 29.25 -28.12 77.91
C ILE D 20 28.09 -27.73 76.85
N THR D 21 27.43 -26.61 77.16
CA THR D 21 26.19 -26.17 76.50
C THR D 21 26.36 -24.76 75.88
N CYS D 22 25.59 -24.45 74.86
CA CYS D 22 25.82 -23.28 74.07
C CYS D 22 24.55 -22.97 73.36
N ARG D 23 24.20 -21.70 73.44
CA ARG D 23 22.79 -21.34 73.25
C ARG D 23 22.53 -20.00 72.51
N ALA D 24 21.96 -20.08 71.32
CA ALA D 24 21.85 -18.88 70.49
C ALA D 24 20.61 -17.97 70.71
N SER D 25 20.81 -16.77 71.26
CA SER D 25 20.03 -15.62 70.87
C SER D 25 18.92 -16.06 69.88
N GLN D 26 19.25 -16.44 68.62
CA GLN D 26 18.35 -17.13 67.66
C GLN D 26 18.97 -18.33 67.03
N SER D 27 18.23 -18.90 66.09
CA SER D 27 18.64 -20.13 65.45
C SER D 27 19.73 -19.85 64.42
N ILE D 28 20.71 -20.72 64.32
CA ILE D 28 21.98 -20.43 63.61
C ILE D 28 22.35 -21.66 62.81
N GLU D 29 21.27 -22.43 62.55
CA GLU D 29 21.30 -23.73 61.91
C GLU D 29 22.30 -24.56 62.65
N THR D 30 23.29 -25.02 61.97
CA THR D 30 24.25 -25.85 62.61
C THR D 30 25.63 -25.12 62.39
N TRP D 31 25.59 -23.80 62.12
CA TRP D 31 26.89 -23.17 61.88
C TRP D 31 27.46 -22.87 63.19
N LEU D 32 27.85 -23.90 63.94
CA LEU D 32 28.51 -23.62 65.20
C LEU D 32 29.77 -24.33 65.27
N ALA D 33 30.83 -23.76 65.83
CA ALA D 33 32.06 -24.59 66.08
C ALA D 33 32.47 -24.66 67.55
N TRP D 34 33.30 -25.65 67.95
CA TRP D 34 33.91 -25.54 69.30
C TRP D 34 35.40 -25.41 69.21
N TYR D 35 36.03 -24.82 70.21
CA TYR D 35 37.49 -24.63 70.19
C TYR D 35 38.00 -24.97 71.57
N GLN D 36 39.21 -25.45 71.66
CA GLN D 36 39.77 -25.56 73.01
C GLN D 36 40.89 -24.65 73.05
N GLN D 37 41.23 -24.19 74.25
CA GLN D 37 42.44 -23.37 74.46
C GLN D 37 43.09 -23.42 75.78
N LYS D 38 44.35 -23.71 75.76
CA LYS D 38 45.02 -23.71 77.02
C LYS D 38 45.63 -22.35 77.30
N PRO D 39 46.02 -22.07 78.54
CA PRO D 39 46.57 -20.69 78.81
C PRO D 39 47.81 -20.39 78.05
N GLY D 40 47.92 -19.15 77.58
CA GLY D 40 49.08 -18.83 76.77
C GLY D 40 49.13 -19.54 75.43
N LYS D 41 48.41 -20.66 75.25
CA LYS D 41 48.45 -20.97 73.84
C LYS D 41 47.29 -20.44 72.99
N ALA D 42 47.34 -20.79 71.72
CA ALA D 42 46.37 -20.40 70.66
C ALA D 42 45.19 -21.28 70.87
N PRO D 43 44.01 -20.91 70.45
CA PRO D 43 42.99 -21.97 70.37
C PRO D 43 43.33 -23.00 69.25
N LYS D 44 42.85 -24.25 69.46
CA LYS D 44 42.77 -25.32 68.41
C LYS D 44 41.32 -25.63 68.10
N LEU D 45 41.00 -25.94 66.86
CA LEU D 45 39.62 -26.05 66.46
C LEU D 45 39.26 -27.48 66.65
N LEU D 46 38.04 -27.75 67.14
CA LEU D 46 37.73 -29.12 67.54
C LEU D 46 36.65 -29.80 66.71
N ILE D 47 35.43 -29.27 66.77
CA ILE D 47 34.29 -29.77 66.04
C ILE D 47 33.79 -28.54 65.23
N TYR D 48 33.35 -28.76 64.01
CA TYR D 48 32.56 -27.70 63.36
C TYR D 48 31.25 -28.20 62.83
N LYS D 49 30.57 -27.31 62.15
CA LYS D 49 29.26 -27.66 61.65
C LYS D 49 28.54 -28.38 62.73
N ALA D 50 28.47 -27.80 63.91
CA ALA D 50 27.90 -28.45 65.08
C ALA D 50 28.33 -29.88 65.42
N SER D 51 28.42 -30.76 64.42
CA SER D 51 28.69 -32.14 64.74
C SER D 51 29.92 -32.68 64.19
N THR D 52 30.49 -32.11 63.11
CA THR D 52 31.55 -32.76 62.35
C THR D 52 32.82 -32.61 63.10
N LEU D 53 33.61 -33.67 63.13
CA LEU D 53 34.91 -33.55 63.85
C LEU D 53 36.22 -33.30 62.94
N LYS D 54 37.11 -32.42 63.38
CA LYS D 54 38.32 -32.09 62.62
C LYS D 54 39.21 -33.27 62.67
N THR D 55 39.69 -33.66 61.50
CA THR D 55 40.75 -34.72 61.47
C THR D 55 41.92 -34.56 62.45
N GLY D 56 42.20 -35.70 63.06
CA GLY D 56 43.17 -35.90 64.10
C GLY D 56 42.76 -35.40 65.47
N VAL D 57 41.77 -34.46 65.54
CA VAL D 57 41.08 -34.26 66.82
C VAL D 57 40.66 -35.67 67.33
N PRO D 58 41.02 -36.03 68.58
CA PRO D 58 40.88 -37.40 69.06
C PRO D 58 39.38 -37.69 69.23
N SER D 59 38.95 -38.92 69.50
CA SER D 59 37.47 -38.95 69.37
C SER D 59 36.61 -39.05 70.63
N ARG D 60 36.95 -38.41 71.73
CA ARG D 60 36.09 -38.47 72.90
C ARG D 60 35.38 -37.17 72.93
N PHE D 61 35.88 -36.33 72.01
CA PHE D 61 35.30 -35.02 71.74
C PHE D 61 34.16 -35.09 70.73
N SER D 62 33.01 -34.50 71.09
CA SER D 62 31.79 -34.71 70.27
C SER D 62 30.75 -33.64 70.48
N GLY D 63 30.03 -33.28 69.42
CA GLY D 63 29.15 -32.13 69.50
C GLY D 63 27.79 -32.57 69.00
N SER D 64 26.73 -31.93 69.51
CA SER D 64 25.41 -32.12 68.96
C SER D 64 24.59 -30.84 69.08
N GLY D 65 23.61 -30.65 68.18
CA GLY D 65 22.80 -29.45 68.21
C GLY D 65 22.45 -28.90 66.84
N SER D 66 21.20 -28.50 66.71
CA SER D 66 20.86 -27.53 65.68
C SER D 66 20.01 -26.37 66.21
N GLY D 67 20.00 -25.27 65.51
CA GLY D 67 19.07 -24.23 65.82
C GLY D 67 19.56 -23.37 66.90
N THR D 68 19.14 -23.62 68.14
CA THR D 68 19.59 -22.73 69.24
C THR D 68 20.26 -23.37 70.49
N GLU D 69 20.35 -24.71 70.53
CA GLU D 69 21.03 -25.46 71.65
C GLU D 69 22.20 -26.29 71.17
N PHE D 70 23.35 -26.09 71.75
CA PHE D 70 24.35 -26.94 71.18
C PHE D 70 25.00 -27.46 72.41
N THR D 71 25.84 -28.50 72.27
CA THR D 71 26.49 -29.10 73.44
C THR D 71 27.55 -30.02 73.08
N LEU D 72 28.76 -29.71 73.63
CA LEU D 72 30.02 -30.43 73.35
C LEU D 72 30.18 -31.49 74.40
N THR D 73 30.69 -32.68 74.07
CA THR D 73 30.80 -33.67 75.16
C THR D 73 32.18 -34.28 75.21
N ILE D 74 32.87 -34.06 76.36
CA ILE D 74 34.06 -34.86 76.65
C ILE D 74 33.79 -36.22 77.34
N SER D 75 34.00 -37.31 76.62
CA SER D 75 33.60 -38.61 77.18
C SER D 75 34.88 -39.15 77.80
N GLY D 76 35.08 -38.93 79.09
CA GLY D 76 36.17 -39.64 79.73
C GLY D 76 37.35 -38.80 79.84
N LEU D 77 37.26 -37.86 80.76
CA LEU D 77 38.12 -36.71 80.76
C LEU D 77 39.60 -37.19 80.70
N GLN D 78 40.53 -36.42 80.19
CA GLN D 78 41.93 -36.67 80.51
C GLN D 78 42.71 -35.38 80.72
N PHE D 79 43.71 -35.55 81.53
CA PHE D 79 44.57 -34.47 82.01
C PHE D 79 44.92 -33.31 81.04
N ASP D 80 45.54 -33.66 79.90
CA ASP D 80 45.44 -32.88 78.66
C ASP D 80 44.13 -32.17 78.22
N ASP D 81 42.95 -32.72 78.55
CA ASP D 81 41.70 -32.00 78.35
C ASP D 81 41.26 -30.87 79.33
N PHE D 82 41.81 -30.81 80.52
CA PHE D 82 41.56 -29.63 81.34
C PHE D 82 42.05 -28.30 80.73
N ALA D 83 41.09 -27.40 80.40
CA ALA D 83 41.29 -26.28 79.47
C ALA D 83 40.07 -25.39 79.37
N THR D 84 40.19 -24.31 78.61
CA THR D 84 38.95 -23.63 78.35
C THR D 84 38.52 -23.94 76.95
N TYR D 85 37.17 -23.87 76.76
CA TYR D 85 36.55 -24.23 75.51
C TYR D 85 35.75 -23.04 75.08
N HIS D 86 35.75 -22.76 73.77
CA HIS D 86 34.96 -21.64 73.27
C HIS D 86 33.91 -22.05 72.24
N CYS D 87 32.70 -21.53 72.32
CA CYS D 87 31.77 -21.95 71.26
C CYS D 87 31.55 -20.89 70.24
N GLN D 88 31.55 -21.22 68.98
CA GLN D 88 31.48 -20.07 68.07
C GLN D 88 30.38 -20.19 66.96
N HIS D 89 29.70 -19.07 66.69
CA HIS D 89 28.88 -19.06 65.60
C HIS D 89 29.62 -18.64 64.39
N TYR D 90 29.99 -19.53 63.53
CA TYR D 90 30.64 -19.00 62.36
C TYR D 90 29.76 -18.69 61.15
N ALA D 91 30.09 -17.59 60.49
CA ALA D 91 29.05 -16.98 59.67
C ALA D 91 29.52 -16.24 58.48
N GLY D 92 30.40 -16.83 57.69
CA GLY D 92 30.55 -16.32 56.33
C GLY D 92 31.51 -15.15 56.26
N TYR D 93 31.26 -13.98 56.88
CA TYR D 93 32.34 -13.00 57.07
C TYR D 93 32.27 -12.42 58.46
N SER D 94 32.18 -13.23 59.49
CA SER D 94 31.95 -12.65 60.81
C SER D 94 31.69 -13.81 61.74
N ALA D 95 31.98 -13.64 63.06
CA ALA D 95 31.70 -14.69 64.04
C ALA D 95 31.26 -14.12 65.35
N THR D 96 30.89 -15.02 66.27
CA THR D 96 30.60 -14.67 67.69
C THR D 96 31.12 -15.75 68.69
N PHE D 97 31.46 -15.37 69.99
CA PHE D 97 32.06 -16.40 70.92
C PHE D 97 31.25 -16.66 72.17
N GLY D 98 31.56 -17.71 72.87
CA GLY D 98 30.88 -17.92 74.13
C GLY D 98 31.48 -16.92 75.08
N GLN D 99 31.09 -16.94 76.34
CA GLN D 99 31.88 -16.36 77.37
C GLN D 99 33.01 -17.37 77.60
N GLY D 100 32.78 -18.61 77.18
CA GLY D 100 33.83 -19.64 77.23
C GLY D 100 33.67 -20.57 78.40
N THR D 101 34.04 -21.84 78.25
CA THR D 101 34.08 -22.66 79.49
C THR D 101 35.36 -23.19 80.02
N ARG D 102 35.64 -22.88 81.27
CA ARG D 102 36.88 -23.48 81.71
C ARG D 102 36.69 -24.57 82.74
N VAL D 103 37.27 -25.71 82.32
CA VAL D 103 37.12 -27.01 82.96
C VAL D 103 38.31 -27.22 83.84
N GLU D 104 38.03 -27.50 85.11
CA GLU D 104 39.12 -27.67 86.02
C GLU D 104 39.10 -28.97 86.70
N ILE D 105 40.26 -29.26 87.33
CA ILE D 105 40.51 -30.53 87.99
C ILE D 105 39.82 -30.50 89.37
N LYS D 106 38.49 -30.73 89.48
CA LYS D 106 37.70 -30.78 90.74
C LYS D 106 38.42 -31.37 91.93
N ARG D 107 38.29 -30.79 93.12
CA ARG D 107 38.88 -31.40 94.31
C ARG D 107 38.44 -30.68 95.54
N THR D 108 38.55 -31.32 96.71
CA THR D 108 38.07 -30.75 97.98
C THR D 108 38.42 -29.30 98.01
N VAL D 109 37.58 -28.46 98.58
CA VAL D 109 37.90 -27.06 98.82
C VAL D 109 38.97 -26.80 99.89
N ALA D 110 39.78 -25.78 99.68
CA ALA D 110 40.91 -25.55 100.57
C ALA D 110 41.32 -24.07 100.56
N ALA D 111 41.63 -23.58 101.76
CA ALA D 111 41.82 -22.14 101.96
C ALA D 111 43.23 -21.64 101.59
N PRO D 112 43.36 -20.39 101.16
CA PRO D 112 44.63 -19.82 100.84
C PRO D 112 45.31 -19.50 102.14
N SER D 113 46.52 -19.99 102.38
CA SER D 113 47.43 -19.51 103.43
C SER D 113 47.78 -18.09 102.97
N VAL D 114 48.09 -17.17 103.89
CA VAL D 114 48.15 -15.71 103.54
C VAL D 114 49.31 -14.86 104.06
N PHE D 115 49.87 -14.11 103.12
CA PHE D 115 51.19 -13.44 103.43
C PHE D 115 51.36 -12.00 102.94
N ILE D 116 51.82 -11.14 103.86
CA ILE D 116 52.08 -9.76 103.46
C ILE D 116 53.51 -9.52 103.69
N PHE D 117 54.06 -8.70 102.82
CA PHE D 117 55.47 -8.70 102.64
C PHE D 117 55.78 -7.28 102.27
N PRO D 118 56.30 -6.45 103.18
CA PRO D 118 56.55 -5.02 102.88
C PRO D 118 57.78 -4.88 101.92
N PRO D 119 57.99 -3.77 101.22
CA PRO D 119 59.13 -3.70 100.30
C PRO D 119 60.40 -3.65 101.08
N SER D 120 61.50 -3.96 100.39
CA SER D 120 62.87 -3.88 100.91
C SER D 120 63.27 -2.48 101.15
N ASP D 121 64.08 -2.28 102.17
CA ASP D 121 64.69 -0.94 102.30
C ASP D 121 65.66 -0.69 101.13
N GLU D 122 66.35 -1.72 100.68
CA GLU D 122 67.04 -1.66 99.39
C GLU D 122 66.20 -0.89 98.28
N GLN D 123 65.00 -1.36 97.96
CA GLN D 123 64.23 -0.87 96.79
C GLN D 123 63.73 0.52 96.96
N LEU D 124 63.12 0.69 98.12
CA LEU D 124 62.38 1.88 98.45
C LEU D 124 63.34 3.09 98.47
N LYS D 125 64.45 2.98 99.20
CA LYS D 125 65.63 3.79 98.91
C LYS D 125 65.57 4.39 97.48
N SER D 126 65.65 3.52 96.46
CA SER D 126 65.87 3.92 95.05
C SER D 126 64.64 4.43 94.30
N GLY D 127 63.51 4.53 95.00
CA GLY D 127 62.43 5.42 94.60
C GLY D 127 61.04 4.82 94.56
N THR D 128 60.95 3.49 94.67
CA THR D 128 59.71 2.76 94.39
C THR D 128 59.27 1.78 95.54
N ALA D 129 57.98 1.62 95.75
CA ALA D 129 57.55 0.80 96.85
C ALA D 129 56.73 -0.43 96.35
N SER D 130 57.30 -1.62 96.48
CA SER D 130 56.58 -2.75 95.98
C SER D 130 56.29 -3.61 97.18
N VAL D 131 55.07 -3.43 97.68
CA VAL D 131 54.45 -4.15 98.79
C VAL D 131 53.66 -5.30 98.22
N VAL D 132 53.85 -6.52 98.75
CA VAL D 132 53.28 -7.78 98.19
C VAL D 132 52.48 -8.71 99.13
N CYS D 133 51.46 -9.34 98.57
CA CYS D 133 50.54 -10.14 99.31
C CYS D 133 50.38 -11.43 98.62
N LEU D 134 50.31 -12.52 99.37
CA LEU D 134 50.40 -13.88 98.80
C LEU D 134 49.19 -14.73 99.19
N LEU D 135 48.56 -15.43 98.26
CA LEU D 135 47.53 -16.45 98.54
C LEU D 135 48.21 -17.71 98.02
N ASN D 136 48.66 -18.44 99.01
CA ASN D 136 49.31 -19.69 98.78
C ASN D 136 48.31 -20.82 98.76
N ASN D 137 48.17 -21.54 97.65
CA ASN D 137 47.67 -22.90 97.79
C ASN D 137 46.21 -23.04 98.30
N PHE D 138 45.33 -22.48 97.50
CA PHE D 138 43.95 -22.46 97.84
C PHE D 138 43.28 -23.06 96.62
N TYR D 139 42.03 -23.47 96.76
CA TYR D 139 41.14 -23.87 95.73
C TYR D 139 39.79 -23.59 96.51
N PRO D 140 38.65 -23.38 95.85
CA PRO D 140 38.47 -23.30 94.40
C PRO D 140 38.99 -21.98 93.94
N ARG D 141 38.85 -21.64 92.64
CA ARG D 141 39.89 -20.72 92.15
C ARG D 141 39.83 -19.28 92.58
N GLU D 142 38.66 -18.70 92.71
CA GLU D 142 38.54 -17.27 92.89
C GLU D 142 38.61 -16.78 94.34
N ALA D 143 39.23 -15.60 94.48
CA ALA D 143 39.52 -14.92 95.77
C ALA D 143 39.44 -13.41 95.59
N LYS D 144 39.06 -12.72 96.69
CA LYS D 144 38.97 -11.27 96.64
C LYS D 144 40.15 -10.79 97.30
N VAL D 145 40.82 -9.82 96.76
CA VAL D 145 41.96 -9.35 97.50
C VAL D 145 42.00 -7.85 97.42
N GLN D 146 41.59 -7.14 98.44
CA GLN D 146 41.74 -5.69 98.39
C GLN D 146 42.79 -5.25 99.38
N TRP D 147 43.61 -4.27 98.91
CA TRP D 147 44.60 -3.56 99.74
C TRP D 147 44.02 -2.32 100.56
N LYS D 148 43.94 -2.39 101.88
CA LYS D 148 43.50 -1.18 102.53
C LYS D 148 44.73 -0.44 103.02
N VAL D 149 44.82 0.90 102.80
CA VAL D 149 46.09 1.59 103.02
C VAL D 149 45.72 2.74 103.87
N ASP D 150 46.09 2.56 105.13
CA ASP D 150 45.72 3.45 106.21
C ASP D 150 44.21 3.38 106.36
N ASN D 151 43.66 2.25 106.00
CA ASN D 151 42.22 2.15 106.06
C ASN D 151 41.65 2.70 104.83
N ALA D 152 42.49 3.09 103.90
CA ALA D 152 41.97 3.66 102.69
C ALA D 152 41.89 2.54 101.68
N LEU D 153 40.69 2.29 101.13
CA LEU D 153 40.63 1.40 99.95
C LEU D 153 41.74 1.60 98.81
N GLN D 154 41.99 0.67 97.90
CA GLN D 154 42.82 1.06 96.76
C GLN D 154 42.25 0.62 95.48
N SER D 155 42.92 1.00 94.40
CA SER D 155 42.60 0.49 93.03
C SER D 155 43.49 1.13 91.99
N GLY D 156 43.63 0.40 90.87
CA GLY D 156 44.55 0.75 89.80
C GLY D 156 46.03 0.86 90.16
N ASN D 157 46.39 0.92 91.43
CA ASN D 157 47.78 0.99 91.75
C ASN D 157 48.28 -0.37 92.14
N SER D 158 47.63 -1.44 91.66
CA SER D 158 48.10 -2.81 91.99
C SER D 158 47.72 -3.82 90.89
N GLN D 159 48.66 -4.75 90.60
CA GLN D 159 48.50 -5.83 89.62
C GLN D 159 48.43 -7.15 90.33
N GLU D 160 47.78 -8.15 89.73
CA GLU D 160 47.95 -9.51 90.26
C GLU D 160 48.31 -10.60 89.26
N SER D 161 48.60 -11.83 89.76
CA SER D 161 49.03 -12.93 88.91
C SER D 161 48.80 -14.28 89.55
N VAL D 162 48.30 -15.25 88.83
CA VAL D 162 47.87 -16.48 89.45
C VAL D 162 48.61 -17.60 88.84
N THR D 163 48.77 -18.63 89.59
CA THR D 163 49.51 -19.77 89.14
C THR D 163 48.56 -20.67 88.44
N GLU D 164 49.02 -21.66 87.65
CA GLU D 164 48.08 -22.60 86.98
C GLU D 164 47.88 -23.81 87.98
N GLN D 165 46.89 -24.67 87.75
CA GLN D 165 46.45 -25.68 88.78
C GLN D 165 47.64 -26.64 89.12
N ASP D 166 48.00 -26.65 90.41
CA ASP D 166 49.21 -27.29 90.92
C ASP D 166 49.48 -28.66 90.52
N SER D 167 50.60 -28.68 89.80
CA SER D 167 51.54 -29.81 89.59
C SER D 167 51.23 -31.01 90.53
N LYS D 168 50.87 -30.76 91.81
CA LYS D 168 50.91 -31.81 92.85
C LYS D 168 49.63 -32.04 93.69
N ASP D 169 48.89 -30.95 93.99
CA ASP D 169 47.78 -30.96 94.91
C ASP D 169 46.74 -30.02 94.39
N SER D 170 46.88 -29.62 93.12
CA SER D 170 45.68 -29.12 92.43
C SER D 170 45.13 -27.81 92.97
N THR D 171 45.74 -27.23 94.00
CA THR D 171 45.40 -25.86 94.39
C THR D 171 45.90 -24.76 93.35
N TYR D 172 45.44 -23.54 93.56
CA TYR D 172 45.94 -22.40 92.90
C TYR D 172 46.64 -21.58 93.91
N SER D 173 47.79 -20.95 93.54
CA SER D 173 48.25 -19.77 94.29
C SER D 173 48.32 -18.56 93.37
N LEU D 174 48.43 -17.40 94.02
CA LEU D 174 48.46 -16.05 93.36
C LEU D 174 49.03 -15.02 94.31
N SER D 175 49.98 -14.25 93.79
CA SER D 175 50.47 -13.10 94.50
C SER D 175 49.56 -11.91 94.21
N SER D 176 49.75 -10.89 95.08
CA SER D 176 49.39 -9.49 94.76
C SER D 176 50.46 -8.36 94.85
N THR D 177 50.56 -7.48 93.84
CA THR D 177 51.48 -6.36 94.10
C THR D 177 50.98 -4.94 94.08
N LEU D 178 51.04 -4.35 95.29
CA LEU D 178 51.04 -2.88 95.49
C LEU D 178 52.22 -2.25 94.78
N THR D 179 52.02 -1.28 93.89
CA THR D 179 53.14 -0.45 93.57
C THR D 179 52.97 0.99 93.94
N LEU D 180 53.83 1.54 94.78
CA LEU D 180 53.73 2.96 95.08
C LEU D 180 55.01 3.77 94.74
N SER D 181 54.89 5.09 94.56
CA SER D 181 56.07 5.99 94.65
C SER D 181 56.59 5.94 96.12
N LYS D 182 57.91 6.21 96.26
CA LYS D 182 58.64 6.21 97.54
C LYS D 182 58.07 7.26 98.42
N ALA D 183 57.62 8.29 97.72
CA ALA D 183 56.71 9.32 98.20
C ALA D 183 55.38 8.84 98.85
N ASP D 184 54.57 8.20 98.01
CA ASP D 184 53.25 7.89 98.42
C ASP D 184 53.28 6.92 99.55
N TYR D 185 54.31 6.09 99.46
CA TYR D 185 54.56 5.04 100.43
C TYR D 185 54.97 5.68 101.72
N GLU D 186 55.95 6.55 101.60
CA GLU D 186 56.32 7.49 102.60
C GLU D 186 55.09 8.22 103.33
N LYS D 187 53.96 8.47 102.64
CA LYS D 187 52.85 9.26 103.30
C LYS D 187 51.92 8.53 104.29
N HIS D 188 52.06 7.22 104.43
CA HIS D 188 51.02 6.41 105.06
C HIS D 188 51.56 5.32 105.98
N LYS D 189 50.88 5.11 107.12
CA LYS D 189 51.42 4.17 108.11
C LYS D 189 51.00 2.66 107.99
N VAL D 190 49.71 2.34 107.96
CA VAL D 190 49.32 0.94 108.10
C VAL D 190 49.11 0.27 106.80
N TYR D 191 49.74 -0.85 106.51
CA TYR D 191 49.41 -1.48 105.21
C TYR D 191 48.58 -2.78 105.29
N ALA D 192 47.61 -2.96 104.43
CA ALA D 192 46.74 -4.12 104.67
C ALA D 192 46.32 -4.97 103.43
N CYS D 193 46.21 -6.27 103.64
CA CYS D 193 45.82 -7.18 102.59
C CYS D 193 44.51 -7.89 103.03
N GLU D 194 43.43 -7.76 102.23
CA GLU D 194 42.16 -8.36 102.67
C GLU D 194 41.48 -9.42 101.78
N VAL D 195 41.85 -10.67 102.07
CA VAL D 195 41.39 -11.83 101.31
C VAL D 195 40.08 -12.44 101.76
N THR D 196 39.32 -12.77 100.75
CA THR D 196 38.03 -13.36 100.86
C THR D 196 38.09 -14.64 100.11
N HIS D 197 37.61 -15.70 100.77
CA HIS D 197 37.56 -17.05 100.21
C HIS D 197 36.41 -17.82 100.71
N GLN D 198 36.16 -18.89 99.96
CA GLN D 198 34.96 -19.65 100.13
C GLN D 198 35.35 -20.72 101.08
N GLY D 199 36.65 -20.90 101.13
CA GLY D 199 37.29 -21.74 102.12
C GLY D 199 37.38 -20.96 103.45
N LEU D 200 37.18 -19.65 103.37
CA LEU D 200 37.26 -18.82 104.56
C LEU D 200 35.92 -18.62 105.05
N SER D 201 35.82 -18.93 106.33
CA SER D 201 34.59 -18.68 106.99
C SER D 201 34.56 -17.19 107.38
N SER D 202 35.66 -16.47 107.51
CA SER D 202 35.53 -15.02 107.21
C SER D 202 36.77 -14.17 106.70
N PRO D 203 36.53 -13.14 105.84
CA PRO D 203 37.57 -12.27 105.29
C PRO D 203 38.75 -12.14 106.15
N VAL D 204 39.85 -12.64 105.65
CA VAL D 204 41.09 -12.71 106.36
C VAL D 204 41.90 -11.54 105.85
N THR D 205 42.63 -10.91 106.79
CA THR D 205 43.28 -9.65 106.60
C THR D 205 44.62 -9.86 107.27
N LYS D 206 45.68 -9.91 106.49
CA LYS D 206 47.02 -9.91 107.08
C LYS D 206 47.50 -8.53 106.82
N SER D 207 48.25 -7.98 107.77
CA SER D 207 48.87 -6.69 107.53
C SER D 207 50.13 -6.44 108.30
N PHE D 208 50.75 -5.31 107.96
CA PHE D 208 51.75 -4.73 108.82
C PHE D 208 51.49 -3.23 108.85
N ASN D 209 51.89 -2.56 109.94
CA ASN D 209 52.11 -1.13 109.85
C ASN D 209 53.57 -0.98 109.61
N ARG D 210 53.83 -0.10 108.65
CA ARG D 210 55.12 0.17 108.04
C ARG D 210 56.16 0.67 109.02
N GLY D 211 57.40 0.29 108.74
CA GLY D 211 58.52 0.64 109.56
C GLY D 211 58.57 -0.12 110.87
N GLU D 212 58.54 -1.45 110.78
CA GLU D 212 58.63 -2.29 112.00
C GLU D 212 59.34 -3.69 111.93
N ALA E 1 -14.28 -74.26 13.75
CA ALA E 1 -15.24 -73.16 13.68
C ALA E 1 -15.09 -72.24 14.88
N GLU E 2 -14.85 -72.82 16.06
CA GLU E 2 -14.71 -72.06 17.29
C GLU E 2 -13.72 -70.92 17.16
N ASN E 3 -12.61 -71.19 16.48
CA ASN E 3 -11.61 -70.18 16.20
C ASN E 3 -12.12 -69.12 15.23
N LEU E 4 -12.11 -67.87 15.67
CA LEU E 4 -12.55 -66.75 14.84
C LEU E 4 -11.37 -66.03 14.25
N TRP E 5 -11.57 -65.41 13.09
CA TRP E 5 -10.53 -64.65 12.43
C TRP E 5 -11.05 -63.26 12.11
N VAL E 6 -10.21 -62.26 12.30
CA VAL E 6 -10.57 -60.90 11.92
C VAL E 6 -10.56 -60.78 10.41
N THR E 7 -11.61 -60.15 9.90
CA THR E 7 -11.70 -59.84 8.48
C THR E 7 -12.00 -58.36 8.38
N VAL E 8 -11.24 -57.66 7.54
CA VAL E 8 -11.35 -56.20 7.48
C VAL E 8 -12.49 -55.76 6.57
N TYR E 9 -13.10 -54.63 6.93
CA TYR E 9 -14.22 -54.09 6.18
C TYR E 9 -13.92 -52.69 5.68
N TYR E 10 -14.18 -52.47 4.40
CA TYR E 10 -14.02 -51.15 3.81
C TYR E 10 -15.37 -50.60 3.37
N GLY E 11 -15.74 -49.45 3.92
CA GLY E 11 -17.01 -48.83 3.61
C GLY E 11 -17.98 -48.93 4.76
N VAL E 12 -17.43 -49.13 5.95
CA VAL E 12 -18.24 -49.26 7.16
C VAL E 12 -18.84 -47.91 7.55
N PRO E 13 -20.14 -47.88 7.84
CA PRO E 13 -20.81 -46.64 8.28
C PRO E 13 -20.48 -46.25 9.72
N VAL E 14 -19.39 -45.50 9.89
CA VAL E 14 -19.02 -44.98 11.20
C VAL E 14 -18.15 -43.72 11.06
N TRP E 15 -18.31 -42.80 11.99
CA TRP E 15 -17.64 -41.50 11.93
C TRP E 15 -17.12 -41.07 13.30
N LYS E 16 -16.02 -40.31 13.30
CA LYS E 16 -15.53 -39.68 14.52
C LYS E 16 -15.77 -38.18 14.45
N ASP E 17 -16.09 -37.56 15.59
CA ASP E 17 -16.32 -36.13 15.61
C ASP E 17 -15.07 -35.38 15.18
N ALA E 18 -15.25 -34.29 14.44
CA ALA E 18 -14.13 -33.67 13.78
C ALA E 18 -14.17 -32.14 13.77
N GLU E 19 -13.13 -31.58 13.18
CA GLU E 19 -13.10 -30.20 12.73
C GLU E 19 -12.38 -30.21 11.41
N THR E 20 -12.86 -29.42 10.45
CA THR E 20 -12.13 -29.28 9.19
C THR E 20 -12.59 -28.06 8.43
N THR E 21 -11.76 -27.65 7.47
CA THR E 21 -12.12 -26.55 6.60
C THR E 21 -13.24 -26.99 5.66
N LEU E 22 -14.37 -26.31 5.73
CA LEU E 22 -15.48 -26.55 4.81
C LEU E 22 -15.36 -25.60 3.62
N PHE E 23 -16.31 -25.63 2.70
CA PHE E 23 -16.31 -24.63 1.64
C PHE E 23 -17.73 -24.17 1.30
N CYS E 24 -17.80 -23.02 0.64
CA CYS E 24 -19.07 -22.35 0.40
C CYS E 24 -19.78 -22.82 -0.85
N ALA E 25 -21.10 -22.72 -0.85
CA ALA E 25 -21.90 -22.95 -2.04
C ALA E 25 -23.00 -21.90 -2.15
N SER E 26 -23.24 -21.40 -3.36
CA SER E 26 -24.29 -20.42 -3.60
C SER E 26 -24.96 -20.76 -4.93
N ASP E 27 -25.98 -19.99 -5.30
CA ASP E 27 -26.74 -20.34 -6.50
C ASP E 27 -26.46 -19.40 -7.69
N ALA E 28 -26.96 -19.80 -8.85
CA ALA E 28 -26.68 -19.10 -10.11
C ALA E 28 -27.20 -17.66 -10.14
N LYS E 29 -28.30 -17.42 -9.42
CA LYS E 29 -28.90 -16.09 -9.40
C LYS E 29 -28.01 -15.10 -8.66
N ALA E 30 -27.11 -15.62 -7.83
CA ALA E 30 -26.15 -14.80 -7.10
C ALA E 30 -25.09 -14.24 -8.04
N TYR E 31 -24.77 -15.00 -9.10
CA TYR E 31 -23.81 -14.56 -10.09
C TYR E 31 -24.52 -13.70 -11.14
N GLU E 32 -25.83 -13.94 -11.30
CA GLU E 32 -26.65 -13.13 -12.18
C GLU E 32 -26.86 -11.73 -11.60
N THR E 33 -26.54 -11.58 -10.32
CA THR E 33 -26.59 -10.29 -9.65
C THR E 33 -25.60 -9.33 -10.29
N GLU E 34 -24.55 -9.89 -10.91
CA GLU E 34 -23.48 -9.15 -11.57
C GLU E 34 -23.09 -7.86 -10.84
N LYS E 35 -22.92 -6.80 -11.61
CA LYS E 35 -22.60 -5.48 -11.08
C LYS E 35 -21.34 -5.46 -10.19
N HIS E 36 -20.56 -6.55 -10.24
CA HIS E 36 -19.31 -6.68 -9.46
C HIS E 36 -19.51 -6.41 -7.97
N ASN E 37 -20.67 -6.77 -7.44
CA ASN E 37 -21.10 -6.29 -6.12
C ASN E 37 -21.04 -7.28 -4.97
N VAL E 38 -21.60 -8.47 -5.15
CA VAL E 38 -21.67 -9.41 -4.03
C VAL E 38 -20.27 -9.89 -3.67
N TRP E 39 -20.02 -10.06 -2.37
CA TRP E 39 -18.72 -10.56 -1.95
C TRP E 39 -18.58 -12.08 -2.01
N ALA E 40 -17.55 -12.52 -2.72
CA ALA E 40 -17.09 -13.91 -2.73
C ALA E 40 -18.11 -14.89 -3.32
N THR E 41 -19.17 -14.36 -3.93
CA THR E 41 -20.12 -15.22 -4.63
C THR E 41 -19.47 -15.86 -5.84
N HIS E 42 -18.44 -15.19 -6.35
CA HIS E 42 -17.77 -15.58 -7.58
C HIS E 42 -16.83 -16.76 -7.35
N ALA E 43 -15.98 -16.64 -6.32
CA ALA E 43 -15.04 -17.70 -5.97
C ALA E 43 -15.77 -18.87 -5.34
N CYS E 44 -16.99 -18.61 -4.89
CA CYS E 44 -17.82 -19.62 -4.23
C CYS E 44 -18.42 -20.60 -5.23
N VAL E 45 -18.27 -21.89 -4.93
CA VAL E 45 -18.77 -22.97 -5.78
C VAL E 45 -20.31 -22.91 -5.86
N PRO E 46 -20.93 -23.59 -6.84
CA PRO E 46 -22.40 -23.53 -6.88
C PRO E 46 -23.09 -24.53 -5.94
N THR E 47 -24.42 -24.47 -5.91
CA THR E 47 -25.19 -25.39 -5.10
C THR E 47 -25.61 -26.60 -5.92
N ASP E 48 -26.50 -27.41 -5.36
CA ASP E 48 -27.01 -28.58 -6.07
C ASP E 48 -28.42 -28.34 -6.58
N PRO E 49 -28.71 -28.75 -7.83
CA PRO E 49 -30.04 -28.57 -8.39
C PRO E 49 -31.05 -29.50 -7.72
N ASN E 50 -30.61 -30.71 -7.39
CA ASN E 50 -31.42 -31.65 -6.63
C ASN E 50 -30.68 -32.10 -5.36
N PRO E 51 -30.77 -31.30 -4.29
CA PRO E 51 -30.08 -31.62 -3.04
C PRO E 51 -30.73 -32.83 -2.34
N GLN E 52 -29.92 -33.67 -1.71
CA GLN E 52 -30.43 -34.82 -0.97
C GLN E 52 -29.83 -34.91 0.42
N GLU E 53 -30.67 -35.05 1.44
CA GLU E 53 -30.18 -35.31 2.78
C GLU E 53 -30.71 -36.65 3.28
N ILE E 54 -29.82 -37.63 3.36
CA ILE E 54 -30.20 -38.98 3.73
C ILE E 54 -30.49 -39.09 5.22
N HIS E 55 -31.73 -39.44 5.55
CA HIS E 55 -32.09 -39.66 6.94
C HIS E 55 -31.42 -40.93 7.42
N LEU E 56 -30.86 -40.87 8.62
CA LEU E 56 -30.23 -42.04 9.20
C LEU E 56 -31.15 -42.61 10.28
N GLU E 57 -31.80 -43.72 9.97
CA GLU E 57 -32.77 -44.32 10.87
C GLU E 57 -32.06 -45.04 12.02
N ASN E 58 -32.69 -45.05 13.20
CA ASN E 58 -32.20 -45.80 14.36
C ASN E 58 -30.93 -45.28 15.03
N VAL E 59 -30.53 -44.05 14.72
CA VAL E 59 -29.30 -43.52 15.32
C VAL E 59 -29.55 -42.20 16.06
N THR E 60 -28.84 -42.02 17.17
CA THR E 60 -28.91 -40.79 17.95
C THR E 60 -27.53 -40.14 17.97
N GLU E 61 -27.48 -38.81 18.06
CA GLU E 61 -26.20 -38.10 18.05
C GLU E 61 -26.19 -36.92 19.03
N GLU E 62 -25.15 -36.87 19.86
CA GLU E 62 -25.01 -35.84 20.89
C GLU E 62 -24.51 -34.49 20.36
N PHE E 63 -25.44 -33.60 20.02
CA PHE E 63 -25.09 -32.27 19.52
C PHE E 63 -24.72 -31.31 20.64
N ASN E 64 -23.92 -30.30 20.31
CA ASN E 64 -23.65 -29.17 21.18
C ASN E 64 -23.29 -27.95 20.34
N MET E 65 -24.21 -26.99 20.28
CA MET E 65 -24.05 -25.82 19.44
C MET E 65 -23.17 -24.74 20.07
N TRP E 66 -22.87 -24.89 21.36
CA TRP E 66 -22.08 -23.89 22.07
C TRP E 66 -20.61 -24.31 22.07
N LYS E 67 -20.34 -25.47 21.49
CA LYS E 67 -18.97 -25.93 21.35
C LYS E 67 -18.75 -26.46 19.94
N ASN E 68 -19.24 -25.68 18.98
CA ASN E 68 -19.15 -25.97 17.56
C ASN E 68 -17.99 -25.20 16.95
N ASN E 69 -17.54 -25.62 15.77
CA ASN E 69 -16.47 -24.90 15.08
C ASN E 69 -16.98 -24.12 13.87
N MET E 70 -17.89 -24.72 13.12
CA MET E 70 -18.29 -24.18 11.82
C MET E 70 -19.01 -22.86 11.94
N VAL E 71 -19.26 -22.41 13.17
CA VAL E 71 -19.76 -21.08 13.41
C VAL E 71 -18.57 -20.16 13.67
N GLU E 72 -17.51 -20.71 14.26
CA GLU E 72 -16.29 -19.95 14.47
C GLU E 72 -15.58 -19.79 13.15
N GLN E 73 -15.63 -20.85 12.35
CA GLN E 73 -15.11 -20.84 11.00
C GLN E 73 -15.87 -19.81 10.16
N MET E 74 -17.20 -19.87 10.23
CA MET E 74 -18.04 -18.93 9.48
C MET E 74 -17.81 -17.49 9.87
N HIS E 75 -17.91 -17.21 11.17
CA HIS E 75 -17.64 -15.89 11.73
C HIS E 75 -16.34 -15.33 11.15
N THR E 76 -15.32 -16.18 11.13
CA THR E 76 -14.02 -15.83 10.57
C THR E 76 -14.07 -15.58 9.06
N ASP E 77 -14.70 -16.50 8.33
CA ASP E 77 -14.85 -16.36 6.88
C ASP E 77 -15.52 -15.03 6.53
N ILE E 78 -16.50 -14.63 7.33
CA ILE E 78 -17.21 -13.38 7.10
C ILE E 78 -16.33 -12.15 7.32
N ILE E 79 -15.52 -12.18 8.38
CA ILE E 79 -14.63 -11.07 8.69
C ILE E 79 -13.52 -10.94 7.64
N SER E 80 -12.97 -12.06 7.22
CA SER E 80 -11.90 -12.07 6.22
C SER E 80 -12.44 -11.56 4.90
N LEU E 81 -13.42 -12.30 4.37
CA LEU E 81 -14.13 -12.00 3.13
C LEU E 81 -14.40 -10.50 3.00
N TRP E 82 -14.96 -9.92 4.05
CA TRP E 82 -15.24 -8.50 4.12
C TRP E 82 -13.99 -7.63 4.03
N ASP E 83 -12.95 -8.02 4.75
CA ASP E 83 -11.73 -7.24 4.85
C ASP E 83 -10.88 -7.26 3.58
N GLN E 84 -11.02 -8.34 2.80
CA GLN E 84 -10.33 -8.45 1.53
C GLN E 84 -10.99 -7.55 0.49
N SER E 85 -12.27 -7.26 0.71
CA SER E 85 -13.03 -6.42 -0.21
C SER E 85 -12.58 -4.96 -0.18
N LEU E 86 -12.02 -4.53 0.94
CA LEU E 86 -11.73 -3.12 1.16
C LEU E 86 -10.34 -2.70 0.69
N LYS E 87 -9.51 -3.68 0.35
CA LYS E 87 -8.17 -3.37 -0.17
C LYS E 87 -8.20 -2.46 -1.40
N PRO E 88 -9.00 -2.79 -2.43
CA PRO E 88 -9.00 -1.89 -3.59
C PRO E 88 -9.68 -0.56 -3.29
N CYS E 89 -10.75 -0.61 -2.50
CA CYS E 89 -11.55 0.57 -2.14
C CYS E 89 -10.70 1.69 -1.56
N VAL E 90 -11.08 2.94 -1.88
CA VAL E 90 -10.22 4.10 -1.70
C VAL E 90 -10.02 4.48 -0.24
N LYS E 91 -8.83 4.98 0.08
CA LYS E 91 -8.50 5.40 1.43
C LYS E 91 -8.89 6.86 1.67
N LEU E 92 -9.56 7.13 2.78
CA LEU E 92 -9.98 8.50 3.12
C LEU E 92 -9.00 9.16 4.09
N THR E 93 -7.72 8.89 3.89
CA THR E 93 -6.64 9.47 4.67
C THR E 93 -6.73 10.99 4.79
N PRO E 94 -6.91 11.72 3.67
CA PRO E 94 -6.90 13.18 3.84
C PRO E 94 -8.23 13.76 4.31
N LEU E 95 -9.28 12.94 4.37
CA LEU E 95 -10.58 13.42 4.84
C LEU E 95 -10.51 13.71 6.34
N CYS E 96 -9.52 13.11 7.01
CA CYS E 96 -9.25 13.45 8.41
C CYS E 96 -8.63 14.84 8.46
N VAL E 97 -9.49 15.82 8.70
CA VAL E 97 -9.12 17.22 8.58
C VAL E 97 -10.02 18.05 9.50
N THR E 98 -9.53 19.21 9.92
CA THR E 98 -10.35 20.12 10.71
C THR E 98 -11.54 20.63 9.91
N LEU E 99 -12.71 20.03 10.15
CA LEU E 99 -13.93 20.47 9.51
C LEU E 99 -14.45 21.74 10.17
N GLN E 100 -15.23 22.51 9.42
CA GLN E 100 -15.92 23.68 9.97
C GLN E 100 -17.41 23.51 9.72
N CYS E 101 -18.12 23.03 10.73
CA CYS E 101 -19.48 22.56 10.51
C CYS E 101 -20.56 23.41 11.18
N THR E 102 -21.75 23.40 10.58
CA THR E 102 -22.92 24.07 11.12
C THR E 102 -24.09 23.08 11.20
N ASN E 103 -25.30 23.60 11.31
CA ASN E 103 -26.47 22.73 11.26
C ASN E 103 -27.09 22.78 9.87
N VAL E 104 -27.92 21.80 9.55
CA VAL E 104 -28.57 21.75 8.24
C VAL E 104 -29.77 22.70 8.24
N THR E 105 -30.11 23.22 7.05
CA THR E 105 -31.23 24.14 6.90
C THR E 105 -32.52 23.53 7.42
N ASN E 106 -33.01 24.06 8.53
CA ASN E 106 -34.15 23.48 9.22
C ASN E 106 -34.83 24.45 10.19
N ASN E 107 -36.12 24.23 10.42
CA ASN E 107 -36.86 24.96 11.44
C ASN E 107 -37.55 23.99 12.38
N ILE E 108 -36.77 23.45 13.32
CA ILE E 108 -37.26 22.47 14.26
C ILE E 108 -37.32 23.07 15.66
N THR E 109 -38.11 22.47 16.54
CA THR E 109 -38.20 22.93 17.93
C THR E 109 -36.87 22.69 18.64
N ASP E 110 -36.51 23.66 19.49
CA ASP E 110 -35.24 23.70 20.20
C ASP E 110 -34.85 22.35 20.82
N ASP E 111 -35.84 21.66 21.38
CA ASP E 111 -35.65 20.34 21.98
C ASP E 111 -35.01 19.35 21.00
N MET E 112 -35.46 19.38 19.75
CA MET E 112 -34.96 18.47 18.73
C MET E 112 -33.57 18.88 18.27
N ARG E 113 -32.55 18.09 18.63
CA ARG E 113 -31.17 18.41 18.31
C ARG E 113 -30.89 18.18 16.82
N GLY E 114 -29.90 18.89 16.30
CA GLY E 114 -29.51 18.77 14.91
C GLY E 114 -28.61 17.57 14.67
N GLU E 115 -29.05 16.66 13.81
CA GLU E 115 -28.31 15.43 13.56
C GLU E 115 -27.66 15.42 12.18
N LEU E 116 -27.77 16.53 11.46
CA LEU E 116 -27.19 16.65 10.13
C LEU E 116 -26.31 17.89 10.06
N LYS E 117 -25.01 17.71 10.22
CA LYS E 117 -24.09 18.84 10.23
C LYS E 117 -23.48 19.11 8.86
N ASN E 118 -23.73 20.31 8.34
CA ASN E 118 -23.18 20.75 7.05
C ASN E 118 -21.74 21.22 7.22
N CYS E 119 -20.79 20.41 6.78
CA CYS E 119 -19.37 20.66 7.04
C CYS E 119 -18.56 21.03 5.81
N SER E 120 -17.86 22.16 5.89
CA SER E 120 -16.97 22.60 4.82
C SER E 120 -15.53 22.40 5.26
N PHE E 121 -14.67 22.09 4.30
CA PHE E 121 -13.30 21.69 4.62
C PHE E 121 -12.37 21.80 3.42
N ASN E 122 -11.10 22.11 3.70
CA ASN E 122 -10.07 22.09 2.68
C ASN E 122 -9.75 20.67 2.28
N MET E 123 -10.20 20.26 1.10
CA MET E 123 -9.89 18.94 0.60
C MET E 123 -8.79 19.00 -0.46
N THR E 124 -8.16 17.87 -0.71
CA THR E 124 -7.06 17.77 -1.66
C THR E 124 -7.54 17.78 -3.10
N THR E 125 -6.64 18.10 -4.03
CA THR E 125 -6.98 18.13 -5.45
C THR E 125 -6.25 17.04 -6.22
N GLU E 126 -6.64 16.86 -7.49
CA GLU E 126 -5.97 15.92 -8.39
C GLU E 126 -4.48 16.24 -8.52
N LEU E 127 -4.15 17.52 -8.28
CA LEU E 127 -2.78 18.00 -8.35
C LEU E 127 -2.25 18.29 -6.95
N ARG E 128 -1.01 17.88 -6.70
CA ARG E 128 -0.38 18.14 -5.41
C ARG E 128 -0.29 19.63 -5.12
N ASP E 129 -0.21 20.42 -6.18
CA ASP E 129 -0.03 21.86 -6.06
C ASP E 129 -1.16 22.56 -5.31
N LYS E 130 -2.39 22.10 -5.53
CA LYS E 130 -3.55 22.87 -5.09
C LYS E 130 -4.38 22.20 -4.01
N LYS E 131 -5.45 22.91 -3.63
CA LYS E 131 -6.38 22.46 -2.60
C LYS E 131 -7.77 22.87 -3.03
N GLN E 132 -8.79 22.42 -2.29
CA GLN E 132 -10.15 22.83 -2.59
C GLN E 132 -11.06 22.80 -1.36
N LYS E 133 -11.60 23.97 -1.01
CA LYS E 133 -12.63 24.02 0.01
C LYS E 133 -13.92 23.49 -0.60
N VAL E 134 -14.44 22.41 0.00
CA VAL E 134 -15.65 21.77 -0.50
C VAL E 134 -16.47 21.36 0.71
N TYR E 135 -17.80 21.27 0.55
CA TYR E 135 -18.65 20.92 1.68
C TYR E 135 -19.31 19.56 1.54
N SER E 136 -19.61 18.95 2.68
CA SER E 136 -20.36 17.70 2.71
C SER E 136 -21.24 17.67 3.94
N LEU E 137 -22.18 16.73 3.97
CA LEU E 137 -23.08 16.58 5.11
C LEU E 137 -22.73 15.34 5.93
N PHE E 138 -22.68 15.51 7.25
CA PHE E 138 -22.33 14.42 8.13
C PHE E 138 -23.33 14.28 9.27
N TYR E 139 -23.54 13.06 9.72
CA TYR E 139 -24.37 12.80 10.88
C TYR E 139 -23.60 13.19 12.14
N ARG E 140 -24.33 13.56 13.19
CA ARG E 140 -23.70 13.99 14.44
C ARG E 140 -22.80 12.90 15.04
N LEU E 141 -23.10 11.65 14.72
CA LEU E 141 -22.36 10.51 15.27
C LEU E 141 -21.05 10.29 14.51
N ASP E 142 -20.97 10.82 13.30
CA ASP E 142 -19.78 10.66 12.47
C ASP E 142 -18.77 11.78 12.69
N VAL E 143 -19.06 12.69 13.62
CA VAL E 143 -18.19 13.81 13.89
C VAL E 143 -18.06 14.09 15.39
N VAL E 144 -16.98 14.76 15.77
CA VAL E 144 -16.78 15.19 17.15
C VAL E 144 -16.35 16.64 17.19
N GLN E 145 -16.85 17.38 18.17
CA GLN E 145 -16.43 18.76 18.36
C GLN E 145 -14.96 18.79 18.74
N ILE E 146 -14.17 19.49 17.92
CA ILE E 146 -12.77 19.67 18.22
C ILE E 146 -12.55 21.10 18.67
N ASN E 147 -11.73 21.27 19.71
CA ASN E 147 -11.48 22.59 20.26
C ASN E 147 -10.20 22.62 21.08
N SER E 157 -15.49 32.48 17.60
CA SER E 157 -15.70 31.23 18.32
C SER E 157 -16.28 30.15 17.40
N ASN E 158 -15.48 29.72 16.44
CA ASN E 158 -15.92 28.77 15.42
C ASN E 158 -16.43 27.43 15.99
N LYS E 159 -17.34 26.81 15.25
CA LYS E 159 -17.85 25.49 15.60
C LYS E 159 -17.20 24.46 14.68
N GLU E 160 -16.01 24.00 15.05
CA GLU E 160 -15.22 23.10 14.19
C GLU E 160 -15.21 21.67 14.70
N TYR E 161 -15.22 20.72 13.76
CA TYR E 161 -15.34 19.30 14.11
C TYR E 161 -14.31 18.47 13.37
N ARG E 162 -14.35 17.16 13.63
CA ARG E 162 -13.50 16.19 12.93
C ARG E 162 -14.25 14.87 12.80
N LEU E 163 -13.87 14.06 11.82
CA LEU E 163 -14.41 12.71 11.72
C LEU E 163 -13.94 11.92 12.92
N ILE E 164 -14.86 11.20 13.55
CA ILE E 164 -14.59 10.55 14.84
C ILE E 164 -13.46 9.52 14.79
N ASN E 165 -13.22 8.95 13.61
CA ASN E 165 -12.19 7.92 13.49
C ASN E 165 -10.76 8.46 13.64
N CYS E 166 -10.60 9.76 13.43
CA CYS E 166 -9.29 10.38 13.32
C CYS E 166 -8.32 10.10 14.48
N ASN E 167 -8.82 9.74 15.65
CA ASN E 167 -7.93 9.43 16.77
C ASN E 167 -7.89 7.94 17.07
N THR E 168 -8.91 7.21 16.64
CA THR E 168 -8.93 5.78 16.88
C THR E 168 -8.31 4.99 15.72
N SER E 169 -8.77 5.24 14.49
CA SER E 169 -8.34 4.41 13.37
C SER E 169 -8.32 5.14 12.03
N ALA E 170 -7.80 4.46 11.01
CA ALA E 170 -7.82 4.97 9.65
C ALA E 170 -9.16 4.66 8.99
N CYS E 171 -9.36 5.14 7.77
CA CYS E 171 -10.65 5.05 7.13
C CYS E 171 -10.54 4.75 5.62
N THR E 172 -11.42 3.86 5.14
CA THR E 172 -11.40 3.40 3.76
C THR E 172 -12.81 3.30 3.15
N GLN E 173 -13.07 4.07 2.11
CA GLN E 173 -14.39 4.17 1.53
C GLN E 173 -14.79 2.94 0.72
N ALA E 174 -15.83 2.23 1.18
CA ALA E 174 -16.36 1.08 0.47
C ALA E 174 -16.70 1.42 -0.97
N CYS E 175 -16.36 0.54 -1.90
CA CYS E 175 -16.72 0.75 -3.29
C CYS E 175 -18.24 0.63 -3.48
N PRO E 176 -18.87 1.66 -4.05
CA PRO E 176 -20.31 1.66 -4.31
C PRO E 176 -20.67 0.57 -5.31
N LYS E 177 -19.63 0.12 -6.00
CA LYS E 177 -19.75 -0.96 -6.95
C LYS E 177 -19.69 -2.31 -6.22
N VAL E 178 -20.10 -2.30 -4.96
CA VAL E 178 -20.18 -3.51 -4.13
C VAL E 178 -21.56 -3.54 -3.47
N SER E 179 -21.95 -4.67 -2.89
CA SER E 179 -23.25 -4.78 -2.22
C SER E 179 -23.18 -5.43 -0.85
N PHE E 180 -24.01 -4.93 0.06
CA PHE E 180 -24.06 -5.43 1.43
C PHE E 180 -25.17 -6.45 1.65
N GLU E 181 -25.92 -6.76 0.60
CA GLU E 181 -27.06 -7.68 0.74
C GLU E 181 -26.59 -9.07 1.18
N PRO E 182 -27.20 -9.59 2.25
CA PRO E 182 -26.87 -10.94 2.73
C PRO E 182 -27.48 -11.99 1.82
N ILE E 183 -26.62 -12.71 1.08
CA ILE E 183 -27.11 -13.76 0.20
C ILE E 183 -26.80 -15.13 0.81
N PRO E 184 -27.68 -16.11 0.58
CA PRO E 184 -27.59 -17.41 1.26
C PRO E 184 -26.32 -18.18 0.92
N ILE E 185 -25.62 -18.63 1.95
CA ILE E 185 -24.40 -19.41 1.79
C ILE E 185 -24.66 -20.85 2.27
N HIS E 186 -24.06 -21.83 1.58
CA HIS E 186 -24.09 -23.21 2.07
C HIS E 186 -22.70 -23.65 2.42
N TYR E 187 -22.55 -24.31 3.57
CA TYR E 187 -21.23 -24.82 3.97
C TYR E 187 -21.07 -26.29 3.63
N CYS E 188 -20.43 -26.57 2.50
CA CYS E 188 -20.26 -27.93 2.05
C CYS E 188 -18.99 -28.57 2.61
N ALA E 189 -19.09 -29.86 2.94
CA ALA E 189 -17.98 -30.61 3.50
C ALA E 189 -17.08 -31.16 2.40
N PRO E 190 -15.82 -31.50 2.73
CA PRO E 190 -14.97 -32.24 1.81
C PRO E 190 -15.46 -33.67 1.64
N ALA E 191 -14.74 -34.47 0.88
CA ALA E 191 -15.07 -35.88 0.76
C ALA E 191 -14.71 -36.60 2.04
N GLY E 192 -15.41 -37.69 2.34
CA GLY E 192 -15.14 -38.44 3.55
C GLY E 192 -15.34 -37.59 4.78
N PHE E 193 -16.24 -36.60 4.64
CA PHE E 193 -16.66 -35.76 5.74
C PHE E 193 -18.16 -35.55 5.63
N ALA E 194 -18.87 -35.73 6.74
CA ALA E 194 -20.32 -35.54 6.72
C ALA E 194 -20.76 -34.41 7.65
N ILE E 195 -21.92 -33.84 7.35
CA ILE E 195 -22.58 -32.90 8.25
C ILE E 195 -23.88 -33.53 8.72
N LEU E 196 -24.09 -33.54 10.03
CA LEU E 196 -25.23 -34.25 10.58
C LEU E 196 -26.27 -33.25 11.09
N LYS E 197 -27.53 -33.51 10.74
CA LYS E 197 -28.60 -32.52 10.87
C LYS E 197 -29.71 -32.97 11.80
N CYS E 198 -29.83 -32.32 12.96
CA CYS E 198 -30.87 -32.65 13.92
C CYS E 198 -32.24 -32.25 13.40
N LYS E 199 -33.01 -33.23 12.92
CA LYS E 199 -34.32 -32.95 12.35
C LYS E 199 -35.43 -32.99 13.39
N ASP E 200 -35.05 -33.01 14.66
CA ASP E 200 -36.01 -32.96 15.76
C ASP E 200 -36.55 -31.56 15.95
N LYS E 201 -37.87 -31.42 15.97
CA LYS E 201 -38.50 -30.10 15.98
C LYS E 201 -38.77 -29.56 17.38
N LYS E 202 -38.01 -30.04 18.36
CA LYS E 202 -38.08 -29.54 19.73
C LYS E 202 -36.72 -29.64 20.43
N PHE E 203 -35.65 -29.39 19.67
CA PHE E 203 -34.28 -29.58 20.16
C PHE E 203 -33.68 -28.27 20.71
N ASN E 204 -33.08 -28.32 21.90
CA ASN E 204 -32.56 -27.10 22.50
C ASN E 204 -31.09 -26.86 22.18
N GLY E 205 -30.50 -27.74 21.37
CA GLY E 205 -29.18 -27.53 20.83
C GLY E 205 -28.06 -28.32 21.49
N THR E 206 -28.38 -29.01 22.58
CA THR E 206 -27.38 -29.76 23.32
C THR E 206 -27.94 -31.06 23.86
N GLY E 207 -27.28 -32.16 23.51
CA GLY E 207 -27.69 -33.48 23.94
C GLY E 207 -27.99 -34.41 22.77
N PRO E 208 -28.49 -35.61 23.08
CA PRO E 208 -28.80 -36.63 22.07
C PRO E 208 -29.97 -36.24 21.18
N CYS E 209 -29.78 -36.32 19.87
CA CYS E 209 -30.87 -36.04 18.94
C CYS E 209 -31.30 -37.33 18.26
N PRO E 210 -32.58 -37.71 18.45
CA PRO E 210 -33.13 -38.96 17.89
C PRO E 210 -33.26 -38.91 16.37
N SER E 211 -33.86 -37.84 15.87
CA SER E 211 -34.03 -37.63 14.43
C SER E 211 -32.78 -36.96 13.88
N VAL E 212 -32.00 -37.70 13.11
CA VAL E 212 -30.77 -37.18 12.53
C VAL E 212 -30.63 -37.58 11.07
N SER E 213 -29.95 -36.72 10.31
CA SER E 213 -29.69 -36.98 8.90
C SER E 213 -28.30 -36.48 8.53
N THR E 214 -27.62 -37.24 7.67
CA THR E 214 -26.38 -36.74 7.09
C THR E 214 -26.74 -35.82 5.95
N VAL E 215 -25.81 -34.96 5.59
CA VAL E 215 -25.99 -34.04 4.48
C VAL E 215 -24.65 -33.41 4.10
N GLN E 216 -24.45 -33.15 2.82
CA GLN E 216 -23.22 -32.52 2.36
C GLN E 216 -23.14 -31.08 2.86
N CYS E 217 -24.05 -30.23 2.38
CA CYS E 217 -24.01 -28.81 2.70
C CYS E 217 -25.12 -28.41 3.65
N THR E 218 -24.89 -27.35 4.40
CA THR E 218 -25.93 -26.78 5.25
C THR E 218 -27.01 -26.15 4.38
N HIS E 219 -27.97 -25.48 5.01
CA HIS E 219 -28.99 -24.77 4.26
C HIS E 219 -28.47 -23.39 3.89
N GLY E 220 -29.28 -22.61 3.19
CA GLY E 220 -28.87 -21.28 2.77
C GLY E 220 -28.77 -20.32 3.92
N ILE E 221 -27.59 -20.25 4.54
CA ILE E 221 -27.40 -19.36 5.68
C ILE E 221 -26.84 -18.01 5.25
N LYS E 222 -27.72 -17.04 5.06
CA LYS E 222 -27.29 -15.68 4.77
C LYS E 222 -26.77 -14.98 6.02
N PRO E 223 -25.66 -14.25 5.89
CA PRO E 223 -24.95 -13.58 6.98
C PRO E 223 -25.53 -12.25 7.42
N VAL E 224 -26.73 -12.24 7.98
CA VAL E 224 -27.29 -11.01 8.55
C VAL E 224 -26.54 -10.65 9.83
N VAL E 225 -25.76 -9.58 9.77
CA VAL E 225 -25.04 -9.13 10.96
C VAL E 225 -25.83 -8.00 11.62
N SER E 226 -26.40 -8.31 12.77
CA SER E 226 -27.36 -7.44 13.43
C SER E 226 -27.43 -7.71 14.92
N THR E 227 -27.58 -6.66 15.72
CA THR E 227 -27.73 -6.78 17.16
C THR E 227 -29.19 -6.79 17.58
N GLN E 228 -29.42 -7.01 18.88
CA GLN E 228 -30.75 -7.17 19.43
C GLN E 228 -31.50 -8.29 18.71
N LEU E 229 -32.45 -7.90 17.87
CA LEU E 229 -33.25 -8.86 17.13
C LEU E 229 -32.52 -9.31 15.87
N LEU E 230 -32.50 -10.62 15.63
CA LEU E 230 -31.89 -11.16 14.42
C LEU E 230 -32.98 -11.41 13.40
N LEU E 231 -32.68 -11.10 12.14
CA LEU E 231 -33.71 -10.97 11.11
C LEU E 231 -33.56 -11.95 9.96
N ASN E 232 -34.66 -12.10 9.21
CA ASN E 232 -34.69 -12.90 7.99
C ASN E 232 -34.17 -14.34 8.11
N GLY E 233 -33.96 -14.80 9.34
CA GLY E 233 -33.47 -16.15 9.57
C GLY E 233 -34.58 -17.20 9.45
N SER E 234 -34.19 -18.47 9.40
CA SER E 234 -35.16 -19.56 9.35
C SER E 234 -35.81 -19.69 10.72
N LEU E 235 -37.12 -19.96 10.73
CA LEU E 235 -37.84 -19.99 12.01
C LEU E 235 -38.29 -21.38 12.40
N ALA E 236 -38.60 -21.54 13.68
CA ALA E 236 -38.95 -22.84 14.26
C ALA E 236 -40.23 -23.41 13.66
N GLU E 237 -40.39 -24.73 13.76
CA GLU E 237 -41.48 -25.42 13.09
C GLU E 237 -42.74 -25.55 13.97
N GLU E 238 -42.55 -25.69 15.27
CA GLU E 238 -43.69 -25.77 16.19
C GLU E 238 -43.65 -24.69 17.26
N GLU E 239 -42.73 -24.81 18.21
CA GLU E 239 -42.68 -23.89 19.35
C GLU E 239 -41.59 -22.83 19.25
N VAL E 240 -41.80 -21.72 19.94
CA VAL E 240 -40.79 -20.68 20.06
C VAL E 240 -39.68 -21.16 21.00
N MET E 241 -38.61 -21.71 20.43
CA MET E 241 -37.58 -22.33 21.24
C MET E 241 -36.58 -21.32 21.81
N ILE E 242 -36.36 -21.41 23.12
CA ILE E 242 -35.47 -20.49 23.81
C ILE E 242 -34.21 -21.24 24.26
N ARG E 243 -33.10 -20.99 23.56
CA ARG E 243 -31.90 -21.79 23.77
C ARG E 243 -30.77 -21.00 24.42
N SER E 244 -30.03 -21.67 25.29
CA SER E 244 -28.89 -21.07 26.00
C SER E 244 -27.87 -22.12 26.39
N GLU E 245 -26.64 -21.70 26.66
CA GLU E 245 -25.61 -22.61 27.12
C GLU E 245 -25.85 -23.01 28.56
N ASN E 246 -25.93 -22.00 29.41
CA ASN E 246 -26.28 -22.17 30.82
C ASN E 246 -27.37 -21.17 31.18
N ILE E 247 -28.60 -21.65 31.27
CA ILE E 247 -29.73 -20.76 31.47
C ILE E 247 -29.72 -20.18 32.88
N THR E 248 -29.35 -21.00 33.85
CA THR E 248 -29.33 -20.59 35.26
C THR E 248 -28.35 -19.44 35.51
N ASN E 249 -27.28 -19.41 34.73
CA ASN E 249 -26.27 -18.37 34.87
C ASN E 249 -26.60 -17.16 33.99
N ASN E 250 -26.74 -16.00 34.63
CA ASN E 250 -27.14 -14.77 33.96
C ASN E 250 -26.10 -14.27 32.96
N ALA E 251 -24.86 -14.68 33.15
CA ALA E 251 -23.76 -14.21 32.31
C ALA E 251 -23.88 -14.73 30.88
N LYS E 252 -24.64 -15.80 30.69
CA LYS E 252 -24.85 -16.37 29.37
C LYS E 252 -26.16 -15.85 28.78
N ASN E 253 -26.12 -15.47 27.51
CA ASN E 253 -27.28 -14.91 26.83
C ASN E 253 -28.29 -15.97 26.45
N ILE E 254 -29.49 -15.53 26.05
CA ILE E 254 -30.54 -16.44 25.65
C ILE E 254 -30.91 -16.23 24.19
N LEU E 255 -30.87 -17.30 23.42
CA LEU E 255 -31.19 -17.23 22.00
C LEU E 255 -32.63 -17.67 21.78
N VAL E 256 -33.48 -16.70 21.51
CA VAL E 256 -34.88 -16.95 21.23
C VAL E 256 -35.07 -17.16 19.74
N GLN E 257 -35.68 -18.28 19.37
CA GLN E 257 -35.98 -18.52 17.96
C GLN E 257 -37.48 -18.55 17.79
N PHE E 258 -37.99 -17.61 17.01
CA PHE E 258 -39.42 -17.43 16.86
C PHE E 258 -40.07 -18.60 16.13
N ASN E 259 -41.39 -18.67 16.23
CA ASN E 259 -42.19 -19.65 15.51
C ASN E 259 -42.89 -18.97 14.34
N THR E 260 -43.34 -17.75 14.58
CA THR E 260 -44.01 -16.94 13.58
C THR E 260 -43.15 -15.73 13.22
N PRO E 261 -43.14 -15.33 11.94
CA PRO E 261 -42.38 -14.14 11.58
C PRO E 261 -43.11 -12.87 11.99
N VAL E 262 -42.41 -11.93 12.59
CA VAL E 262 -43.01 -10.63 12.88
C VAL E 262 -42.34 -9.58 11.99
N GLN E 263 -43.08 -9.21 10.94
CA GLN E 263 -42.60 -8.31 9.90
C GLN E 263 -42.35 -6.90 10.41
N ILE E 264 -41.13 -6.41 10.19
CA ILE E 264 -40.74 -5.07 10.65
C ILE E 264 -40.23 -4.21 9.49
N ASN E 265 -40.97 -3.14 9.19
CA ASN E 265 -40.66 -2.27 8.06
C ASN E 265 -39.77 -1.11 8.52
N CYS E 266 -38.71 -0.82 7.77
CA CYS E 266 -37.75 0.22 8.15
C CYS E 266 -37.44 1.17 6.99
N THR E 267 -37.04 2.41 7.32
CA THR E 267 -36.82 3.41 6.27
C THR E 267 -36.00 4.66 6.66
N ARG E 268 -35.33 5.24 5.68
CA ARG E 268 -34.78 6.58 5.75
C ARG E 268 -35.56 7.46 4.80
N PRO E 269 -36.48 8.29 5.34
CA PRO E 269 -37.44 9.08 4.56
C PRO E 269 -36.81 10.17 3.69
N ASN E 270 -35.61 10.63 4.02
CA ASN E 270 -35.00 11.73 3.28
C ASN E 270 -34.45 11.31 1.92
N ASN E 271 -34.83 12.04 0.88
CA ASN E 271 -34.32 11.84 -0.47
C ASN E 271 -32.91 12.41 -0.61
N ASN E 272 -31.94 11.76 0.03
CA ASN E 272 -30.56 12.26 0.04
C ASN E 272 -29.89 12.27 -1.33
N THR E 273 -28.91 13.14 -1.49
CA THR E 273 -28.21 13.27 -2.78
C THR E 273 -26.70 13.12 -2.58
N ARG E 274 -26.02 12.60 -3.59
CA ARG E 274 -24.58 12.38 -3.51
C ARG E 274 -23.81 13.13 -4.60
N LYS E 275 -22.80 13.88 -4.17
CA LYS E 275 -21.84 14.47 -5.11
C LYS E 275 -20.50 13.76 -4.95
N SER E 276 -19.71 13.76 -6.02
CA SER E 276 -18.43 13.07 -6.02
C SER E 276 -17.29 14.07 -6.04
N ILE E 277 -16.35 13.91 -5.11
CA ILE E 277 -15.25 14.86 -4.99
C ILE E 277 -13.94 14.22 -5.41
N ARG E 278 -13.29 14.82 -6.40
CA ARG E 278 -12.04 14.31 -6.92
C ARG E 278 -10.85 14.55 -5.98
N ILE E 279 -10.50 13.53 -5.21
CA ILE E 279 -9.28 13.55 -4.45
C ILE E 279 -8.13 13.58 -5.45
N GLY E 280 -8.26 12.74 -6.47
CA GLY E 280 -7.30 12.66 -7.56
C GLY E 280 -5.92 12.14 -7.17
N PRO E 281 -5.29 11.37 -8.08
CA PRO E 281 -5.91 10.86 -9.31
C PRO E 281 -6.41 9.44 -9.14
N GLY E 282 -7.64 9.17 -9.56
CA GLY E 282 -8.25 7.87 -9.33
C GLY E 282 -9.05 7.86 -8.04
N GLN E 283 -8.50 8.48 -7.01
CA GLN E 283 -9.20 8.62 -5.74
C GLN E 283 -10.35 9.61 -5.90
N ALA E 284 -11.49 9.29 -5.28
CA ALA E 284 -12.70 10.11 -5.43
C ALA E 284 -13.65 9.90 -4.25
N PHE E 285 -13.85 10.95 -3.46
CA PHE E 285 -14.69 10.86 -2.27
C PHE E 285 -16.14 11.15 -2.61
N TYR E 286 -17.03 10.31 -2.09
CA TYR E 286 -18.45 10.48 -2.30
C TYR E 286 -19.10 11.25 -1.16
N ALA E 287 -19.27 12.56 -1.37
CA ALA E 287 -19.83 13.43 -0.36
C ALA E 287 -21.34 13.32 -0.33
N THR E 288 -21.95 13.79 0.76
CA THR E 288 -23.40 13.81 0.87
C THR E 288 -23.92 15.19 0.47
N GLY E 289 -24.67 15.24 -0.62
CA GLY E 289 -25.18 16.48 -1.15
C GLY E 289 -26.51 16.89 -0.54
N ASP E 290 -27.12 17.92 -1.14
CA ASP E 290 -28.36 18.51 -0.66
C ASP E 290 -29.45 17.48 -0.35
N ILE E 291 -30.26 17.78 0.68
CA ILE E 291 -31.40 16.94 1.03
C ILE E 291 -32.64 17.46 0.33
N ILE E 292 -33.17 16.66 -0.59
CA ILE E 292 -34.31 17.07 -1.39
C ILE E 292 -35.61 16.75 -0.69
N GLY E 293 -36.27 17.81 -0.22
CA GLY E 293 -37.54 17.66 0.46
C GLY E 293 -37.43 17.87 1.96
N ASP E 294 -38.33 17.24 2.69
CA ASP E 294 -38.41 17.41 4.14
C ASP E 294 -37.26 16.71 4.87
N ILE E 295 -36.98 17.19 6.08
CA ILE E 295 -35.98 16.56 6.91
C ILE E 295 -36.68 15.77 8.02
N ARG E 296 -36.74 14.45 7.81
CA ARG E 296 -37.46 13.57 8.71
C ARG E 296 -36.52 12.64 9.47
N GLN E 297 -37.11 11.66 10.14
CA GLN E 297 -36.37 10.80 11.06
C GLN E 297 -36.45 9.33 10.66
N ALA E 298 -35.30 8.66 10.67
CA ALA E 298 -35.26 7.24 10.35
C ALA E 298 -35.99 6.45 11.41
N HIS E 299 -36.67 5.39 11.00
CA HIS E 299 -37.46 4.59 11.94
C HIS E 299 -37.84 3.23 11.41
N CYS E 300 -38.44 2.40 12.27
CA CYS E 300 -38.96 1.09 11.92
C CYS E 300 -40.33 0.84 12.54
N ASN E 301 -41.20 0.15 11.82
CA ASN E 301 -42.52 -0.19 12.36
C ASN E 301 -42.73 -1.69 12.48
N VAL E 302 -43.27 -2.12 13.62
CA VAL E 302 -43.76 -3.49 13.76
C VAL E 302 -45.19 -3.43 14.29
N SER E 303 -45.97 -4.47 14.02
CA SER E 303 -47.32 -4.53 14.54
C SER E 303 -47.29 -4.69 16.05
N LYS E 304 -47.99 -3.80 16.75
CA LYS E 304 -48.11 -3.92 18.19
C LYS E 304 -48.89 -5.19 18.54
N ALA E 305 -49.80 -5.55 17.64
CA ALA E 305 -50.62 -6.76 17.82
C ALA E 305 -49.76 -8.01 17.82
N THR E 306 -48.93 -8.16 16.78
CA THR E 306 -48.12 -9.36 16.64
C THR E 306 -47.02 -9.42 17.68
N TRP E 307 -46.47 -8.27 18.05
CA TRP E 307 -45.41 -8.20 19.05
C TRP E 307 -45.95 -8.66 20.41
N ASN E 308 -47.15 -8.19 20.72
CA ASN E 308 -47.92 -8.66 21.87
C ASN E 308 -48.06 -10.18 21.83
N GLU E 309 -48.53 -10.67 20.68
CA GLU E 309 -48.74 -12.10 20.45
C GLU E 309 -47.46 -12.92 20.62
N THR E 310 -46.37 -12.46 20.00
CA THR E 310 -45.12 -13.21 19.99
C THR E 310 -44.35 -13.06 21.31
N LEU E 311 -44.53 -11.94 21.99
CA LEU E 311 -43.92 -11.77 23.31
C LEU E 311 -44.67 -12.61 24.34
N GLY E 312 -45.90 -12.99 23.99
CA GLY E 312 -46.68 -13.86 24.84
C GLY E 312 -46.20 -15.29 24.69
N LYS E 313 -45.70 -15.62 23.50
CA LYS E 313 -45.20 -16.97 23.23
C LYS E 313 -43.90 -17.25 23.99
N VAL E 314 -43.03 -16.25 24.06
CA VAL E 314 -41.74 -16.43 24.72
C VAL E 314 -41.96 -16.59 26.22
N VAL E 315 -42.98 -15.94 26.75
CA VAL E 315 -43.29 -16.00 28.17
C VAL E 315 -43.83 -17.37 28.56
N LYS E 316 -44.71 -17.91 27.71
CA LYS E 316 -45.23 -19.26 27.89
C LYS E 316 -44.09 -20.28 27.95
N GLN E 317 -43.05 -20.04 27.16
CA GLN E 317 -41.89 -20.91 27.12
C GLN E 317 -40.95 -20.66 28.30
N LEU E 318 -40.75 -19.38 28.63
CA LEU E 318 -39.84 -19.01 29.71
C LEU E 318 -40.25 -19.60 31.05
N ARG E 319 -41.55 -19.63 31.34
CA ARG E 319 -42.04 -20.13 32.63
C ARG E 319 -41.76 -21.62 32.82
N LYS E 320 -41.33 -22.28 31.76
CA LYS E 320 -40.96 -23.69 31.85
C LYS E 320 -39.60 -23.83 32.52
N HIS E 321 -38.92 -22.69 32.71
CA HIS E 321 -37.56 -22.68 33.25
C HIS E 321 -37.47 -21.93 34.57
N PHE E 322 -38.49 -21.14 34.89
CA PHE E 322 -38.42 -20.25 36.05
C PHE E 322 -39.63 -20.36 36.98
N GLY E 323 -40.54 -21.29 36.68
CA GLY E 323 -41.70 -21.51 37.52
C GLY E 323 -43.00 -21.01 36.92
N ASN E 324 -44.09 -21.70 37.25
CA ASN E 324 -45.41 -21.38 36.71
C ASN E 324 -45.99 -20.09 37.29
N ASN E 325 -45.66 -19.79 38.54
CA ASN E 325 -46.18 -18.62 39.24
C ASN E 325 -45.16 -17.49 39.28
N THR E 326 -44.75 -17.02 38.11
CA THR E 326 -43.64 -16.08 38.02
C THR E 326 -43.95 -14.88 37.11
N ILE E 327 -43.44 -13.71 37.51
CA ILE E 327 -43.53 -12.49 36.69
C ILE E 327 -42.34 -12.38 35.75
N ILE E 328 -42.60 -12.16 34.47
CA ILE E 328 -41.53 -12.00 33.49
C ILE E 328 -41.73 -10.74 32.64
N ARG E 329 -41.14 -9.63 33.09
CA ARG E 329 -41.27 -8.37 32.38
C ARG E 329 -40.05 -8.09 31.49
N PHE E 330 -40.22 -7.17 30.55
CA PHE E 330 -39.18 -6.84 29.57
C PHE E 330 -38.69 -5.41 29.71
N ALA E 331 -37.38 -5.22 29.77
CA ALA E 331 -36.79 -3.90 29.96
C ALA E 331 -35.75 -3.59 28.88
N ASN E 332 -35.45 -2.31 28.69
CA ASN E 332 -34.50 -1.89 27.67
C ASN E 332 -33.05 -2.07 28.14
N SER E 333 -32.11 -1.76 27.26
CA SER E 333 -30.69 -2.01 27.52
C SER E 333 -30.19 -1.30 28.78
N SER E 334 -29.26 -1.94 29.47
CA SER E 334 -28.71 -1.38 30.70
C SER E 334 -27.75 -0.24 30.41
N GLY E 335 -26.92 -0.41 29.39
CA GLY E 335 -25.98 0.61 29.00
C GLY E 335 -24.71 0.04 28.39
N GLY E 336 -24.15 0.75 27.42
CA GLY E 336 -22.94 0.32 26.75
C GLY E 336 -22.70 1.03 25.43
N ASP E 337 -22.08 0.33 24.48
CA ASP E 337 -21.76 0.90 23.19
C ASP E 337 -23.02 0.99 22.32
N LEU E 338 -23.04 1.97 21.42
CA LEU E 338 -24.12 2.12 20.45
C LEU E 338 -24.26 0.87 19.60
N GLU E 339 -23.16 0.14 19.46
CA GLU E 339 -23.16 -1.12 18.73
C GLU E 339 -24.10 -2.14 19.38
N VAL E 340 -24.27 -2.05 20.70
CA VAL E 340 -25.05 -3.04 21.42
C VAL E 340 -26.31 -2.47 22.10
N THR E 341 -26.34 -1.17 22.36
CA THR E 341 -27.49 -0.56 23.03
C THR E 341 -28.67 -0.38 22.10
N THR E 342 -28.50 -0.79 20.85
CA THR E 342 -29.52 -0.54 19.86
C THR E 342 -29.53 -1.57 18.73
N HIS E 343 -30.72 -1.85 18.22
CA HIS E 343 -30.90 -2.75 17.09
C HIS E 343 -30.15 -2.24 15.87
N SER E 344 -29.00 -2.86 15.59
CA SER E 344 -28.17 -2.43 14.46
C SER E 344 -28.43 -3.29 13.23
N PHE E 345 -28.43 -2.67 12.06
CA PHE E 345 -28.53 -3.42 10.81
C PHE E 345 -28.17 -2.56 9.60
N ASN E 346 -28.11 -3.22 8.44
CA ASN E 346 -27.95 -2.51 7.18
C ASN E 346 -29.31 -2.48 6.51
N CYS E 347 -29.58 -1.42 5.77
CA CYS E 347 -30.85 -1.29 5.07
C CYS E 347 -30.68 -0.42 3.85
N GLY E 348 -30.56 -1.05 2.68
CA GLY E 348 -30.36 -0.34 1.43
C GLY E 348 -28.92 0.09 1.18
N GLY E 349 -28.04 -0.22 2.12
CA GLY E 349 -26.64 0.13 2.00
C GLY E 349 -26.14 1.11 3.04
N GLU E 350 -26.97 1.40 4.03
CA GLU E 350 -26.59 2.30 5.12
C GLU E 350 -26.96 1.66 6.44
N PHE E 351 -26.34 2.13 7.51
CA PHE E 351 -26.37 1.42 8.77
C PHE E 351 -27.27 2.09 9.79
N PHE E 352 -28.08 1.27 10.44
CA PHE E 352 -29.16 1.75 11.29
C PHE E 352 -28.92 1.47 12.76
N TYR E 353 -29.53 2.29 13.61
CA TYR E 353 -29.36 2.17 15.05
C TYR E 353 -30.67 2.52 15.73
N CYS E 354 -31.53 1.52 15.83
CA CYS E 354 -32.93 1.71 16.20
C CYS E 354 -33.22 1.47 17.69
N ASN E 355 -33.75 2.48 18.35
CA ASN E 355 -34.09 2.41 19.78
C ASN E 355 -35.15 1.34 20.06
N THR E 356 -34.79 0.37 20.88
CA THR E 356 -35.65 -0.78 21.15
C THR E 356 -36.41 -0.67 22.48
N SER E 357 -36.36 0.51 23.09
CA SER E 357 -37.07 0.77 24.34
C SER E 357 -38.56 0.46 24.25
N GLY E 358 -39.15 0.76 23.09
CA GLY E 358 -40.57 0.57 22.89
C GLY E 358 -40.98 -0.90 22.82
N LEU E 359 -40.07 -1.75 22.38
CA LEU E 359 -40.36 -3.17 22.25
C LEU E 359 -40.20 -3.89 23.58
N PHE E 360 -39.16 -3.51 24.32
CA PHE E 360 -38.85 -4.16 25.57
C PHE E 360 -39.22 -3.24 26.73
N ASN E 361 -40.50 -3.30 27.05
CA ASN E 361 -41.18 -2.40 27.96
C ASN E 361 -42.52 -3.06 28.27
N SER E 362 -42.49 -4.05 29.13
CA SER E 362 -43.68 -4.88 29.38
C SER E 362 -43.76 -5.36 30.81
N THR E 363 -44.64 -6.33 31.01
CA THR E 363 -44.83 -7.06 32.27
C THR E 363 -45.83 -8.18 32.02
N TRP E 364 -45.61 -9.34 32.63
CA TRP E 364 -46.43 -10.49 32.31
C TRP E 364 -46.85 -11.30 33.53
N ILE E 365 -48.16 -11.31 33.80
CA ILE E 365 -48.75 -11.98 34.94
C ILE E 365 -48.93 -13.48 34.65
N SER E 366 -48.98 -14.29 35.70
CA SER E 366 -49.10 -15.74 35.57
C SER E 366 -50.33 -16.15 34.77
N ASN E 367 -51.46 -15.51 35.05
CA ASN E 367 -52.70 -15.78 34.31
C ASN E 367 -53.70 -14.64 34.44
N ASN E 379 -56.12 0.45 14.68
CA ASN E 379 -55.16 -0.60 14.98
C ASN E 379 -53.79 -0.30 14.34
N ASP E 380 -52.99 0.47 15.06
CA ASP E 380 -51.75 1.00 14.54
C ASP E 380 -50.54 0.09 14.78
N SER E 381 -49.35 0.68 14.73
CA SER E 381 -48.12 -0.09 14.85
C SER E 381 -47.10 0.61 15.75
N ILE E 382 -46.00 -0.09 16.05
CA ILE E 382 -44.97 0.43 16.93
C ILE E 382 -43.91 1.22 16.16
N THR E 383 -44.07 2.54 16.11
CA THR E 383 -43.04 3.39 15.52
C THR E 383 -41.82 3.42 16.43
N LEU E 384 -40.68 2.97 15.90
CA LEU E 384 -39.46 3.01 16.68
C LEU E 384 -38.36 3.73 15.91
N PRO E 385 -37.81 4.81 16.51
CA PRO E 385 -36.85 5.71 15.87
C PRO E 385 -35.48 5.08 15.66
N CYS E 386 -34.71 5.65 14.75
CA CYS E 386 -33.38 5.12 14.46
C CYS E 386 -32.37 6.23 14.22
N ARG E 387 -31.09 5.86 14.28
CA ARG E 387 -30.00 6.74 13.89
C ARG E 387 -29.28 6.11 12.71
N ILE E 388 -28.35 6.85 12.11
CA ILE E 388 -27.63 6.38 10.93
C ILE E 388 -26.19 6.86 10.94
N LYS E 389 -25.26 5.95 10.63
CA LYS E 389 -23.85 6.29 10.57
C LYS E 389 -23.27 5.98 9.18
N GLN E 390 -22.10 6.55 8.89
CA GLN E 390 -21.41 6.27 7.64
C GLN E 390 -20.00 5.71 7.88
N ILE E 391 -19.28 6.29 8.83
CA ILE E 391 -18.02 5.71 9.24
C ILE E 391 -18.32 4.70 10.35
N ILE E 392 -18.21 3.42 10.00
CA ILE E 392 -18.61 2.34 10.90
C ILE E 392 -17.41 1.56 11.43
N ASN E 393 -17.59 0.95 12.59
CA ASN E 393 -16.51 0.25 13.28
C ASN E 393 -16.96 -1.12 13.79
N MET E 394 -17.56 -1.89 12.89
CA MET E 394 -18.18 -3.17 13.24
C MET E 394 -17.14 -4.22 13.59
N TRP E 395 -17.61 -5.36 14.07
CA TRP E 395 -16.77 -6.49 14.48
C TRP E 395 -15.64 -6.09 15.41
N GLN E 396 -15.92 -5.17 16.33
CA GLN E 396 -14.93 -4.69 17.28
C GLN E 396 -13.63 -4.26 16.57
N ARG E 397 -13.75 -3.33 15.62
CA ARG E 397 -12.61 -2.82 14.88
C ARG E 397 -11.68 -2.01 15.77
N ILE E 398 -10.41 -1.96 15.42
CA ILE E 398 -9.44 -1.26 16.24
C ILE E 398 -8.52 -0.34 15.42
N GLY E 399 -7.93 -0.85 14.34
CA GLY E 399 -7.02 -0.06 13.53
C GLY E 399 -7.57 0.42 12.19
N GLN E 400 -8.68 -0.18 11.76
CA GLN E 400 -9.29 0.19 10.49
C GLN E 400 -10.77 0.46 10.67
N CYS E 401 -11.30 1.40 9.89
CA CYS E 401 -12.72 1.70 9.86
C CYS E 401 -13.17 1.84 8.41
N MET E 402 -14.47 2.00 8.19
CA MET E 402 -15.00 2.04 6.83
C MET E 402 -16.12 3.04 6.62
N TYR E 403 -15.95 3.91 5.63
CA TYR E 403 -16.94 4.90 5.26
C TYR E 403 -17.93 4.32 4.24
N ALA E 404 -19.17 4.15 4.66
CA ALA E 404 -20.21 3.68 3.76
C ALA E 404 -20.81 4.85 2.98
N PRO E 405 -20.53 4.90 1.66
CA PRO E 405 -20.95 5.98 0.77
C PRO E 405 -22.42 6.32 0.91
N PRO E 406 -22.78 7.58 0.61
CA PRO E 406 -24.19 7.97 0.68
C PRO E 406 -24.99 7.20 -0.37
N ILE E 407 -26.13 6.63 0.03
CA ILE E 407 -26.97 5.94 -0.93
C ILE E 407 -28.06 6.89 -1.42
N GLN E 408 -27.93 7.34 -2.67
CA GLN E 408 -28.84 8.31 -3.26
C GLN E 408 -30.30 7.88 -3.25
N GLY E 409 -31.18 8.81 -2.91
CA GLY E 409 -32.62 8.57 -2.93
C GLY E 409 -33.21 8.22 -1.59
N VAL E 410 -34.44 7.68 -1.63
CA VAL E 410 -35.16 7.28 -0.42
C VAL E 410 -34.96 5.80 -0.19
N ILE E 411 -34.81 5.41 1.07
CA ILE E 411 -34.49 4.02 1.39
C ILE E 411 -35.56 3.38 2.28
N ARG E 412 -35.98 2.17 1.93
CA ARG E 412 -36.86 1.39 2.78
C ARG E 412 -36.66 -0.11 2.56
N CYS E 413 -36.64 -0.87 3.66
CA CYS E 413 -36.51 -2.32 3.61
C CYS E 413 -37.60 -2.96 4.45
N VAL E 414 -38.00 -4.18 4.06
CA VAL E 414 -38.98 -4.94 4.82
C VAL E 414 -38.38 -6.29 5.19
N SER E 415 -38.48 -6.65 6.47
CA SER E 415 -37.86 -7.88 6.97
C SER E 415 -38.66 -8.55 8.07
N ASN E 416 -38.47 -9.85 8.23
CA ASN E 416 -39.03 -10.57 9.37
C ASN E 416 -38.05 -10.58 10.53
N ILE E 417 -38.59 -10.62 11.75
CA ILE E 417 -37.77 -10.89 12.91
C ILE E 417 -37.82 -12.39 13.19
N THR E 418 -36.65 -13.03 13.16
CA THR E 418 -36.55 -14.47 13.35
C THR E 418 -36.19 -14.80 14.81
N GLY E 419 -35.48 -13.91 15.49
CA GLY E 419 -35.12 -14.19 16.85
C GLY E 419 -34.70 -13.00 17.70
N LEU E 420 -34.17 -13.30 18.88
CA LEU E 420 -33.71 -12.31 19.83
C LEU E 420 -32.47 -12.81 20.54
N ILE E 421 -31.69 -11.90 21.11
CA ILE E 421 -30.57 -12.27 21.96
C ILE E 421 -30.78 -11.61 23.32
N LEU E 422 -31.61 -12.23 24.16
CA LEU E 422 -32.03 -11.62 25.41
C LEU E 422 -31.06 -11.90 26.56
N THR E 423 -31.18 -11.11 27.62
CA THR E 423 -30.29 -11.21 28.77
C THR E 423 -31.03 -10.94 30.09
N ARG E 424 -30.87 -11.86 31.04
CA ARG E 424 -31.58 -11.80 32.31
C ARG E 424 -30.75 -11.09 33.39
N ASP E 425 -31.44 -10.47 34.35
CA ASP E 425 -30.78 -9.71 35.40
C ASP E 425 -30.41 -10.58 36.60
N GLY E 426 -29.13 -10.56 36.96
CA GLY E 426 -28.57 -11.48 37.93
C GLY E 426 -28.74 -11.13 39.40
N GLY E 427 -29.43 -10.02 39.68
CA GLY E 427 -29.65 -9.61 41.05
C GLY E 427 -30.39 -10.69 41.84
N SER E 428 -31.36 -11.31 41.18
CA SER E 428 -32.08 -12.47 41.71
C SER E 428 -32.78 -12.23 43.06
N THR E 429 -32.20 -12.82 44.12
CA THR E 429 -32.80 -12.93 45.45
C THR E 429 -33.99 -13.89 45.48
N ASN E 430 -34.00 -14.85 44.55
CA ASN E 430 -35.06 -15.85 44.44
C ASN E 430 -36.42 -15.20 44.12
N SER E 431 -36.38 -13.96 43.68
CA SER E 431 -37.60 -13.23 43.36
C SER E 431 -38.26 -13.81 42.11
N THR E 432 -39.59 -13.93 42.16
CA THR E 432 -40.34 -14.39 41.00
C THR E 432 -40.61 -13.23 40.05
N THR E 433 -39.64 -12.33 39.93
CA THR E 433 -39.77 -11.14 39.10
C THR E 433 -38.52 -10.90 38.24
N GLU E 434 -37.81 -11.97 37.91
CA GLU E 434 -36.59 -11.83 37.12
C GLU E 434 -36.92 -11.33 35.71
N THR E 435 -36.45 -10.12 35.42
CA THR E 435 -36.73 -9.47 34.13
C THR E 435 -35.66 -9.75 33.09
N PHE E 436 -35.94 -9.38 31.85
CA PHE E 436 -35.02 -9.61 30.73
C PHE E 436 -34.72 -8.34 29.94
N ARG E 437 -33.56 -8.33 29.28
CA ARG E 437 -33.13 -7.21 28.47
C ARG E 437 -32.45 -7.71 27.21
N PRO E 438 -32.61 -6.97 26.09
CA PRO E 438 -31.97 -7.39 24.85
C PRO E 438 -30.46 -7.19 24.89
N GLY E 439 -29.71 -8.13 24.29
CA GLY E 439 -28.26 -8.05 24.25
C GLY E 439 -27.71 -8.23 22.85
N GLY E 440 -26.39 -8.33 22.76
CA GLY E 440 -25.71 -8.55 21.50
C GLY E 440 -24.23 -8.80 21.71
N GLY E 441 -23.40 -7.84 21.29
CA GLY E 441 -21.96 -7.92 21.48
C GLY E 441 -21.29 -8.90 20.54
N ASP E 442 -21.10 -10.13 21.02
CA ASP E 442 -20.45 -11.16 20.21
C ASP E 442 -21.37 -11.61 19.07
N MET E 443 -20.84 -11.58 17.85
CA MET E 443 -21.62 -11.85 16.66
C MET E 443 -21.65 -13.32 16.29
N ARG E 444 -20.93 -14.14 17.05
CA ARG E 444 -20.97 -15.57 16.80
C ARG E 444 -22.35 -16.12 17.17
N ASP E 445 -23.04 -15.40 18.04
CA ASP E 445 -24.39 -15.77 18.48
C ASP E 445 -25.35 -15.88 17.32
N ASN E 446 -25.17 -15.02 16.32
CA ASN E 446 -26.04 -14.99 15.16
C ASN E 446 -25.88 -16.22 14.28
N TRP E 447 -24.65 -16.68 14.14
CA TRP E 447 -24.37 -17.85 13.31
C TRP E 447 -24.63 -19.09 14.15
N ARG E 448 -24.47 -18.92 15.46
CA ARG E 448 -24.84 -19.94 16.44
C ARG E 448 -26.33 -20.20 16.35
N SER E 449 -27.09 -19.15 16.05
CA SER E 449 -28.54 -19.20 15.94
C SER E 449 -29.00 -19.99 14.73
N GLU E 450 -28.23 -19.97 13.65
CA GLU E 450 -28.63 -20.70 12.45
C GLU E 450 -27.95 -22.05 12.32
N LEU E 451 -26.77 -22.20 12.93
CA LEU E 451 -25.98 -23.42 12.79
C LEU E 451 -26.20 -24.45 13.88
N TYR E 452 -27.24 -24.25 14.69
CA TYR E 452 -27.52 -25.16 15.81
C TYR E 452 -27.91 -26.55 15.29
N LYS E 453 -28.39 -26.62 14.06
CA LYS E 453 -28.80 -27.89 13.46
C LYS E 453 -27.63 -28.76 13.00
N TYR E 454 -26.42 -28.21 13.00
CA TYR E 454 -25.34 -28.88 12.29
C TYR E 454 -24.13 -29.24 13.16
N LYS E 455 -23.40 -30.23 12.66
CA LYS E 455 -22.23 -30.78 13.31
C LYS E 455 -21.38 -31.45 12.23
N VAL E 456 -20.06 -31.32 12.34
CA VAL E 456 -19.14 -31.87 11.34
C VAL E 456 -18.39 -33.10 11.87
N VAL E 457 -18.39 -34.19 11.10
CA VAL E 457 -17.71 -35.41 11.52
C VAL E 457 -16.72 -35.97 10.49
N LYS E 458 -15.72 -36.68 10.99
CA LYS E 458 -14.68 -37.33 10.19
C LYS E 458 -15.03 -38.77 9.90
N ILE E 459 -15.16 -39.11 8.61
CA ILE E 459 -15.57 -40.46 8.22
C ILE E 459 -14.41 -41.45 8.26
N GLU E 460 -14.61 -42.57 8.95
CA GLU E 460 -13.60 -43.61 9.06
C GLU E 460 -14.16 -44.97 8.65
N PRO E 461 -13.88 -45.39 7.41
CA PRO E 461 -14.55 -46.53 6.77
C PRO E 461 -13.89 -47.89 6.99
N LEU E 462 -12.73 -47.91 7.63
CA LEU E 462 -12.01 -49.18 7.76
C LEU E 462 -12.40 -49.95 9.00
N GLY E 463 -13.41 -50.80 8.84
CA GLY E 463 -13.87 -51.64 9.94
C GLY E 463 -13.11 -52.95 9.99
N VAL E 464 -12.89 -53.45 11.19
CA VAL E 464 -12.27 -54.75 11.38
C VAL E 464 -13.07 -55.51 12.43
N ALA E 465 -13.41 -56.76 12.12
CA ALA E 465 -14.23 -57.57 13.00
C ALA E 465 -14.08 -59.04 12.66
N PRO E 466 -14.31 -59.92 13.64
CA PRO E 466 -14.16 -61.35 13.39
C PRO E 466 -15.39 -62.00 12.76
N THR E 467 -15.16 -62.74 11.68
CA THR E 467 -16.13 -63.68 11.15
C THR E 467 -15.36 -64.97 10.85
N ARG E 468 -16.03 -66.12 10.94
CA ARG E 468 -15.37 -67.41 10.77
C ARG E 468 -14.82 -67.57 9.35
N CYS E 469 -13.66 -66.98 9.10
CA CYS E 469 -13.09 -67.00 7.76
C CYS E 469 -11.59 -66.81 7.75
N LYS E 470 -10.89 -67.74 7.11
CA LYS E 470 -9.45 -67.62 6.92
C LYS E 470 -9.16 -67.37 5.44
N ARG E 471 -8.14 -66.59 5.13
CA ARG E 471 -7.76 -66.42 3.73
C ARG E 471 -6.92 -67.61 3.26
N ARG E 472 -7.00 -67.89 1.97
CA ARG E 472 -6.37 -69.08 1.39
C ARG E 472 -4.85 -69.13 1.52
N VAL E 473 -4.29 -70.29 1.21
CA VAL E 473 -2.85 -70.49 1.27
C VAL E 473 -2.22 -70.18 -0.09
N VAL F 7 -32.64 -53.19 -1.40
CA VAL F 7 -33.09 -51.81 -1.22
C VAL F 7 -31.90 -50.86 -1.09
N PHE F 8 -32.12 -49.58 -1.37
CA PHE F 8 -31.06 -48.58 -1.36
C PHE F 8 -31.38 -47.44 -0.39
N LEU F 9 -30.65 -47.40 0.71
CA LEU F 9 -30.93 -46.45 1.79
C LEU F 9 -30.32 -45.08 1.55
N GLY F 10 -29.04 -45.06 1.22
CA GLY F 10 -28.31 -43.82 1.06
C GLY F 10 -27.00 -43.86 1.81
N PHE F 11 -26.12 -42.92 1.50
CA PHE F 11 -24.83 -42.78 2.14
C PHE F 11 -25.03 -42.64 3.66
N LEU F 12 -24.47 -43.60 4.40
CA LEU F 12 -24.56 -43.68 5.85
C LEU F 12 -25.92 -44.15 6.37
N GLY F 13 -26.83 -44.47 5.46
CA GLY F 13 -28.19 -44.89 5.82
C GLY F 13 -28.26 -46.05 6.81
N ALA F 14 -27.32 -46.98 6.71
CA ALA F 14 -27.25 -48.09 7.65
C ALA F 14 -26.40 -47.76 8.88
N ALA F 15 -26.57 -46.54 9.38
CA ALA F 15 -25.88 -46.10 10.58
C ALA F 15 -26.37 -46.91 11.77
N GLY F 16 -27.67 -46.86 12.01
CA GLY F 16 -28.29 -47.60 13.08
C GLY F 16 -28.80 -48.96 12.64
N SER F 17 -28.12 -49.56 11.67
CA SER F 17 -28.44 -50.92 11.23
C SER F 17 -27.41 -51.89 11.79
N THR F 18 -27.81 -53.16 11.88
CA THR F 18 -26.92 -54.19 12.42
C THR F 18 -25.71 -54.37 11.52
N MET F 19 -24.59 -54.76 12.11
CA MET F 19 -23.32 -54.87 11.39
C MET F 19 -23.38 -55.86 10.24
N GLY F 20 -24.41 -56.71 10.23
CA GLY F 20 -24.64 -57.60 9.13
C GLY F 20 -25.31 -56.86 7.99
N ALA F 21 -26.35 -56.12 8.32
CA ALA F 21 -27.09 -55.36 7.33
C ALA F 21 -26.29 -54.17 6.82
N ALA F 22 -25.41 -53.65 7.67
CA ALA F 22 -24.55 -52.54 7.29
C ALA F 22 -23.38 -53.03 6.44
N SER F 23 -23.07 -54.32 6.56
CA SER F 23 -22.00 -54.92 5.78
C SER F 23 -22.49 -55.30 4.38
N MET F 24 -23.74 -54.98 4.11
CA MET F 24 -24.27 -55.10 2.76
C MET F 24 -23.92 -53.83 2.01
N THR F 25 -24.46 -52.71 2.50
CA THR F 25 -24.19 -51.41 1.91
C THR F 25 -22.80 -50.90 2.27
N LEU F 26 -21.78 -51.46 1.64
CA LEU F 26 -20.42 -51.01 1.86
C LEU F 26 -19.99 -50.18 0.66
N THR F 27 -20.50 -50.56 -0.50
CA THR F 27 -20.12 -49.92 -1.75
C THR F 27 -20.75 -48.55 -1.92
N VAL F 28 -21.62 -48.17 -0.98
CA VAL F 28 -22.28 -46.87 -1.01
C VAL F 28 -21.50 -45.85 -0.21
N GLN F 29 -20.95 -46.29 0.93
CA GLN F 29 -20.11 -45.44 1.74
C GLN F 29 -18.74 -45.29 1.07
N ALA F 30 -18.31 -46.34 0.39
CA ALA F 30 -17.04 -46.34 -0.32
C ALA F 30 -17.15 -45.47 -1.58
N ARG F 31 -18.37 -45.31 -2.06
CA ARG F 31 -18.65 -44.58 -3.29
C ARG F 31 -18.53 -43.08 -3.08
N ASN F 32 -19.43 -42.53 -2.27
CA ASN F 32 -19.44 -41.10 -1.98
C ASN F 32 -18.30 -40.71 -1.07
N LEU F 33 -17.06 -40.81 -1.58
CA LEU F 33 -15.89 -40.65 -0.74
C LEU F 33 -14.72 -39.96 -1.44
N LEU F 34 -14.92 -39.54 -2.68
CA LEU F 34 -13.84 -38.90 -3.44
C LEU F 34 -14.30 -37.63 -4.14
N SER F 35 -14.95 -37.79 -5.29
CA SER F 35 -15.46 -36.63 -6.04
C SER F 35 -16.61 -35.98 -5.29
N GLY F 36 -17.35 -36.79 -4.53
CA GLY F 36 -18.45 -36.29 -3.73
C GLY F 36 -19.47 -37.37 -3.40
N THR F 58 -9.24 -14.28 -3.62
CA THR F 58 -9.30 -15.73 -3.60
C THR F 58 -9.39 -16.25 -2.16
N VAL F 59 -10.49 -15.93 -1.49
CA VAL F 59 -10.74 -16.42 -0.14
C VAL F 59 -11.26 -17.85 -0.15
N TRP F 60 -12.41 -18.08 -0.81
CA TRP F 60 -12.96 -19.43 -0.94
C TRP F 60 -12.01 -20.36 -1.70
N GLY F 61 -11.13 -19.76 -2.50
CA GLY F 61 -10.25 -20.49 -3.39
C GLY F 61 -9.24 -21.36 -2.66
N ILE F 62 -8.79 -20.89 -1.51
CA ILE F 62 -7.81 -21.64 -0.73
C ILE F 62 -8.49 -22.74 0.07
N LYS F 63 -9.67 -22.44 0.60
CA LYS F 63 -10.48 -23.43 1.31
C LYS F 63 -10.68 -24.66 0.45
N GLN F 64 -11.06 -24.43 -0.81
CA GLN F 64 -11.27 -25.49 -1.77
C GLN F 64 -10.05 -26.37 -1.95
N LEU F 65 -8.86 -25.77 -1.91
CA LEU F 65 -7.63 -26.48 -2.26
C LEU F 65 -7.13 -27.39 -1.14
N GLN F 66 -7.20 -26.92 0.10
CA GLN F 66 -6.74 -27.72 1.23
C GLN F 66 -7.85 -28.64 1.75
N ALA F 67 -8.99 -28.63 1.05
CA ALA F 67 -10.04 -29.60 1.27
C ALA F 67 -9.94 -30.65 0.18
N ARG F 68 -9.48 -30.22 -0.99
CA ARG F 68 -9.32 -31.12 -2.13
C ARG F 68 -8.16 -32.10 -1.92
N VAL F 69 -7.12 -31.65 -1.22
CA VAL F 69 -5.98 -32.52 -0.94
C VAL F 69 -6.28 -33.39 0.27
N LEU F 70 -6.98 -32.83 1.24
CA LEU F 70 -7.32 -33.52 2.47
C LEU F 70 -8.11 -34.79 2.17
N ALA F 71 -8.96 -34.71 1.14
CA ALA F 71 -9.83 -35.82 0.79
C ALA F 71 -9.07 -36.97 0.14
N VAL F 72 -8.01 -36.66 -0.61
CA VAL F 72 -7.23 -37.72 -1.26
C VAL F 72 -6.17 -38.23 -0.29
N GLU F 73 -5.70 -37.37 0.59
CA GLU F 73 -4.76 -37.81 1.61
C GLU F 73 -5.45 -38.82 2.51
N ARG F 74 -6.63 -38.44 3.00
CA ARG F 74 -7.42 -39.27 3.90
C ARG F 74 -7.86 -40.57 3.21
N TYR F 75 -8.14 -40.50 1.91
CA TYR F 75 -8.57 -41.67 1.15
C TYR F 75 -7.42 -42.63 0.93
N LEU F 76 -6.28 -42.09 0.52
CA LEU F 76 -5.12 -42.90 0.20
C LEU F 76 -4.58 -43.63 1.43
N ARG F 77 -4.75 -43.02 2.60
CA ARG F 77 -4.26 -43.59 3.84
C ARG F 77 -4.99 -44.88 4.17
N ASP F 78 -6.19 -45.07 3.62
CA ASP F 78 -6.94 -46.30 3.80
C ASP F 78 -6.52 -47.35 2.77
N GLN F 79 -6.31 -46.91 1.54
CA GLN F 79 -5.83 -47.80 0.49
C GLN F 79 -4.41 -48.27 0.82
N GLN F 80 -3.66 -47.37 1.44
CA GLN F 80 -2.35 -47.67 1.98
C GLN F 80 -2.40 -48.90 2.90
N LEU F 81 -3.35 -48.90 3.83
CA LEU F 81 -3.53 -50.01 4.75
C LEU F 81 -3.99 -51.29 4.05
N LEU F 82 -5.03 -51.19 3.23
CA LEU F 82 -5.54 -52.34 2.49
C LEU F 82 -4.45 -52.99 1.65
N GLY F 83 -3.51 -52.16 1.16
CA GLY F 83 -2.43 -52.61 0.31
C GLY F 83 -1.26 -53.23 1.06
N ILE F 84 -1.00 -52.75 2.27
CA ILE F 84 0.06 -53.32 3.09
C ILE F 84 -0.49 -54.51 3.87
N TRP F 85 -1.79 -54.72 3.73
CA TRP F 85 -2.40 -56.00 4.03
C TRP F 85 -2.63 -56.63 2.67
N GLY F 86 -3.46 -57.66 2.58
CA GLY F 86 -3.69 -58.26 1.28
C GLY F 86 -4.99 -57.83 0.64
N CYS F 87 -5.62 -56.83 1.24
CA CYS F 87 -7.03 -56.53 0.99
C CYS F 87 -7.28 -55.36 0.03
N SER F 88 -6.59 -55.36 -1.11
CA SER F 88 -6.79 -54.31 -2.12
C SER F 88 -8.05 -54.57 -2.95
N GLY F 89 -8.83 -55.56 -2.54
CA GLY F 89 -9.98 -56.04 -3.30
C GLY F 89 -11.12 -55.09 -3.67
N LYS F 90 -11.85 -54.60 -2.67
CA LYS F 90 -11.55 -54.83 -1.26
C LYS F 90 -12.80 -55.21 -0.48
N LEU F 91 -13.39 -54.19 0.16
CA LEU F 91 -14.58 -54.37 1.00
C LEU F 91 -14.30 -55.36 2.12
N ILE F 92 -14.88 -56.55 2.02
CA ILE F 92 -14.58 -57.61 2.98
C ILE F 92 -13.33 -58.37 2.55
N CYS F 93 -12.42 -58.59 3.49
CA CYS F 93 -11.20 -59.35 3.22
C CYS F 93 -10.80 -60.14 4.44
N CYS F 94 -10.73 -61.47 4.29
CA CYS F 94 -10.32 -62.33 5.38
C CYS F 94 -8.82 -62.30 5.54
N THR F 95 -8.33 -62.76 6.68
CA THR F 95 -6.90 -62.74 6.96
C THR F 95 -6.43 -63.95 7.77
N ASN F 96 -5.15 -63.93 8.16
CA ASN F 96 -4.54 -65.04 8.88
C ASN F 96 -4.20 -64.73 10.32
N VAL F 97 -4.55 -63.53 10.78
CA VAL F 97 -4.36 -63.22 12.19
C VAL F 97 -5.66 -63.58 12.92
N PRO F 98 -5.56 -64.49 13.91
CA PRO F 98 -6.74 -64.95 14.62
C PRO F 98 -7.23 -63.96 15.67
N TRP F 99 -8.53 -63.97 15.95
CA TRP F 99 -9.13 -62.98 16.83
C TRP F 99 -8.79 -63.21 18.30
N ASN F 100 -7.97 -62.34 18.85
CA ASN F 100 -7.69 -62.33 20.28
C ASN F 100 -8.97 -62.01 21.05
N SER F 101 -9.44 -62.99 21.82
CA SER F 101 -10.71 -62.86 22.54
C SER F 101 -10.71 -61.64 23.47
N SER F 102 -9.52 -61.26 23.94
CA SER F 102 -9.36 -60.10 24.81
C SER F 102 -9.92 -58.81 24.19
N TRP F 103 -9.88 -58.76 22.86
CA TRP F 103 -10.34 -57.59 22.11
C TRP F 103 -11.84 -57.36 22.25
N SER F 104 -12.61 -58.43 22.07
CA SER F 104 -14.05 -58.34 22.17
C SER F 104 -14.63 -59.47 23.02
N ASN F 105 -14.48 -60.70 22.53
CA ASN F 105 -14.92 -61.96 23.16
C ASN F 105 -16.42 -62.24 23.03
N ARG F 106 -17.14 -61.33 22.37
CA ARG F 106 -18.56 -61.51 22.12
C ARG F 106 -18.82 -62.59 21.06
N ASN F 107 -20.01 -63.17 21.05
CA ASN F 107 -20.34 -64.20 20.08
C ASN F 107 -20.74 -63.59 18.74
N LEU F 108 -20.70 -64.41 17.70
CA LEU F 108 -20.94 -63.96 16.32
C LEU F 108 -22.27 -63.24 16.18
N SER F 109 -23.34 -63.91 16.61
CA SER F 109 -24.70 -63.41 16.47
C SER F 109 -24.87 -62.03 17.06
N GLU F 110 -24.28 -61.82 18.24
CA GLU F 110 -24.52 -60.60 18.99
C GLU F 110 -23.67 -59.43 18.51
N ILE F 111 -22.96 -59.60 17.40
CA ILE F 111 -22.26 -58.48 16.81
C ILE F 111 -22.71 -58.26 15.36
N TRP F 112 -23.02 -59.35 14.64
CA TRP F 112 -23.39 -59.22 13.24
C TRP F 112 -24.89 -59.05 13.09
N ASP F 113 -25.64 -59.74 13.94
CA ASP F 113 -27.10 -59.65 13.92
C ASP F 113 -27.62 -58.82 15.09
N ASN F 114 -26.72 -58.09 15.74
CA ASN F 114 -27.11 -57.28 16.89
C ASN F 114 -26.50 -55.88 16.86
N MET F 115 -25.21 -55.79 17.15
CA MET F 115 -24.55 -54.50 17.31
C MET F 115 -24.36 -53.72 16.02
N THR F 116 -24.17 -52.41 16.18
CA THR F 116 -23.92 -51.53 15.05
C THR F 116 -22.46 -51.11 15.05
N TRP F 117 -21.98 -50.68 13.89
CA TRP F 117 -20.57 -50.38 13.71
C TRP F 117 -20.11 -49.18 14.51
N LEU F 118 -21.01 -48.20 14.68
CA LEU F 118 -20.76 -47.06 15.56
C LEU F 118 -20.43 -47.57 16.95
N GLN F 119 -21.26 -48.49 17.43
CA GLN F 119 -21.10 -49.10 18.73
C GLN F 119 -19.86 -49.98 18.75
N TRP F 120 -19.79 -50.92 17.82
CA TRP F 120 -18.69 -51.88 17.72
C TRP F 120 -17.32 -51.22 17.64
N ASP F 121 -17.23 -50.09 16.94
CA ASP F 121 -15.96 -49.39 16.78
C ASP F 121 -15.33 -49.00 18.12
N LYS F 122 -16.16 -48.60 19.08
CA LYS F 122 -15.63 -48.08 20.35
C LYS F 122 -15.07 -49.19 21.24
N GLU F 123 -15.52 -50.43 21.03
CA GLU F 123 -15.00 -51.55 21.80
C GLU F 123 -13.59 -51.92 21.35
N ILE F 124 -13.45 -52.19 20.05
CA ILE F 124 -12.18 -52.61 19.44
C ILE F 124 -11.22 -51.43 19.23
N SER F 125 -11.65 -50.23 19.63
CA SER F 125 -10.88 -49.02 19.39
C SER F 125 -9.55 -49.04 20.13
N ASN F 126 -9.52 -49.71 21.27
CA ASN F 126 -8.34 -49.70 22.13
C ASN F 126 -7.14 -50.45 21.52
N TYR F 127 -7.39 -51.29 20.52
CA TYR F 127 -6.31 -52.13 19.97
C TYR F 127 -6.26 -52.17 18.46
N THR F 128 -6.92 -51.23 17.78
CA THR F 128 -7.00 -51.26 16.33
C THR F 128 -5.64 -51.15 15.67
N GLN F 129 -4.78 -50.30 16.24
CA GLN F 129 -3.44 -50.10 15.69
C GLN F 129 -2.50 -51.26 16.03
N ILE F 130 -2.78 -51.93 17.14
CA ILE F 130 -2.03 -53.13 17.50
C ILE F 130 -2.46 -54.27 16.58
N ILE F 131 -3.76 -54.33 16.28
CA ILE F 131 -4.31 -55.30 15.36
C ILE F 131 -3.74 -55.11 13.96
N TYR F 132 -3.62 -53.86 13.54
CA TYR F 132 -3.07 -53.52 12.23
C TYR F 132 -1.64 -54.03 12.08
N GLY F 133 -0.87 -53.94 13.16
CA GLY F 133 0.50 -54.41 13.16
C GLY F 133 0.62 -55.90 12.92
N LEU F 134 -0.32 -56.65 13.47
CA LEU F 134 -0.39 -58.10 13.24
C LEU F 134 -0.62 -58.39 11.77
N LEU F 135 -1.39 -57.52 11.13
CA LEU F 135 -1.72 -57.65 9.71
C LEU F 135 -0.52 -57.35 8.83
N GLU F 136 0.21 -56.29 9.17
CA GLU F 136 1.36 -55.82 8.40
C GLU F 136 2.42 -56.92 8.21
N GLU F 137 2.83 -57.54 9.31
CA GLU F 137 3.82 -58.61 9.24
C GLU F 137 3.31 -59.83 8.50
N SER F 138 2.01 -60.10 8.64
CA SER F 138 1.41 -61.30 8.09
C SER F 138 1.37 -61.29 6.55
N GLN F 139 1.21 -60.11 5.97
CA GLN F 139 1.13 -59.99 4.51
C GLN F 139 2.50 -60.20 3.86
N ASN F 140 3.51 -59.49 4.34
CA ASN F 140 4.85 -59.64 3.79
C ASN F 140 5.34 -61.07 3.99
N GLN F 141 4.89 -61.69 5.08
CA GLN F 141 5.18 -63.09 5.35
C GLN F 141 4.57 -63.97 4.27
N GLN F 142 3.38 -63.60 3.80
CA GLN F 142 2.75 -64.34 2.71
C GLN F 142 3.56 -64.23 1.42
N GLU F 143 3.96 -63.01 1.09
CA GLU F 143 4.68 -62.74 -0.15
C GLU F 143 6.04 -63.45 -0.16
N LYS F 144 6.80 -63.29 0.92
CA LYS F 144 8.12 -63.92 1.05
C LYS F 144 8.01 -65.43 0.91
N ASN F 145 6.82 -65.95 1.23
CA ASN F 145 6.56 -67.37 1.12
C ASN F 145 6.15 -67.78 -0.28
N GLU F 146 5.24 -67.01 -0.87
CA GLU F 146 4.68 -67.34 -2.18
C GLU F 146 5.72 -67.29 -3.30
N GLN F 147 6.76 -66.49 -3.10
CA GLN F 147 7.87 -66.46 -4.05
C GLN F 147 8.56 -67.81 -4.05
N ASP F 148 8.66 -68.43 -2.88
CA ASP F 148 9.33 -69.71 -2.73
C ASP F 148 8.55 -70.83 -3.43
N LEU F 149 7.23 -70.69 -3.50
CA LEU F 149 6.40 -71.67 -4.19
C LEU F 149 6.59 -71.59 -5.70
N LEU F 150 6.49 -70.38 -6.24
CA LEU F 150 6.70 -70.16 -7.67
C LEU F 150 8.16 -70.40 -8.04
N ALA F 151 9.05 -70.31 -7.06
CA ALA F 151 10.46 -70.58 -7.28
C ALA F 151 10.71 -72.06 -7.54
N LEU F 152 10.18 -72.90 -6.67
CA LEU F 152 10.35 -74.34 -6.81
C LEU F 152 9.47 -74.87 -7.94
N ASP F 153 8.33 -74.23 -8.15
CA ASP F 153 7.43 -74.59 -9.25
C ASP F 153 7.25 -73.43 -10.22
N ALA G 1 -22.71 -68.59 -26.24
CA ALA G 1 -21.93 -67.58 -26.93
C ALA G 1 -22.78 -66.36 -27.29
N GLU G 2 -24.03 -66.61 -27.69
CA GLU G 2 -24.95 -65.56 -28.09
C GLU G 2 -25.04 -64.45 -27.05
N ASN G 3 -25.07 -64.85 -25.79
CA ASN G 3 -25.07 -63.91 -24.68
C ASN G 3 -23.75 -63.16 -24.56
N LEU G 4 -23.82 -61.83 -24.65
CA LEU G 4 -22.64 -61.00 -24.53
C LEU G 4 -22.54 -60.41 -23.13
N TRP G 5 -21.32 -60.13 -22.70
CA TRP G 5 -21.09 -59.52 -21.40
C TRP G 5 -20.22 -58.28 -21.56
N VAL G 6 -20.55 -57.23 -20.82
CA VAL G 6 -19.74 -56.03 -20.82
C VAL G 6 -18.43 -56.31 -20.08
N THR G 7 -17.34 -55.88 -20.69
CA THR G 7 -16.04 -55.96 -20.06
C THR G 7 -15.44 -54.56 -20.12
N VAL G 8 -14.93 -54.07 -19.00
CA VAL G 8 -14.48 -52.69 -18.92
C VAL G 8 -13.04 -52.53 -19.44
N TYR G 9 -12.78 -51.38 -20.04
CA TYR G 9 -11.47 -51.09 -20.60
C TYR G 9 -10.86 -49.86 -19.97
N TYR G 10 -9.60 -49.98 -19.56
CA TYR G 10 -8.86 -48.86 -19.01
C TYR G 10 -7.70 -48.49 -19.92
N GLY G 11 -7.70 -47.25 -20.41
CA GLY G 11 -6.67 -46.78 -21.29
C GLY G 11 -7.19 -46.62 -22.70
N VAL G 12 -8.51 -46.48 -22.82
CA VAL G 12 -9.15 -46.32 -24.11
C VAL G 12 -8.85 -44.93 -24.69
N PRO G 13 -8.47 -44.87 -25.97
CA PRO G 13 -8.21 -43.59 -26.64
C PRO G 13 -9.48 -42.82 -27.00
N VAL G 14 -9.97 -42.01 -26.06
CA VAL G 14 -11.12 -41.16 -26.31
C VAL G 14 -11.12 -39.96 -25.36
N TRP G 15 -11.59 -38.82 -25.87
CA TRP G 15 -11.56 -37.56 -25.13
C TRP G 15 -12.86 -36.77 -25.28
N LYS G 16 -13.20 -36.01 -24.25
CA LYS G 16 -14.31 -35.05 -24.34
C LYS G 16 -13.77 -33.64 -24.37
N ASP G 17 -14.42 -32.77 -25.14
CA ASP G 17 -13.97 -31.38 -25.20
C ASP G 17 -14.05 -30.72 -23.84
N ALA G 18 -13.07 -29.87 -23.54
CA ALA G 18 -12.90 -29.39 -22.18
C ALA G 18 -12.51 -27.94 -22.06
N GLU G 19 -12.37 -27.50 -20.82
CA GLU G 19 -11.67 -26.29 -20.45
C GLU G 19 -10.91 -26.62 -19.18
N THR G 20 -9.70 -26.13 -19.06
CA THR G 20 -8.96 -26.30 -17.83
C THR G 20 -7.80 -25.33 -17.74
N THR G 21 -7.30 -25.15 -16.53
CA THR G 21 -6.12 -24.34 -16.31
C THR G 21 -4.90 -25.05 -16.87
N LEU G 22 -4.23 -24.41 -17.83
CA LEU G 22 -2.98 -24.92 -18.37
C LEU G 22 -1.82 -24.31 -17.61
N PHE G 23 -0.58 -24.61 -18.01
CA PHE G 23 0.55 -23.92 -17.40
C PHE G 23 1.63 -23.62 -18.43
N CYS G 24 2.50 -22.67 -18.08
CA CYS G 24 3.49 -22.13 -19.01
C CYS G 24 4.77 -22.95 -19.06
N ALA G 25 5.43 -22.90 -20.21
CA ALA G 25 6.77 -23.45 -20.37
C ALA G 25 7.64 -22.50 -21.18
N SER G 26 8.90 -22.35 -20.75
CA SER G 26 9.85 -21.50 -21.45
C SER G 26 11.21 -22.19 -21.44
N ASP G 27 12.21 -21.59 -22.08
CA ASP G 27 13.51 -22.26 -22.19
C ASP G 27 14.58 -21.66 -21.30
N ALA G 28 15.72 -22.36 -21.22
CA ALA G 28 16.81 -22.01 -20.30
C ALA G 28 17.43 -20.65 -20.61
N LYS G 29 17.43 -20.27 -21.88
CA LYS G 29 18.02 -19.00 -22.29
C LYS G 29 17.21 -17.82 -21.77
N ALA G 30 15.95 -18.08 -21.43
CA ALA G 30 15.07 -17.05 -20.86
C ALA G 30 15.48 -16.73 -19.43
N TYR G 31 16.01 -17.72 -18.72
CA TYR G 31 16.50 -17.52 -17.36
C TYR G 31 17.93 -16.99 -17.40
N GLU G 32 18.65 -17.31 -18.49
CA GLU G 32 19.99 -16.79 -18.71
C GLU G 32 19.94 -15.30 -19.03
N THR G 33 18.75 -14.81 -19.36
CA THR G 33 18.51 -13.39 -19.60
C THR G 33 18.82 -12.60 -18.33
N GLU G 34 18.69 -13.26 -17.17
CA GLU G 34 18.89 -12.67 -15.84
C GLU G 34 18.41 -11.23 -15.74
N LYS G 35 19.23 -10.39 -15.11
CA LYS G 35 18.96 -8.98 -14.95
C LYS G 35 17.60 -8.68 -14.28
N HIS G 36 16.99 -9.71 -13.68
CA HIS G 36 15.71 -9.59 -12.98
C HIS G 36 14.61 -8.96 -13.85
N ASN G 37 14.64 -9.21 -15.14
CA ASN G 37 13.87 -8.42 -16.10
C ASN G 37 12.63 -9.06 -16.70
N VAL G 38 12.76 -10.28 -17.21
CA VAL G 38 11.64 -10.90 -17.89
C VAL G 38 10.54 -11.22 -16.89
N TRP G 39 9.28 -11.04 -17.31
CA TRP G 39 8.16 -11.37 -16.43
C TRP G 39 7.78 -12.85 -16.43
N ALA G 40 7.76 -13.41 -15.23
CA ALA G 40 7.20 -14.74 -14.97
C ALA G 40 7.96 -15.87 -15.66
N THR G 41 9.11 -15.56 -16.25
CA THR G 41 9.96 -16.60 -16.83
C THR G 41 10.50 -17.52 -15.74
N HIS G 42 10.59 -16.96 -14.53
CA HIS G 42 11.20 -17.64 -13.39
C HIS G 42 10.26 -18.68 -12.80
N ALA G 43 9.02 -18.27 -12.53
CA ALA G 43 8.00 -19.17 -11.98
C ALA G 43 7.54 -20.16 -13.04
N CYS G 44 7.83 -19.83 -14.30
CA CYS G 44 7.43 -20.66 -15.43
C CYS G 44 8.32 -21.89 -15.58
N VAL G 45 7.69 -23.05 -15.71
CA VAL G 45 8.38 -24.34 -15.84
C VAL G 45 9.20 -24.36 -17.14
N PRO G 46 10.17 -25.28 -17.28
CA PRO G 46 10.92 -25.29 -18.54
C PRO G 46 10.22 -26.03 -19.68
N THR G 47 10.86 -26.02 -20.85
CA THR G 47 10.34 -26.72 -22.02
C THR G 47 10.94 -28.12 -22.10
N ASP G 48 10.71 -28.79 -23.22
CA ASP G 48 11.26 -30.13 -23.44
C ASP G 48 12.44 -30.06 -24.40
N PRO G 49 13.52 -30.80 -24.09
CA PRO G 49 14.68 -30.82 -24.98
C PRO G 49 14.38 -31.58 -26.27
N ASN G 50 13.60 -32.64 -26.16
CA ASN G 50 13.11 -33.38 -27.31
C ASN G 50 11.58 -33.47 -27.32
N PRO G 51 10.93 -32.42 -27.84
CA PRO G 51 9.47 -32.38 -27.87
C PRO G 51 8.90 -33.37 -28.89
N GLN G 52 7.77 -34.00 -28.56
CA GLN G 52 7.12 -34.93 -29.48
C GLN G 52 5.63 -34.63 -29.61
N GLU G 53 5.16 -34.54 -30.85
CA GLU G 53 3.73 -34.42 -31.09
C GLU G 53 3.25 -35.60 -31.93
N ILE G 54 2.51 -36.50 -31.28
CA ILE G 54 2.05 -37.72 -31.92
C ILE G 54 0.91 -37.45 -32.89
N HIS G 55 1.16 -37.74 -34.17
CA HIS G 55 0.11 -37.61 -35.17
C HIS G 55 -0.93 -38.67 -34.94
N LEU G 56 -2.19 -38.28 -35.01
CA LEU G 56 -3.27 -39.24 -34.86
C LEU G 56 -3.87 -39.55 -36.23
N GLU G 57 -3.56 -40.72 -36.76
CA GLU G 57 -4.00 -41.10 -38.10
C GLU G 57 -5.48 -41.47 -38.10
N ASN G 58 -6.17 -41.19 -39.20
CA ASN G 58 -7.56 -41.60 -39.42
C ASN G 58 -8.61 -40.88 -38.57
N VAL G 59 -8.26 -39.76 -37.95
CA VAL G 59 -9.22 -39.04 -37.12
C VAL G 59 -9.39 -37.59 -37.56
N THR G 60 -10.63 -37.10 -37.45
CA THR G 60 -10.95 -35.71 -37.77
C THR G 60 -11.48 -35.03 -36.51
N GLU G 61 -11.25 -33.72 -36.38
CA GLU G 61 -11.69 -32.99 -35.19
C GLU G 61 -12.23 -31.60 -35.53
N GLU G 62 -13.43 -31.30 -35.01
CA GLU G 62 -14.11 -30.03 -35.29
C GLU G 62 -13.57 -28.85 -34.46
N PHE G 63 -12.62 -28.12 -35.03
CA PHE G 63 -12.04 -26.95 -34.36
C PHE G 63 -12.92 -25.72 -34.48
N ASN G 64 -12.79 -24.80 -33.52
CA ASN G 64 -13.38 -23.47 -33.59
C ASN G 64 -12.55 -22.50 -32.76
N MET G 65 -11.82 -21.62 -33.45
CA MET G 65 -10.90 -20.70 -32.79
C MET G 65 -11.60 -19.47 -32.22
N TRP G 66 -12.86 -19.27 -32.58
CA TRP G 66 -13.60 -18.10 -32.14
C TRP G 66 -14.42 -18.44 -30.90
N LYS G 67 -14.34 -19.70 -30.49
CA LYS G 67 -15.01 -20.14 -29.28
C LYS G 67 -14.06 -21.01 -28.47
N ASN G 68 -12.83 -20.52 -28.36
CA ASN G 68 -11.75 -21.17 -27.63
C ASN G 68 -11.61 -20.54 -26.24
N ASN G 69 -10.95 -21.24 -25.33
CA ASN G 69 -10.72 -20.69 -24.00
C ASN G 69 -9.27 -20.26 -23.79
N MET G 70 -8.33 -21.08 -24.28
CA MET G 70 -6.92 -20.91 -23.95
C MET G 70 -6.33 -19.62 -24.51
N VAL G 71 -7.15 -18.89 -25.28
CA VAL G 71 -6.78 -17.55 -25.70
C VAL G 71 -7.36 -16.55 -24.70
N GLU G 72 -8.50 -16.90 -24.12
CA GLU G 72 -9.08 -16.06 -23.07
C GLU G 72 -8.28 -16.22 -21.81
N GLN G 73 -7.85 -17.45 -21.57
CA GLN G 73 -6.96 -17.78 -20.47
C GLN G 73 -5.64 -17.04 -20.63
N MET G 74 -5.06 -17.12 -21.83
CA MET G 74 -3.79 -16.44 -22.12
C MET G 74 -3.89 -14.94 -21.96
N HIS G 75 -4.85 -14.34 -22.64
CA HIS G 75 -5.14 -12.90 -22.54
C HIS G 75 -5.14 -12.47 -21.07
N THR G 76 -5.82 -13.26 -20.25
CA THR G 76 -5.90 -13.01 -18.82
C THR G 76 -4.55 -13.17 -18.13
N ASP G 77 -3.86 -14.28 -18.41
CA ASP G 77 -2.53 -14.52 -17.84
C ASP G 77 -1.60 -13.36 -18.12
N ILE G 78 -1.69 -12.80 -19.32
CA ILE G 78 -0.85 -11.68 -19.72
C ILE G 78 -1.17 -10.40 -18.94
N ILE G 79 -2.45 -10.12 -18.74
CA ILE G 79 -2.87 -8.94 -17.99
C ILE G 79 -2.50 -9.05 -16.52
N SER G 80 -2.68 -10.22 -15.94
CA SER G 80 -2.37 -10.45 -14.53
C SER G 80 -0.88 -10.33 -14.32
N LEU G 81 -0.14 -11.21 -14.99
CA LEU G 81 1.32 -11.26 -15.00
C LEU G 81 1.94 -9.87 -15.01
N TRP G 82 1.46 -9.05 -15.95
CA TRP G 82 1.88 -7.67 -16.10
C TRP G 82 1.56 -6.81 -14.88
N ASP G 83 0.36 -6.96 -14.35
CA ASP G 83 -0.13 -6.14 -13.25
C ASP G 83 0.52 -6.47 -11.91
N GLN G 84 0.97 -7.70 -11.76
CA GLN G 84 1.68 -8.12 -10.56
C GLN G 84 3.09 -7.56 -10.55
N SER G 85 3.60 -7.25 -11.75
CA SER G 85 4.94 -6.72 -11.89
C SER G 85 5.06 -5.29 -11.37
N LEU G 86 3.95 -4.56 -11.39
CA LEU G 86 3.97 -3.13 -11.09
C LEU G 86 3.80 -2.79 -9.61
N LYS G 87 3.43 -3.79 -8.81
CA LYS G 87 3.29 -3.60 -7.38
C LYS G 87 4.55 -3.02 -6.72
N PRO G 88 5.73 -3.65 -6.95
CA PRO G 88 6.93 -3.07 -6.33
C PRO G 88 7.34 -1.73 -6.94
N CYS G 89 7.18 -1.62 -8.25
CA CYS G 89 7.56 -0.42 -9.00
C CYS G 89 6.93 0.85 -8.44
N VAL G 90 7.69 1.94 -8.49
CA VAL G 90 7.41 3.15 -7.71
C VAL G 90 6.16 3.91 -8.20
N LYS G 91 5.45 4.51 -7.26
CA LYS G 91 4.26 5.28 -7.59
C LYS G 91 4.61 6.73 -7.89
N LEU G 92 4.06 7.27 -8.98
CA LEU G 92 4.31 8.65 -9.38
C LEU G 92 3.19 9.58 -8.93
N THR G 93 2.67 9.30 -7.74
CA THR G 93 1.63 10.11 -7.12
C THR G 93 1.94 11.62 -7.10
N PRO G 94 3.15 12.02 -6.65
CA PRO G 94 3.35 13.47 -6.58
C PRO G 94 3.76 14.10 -7.91
N LEU G 95 4.02 13.30 -8.94
CA LEU G 95 4.36 13.84 -10.25
C LEU G 95 3.14 14.50 -10.87
N CYS G 96 1.96 14.13 -10.40
CA CYS G 96 0.74 14.84 -10.79
C CYS G 96 0.73 16.21 -10.14
N VAL G 97 1.19 17.19 -10.91
CA VAL G 97 1.45 18.52 -10.40
C VAL G 97 1.31 19.53 -11.54
N THR G 98 1.01 20.77 -11.20
CA THR G 98 0.97 21.83 -12.21
C THR G 98 2.34 22.07 -12.81
N LEU G 99 2.56 21.52 -14.00
CA LEU G 99 3.80 21.74 -14.72
C LEU G 99 3.81 23.11 -15.37
N GLN G 100 5.00 23.63 -15.62
CA GLN G 100 5.17 24.88 -16.37
C GLN G 100 6.06 24.60 -17.57
N CYS G 101 5.45 24.36 -18.72
CA CYS G 101 6.17 23.82 -19.86
C CYS G 101 6.35 24.77 -21.02
N THR G 102 7.42 24.55 -21.78
CA THR G 102 7.71 25.30 -22.99
C THR G 102 7.96 24.34 -24.15
N ASN G 103 8.59 24.81 -25.21
CA ASN G 103 8.98 23.92 -26.29
C ASN G 103 10.47 23.59 -26.16
N VAL G 104 10.90 22.52 -26.83
CA VAL G 104 12.30 22.11 -26.78
C VAL G 104 13.13 22.99 -27.73
N THR G 105 14.41 23.17 -27.40
CA THR G 105 15.31 23.98 -28.22
C THR G 105 15.36 23.48 -29.66
N ASN G 106 14.79 24.26 -30.56
CA ASN G 106 14.62 23.84 -31.94
C ASN G 106 14.38 25.00 -32.91
N ASN G 107 14.76 24.80 -34.17
CA ASN G 107 14.44 25.75 -35.22
C ASN G 107 13.75 25.03 -36.37
N ILE G 108 12.45 24.78 -36.19
CA ILE G 108 11.66 24.06 -37.17
C ILE G 108 10.66 25.01 -37.83
N THR G 109 10.15 24.63 -39.00
CA THR G 109 9.15 25.43 -39.69
C THR G 109 7.85 25.43 -38.90
N ASP G 110 7.20 26.60 -38.90
CA ASP G 110 5.98 26.88 -38.13
C ASP G 110 4.95 25.74 -38.21
N ASP G 111 4.80 25.19 -39.41
CA ASP G 111 3.89 24.08 -39.66
C ASP G 111 4.15 22.89 -38.73
N MET G 112 5.42 22.58 -38.52
CA MET G 112 5.81 21.45 -37.67
C MET G 112 5.62 21.78 -36.21
N ARG G 113 4.63 21.15 -35.58
CA ARG G 113 4.31 21.42 -34.18
C ARG G 113 5.36 20.82 -33.25
N GLY G 114 5.49 21.40 -32.06
CA GLY G 114 6.45 20.95 -31.07
C GLY G 114 5.91 19.76 -30.29
N GLU G 115 6.62 18.64 -30.34
CA GLU G 115 6.17 17.41 -29.71
C GLU G 115 7.00 17.06 -28.48
N LEU G 116 7.95 17.95 -28.12
CA LEU G 116 8.79 17.73 -26.96
C LEU G 116 8.74 18.94 -26.04
N LYS G 117 7.91 18.86 -25.01
CA LYS G 117 7.74 19.98 -24.10
C LYS G 117 8.66 19.90 -22.88
N ASN G 118 9.51 20.92 -22.74
CA ASN G 118 10.42 21.04 -21.60
C ASN G 118 9.70 21.58 -20.37
N CYS G 119 9.41 20.71 -19.41
CA CYS G 119 8.57 21.08 -18.28
C CYS G 119 9.30 21.15 -16.95
N SER G 120 9.16 22.28 -16.26
CA SER G 120 9.74 22.46 -14.94
C SER G 120 8.62 22.44 -13.91
N PHE G 121 8.92 21.91 -12.73
CA PHE G 121 7.90 21.66 -11.73
C PHE G 121 8.47 21.49 -10.32
N ASN G 122 7.70 21.91 -9.32
CA ASN G 122 8.06 21.66 -7.94
C ASN G 122 7.89 20.19 -7.60
N MET G 123 8.99 19.48 -7.47
CA MET G 123 8.93 18.08 -7.09
C MET G 123 9.30 17.90 -5.62
N THR G 124 8.93 16.76 -5.05
CA THR G 124 9.17 16.47 -3.65
C THR G 124 10.62 16.08 -3.38
N THR G 125 11.03 16.17 -2.12
CA THR G 125 12.40 15.83 -1.73
C THR G 125 12.42 14.60 -0.83
N GLU G 126 13.63 14.09 -0.59
CA GLU G 126 13.83 12.97 0.35
C GLU G 126 13.29 13.30 1.73
N LEU G 127 13.24 14.60 2.03
CA LEU G 127 12.75 15.09 3.31
C LEU G 127 11.39 15.76 3.14
N ARG G 128 10.47 15.48 4.05
CA ARG G 128 9.14 16.08 4.02
C ARG G 128 9.23 17.59 4.09
N ASP G 129 10.27 18.09 4.75
CA ASP G 129 10.43 19.52 4.99
C ASP G 129 10.53 20.35 3.72
N LYS G 130 11.20 19.81 2.70
CA LYS G 130 11.57 20.62 1.56
C LYS G 130 10.92 20.22 0.24
N LYS G 131 11.28 20.96 -0.80
CA LYS G 131 10.77 20.77 -2.14
C LYS G 131 11.91 20.99 -3.12
N GLN G 132 11.67 20.73 -4.40
CA GLN G 132 12.68 20.99 -5.42
C GLN G 132 12.09 21.26 -6.80
N LYS G 133 12.34 22.45 -7.31
CA LYS G 133 12.01 22.73 -8.71
C LYS G 133 13.01 22.01 -9.59
N VAL G 134 12.50 21.12 -10.43
CA VAL G 134 13.35 20.32 -11.32
C VAL G 134 12.63 20.20 -12.65
N TYR G 135 13.39 20.03 -13.73
CA TYR G 135 12.77 19.96 -15.06
C TYR G 135 12.88 18.59 -15.70
N SER G 136 11.92 18.28 -16.56
CA SER G 136 11.96 17.06 -17.35
C SER G 136 11.35 17.32 -18.72
N LEU G 137 11.55 16.39 -19.64
CA LEU G 137 10.99 16.50 -20.98
C LEU G 137 9.83 15.54 -21.19
N PHE G 138 8.75 16.05 -21.76
CA PHE G 138 7.56 15.24 -21.98
C PHE G 138 7.07 15.36 -23.42
N TYR G 139 6.50 14.29 -23.93
CA TYR G 139 5.86 14.32 -25.24
C TYR G 139 4.53 15.05 -25.12
N ARG G 140 4.09 15.66 -26.23
CA ARG G 140 2.84 16.41 -26.25
C ARG G 140 1.64 15.55 -25.84
N LEU G 141 1.73 14.25 -26.07
CA LEU G 141 0.64 13.33 -25.80
C LEU G 141 0.59 12.96 -24.33
N ASP G 142 1.69 13.16 -23.62
CA ASP G 142 1.77 12.82 -22.20
C ASP G 142 1.37 14.01 -21.31
N VAL G 143 0.96 15.11 -21.92
CA VAL G 143 0.57 16.30 -21.18
C VAL G 143 -0.68 16.95 -21.76
N VAL G 144 -1.36 17.74 -20.93
CA VAL G 144 -2.51 18.53 -21.38
C VAL G 144 -2.40 19.95 -20.88
N GLN G 145 -2.79 20.90 -21.72
CA GLN G 145 -2.82 22.29 -21.31
C GLN G 145 -3.84 22.48 -20.20
N ILE G 146 -3.38 22.97 -19.06
CA ILE G 146 -4.26 23.26 -17.95
C ILE G 146 -4.41 24.78 -17.84
N ASN G 147 -5.63 25.23 -17.62
CA ASN G 147 -5.89 26.66 -17.52
C ASN G 147 -7.20 26.94 -16.80
N SER G 157 0.71 35.36 -18.79
CA SER G 157 -0.10 34.34 -19.44
C SER G 157 0.68 33.05 -19.61
N ASN G 158 1.00 32.40 -18.49
CA ASN G 158 1.84 31.21 -18.49
C ASN G 158 1.28 30.05 -19.32
N LYS G 159 2.19 29.23 -19.83
CA LYS G 159 1.82 28.02 -20.57
C LYS G 159 2.03 26.81 -19.68
N GLU G 160 1.03 26.50 -18.85
CA GLU G 160 1.15 25.45 -17.84
C GLU G 160 0.36 24.18 -18.20
N TYR G 161 0.92 23.03 -17.86
CA TYR G 161 0.35 21.75 -18.26
C TYR G 161 0.26 20.78 -17.10
N ARG G 162 -0.26 19.59 -17.38
CA ARG G 162 -0.33 18.51 -16.41
C ARG G 162 -0.17 17.17 -17.11
N LEU G 163 0.28 16.15 -16.39
CA LEU G 163 0.29 14.81 -16.95
C LEU G 163 -1.15 14.37 -17.19
N ILE G 164 -1.41 13.80 -18.36
CA ILE G 164 -2.77 13.53 -18.82
C ILE G 164 -3.53 12.55 -17.90
N ASN G 165 -2.80 11.71 -17.19
CA ASN G 165 -3.46 10.72 -16.33
C ASN G 165 -4.14 11.33 -15.10
N CYS G 166 -3.72 12.55 -14.74
CA CYS G 166 -4.12 13.16 -13.47
C CYS G 166 -5.63 13.21 -13.20
N ASN G 167 -6.46 13.17 -14.24
CA ASN G 167 -7.90 13.17 -14.03
C ASN G 167 -8.54 11.82 -14.28
N THR G 168 -7.86 10.97 -15.04
CA THR G 168 -8.40 9.64 -15.31
C THR G 168 -7.92 8.61 -14.29
N SER G 169 -6.61 8.51 -14.08
CA SER G 169 -6.08 7.44 -13.25
C SER G 169 -4.79 7.79 -12.52
N ALA G 170 -4.35 6.89 -11.65
CA ALA G 170 -3.08 7.03 -10.95
C ALA G 170 -1.95 6.51 -11.85
N CYS G 171 -0.71 6.65 -11.38
CA CYS G 171 0.44 6.34 -12.22
C CYS G 171 1.57 5.67 -11.42
N THR G 172 2.18 4.66 -12.05
CA THR G 172 3.23 3.85 -11.42
C THR G 172 4.39 3.56 -12.37
N GLN G 173 5.58 4.01 -12.01
CA GLN G 173 6.74 3.91 -12.90
C GLN G 173 7.31 2.50 -12.97
N ALA G 174 7.26 1.90 -14.17
CA ALA G 174 7.83 0.58 -14.40
C ALA G 174 9.29 0.52 -13.98
N CYS G 175 9.69 -0.56 -13.32
CA CYS G 175 11.09 -0.72 -12.95
C CYS G 175 11.94 -0.94 -14.19
N PRO G 176 12.98 -0.13 -14.37
CA PRO G 176 13.90 -0.24 -15.51
C PRO G 176 14.65 -1.57 -15.44
N LYS G 177 14.62 -2.15 -14.25
CA LYS G 177 15.21 -3.44 -14.01
C LYS G 177 14.23 -4.55 -14.44
N VAL G 178 13.38 -4.22 -15.40
CA VAL G 178 12.43 -5.17 -15.98
C VAL G 178 12.54 -5.08 -17.50
N SER G 179 11.97 -6.05 -18.22
CA SER G 179 12.02 -6.01 -19.69
C SER G 179 10.67 -6.29 -20.35
N PHE G 180 10.43 -5.60 -21.46
CA PHE G 180 9.18 -5.72 -22.21
C PHE G 180 9.30 -6.68 -23.39
N GLU G 181 10.47 -7.29 -23.57
CA GLU G 181 10.66 -8.18 -24.72
C GLU G 181 9.74 -9.39 -24.66
N PRO G 182 9.01 -9.64 -25.75
CA PRO G 182 8.12 -10.79 -25.82
C PRO G 182 8.91 -12.08 -26.01
N ILE G 183 8.95 -12.92 -24.99
CA ILE G 183 9.67 -14.19 -25.09
C ILE G 183 8.67 -15.34 -25.25
N PRO G 184 9.05 -16.37 -26.00
CA PRO G 184 8.12 -17.45 -26.38
C PRO G 184 7.59 -18.24 -25.18
N ILE G 185 6.28 -18.37 -25.10
CA ILE G 185 5.63 -19.13 -24.04
C ILE G 185 5.01 -20.40 -24.63
N HIS G 186 5.05 -21.50 -23.87
CA HIS G 186 4.33 -22.71 -24.26
C HIS G 186 3.24 -23.00 -23.26
N TYR G 187 2.04 -23.33 -23.74
CA TYR G 187 0.94 -23.67 -22.84
C TYR G 187 0.79 -25.17 -22.68
N CYS G 188 1.36 -25.71 -21.60
CA CYS G 188 1.32 -27.15 -21.36
C CYS G 188 0.08 -27.57 -20.59
N ALA G 189 -0.46 -28.73 -20.96
CA ALA G 189 -1.65 -29.26 -20.33
C ALA G 189 -1.30 -30.06 -19.07
N PRO G 190 -2.29 -30.25 -18.18
CA PRO G 190 -2.11 -31.17 -17.05
C PRO G 190 -2.08 -32.61 -17.54
N ALA G 191 -1.99 -33.56 -16.62
CA ALA G 191 -2.06 -34.97 -16.99
C ALA G 191 -3.49 -35.31 -17.36
N GLY G 192 -3.67 -36.30 -18.22
CA GLY G 192 -5.00 -36.70 -18.63
C GLY G 192 -5.72 -35.56 -19.32
N PHE G 193 -4.93 -34.69 -19.93
CA PHE G 193 -5.44 -33.60 -20.76
C PHE G 193 -4.57 -33.48 -21.99
N ALA G 194 -5.19 -33.39 -23.16
CA ALA G 194 -4.43 -33.26 -24.39
C ALA G 194 -4.72 -31.95 -25.11
N ILE G 195 -3.76 -31.52 -25.92
CA ILE G 195 -3.96 -30.41 -26.83
C ILE G 195 -3.88 -30.93 -28.26
N LEU G 196 -4.88 -30.61 -29.07
CA LEU G 196 -4.96 -31.19 -30.40
C LEU G 196 -4.63 -30.14 -31.45
N LYS G 197 -3.80 -30.51 -32.41
CA LYS G 197 -3.14 -29.57 -33.30
C LYS G 197 -3.48 -29.80 -34.77
N CYS G 198 -4.24 -28.87 -35.36
CA CYS G 198 -4.63 -28.99 -36.76
C CYS G 198 -3.43 -28.78 -37.67
N LYS G 199 -2.89 -29.87 -38.22
CA LYS G 199 -1.70 -29.81 -39.06
C LYS G 199 -2.04 -29.61 -40.53
N ASP G 200 -3.30 -29.28 -40.81
CA ASP G 200 -3.74 -28.98 -42.16
C ASP G 200 -3.29 -27.59 -42.58
N LYS G 201 -2.64 -27.51 -43.74
CA LYS G 201 -2.01 -26.25 -44.16
C LYS G 201 -2.93 -25.37 -45.01
N LYS G 202 -4.25 -25.56 -44.87
CA LYS G 202 -5.24 -24.72 -45.53
C LYS G 202 -6.50 -24.58 -44.68
N PHE G 203 -6.33 -24.51 -43.37
CA PHE G 203 -7.45 -24.51 -42.44
C PHE G 203 -7.88 -23.09 -42.04
N ASN G 204 -9.18 -22.81 -42.09
CA ASN G 204 -9.66 -21.45 -41.81
C ASN G 204 -10.03 -21.25 -40.34
N GLY G 205 -9.86 -22.29 -39.54
CA GLY G 205 -9.99 -22.18 -38.09
C GLY G 205 -11.28 -22.73 -37.51
N THR G 206 -12.21 -23.13 -38.38
CA THR G 206 -13.50 -23.62 -37.93
C THR G 206 -13.99 -24.75 -38.81
N GLY G 207 -14.30 -25.88 -38.17
CA GLY G 207 -14.78 -27.05 -38.86
C GLY G 207 -13.89 -28.26 -38.65
N PRO G 208 -14.19 -29.36 -39.35
CA PRO G 208 -13.45 -30.63 -39.24
C PRO G 208 -12.03 -30.52 -39.80
N CYS G 209 -11.04 -30.93 -39.01
CA CYS G 209 -9.66 -30.95 -39.49
C CYS G 209 -9.19 -32.39 -39.68
N PRO G 210 -8.83 -32.75 -40.91
CA PRO G 210 -8.40 -34.11 -41.25
C PRO G 210 -7.05 -34.46 -40.63
N SER G 211 -6.07 -33.59 -40.82
CA SER G 211 -4.74 -33.77 -40.25
C SER G 211 -4.71 -33.22 -38.84
N VAL G 212 -4.63 -34.11 -37.85
CA VAL G 212 -4.62 -33.71 -36.46
C VAL G 212 -3.55 -34.46 -35.67
N SER G 213 -3.04 -33.81 -34.62
CA SER G 213 -2.05 -34.42 -33.76
C SER G 213 -2.29 -33.98 -32.32
N THR G 214 -2.09 -34.91 -31.39
CA THR G 214 -2.08 -34.54 -29.98
C THR G 214 -0.73 -33.97 -29.66
N VAL G 215 -0.66 -33.19 -28.59
CA VAL G 215 0.58 -32.59 -28.13
C VAL G 215 0.39 -32.05 -26.72
N GLN G 216 1.44 -32.12 -25.89
CA GLN G 216 1.38 -31.59 -24.55
C GLN G 216 1.27 -30.07 -24.57
N CYS G 217 2.33 -29.42 -25.06
CA CYS G 217 2.38 -27.96 -25.04
C CYS G 217 2.23 -27.36 -26.43
N THR G 218 1.74 -26.13 -26.49
CA THR G 218 1.67 -25.40 -27.75
C THR G 218 3.08 -25.05 -28.20
N HIS G 219 3.19 -24.27 -29.27
CA HIS G 219 4.49 -23.82 -29.75
C HIS G 219 4.89 -22.57 -28.98
N GLY G 220 6.06 -22.02 -29.28
CA GLY G 220 6.53 -20.85 -28.58
C GLY G 220 5.75 -19.60 -28.96
N ILE G 221 4.67 -19.33 -28.22
CA ILE G 221 3.84 -18.18 -28.50
C ILE G 221 4.26 -16.97 -27.68
N LYS G 222 5.07 -16.11 -28.27
CA LYS G 222 5.46 -14.86 -27.62
C LYS G 222 4.31 -13.84 -27.70
N PRO G 223 4.07 -13.13 -26.59
CA PRO G 223 2.97 -12.18 -26.42
C PRO G 223 3.21 -10.79 -27.02
N VAL G 224 3.32 -10.68 -28.34
CA VAL G 224 3.43 -9.37 -28.97
C VAL G 224 2.07 -8.66 -28.90
N VAL G 225 2.00 -7.61 -28.09
CA VAL G 225 0.76 -6.85 -27.98
C VAL G 225 0.87 -5.62 -28.87
N SER G 226 0.10 -5.64 -29.96
CA SER G 226 0.22 -4.65 -31.02
C SER G 226 -1.06 -4.54 -31.83
N THR G 227 -1.39 -3.31 -32.24
CA THR G 227 -2.56 -3.06 -33.07
C THR G 227 -2.20 -3.01 -34.55
N GLN G 228 -3.24 -2.90 -35.39
CA GLN G 228 -3.08 -2.96 -36.83
C GLN G 228 -2.39 -4.24 -37.25
N LEU G 229 -1.13 -4.12 -37.64
CA LEU G 229 -0.34 -5.27 -38.07
C LEU G 229 0.25 -6.01 -36.87
N LEU G 230 0.11 -7.34 -36.87
CA LEU G 230 0.70 -8.14 -35.81
C LEU G 230 2.03 -8.70 -36.30
N LEU G 231 3.02 -8.72 -35.41
CA LEU G 231 4.40 -8.89 -35.81
C LEU G 231 5.05 -10.13 -35.22
N ASN G 232 6.18 -10.51 -35.83
CA ASN G 232 7.03 -11.61 -35.36
C ASN G 232 6.32 -12.93 -35.09
N GLY G 233 5.08 -13.06 -35.54
CA GLY G 233 4.31 -14.29 -35.37
C GLY G 233 4.69 -15.36 -36.37
N SER G 234 4.24 -16.59 -36.12
CA SER G 234 4.49 -17.69 -37.05
C SER G 234 3.63 -17.48 -38.30
N LEU G 235 4.18 -17.78 -39.46
CA LEU G 235 3.46 -17.51 -40.71
C LEU G 235 3.02 -18.77 -41.42
N ALA G 236 2.05 -18.59 -42.32
CA ALA G 236 1.41 -19.71 -43.04
C ALA G 236 2.40 -20.46 -43.92
N GLU G 237 2.07 -21.71 -44.23
CA GLU G 237 3.01 -22.59 -44.93
C GLU G 237 2.85 -22.54 -46.45
N GLU G 238 1.63 -22.32 -46.94
CA GLU G 238 1.38 -22.21 -48.37
C GLU G 238 0.74 -20.88 -48.74
N GLU G 239 -0.54 -20.72 -48.41
CA GLU G 239 -1.29 -19.53 -48.82
C GLU G 239 -1.48 -18.50 -47.72
N VAL G 240 -1.69 -17.25 -48.12
CA VAL G 240 -2.03 -16.19 -47.19
C VAL G 240 -3.47 -16.36 -46.73
N MET G 241 -3.65 -17.00 -45.58
CA MET G 241 -4.98 -17.36 -45.11
C MET G 241 -5.70 -16.19 -44.42
N ILE G 242 -6.92 -15.93 -44.87
CA ILE G 242 -7.72 -14.84 -44.33
C ILE G 242 -8.89 -15.38 -43.52
N ARG G 243 -8.79 -15.29 -42.20
CA ARG G 243 -9.74 -15.97 -41.32
C ARG G 243 -10.64 -15.00 -40.57
N SER G 244 -11.90 -15.40 -40.40
CA SER G 244 -12.88 -14.59 -39.69
C SER G 244 -13.98 -15.47 -39.10
N GLU G 245 -14.69 -14.95 -38.10
CA GLU G 245 -15.80 -15.67 -37.50
C GLU G 245 -16.99 -15.69 -38.45
N ASN G 246 -17.43 -14.49 -38.84
CA ASN G 246 -18.47 -14.31 -39.82
C ASN G 246 -18.01 -13.29 -40.85
N ILE G 247 -17.59 -13.77 -42.01
CA ILE G 247 -16.99 -12.90 -43.01
C ILE G 247 -18.04 -11.97 -43.62
N THR G 248 -19.25 -12.50 -43.84
CA THR G 248 -20.33 -11.73 -44.46
C THR G 248 -20.73 -10.52 -43.61
N ASN G 249 -20.60 -10.66 -42.29
CA ASN G 249 -20.94 -9.58 -41.38
C ASN G 249 -19.75 -8.65 -41.14
N ASN G 250 -19.95 -7.37 -41.45
CA ASN G 250 -18.89 -6.38 -41.36
C ASN G 250 -18.43 -6.12 -39.93
N ALA G 251 -19.30 -6.41 -38.97
CA ALA G 251 -19.01 -6.15 -37.56
C ALA G 251 -17.88 -7.01 -37.04
N LYS G 252 -17.61 -8.13 -37.72
CA LYS G 252 -16.53 -9.02 -37.33
C LYS G 252 -15.27 -8.73 -38.13
N ASN G 253 -14.14 -8.69 -37.45
CA ASN G 253 -12.86 -8.37 -38.09
C ASN G 253 -12.32 -9.53 -38.89
N ILE G 254 -11.30 -9.26 -39.70
CA ILE G 254 -10.67 -10.27 -40.51
C ILE G 254 -9.21 -10.46 -40.12
N LEU G 255 -8.85 -11.69 -39.82
CA LEU G 255 -7.49 -12.01 -39.41
C LEU G 255 -6.71 -12.54 -40.61
N VAL G 256 -5.82 -11.70 -41.12
CA VAL G 256 -4.97 -12.07 -42.23
C VAL G 256 -3.69 -12.67 -41.72
N GLN G 257 -3.35 -13.87 -42.18
CA GLN G 257 -2.08 -14.48 -41.79
C GLN G 257 -1.21 -14.60 -43.02
N PHE G 258 -0.07 -13.92 -43.00
CA PHE G 258 0.80 -13.83 -44.16
C PHE G 258 1.42 -15.17 -44.50
N ASN G 259 1.97 -15.26 -45.71
CA ASN G 259 2.73 -16.42 -46.14
C ASN G 259 4.21 -16.10 -46.12
N THR G 260 4.52 -14.87 -46.52
CA THR G 260 5.89 -14.38 -46.54
C THR G 260 6.07 -13.27 -45.52
N PRO G 261 7.23 -13.22 -44.85
CA PRO G 261 7.46 -12.14 -43.90
C PRO G 261 7.78 -10.84 -44.61
N VAL G 262 7.17 -9.74 -44.19
CA VAL G 262 7.53 -8.44 -44.73
C VAL G 262 8.21 -7.62 -43.62
N GLN G 263 9.53 -7.57 -43.72
CA GLN G 263 10.40 -6.96 -42.73
C GLN G 263 10.19 -5.45 -42.60
N ILE G 264 9.91 -4.98 -41.39
CA ILE G 264 9.65 -3.57 -41.14
C ILE G 264 10.59 -3.01 -40.06
N ASN G 265 11.46 -2.10 -40.47
CA ASN G 265 12.46 -1.53 -39.57
C ASN G 265 11.94 -0.27 -38.89
N CYS G 266 12.12 -0.15 -37.58
CA CYS G 266 11.59 0.99 -36.83
C CYS G 266 12.64 1.62 -35.91
N THR G 267 12.48 2.90 -35.59
CA THR G 267 13.49 3.62 -34.81
C THR G 267 13.06 4.95 -34.16
N ARG G 268 13.71 5.27 -33.04
CA ARG G 268 13.71 6.62 -32.47
C ARG G 268 15.10 7.19 -32.62
N PRO G 269 15.29 8.10 -33.59
CA PRO G 269 16.61 8.62 -33.97
C PRO G 269 17.31 9.47 -32.91
N ASN G 270 16.55 10.03 -31.98
CA ASN G 270 17.14 10.93 -30.98
C ASN G 270 17.91 10.18 -29.90
N ASN G 271 19.15 10.62 -29.66
CA ASN G 271 19.99 10.08 -28.58
C ASN G 271 19.56 10.66 -27.24
N ASN G 272 18.39 10.22 -26.75
CA ASN G 272 17.83 10.75 -25.50
C ASN G 272 18.66 10.42 -24.27
N THR G 273 18.53 11.26 -23.24
CA THR G 273 19.30 11.08 -22.01
C THR G 273 18.36 11.04 -20.80
N ARG G 274 18.75 10.29 -19.77
CA ARG G 274 17.93 10.16 -18.58
C ARG G 274 18.65 10.63 -17.32
N LYS G 275 17.99 11.50 -16.56
CA LYS G 275 18.44 11.86 -15.22
C LYS G 275 17.49 11.26 -14.20
N SER G 276 18.00 11.01 -13.00
CA SER G 276 17.21 10.38 -11.95
C SER G 276 16.91 11.38 -10.84
N ILE G 277 15.63 11.52 -10.49
CA ILE G 277 15.23 12.49 -9.49
C ILE G 277 14.79 11.81 -8.20
N ARG G 278 15.46 12.16 -7.11
CA ARG G 278 15.15 11.58 -5.81
C ARG G 278 13.86 12.10 -5.21
N ILE G 279 12.80 11.33 -5.37
CA ILE G 279 11.56 11.59 -4.66
C ILE G 279 11.84 11.40 -3.17
N GLY G 280 12.55 10.31 -2.88
CA GLY G 280 12.98 9.99 -1.54
C GLY G 280 11.87 9.63 -0.56
N PRO G 281 12.14 8.68 0.35
CA PRO G 281 13.34 7.85 0.34
C PRO G 281 13.08 6.50 -0.31
N GLY G 282 13.97 6.08 -1.21
CA GLY G 282 13.76 4.87 -1.98
C GLY G 282 13.06 5.17 -3.29
N GLN G 283 12.08 6.06 -3.24
CA GLN G 283 11.40 6.50 -4.45
C GLN G 283 12.33 7.38 -5.29
N ALA G 284 12.29 7.18 -6.60
CA ALA G 284 13.20 7.89 -7.51
C ALA G 284 12.63 7.96 -8.91
N PHE G 285 12.32 9.17 -9.37
CA PHE G 285 11.71 9.36 -10.68
C PHE G 285 12.77 9.50 -11.76
N TYR G 286 12.56 8.81 -12.87
CA TYR G 286 13.48 8.86 -13.99
C TYR G 286 13.01 9.87 -15.03
N ALA G 287 13.59 11.07 -14.95
CA ALA G 287 13.23 12.17 -15.85
C ALA G 287 13.92 12.00 -17.18
N THR G 288 13.41 12.71 -18.18
CA THR G 288 14.04 12.72 -19.50
C THR G 288 14.95 13.93 -19.63
N GLY G 289 16.25 13.66 -19.75
CA GLY G 289 17.25 14.70 -19.83
C GLY G 289 17.49 15.21 -21.25
N ASP G 290 18.52 16.03 -21.39
CA ASP G 290 18.88 16.68 -22.65
C ASP G 290 18.89 15.73 -23.85
N ILE G 291 18.49 16.25 -25.01
CA ILE G 291 18.55 15.50 -26.26
C ILE G 291 19.87 15.76 -26.96
N ILE G 292 20.70 14.74 -27.06
CA ILE G 292 22.03 14.89 -27.63
C ILE G 292 22.01 14.72 -29.13
N GLY G 293 22.18 15.83 -29.84
CA GLY G 293 22.19 15.82 -31.28
C GLY G 293 20.94 16.42 -31.88
N ASP G 294 20.60 15.96 -33.08
CA ASP G 294 19.47 16.51 -33.82
C ASP G 294 18.14 16.07 -33.24
N ILE G 295 17.10 16.85 -33.53
CA ILE G 295 15.75 16.50 -33.11
C ILE G 295 14.98 15.99 -34.32
N ARG G 296 14.86 14.68 -34.40
CA ARG G 296 14.23 14.03 -35.55
C ARG G 296 12.91 13.36 -35.17
N GLN G 297 12.40 12.57 -36.10
CA GLN G 297 11.06 12.00 -35.99
C GLN G 297 11.08 10.49 -36.01
N ALA G 298 10.35 9.87 -35.08
CA ALA G 298 10.25 8.43 -35.02
C ALA G 298 9.52 7.92 -36.25
N HIS G 299 9.93 6.75 -36.75
CA HIS G 299 9.34 6.21 -37.97
C HIS G 299 9.64 4.73 -38.18
N CYS G 300 8.99 4.15 -39.19
CA CYS G 300 9.23 2.77 -39.60
C CYS G 300 9.31 2.65 -41.12
N ASN G 301 10.16 1.75 -41.61
CA ASN G 301 10.28 1.52 -43.05
C ASN G 301 9.91 0.10 -43.43
N VAL G 302 9.12 -0.04 -44.49
CA VAL G 302 8.90 -1.34 -45.11
C VAL G 302 9.17 -1.19 -46.61
N SER G 303 9.52 -2.30 -47.26
CA SER G 303 9.73 -2.27 -48.70
C SER G 303 8.41 -2.03 -49.41
N LYS G 304 8.38 -1.02 -50.27
CA LYS G 304 7.19 -0.76 -51.07
C LYS G 304 6.98 -1.91 -52.04
N ALA G 305 8.07 -2.54 -52.44
CA ALA G 305 8.03 -3.68 -53.35
C ALA G 305 7.31 -4.86 -52.73
N THR G 306 7.74 -5.24 -51.53
CA THR G 306 7.18 -6.41 -50.87
C THR G 306 5.74 -6.16 -50.40
N TRP G 307 5.45 -4.93 -50.00
CA TRP G 307 4.12 -4.57 -49.54
C TRP G 307 3.13 -4.68 -50.70
N ASN G 308 3.56 -4.18 -51.86
CA ASN G 308 2.87 -4.37 -53.13
C ASN G 308 2.60 -5.86 -53.37
N GLU G 309 3.67 -6.64 -53.29
CA GLU G 309 3.60 -8.09 -53.50
C GLU G 309 2.64 -8.78 -52.54
N THR G 310 2.75 -8.47 -51.24
CA THR G 310 1.96 -9.15 -50.22
C THR G 310 0.53 -8.63 -50.17
N LEU G 311 0.31 -7.38 -50.55
CA LEU G 311 -1.05 -6.85 -50.63
C LEU G 311 -1.75 -7.41 -51.85
N GLY G 312 -0.96 -7.93 -52.79
CA GLY G 312 -1.50 -8.57 -53.96
C GLY G 312 -1.96 -9.97 -53.61
N LYS G 313 -1.30 -10.58 -52.64
CA LYS G 313 -1.64 -11.93 -52.21
C LYS G 313 -2.97 -11.96 -51.47
N VAL G 314 -3.21 -10.94 -50.64
CA VAL G 314 -4.44 -10.91 -49.85
C VAL G 314 -5.64 -10.69 -50.77
N VAL G 315 -5.41 -9.94 -51.85
CA VAL G 315 -6.47 -9.65 -52.81
C VAL G 315 -6.86 -10.89 -53.59
N LYS G 316 -5.86 -11.66 -54.02
CA LYS G 316 -6.10 -12.93 -54.68
C LYS G 316 -6.93 -13.86 -53.82
N GLN G 317 -6.72 -13.79 -52.51
CA GLN G 317 -7.47 -14.61 -51.56
C GLN G 317 -8.85 -14.02 -51.28
N LEU G 318 -8.91 -12.70 -51.14
CA LEU G 318 -10.17 -12.02 -50.83
C LEU G 318 -11.25 -12.25 -51.89
N ARG G 319 -10.86 -12.26 -53.16
CA ARG G 319 -11.82 -12.43 -54.25
C ARG G 319 -12.49 -13.80 -54.24
N LYS G 320 -11.96 -14.71 -53.43
CA LYS G 320 -12.57 -16.03 -53.29
C LYS G 320 -13.83 -15.94 -52.42
N HIS G 321 -14.04 -14.76 -51.82
CA HIS G 321 -15.14 -14.57 -50.89
C HIS G 321 -16.12 -13.48 -51.36
N PHE G 322 -15.70 -12.68 -52.33
CA PHE G 322 -16.49 -11.53 -52.74
C PHE G 322 -16.70 -11.44 -54.26
N GLY G 323 -16.23 -12.44 -54.99
CA GLY G 323 -16.43 -12.47 -56.43
C GLY G 323 -15.17 -12.18 -57.23
N ASN G 324 -15.08 -12.81 -58.40
CA ASN G 324 -13.92 -12.69 -59.26
C ASN G 324 -13.80 -11.32 -59.93
N ASN G 325 -14.94 -10.69 -60.20
CA ASN G 325 -14.98 -9.40 -60.88
C ASN G 325 -15.24 -8.26 -59.90
N THR G 326 -14.34 -8.09 -58.93
CA THR G 326 -14.58 -7.17 -57.83
C THR G 326 -13.37 -6.26 -57.56
N ILE G 327 -13.67 -5.01 -57.19
CA ILE G 327 -12.64 -4.06 -56.76
C ILE G 327 -12.41 -4.15 -55.25
N ILE G 328 -11.15 -4.27 -54.84
CA ILE G 328 -10.82 -4.33 -53.43
C ILE G 328 -9.70 -3.35 -53.08
N ARG G 329 -10.09 -2.14 -52.67
CA ARG G 329 -9.11 -1.11 -52.32
C ARG G 329 -8.90 -1.04 -50.81
N PHE G 330 -7.79 -0.39 -50.41
CA PHE G 330 -7.41 -0.30 -49.00
C PHE G 330 -7.41 1.15 -48.51
N ALA G 331 -8.06 1.38 -47.38
CA ALA G 331 -8.18 2.72 -46.82
C ALA G 331 -7.71 2.78 -45.37
N ASN G 332 -7.38 3.98 -44.90
CA ASN G 332 -6.88 4.15 -43.53
C ASN G 332 -8.02 4.15 -42.51
N SER G 333 -7.67 4.25 -41.22
CA SER G 333 -8.64 4.13 -40.15
C SER G 333 -9.76 5.15 -40.25
N SER G 334 -10.95 4.75 -39.82
CA SER G 334 -12.12 5.64 -39.88
C SER G 334 -12.07 6.70 -38.79
N GLY G 335 -11.65 6.30 -37.59
CA GLY G 335 -11.54 7.21 -36.48
C GLY G 335 -11.77 6.55 -35.14
N GLY G 336 -11.06 7.00 -34.12
CA GLY G 336 -11.19 6.45 -32.78
C GLY G 336 -10.03 6.81 -31.87
N ASP G 337 -9.72 5.91 -30.95
CA ASP G 337 -8.63 6.13 -30.00
C ASP G 337 -7.28 5.95 -30.67
N LEU G 338 -6.28 6.66 -30.16
CA LEU G 338 -4.89 6.52 -30.63
C LEU G 338 -4.42 5.07 -30.47
N GLU G 339 -5.02 4.37 -29.51
CA GLU G 339 -4.72 2.96 -29.27
C GLU G 339 -5.05 2.12 -30.51
N VAL G 340 -6.05 2.55 -31.28
CA VAL G 340 -6.51 1.75 -32.41
C VAL G 340 -6.33 2.43 -33.77
N THR G 341 -6.22 3.76 -33.79
CA THR G 341 -6.08 4.48 -35.06
C THR G 341 -4.67 4.37 -35.63
N THR G 342 -3.81 3.65 -34.93
CA THR G 342 -2.43 3.59 -35.32
C THR G 342 -1.73 2.31 -34.88
N HIS G 343 -0.79 1.87 -35.71
CA HIS G 343 0.04 0.70 -35.42
C HIS G 343 0.81 0.90 -34.12
N SER G 344 0.34 0.28 -33.04
CA SER G 344 0.98 0.42 -31.74
C SER G 344 1.92 -0.74 -31.46
N PHE G 345 3.06 -0.45 -30.85
CA PHE G 345 3.97 -1.50 -30.40
C PHE G 345 5.04 -0.98 -29.43
N ASN G 346 5.82 -1.90 -28.89
CA ASN G 346 6.97 -1.55 -28.08
C ASN G 346 8.20 -1.74 -28.94
N CYS G 347 9.22 -0.92 -28.71
CA CYS G 347 10.45 -1.01 -29.48
C CYS G 347 11.61 -0.49 -28.66
N GLY G 348 12.37 -1.41 -28.06
CA GLY G 348 13.49 -1.03 -27.23
C GLY G 348 13.10 -0.64 -25.80
N GLY G 349 11.81 -0.66 -25.52
CA GLY G 349 11.31 -0.31 -24.20
C GLY G 349 10.43 0.93 -24.17
N GLU G 350 10.09 1.44 -25.34
CA GLU G 350 9.21 2.60 -25.43
C GLU G 350 8.12 2.32 -26.45
N PHE G 351 7.04 3.08 -26.37
CA PHE G 351 5.82 2.71 -27.08
C PHE G 351 5.56 3.60 -28.28
N PHE G 352 5.21 2.95 -29.38
CA PHE G 352 5.14 3.59 -30.68
C PHE G 352 3.73 3.70 -31.20
N TYR G 353 3.51 4.70 -32.06
CA TYR G 353 2.20 4.96 -32.61
C TYR G 353 2.34 5.44 -34.05
N CYS G 354 2.44 4.47 -34.95
CA CYS G 354 2.85 4.69 -36.33
C CYS G 354 1.70 4.83 -37.31
N ASN G 355 1.63 5.98 -37.99
CA ASN G 355 0.59 6.26 -38.98
C ASN G 355 0.61 5.27 -40.14
N THR G 356 -0.50 4.55 -40.32
CA THR G 356 -0.58 3.48 -41.31
C THR G 356 -1.30 3.91 -42.59
N SER G 357 -1.54 5.21 -42.74
CA SER G 357 -2.19 5.76 -43.93
C SER G 357 -1.46 5.39 -45.21
N GLY G 358 -0.13 5.36 -45.14
CA GLY G 358 0.68 5.05 -46.30
C GLY G 358 0.59 3.61 -46.77
N LEU G 359 0.30 2.71 -45.84
CA LEU G 359 0.20 1.29 -46.18
C LEU G 359 -1.17 0.96 -46.74
N PHE G 360 -2.20 1.55 -46.15
CA PHE G 360 -3.57 1.26 -46.54
C PHE G 360 -4.12 2.43 -47.33
N ASN G 361 -3.77 2.41 -48.60
CA ASN G 361 -4.00 3.49 -49.55
C ASN G 361 -3.75 2.90 -50.92
N SER G 362 -4.75 2.16 -51.42
CA SER G 362 -4.58 1.39 -52.64
C SER G 362 -5.86 1.29 -53.45
N THR G 363 -5.83 0.37 -54.41
CA THR G 363 -6.97 -0.01 -55.24
C THR G 363 -6.55 -1.19 -56.12
N TRP G 364 -7.45 -2.14 -56.32
CA TRP G 364 -7.07 -3.37 -57.00
C TRP G 364 -8.09 -3.84 -58.03
N ILE G 365 -7.67 -3.83 -59.29
CA ILE G 365 -8.51 -4.20 -60.42
C ILE G 365 -8.54 -5.72 -60.59
N SER G 366 -9.60 -6.23 -61.22
CA SER G 366 -9.78 -7.67 -61.39
C SER G 366 -8.62 -8.32 -62.12
N ASN G 367 -8.13 -7.68 -63.19
CA ASN G 367 -6.99 -8.17 -63.93
C ASN G 367 -6.33 -7.07 -64.75
N ASN G 379 15.11 2.26 -55.97
CA ASN G 379 14.13 1.35 -55.36
C ASN G 379 14.08 1.53 -53.84
N ASP G 380 13.26 2.48 -53.41
CA ASP G 380 13.23 2.91 -52.02
C ASP G 380 12.22 2.14 -51.19
N SER G 381 11.83 2.72 -50.06
CA SER G 381 10.94 2.07 -49.11
C SER G 381 9.86 3.01 -48.58
N ILE G 382 8.91 2.45 -47.83
CA ILE G 382 7.78 3.22 -47.30
C ILE G 382 8.11 3.83 -45.93
N THR G 383 8.55 5.08 -45.92
CA THR G 383 8.76 5.77 -44.66
C THR G 383 7.41 6.09 -44.03
N LEU G 384 7.18 5.57 -42.83
CA LEU G 384 5.94 5.84 -42.13
C LEU G 384 6.23 6.37 -40.74
N PRO G 385 5.73 7.58 -40.43
CA PRO G 385 6.03 8.32 -39.20
C PRO G 385 5.37 7.70 -37.97
N CYS G 386 5.90 8.06 -36.80
CA CYS G 386 5.37 7.51 -35.55
C CYS G 386 5.35 8.57 -34.45
N ARG G 387 4.58 8.27 -33.40
CA ARG G 387 4.59 9.06 -32.17
C ARG G 387 5.08 8.16 -31.04
N ILE G 388 5.32 8.76 -29.88
CA ILE G 388 5.84 8.02 -28.73
C ILE G 388 5.24 8.53 -27.43
N LYS G 389 4.82 7.61 -26.56
CA LYS G 389 4.28 7.97 -25.26
C LYS G 389 5.08 7.34 -24.12
N GLN G 390 4.90 7.86 -22.91
CA GLN G 390 5.54 7.27 -21.73
C GLN G 390 4.52 6.85 -20.67
N ILE G 391 3.51 7.69 -20.44
CA ILE G 391 2.40 7.27 -19.60
C ILE G 391 1.38 6.58 -20.48
N ILE G 392 1.31 5.26 -20.35
CA ILE G 392 0.48 4.43 -21.23
C ILE G 392 -0.73 3.86 -20.51
N ASN G 393 -1.77 3.57 -21.29
CA ASN G 393 -3.05 3.11 -20.74
C ASN G 393 -3.59 1.91 -21.51
N MET G 394 -2.73 0.91 -21.68
CA MET G 394 -3.05 -0.25 -22.50
C MET G 394 -4.09 -1.14 -21.86
N TRP G 395 -4.54 -2.13 -22.63
CA TRP G 395 -5.57 -3.08 -22.19
C TRP G 395 -6.80 -2.42 -21.60
N GLN G 396 -7.21 -1.31 -22.21
CA GLN G 396 -8.37 -0.55 -21.75
C GLN G 396 -8.31 -0.29 -20.24
N ARG G 397 -7.23 0.36 -19.80
CA ARG G 397 -7.04 0.70 -18.39
C ARG G 397 -8.04 1.76 -17.94
N ILE G 398 -8.34 1.75 -16.65
CA ILE G 398 -9.34 2.68 -16.13
C ILE G 398 -8.87 3.38 -14.84
N GLY G 399 -8.38 2.62 -13.86
CA GLY G 399 -7.95 3.21 -12.60
C GLY G 399 -6.44 3.30 -12.40
N GLN G 400 -5.68 2.59 -13.22
CA GLN G 400 -4.23 2.58 -13.11
C GLN G 400 -3.59 2.83 -14.47
N CYS G 401 -2.46 3.53 -14.46
CA CYS G 401 -1.67 3.76 -15.65
C CYS G 401 -0.20 3.50 -15.34
N MET G 402 0.67 3.55 -16.35
CA MET G 402 2.07 3.20 -16.15
C MET G 402 3.03 4.09 -16.94
N TYR G 403 3.99 4.66 -16.24
CA TYR G 403 5.03 5.50 -16.82
C TYR G 403 6.22 4.64 -17.25
N ALA G 404 6.43 4.54 -18.56
CA ALA G 404 7.58 3.81 -19.09
C ALA G 404 8.81 4.72 -19.12
N PRO G 405 9.79 4.43 -18.25
CA PRO G 405 11.01 5.22 -18.08
C PRO G 405 11.70 5.54 -19.39
N PRO G 406 12.42 6.66 -19.45
CA PRO G 406 13.15 7.01 -20.67
C PRO G 406 14.22 5.96 -20.94
N ILE G 407 14.31 5.48 -22.17
CA ILE G 407 15.35 4.54 -22.52
C ILE G 407 16.53 5.28 -23.14
N GLN G 408 17.62 5.40 -22.38
CA GLN G 408 18.80 6.15 -22.80
C GLN G 408 19.40 5.68 -24.13
N GLY G 409 19.77 6.64 -24.97
CA GLY G 409 20.43 6.36 -26.24
C GLY G 409 19.51 6.33 -27.44
N VAL G 410 20.00 5.77 -28.53
CA VAL G 410 19.24 5.67 -29.78
C VAL G 410 18.59 4.31 -29.86
N ILE G 411 17.36 4.26 -30.37
CA ILE G 411 16.59 3.02 -30.39
C ILE G 411 16.21 2.60 -31.80
N ARG G 412 16.42 1.32 -32.12
CA ARG G 412 15.94 0.75 -33.37
C ARG G 412 15.67 -0.75 -33.23
N CYS G 413 14.55 -1.18 -33.81
CA CYS G 413 14.18 -2.59 -33.82
C CYS G 413 13.84 -3.04 -35.24
N VAL G 414 14.06 -4.32 -35.51
CA VAL G 414 13.72 -4.90 -36.80
C VAL G 414 12.79 -6.09 -36.59
N SER G 415 11.67 -6.10 -37.33
CA SER G 415 10.66 -7.13 -37.14
C SER G 415 9.96 -7.52 -38.43
N ASN G 416 9.40 -8.73 -38.47
CA ASN G 416 8.56 -9.15 -39.58
C ASN G 416 7.10 -8.82 -39.28
N ILE G 417 6.33 -8.56 -40.33
CA ILE G 417 4.89 -8.49 -40.20
C ILE G 417 4.32 -9.86 -40.52
N THR G 418 3.62 -10.44 -39.55
CA THR G 418 3.05 -11.78 -39.69
C THR G 418 1.58 -11.72 -40.11
N GLY G 419 0.88 -10.65 -39.72
CA GLY G 419 -0.51 -10.55 -40.09
C GLY G 419 -1.13 -9.18 -40.02
N LEU G 420 -2.45 -9.14 -40.14
CA LEU G 420 -3.23 -7.91 -40.10
C LEU G 420 -4.56 -8.17 -39.41
N ILE G 421 -5.18 -7.11 -38.90
CA ILE G 421 -6.54 -7.21 -38.38
C ILE G 421 -7.42 -6.23 -39.15
N LEU G 422 -7.87 -6.64 -40.32
CA LEU G 422 -8.56 -5.74 -41.25
C LEU G 422 -10.07 -5.67 -40.97
N THR G 423 -10.71 -4.64 -41.51
CA THR G 423 -12.13 -4.40 -41.28
C THR G 423 -12.81 -3.83 -42.53
N ARG G 424 -13.92 -4.47 -42.94
CA ARG G 424 -14.62 -4.10 -44.16
C ARG G 424 -15.75 -3.11 -43.88
N ASP G 425 -16.07 -2.29 -44.88
CA ASP G 425 -17.08 -1.25 -44.75
C ASP G 425 -18.49 -1.77 -45.07
N GLY G 426 -19.40 -1.60 -44.12
CA GLY G 426 -20.71 -2.23 -44.20
C GLY G 426 -21.78 -1.51 -45.00
N GLY G 427 -21.42 -0.39 -45.63
CA GLY G 427 -22.35 0.36 -46.44
C GLY G 427 -22.91 -0.50 -47.57
N SER G 428 -22.04 -1.31 -48.16
CA SER G 428 -22.42 -2.31 -49.16
C SER G 428 -23.15 -1.76 -50.39
N THR G 429 -24.46 -2.04 -50.46
CA THR G 429 -25.32 -1.81 -51.62
C THR G 429 -25.00 -2.78 -52.77
N ASN G 430 -24.45 -3.94 -52.41
CA ASN G 430 -24.08 -4.98 -53.39
C ASN G 430 -23.00 -4.48 -54.36
N SER G 431 -22.34 -3.39 -53.99
CA SER G 431 -21.30 -2.81 -54.84
C SER G 431 -20.08 -3.73 -54.88
N THR G 432 -19.50 -3.88 -56.06
CA THR G 432 -18.26 -4.64 -56.22
C THR G 432 -17.06 -3.78 -55.88
N THR G 433 -17.21 -2.92 -54.89
CA THR G 433 -16.16 -1.99 -54.49
C THR G 433 -15.99 -1.93 -52.98
N GLU G 434 -16.32 -3.03 -52.29
CA GLU G 434 -16.22 -3.06 -50.84
C GLU G 434 -14.76 -2.95 -50.40
N THR G 435 -14.44 -1.85 -49.73
CA THR G 435 -13.07 -1.56 -49.30
C THR G 435 -12.79 -2.06 -47.89
N PHE G 436 -11.51 -2.03 -47.51
CA PHE G 436 -11.08 -2.52 -46.20
C PHE G 436 -10.25 -1.49 -45.43
N ARG G 437 -10.26 -1.62 -44.11
CA ARG G 437 -9.52 -0.72 -43.23
C ARG G 437 -8.91 -1.51 -42.08
N PRO G 438 -7.72 -1.09 -41.62
CA PRO G 438 -7.09 -1.81 -40.51
C PRO G 438 -7.81 -1.55 -39.19
N GLY G 439 -7.89 -2.58 -38.34
CA GLY G 439 -8.55 -2.46 -37.05
C GLY G 439 -7.69 -2.98 -35.91
N GLY G 440 -8.28 -3.05 -34.72
CA GLY G 440 -7.60 -3.56 -33.54
C GLY G 440 -8.57 -3.70 -32.38
N GLY G 441 -8.38 -2.86 -31.37
CA GLY G 441 -9.27 -2.84 -30.21
C GLY G 441 -9.05 -4.00 -29.27
N ASP G 442 -9.83 -5.05 -29.45
CA ASP G 442 -9.72 -6.24 -28.60
C ASP G 442 -8.43 -6.99 -28.89
N MET G 443 -7.67 -7.26 -27.84
CA MET G 443 -6.34 -7.86 -27.99
C MET G 443 -6.38 -9.38 -27.98
N ARG G 444 -7.56 -9.95 -27.80
CA ARG G 444 -7.69 -11.39 -27.85
C ARG G 444 -7.45 -11.87 -29.28
N ASP G 445 -7.68 -10.99 -30.23
CA ASP G 445 -7.49 -11.27 -31.65
C ASP G 445 -6.06 -11.72 -31.94
N ASN G 446 -5.12 -11.15 -31.23
CA ASN G 446 -3.70 -11.45 -31.43
C ASN G 446 -3.35 -12.85 -30.99
N TRP G 447 -3.94 -13.30 -29.89
CA TRP G 447 -3.67 -14.62 -29.37
C TRP G 447 -4.54 -15.61 -30.12
N ARG G 448 -5.68 -15.10 -30.59
CA ARG G 448 -6.56 -15.84 -31.47
C ARG G 448 -5.84 -16.18 -32.76
N SER G 449 -4.95 -15.26 -33.17
CA SER G 449 -4.18 -15.39 -34.39
C SER G 449 -3.13 -16.49 -34.30
N GLU G 450 -2.60 -16.72 -33.10
CA GLU G 450 -1.57 -17.74 -32.94
C GLU G 450 -2.13 -19.07 -32.43
N LEU G 451 -3.24 -19.00 -31.71
CA LEU G 451 -3.80 -20.19 -31.06
C LEU G 451 -4.86 -20.91 -31.88
N TYR G 452 -4.99 -20.55 -33.16
CA TYR G 452 -6.01 -21.14 -34.03
C TYR G 452 -5.73 -22.63 -34.25
N LYS G 453 -4.47 -23.03 -34.08
CA LYS G 453 -4.08 -24.43 -34.27
C LYS G 453 -4.49 -25.34 -33.12
N TYR G 454 -4.93 -24.78 -32.01
CA TYR G 454 -5.03 -25.57 -30.80
C TYR G 454 -6.43 -25.64 -30.19
N LYS G 455 -6.61 -26.70 -29.40
CA LYS G 455 -7.87 -27.03 -28.75
C LYS G 455 -7.54 -27.92 -27.56
N VAL G 456 -8.24 -27.73 -26.44
CA VAL G 456 -7.97 -28.48 -25.22
C VAL G 456 -9.09 -29.50 -24.93
N VAL G 457 -8.71 -30.75 -24.67
CA VAL G 457 -9.69 -31.80 -24.39
C VAL G 457 -9.43 -32.58 -23.09
N LYS G 458 -10.53 -33.09 -22.53
CA LYS G 458 -10.51 -33.88 -21.31
C LYS G 458 -10.45 -35.38 -21.61
N ILE G 459 -9.40 -36.04 -21.14
CA ILE G 459 -9.20 -37.46 -21.44
C ILE G 459 -10.04 -38.36 -20.53
N GLU G 460 -10.79 -39.27 -21.15
CA GLU G 460 -11.64 -40.20 -20.42
C GLU G 460 -11.34 -41.63 -20.86
N PRO G 461 -10.55 -42.36 -20.05
CA PRO G 461 -9.96 -43.64 -20.45
C PRO G 461 -10.80 -44.88 -20.11
N LEU G 462 -11.91 -44.70 -19.40
CA LEU G 462 -12.67 -45.85 -18.95
C LEU G 462 -13.72 -46.30 -19.96
N GLY G 463 -13.30 -47.19 -20.86
CA GLY G 463 -14.19 -47.73 -21.86
C GLY G 463 -14.92 -48.95 -21.34
N VAL G 464 -16.16 -49.12 -21.78
CA VAL G 464 -16.94 -50.30 -21.46
C VAL G 464 -17.62 -50.80 -22.73
N ALA G 465 -17.51 -52.09 -23.00
CA ALA G 465 -18.03 -52.67 -24.22
C ALA G 465 -18.18 -54.17 -24.06
N PRO G 466 -19.12 -54.77 -24.81
CA PRO G 466 -19.32 -56.22 -24.71
C PRO G 466 -18.35 -57.05 -25.55
N THR G 467 -17.74 -58.04 -24.89
CA THR G 467 -17.06 -59.11 -25.58
C THR G 467 -17.50 -60.41 -24.88
N ARG G 468 -17.52 -61.52 -25.63
CA ARG G 468 -18.02 -62.78 -25.09
C ARG G 468 -17.14 -63.28 -23.95
N CYS G 469 -17.34 -62.74 -22.76
CA CYS G 469 -16.50 -63.10 -21.64
C CYS G 469 -17.17 -62.86 -20.30
N LYS G 470 -17.20 -63.90 -19.46
CA LYS G 470 -17.72 -63.79 -18.10
C LYS G 470 -16.56 -63.92 -17.13
N ARG G 471 -16.61 -63.20 -16.01
CA ARG G 471 -15.58 -63.39 -14.99
C ARG G 471 -15.88 -64.63 -14.15
N ARG G 472 -14.82 -65.25 -13.63
CA ARG G 472 -14.94 -66.52 -12.91
C ARG G 472 -15.79 -66.47 -11.65
N VAL G 473 -16.09 -67.66 -11.13
CA VAL G 473 -16.89 -67.79 -9.92
C VAL G 473 -15.98 -67.82 -8.69
N VAL H 7 4.08 -52.84 -32.97
CA VAL H 7 4.48 -51.48 -33.32
C VAL H 7 4.02 -50.49 -32.24
N PHE H 8 4.67 -49.33 -32.19
CA PHE H 8 4.38 -48.34 -31.17
C PHE H 8 4.01 -46.99 -31.80
N LEU H 9 2.74 -46.63 -31.68
CA LEU H 9 2.20 -45.46 -32.35
C LEU H 9 2.44 -44.17 -31.58
N GLY H 10 2.10 -44.19 -30.29
CA GLY H 10 2.19 -43.01 -29.46
C GLY H 10 0.91 -42.80 -28.68
N PHE H 11 0.98 -41.94 -27.67
CA PHE H 11 -0.16 -41.60 -26.85
C PHE H 11 -1.29 -41.08 -27.72
N LEU H 12 -2.43 -41.79 -27.69
CA LEU H 12 -3.62 -41.49 -28.46
C LEU H 12 -3.51 -41.87 -29.95
N GLY H 13 -2.37 -42.44 -30.34
CA GLY H 13 -2.13 -42.80 -31.73
C GLY H 13 -3.20 -43.65 -32.38
N ALA H 14 -3.81 -44.55 -31.60
CA ALA H 14 -4.90 -45.39 -32.10
C ALA H 14 -6.25 -44.71 -31.92
N ALA H 15 -6.30 -43.41 -32.18
CA ALA H 15 -7.53 -42.65 -32.12
C ALA H 15 -8.50 -43.14 -33.19
N GLY H 16 -8.05 -43.07 -34.43
CA GLY H 16 -8.82 -43.53 -35.56
C GLY H 16 -8.54 -44.98 -35.92
N SER H 17 -8.20 -45.79 -34.93
CA SER H 17 -8.01 -47.21 -35.12
C SER H 17 -9.23 -47.97 -34.60
N THR H 18 -9.41 -49.19 -35.09
CA THR H 18 -10.55 -50.00 -34.69
C THR H 18 -10.42 -50.38 -33.22
N MET H 19 -11.57 -50.56 -32.55
CA MET H 19 -11.61 -50.81 -31.12
C MET H 19 -10.85 -52.06 -30.72
N GLY H 20 -10.55 -52.92 -31.70
CA GLY H 20 -9.74 -54.09 -31.45
C GLY H 20 -8.27 -53.69 -31.41
N ALA H 21 -7.86 -52.92 -32.41
CA ALA H 21 -6.48 -52.47 -32.51
C ALA H 21 -6.16 -51.43 -31.45
N ALA H 22 -7.17 -50.67 -31.05
CA ALA H 22 -7.00 -49.67 -30.00
C ALA H 22 -6.97 -50.33 -28.63
N SER H 23 -7.54 -51.53 -28.54
CA SER H 23 -7.54 -52.27 -27.29
C SER H 23 -6.23 -53.02 -27.09
N MET H 24 -5.32 -52.83 -28.02
CA MET H 24 -3.96 -53.31 -27.84
C MET H 24 -3.20 -52.27 -27.05
N THR H 25 -3.06 -51.08 -27.65
CA THR H 25 -2.38 -49.96 -27.00
C THR H 25 -3.24 -49.33 -25.92
N LEU H 26 -3.35 -50.00 -24.78
CA LEU H 26 -4.08 -49.45 -23.65
C LEU H 26 -3.08 -48.96 -22.62
N THR H 27 -1.95 -49.65 -22.55
CA THR H 27 -0.93 -49.34 -21.56
C THR H 27 -0.14 -48.08 -21.90
N VAL H 28 -0.42 -47.51 -23.07
CA VAL H 28 0.25 -46.28 -23.50
C VAL H 28 -0.57 -45.06 -23.11
N GLN H 29 -1.88 -45.18 -23.21
CA GLN H 29 -2.76 -44.10 -22.78
C GLN H 29 -2.84 -44.08 -21.26
N ALA H 30 -2.73 -45.27 -20.66
CA ALA H 30 -2.75 -45.40 -19.21
C ALA H 30 -1.44 -44.90 -18.62
N ARG H 31 -0.40 -44.91 -19.44
CA ARG H 31 0.95 -44.53 -19.02
C ARG H 31 1.08 -43.02 -18.87
N ASN H 32 0.97 -42.32 -19.99
CA ASN H 32 1.08 -40.86 -20.00
C ASN H 32 -0.14 -40.22 -19.40
N LEU H 33 -0.33 -40.40 -18.09
CA LEU H 33 -1.58 -39.98 -17.45
C LEU H 33 -1.38 -39.46 -16.03
N LEU H 34 -0.14 -39.38 -15.58
CA LEU H 34 0.12 -38.92 -14.21
C LEU H 34 1.25 -37.89 -14.15
N SER H 35 2.50 -38.37 -14.19
CA SER H 35 3.64 -37.47 -14.15
C SER H 35 3.73 -36.68 -15.45
N GLY H 36 3.26 -37.29 -16.54
CA GLY H 36 3.25 -36.64 -17.83
C GLY H 36 3.20 -37.63 -18.98
N THR H 58 4.05 -15.04 -7.72
CA THR H 58 3.70 -16.44 -7.92
C THR H 58 2.41 -16.59 -8.74
N VAL H 59 2.46 -16.14 -9.99
CA VAL H 59 1.33 -16.27 -10.90
C VAL H 59 1.26 -17.68 -11.49
N TRP H 60 2.30 -18.09 -12.20
CA TRP H 60 2.34 -19.46 -12.75
C TRP H 60 2.29 -20.51 -11.65
N GLY H 61 2.69 -20.11 -10.44
CA GLY H 61 2.82 -21.02 -9.31
C GLY H 61 1.52 -21.63 -8.87
N ILE H 62 0.44 -20.85 -8.97
CA ILE H 62 -0.86 -21.34 -8.56
C ILE H 62 -1.47 -22.23 -9.65
N LYS H 63 -1.28 -21.83 -10.90
CA LYS H 63 -1.72 -22.63 -12.05
C LYS H 63 -1.20 -24.06 -11.93
N GLN H 64 0.09 -24.17 -11.63
CA GLN H 64 0.75 -25.46 -11.46
C GLN H 64 0.09 -26.32 -10.39
N LEU H 65 -0.38 -25.68 -9.31
CA LEU H 65 -0.86 -26.41 -8.15
C LEU H 65 -2.26 -26.99 -8.33
N GLN H 66 -3.16 -26.21 -8.93
CA GLN H 66 -4.52 -26.67 -9.16
C GLN H 66 -4.64 -27.46 -10.46
N ALA H 67 -3.50 -27.66 -11.11
CA ALA H 67 -3.40 -28.59 -12.24
C ALA H 67 -2.80 -29.88 -11.73
N ARG H 68 -1.93 -29.76 -10.73
CA ARG H 68 -1.28 -30.92 -10.13
C ARG H 68 -2.26 -31.76 -9.32
N VAL H 69 -3.23 -31.11 -8.70
CA VAL H 69 -4.24 -31.84 -7.92
C VAL H 69 -5.33 -32.38 -8.84
N LEU H 70 -5.66 -31.60 -9.86
CA LEU H 70 -6.70 -31.97 -10.82
C LEU H 70 -6.37 -33.30 -11.49
N ALA H 71 -5.08 -33.52 -11.73
CA ALA H 71 -4.62 -34.71 -12.43
C ALA H 71 -4.73 -35.96 -11.56
N VAL H 72 -4.54 -35.83 -10.26
CA VAL H 72 -4.64 -36.98 -9.36
C VAL H 72 -6.08 -37.18 -8.95
N GLU H 73 -6.85 -36.10 -8.88
CA GLU H 73 -8.27 -36.24 -8.58
C GLU H 73 -8.94 -37.00 -9.72
N ARG H 74 -8.68 -36.55 -10.95
CA ARG H 74 -9.25 -37.15 -12.14
C ARG H 74 -8.78 -38.59 -12.33
N TYR H 75 -7.53 -38.86 -11.95
CA TYR H 75 -6.97 -40.20 -12.07
C TYR H 75 -7.58 -41.15 -11.06
N LEU H 76 -7.67 -40.70 -9.81
CA LEU H 76 -8.15 -41.53 -8.72
C LEU H 76 -9.63 -41.89 -8.90
N ARG H 77 -10.37 -40.99 -9.55
CA ARG H 77 -11.79 -41.21 -9.77
C ARG H 77 -12.04 -42.41 -10.70
N ASP H 78 -11.03 -42.77 -11.49
CA ASP H 78 -11.12 -43.93 -12.35
C ASP H 78 -10.71 -45.19 -11.61
N GLN H 79 -9.68 -45.09 -10.78
CA GLN H 79 -9.25 -46.20 -9.94
C GLN H 79 -10.32 -46.52 -8.92
N GLN H 80 -11.00 -45.46 -8.48
CA GLN H 80 -12.15 -45.57 -7.61
C GLN H 80 -13.20 -46.51 -8.21
N LEU H 81 -13.52 -46.31 -9.49
CA LEU H 81 -14.48 -47.14 -10.19
C LEU H 81 -13.99 -48.57 -10.39
N LEU H 82 -12.76 -48.72 -10.88
CA LEU H 82 -12.18 -50.05 -11.09
C LEU H 82 -12.15 -50.86 -9.80
N GLY H 83 -12.01 -50.15 -8.68
CA GLY H 83 -11.92 -50.77 -7.37
C GLY H 83 -13.26 -51.12 -6.77
N ILE H 84 -14.30 -50.34 -7.07
CA ILE H 84 -15.65 -50.65 -6.59
C ILE H 84 -16.32 -51.61 -7.56
N TRP H 85 -15.62 -51.89 -8.65
CA TRP H 85 -15.89 -53.07 -9.45
C TRP H 85 -14.79 -54.04 -9.05
N GLY H 86 -14.56 -55.08 -9.84
CA GLY H 86 -13.50 -56.01 -9.48
C GLY H 86 -12.23 -55.80 -10.26
N CYS H 87 -12.18 -54.71 -11.01
CA CYS H 87 -11.21 -54.54 -12.08
C CYS H 87 -10.01 -53.66 -11.73
N SER H 88 -9.38 -53.95 -10.59
CA SER H 88 -8.18 -53.19 -10.17
C SER H 88 -6.93 -53.71 -10.89
N GLY H 89 -7.14 -54.58 -11.87
CA GLY H 89 -6.05 -55.28 -12.56
C GLY H 89 -4.97 -54.51 -13.29
N LYS H 90 -5.32 -53.80 -14.36
CA LYS H 90 -6.71 -53.66 -14.79
C LYS H 90 -6.85 -53.85 -16.29
N LEU H 91 -6.85 -52.72 -17.02
CA LEU H 91 -7.02 -52.71 -18.47
C LEU H 91 -8.34 -53.37 -18.86
N ILE H 92 -8.27 -54.57 -19.43
CA ILE H 92 -9.47 -55.33 -19.73
C ILE H 92 -9.90 -56.13 -18.51
N CYS H 93 -11.19 -56.06 -18.18
CA CYS H 93 -11.74 -56.82 -17.07
C CYS H 93 -13.16 -57.26 -17.38
N CYS H 94 -13.39 -58.57 -17.37
CA CYS H 94 -14.71 -59.11 -17.63
C CYS H 94 -15.56 -58.99 -16.39
N THR H 95 -16.88 -59.11 -16.55
CA THR H 95 -17.80 -58.98 -15.42
C THR H 95 -19.01 -59.91 -15.52
N ASN H 96 -19.95 -59.74 -14.60
CA ASN H 96 -21.12 -60.61 -14.50
C ASN H 96 -22.42 -59.92 -14.87
N VAL H 97 -22.34 -58.65 -15.28
CA VAL H 97 -23.54 -57.98 -15.76
C VAL H 97 -23.61 -58.18 -17.27
N PRO H 98 -24.71 -58.80 -17.75
CA PRO H 98 -24.85 -59.10 -19.17
C PRO H 98 -25.24 -57.89 -20.00
N TRP H 99 -24.84 -57.88 -21.27
CA TRP H 99 -25.05 -56.72 -22.12
C TRP H 99 -26.50 -56.54 -22.54
N ASN H 100 -27.16 -55.53 -22.00
CA ASN H 100 -28.49 -55.14 -22.45
C ASN H 100 -28.43 -54.68 -23.89
N SER H 101 -29.09 -55.44 -24.78
CA SER H 101 -29.05 -55.17 -26.21
C SER H 101 -29.53 -53.75 -26.54
N SER H 102 -30.40 -53.22 -25.70
CA SER H 102 -30.93 -51.86 -25.85
C SER H 102 -29.82 -50.81 -25.92
N TRP H 103 -28.71 -51.10 -25.25
CA TRP H 103 -27.58 -50.18 -25.18
C TRP H 103 -26.91 -49.98 -26.53
N SER H 104 -26.64 -51.09 -27.22
CA SER H 104 -26.00 -51.02 -28.53
C SER H 104 -26.71 -51.91 -29.54
N ASN H 105 -26.67 -53.22 -29.28
CA ASN H 105 -27.30 -54.29 -30.10
C ASN H 105 -26.52 -54.64 -31.38
N ARG H 106 -25.40 -53.96 -31.59
CA ARG H 106 -24.53 -54.26 -32.74
C ARG H 106 -23.79 -55.58 -32.55
N ASN H 107 -23.34 -56.18 -33.65
CA ASN H 107 -22.62 -57.44 -33.58
C ASN H 107 -21.16 -57.22 -33.22
N LEU H 108 -20.50 -58.28 -32.76
CA LEU H 108 -19.12 -58.21 -32.28
C LEU H 108 -18.17 -57.60 -33.30
N SER H 109 -18.18 -58.18 -34.50
CA SER H 109 -17.28 -57.78 -35.57
C SER H 109 -17.36 -56.29 -35.87
N GLU H 110 -18.58 -55.77 -35.90
CA GLU H 110 -18.80 -54.40 -36.35
C GLU H 110 -18.52 -53.36 -35.27
N ILE H 111 -17.98 -53.80 -34.13
CA ILE H 111 -17.54 -52.84 -33.14
C ILE H 111 -16.06 -53.03 -32.82
N TRP H 112 -15.57 -54.27 -32.84
CA TRP H 112 -14.19 -54.53 -32.49
C TRP H 112 -13.29 -54.45 -33.71
N ASP H 113 -13.80 -54.93 -34.84
CA ASP H 113 -13.05 -54.89 -36.09
C ASP H 113 -13.57 -53.81 -37.02
N ASN H 114 -14.39 -52.90 -36.48
CA ASN H 114 -14.96 -51.84 -37.29
C ASN H 114 -14.90 -50.48 -36.61
N MET H 115 -15.74 -50.27 -35.60
CA MET H 115 -15.89 -48.95 -34.99
C MET H 115 -14.70 -48.52 -34.13
N THR H 116 -14.61 -47.22 -33.91
CA THR H 116 -13.56 -46.66 -33.07
C THR H 116 -14.17 -46.20 -31.75
N TRP H 117 -13.32 -46.07 -30.74
CA TRP H 117 -13.79 -45.77 -29.39
C TRP H 117 -14.39 -44.38 -29.26
N LEU H 118 -13.86 -43.43 -30.03
CA LEU H 118 -14.44 -42.10 -30.13
C LEU H 118 -15.90 -42.21 -30.55
N GLN H 119 -16.11 -43.01 -31.58
CA GLN H 119 -17.43 -43.25 -32.13
C GLN H 119 -18.28 -44.05 -31.13
N TRP H 120 -17.75 -45.20 -30.73
CA TRP H 120 -18.43 -46.11 -29.81
C TRP H 120 -18.87 -45.45 -28.51
N ASP H 121 -18.06 -44.54 -28.00
CA ASP H 121 -18.37 -43.85 -26.74
C ASP H 121 -19.70 -43.10 -26.79
N LYS H 122 -20.01 -42.50 -27.94
CA LYS H 122 -21.20 -41.66 -28.03
C LYS H 122 -22.50 -42.47 -28.07
N GLU H 123 -22.40 -43.73 -28.49
CA GLU H 123 -23.58 -44.60 -28.51
C GLU H 123 -23.97 -45.03 -27.10
N ILE H 124 -23.01 -45.61 -26.38
CA ILE H 124 -23.23 -46.13 -25.03
C ILE H 124 -23.23 -45.02 -23.97
N SER H 125 -23.05 -43.78 -24.42
CA SER H 125 -22.94 -42.64 -23.51
C SER H 125 -24.21 -42.41 -22.72
N ASN H 126 -25.35 -42.77 -23.30
CA ASN H 126 -26.63 -42.50 -22.67
C ASN H 126 -26.89 -43.33 -21.41
N TYR H 127 -26.14 -44.42 -21.23
CA TYR H 127 -26.41 -45.33 -20.12
C TYR H 127 -25.17 -45.76 -19.34
N THR H 128 -24.07 -45.05 -19.50
CA THR H 128 -22.81 -45.46 -18.89
C THR H 128 -22.90 -45.48 -17.37
N GLN H 129 -23.58 -44.48 -16.81
CA GLN H 129 -23.72 -44.37 -15.36
C GLN H 129 -24.74 -45.37 -14.81
N ILE H 130 -25.70 -45.75 -15.66
CA ILE H 130 -26.66 -46.79 -15.29
C ILE H 130 -25.96 -48.15 -15.34
N ILE H 131 -25.10 -48.32 -16.33
CA ILE H 131 -24.29 -49.53 -16.46
C ILE H 131 -23.35 -49.67 -15.27
N TYR H 132 -22.74 -48.57 -14.86
CA TYR H 132 -21.83 -48.58 -13.72
C TYR H 132 -22.53 -49.05 -12.44
N GLY H 133 -23.79 -48.65 -12.27
CA GLY H 133 -24.57 -49.05 -11.11
C GLY H 133 -24.78 -50.56 -11.05
N LEU H 134 -24.98 -51.17 -12.21
CA LEU H 134 -25.10 -52.62 -12.30
C LEU H 134 -23.83 -53.29 -11.82
N LEU H 135 -22.70 -52.65 -12.10
CA LEU H 135 -21.39 -53.15 -11.73
C LEU H 135 -21.15 -53.05 -10.23
N GLU H 136 -21.54 -51.91 -9.66
CA GLU H 136 -21.34 -51.64 -8.23
C GLU H 136 -21.96 -52.71 -7.33
N GLU H 137 -23.24 -53.00 -7.55
CA GLU H 137 -23.93 -54.01 -6.76
C GLU H 137 -23.35 -55.40 -6.97
N SER H 138 -22.90 -55.67 -8.19
CA SER H 138 -22.44 -56.99 -8.57
C SER H 138 -21.13 -57.38 -7.88
N GLN H 139 -20.27 -56.39 -7.62
CA GLN H 139 -18.98 -56.66 -6.97
C GLN H 139 -19.15 -56.99 -5.50
N ASN H 140 -19.87 -56.14 -4.77
CA ASN H 140 -20.10 -56.38 -3.36
C ASN H 140 -20.86 -57.70 -3.15
N GLN H 141 -21.71 -58.03 -4.13
CA GLN H 141 -22.41 -59.29 -4.14
C GLN H 141 -21.43 -60.45 -4.25
N GLN H 142 -20.36 -60.26 -5.03
CA GLN H 142 -19.32 -61.28 -5.14
C GLN H 142 -18.61 -61.48 -3.80
N GLU H 143 -18.22 -60.37 -3.17
CA GLU H 143 -17.48 -60.41 -1.91
C GLU H 143 -18.30 -61.04 -0.79
N LYS H 144 -19.54 -60.58 -0.63
CA LYS H 144 -20.44 -61.11 0.40
C LYS H 144 -20.63 -62.61 0.21
N ASN H 145 -20.46 -63.08 -1.02
CA ASN H 145 -20.59 -64.48 -1.33
C ASN H 145 -19.31 -65.25 -1.06
N GLU H 146 -18.18 -64.70 -1.50
CA GLU H 146 -16.89 -65.38 -1.39
C GLU H 146 -16.45 -65.58 0.06
N GLN H 147 -16.92 -64.72 0.95
CA GLN H 147 -16.66 -64.90 2.37
C GLN H 147 -17.32 -66.18 2.85
N ASP H 148 -18.50 -66.46 2.30
CA ASP H 148 -19.27 -67.64 2.69
C ASP H 148 -18.58 -68.93 2.24
N LEU H 149 -17.84 -68.86 1.14
CA LEU H 149 -17.10 -70.01 0.64
C LEU H 149 -15.91 -70.32 1.55
N LEU H 150 -15.11 -69.31 1.84
CA LEU H 150 -13.95 -69.46 2.72
C LEU H 150 -14.42 -69.73 4.16
N ALA H 151 -15.66 -69.35 4.46
CA ALA H 151 -16.22 -69.62 5.77
C ALA H 151 -16.48 -71.10 5.97
N LEU H 152 -17.16 -71.71 5.01
CA LEU H 152 -17.48 -73.13 5.08
C LEU H 152 -16.24 -73.97 4.81
N ASP H 153 -15.35 -73.45 3.98
CA ASP H 153 -14.07 -74.12 3.68
C ASP H 153 -12.90 -73.25 4.11
N ALA I 1 16.31 -73.82 -13.92
CA ALA I 1 16.76 -73.00 -12.80
C ALA I 1 17.76 -71.94 -13.25
N GLU I 2 18.65 -72.33 -14.17
CA GLU I 2 19.70 -71.45 -14.69
C GLU I 2 19.14 -70.12 -15.16
N ASN I 3 17.99 -70.18 -15.83
CA ASN I 3 17.29 -68.99 -16.28
C ASN I 3 16.74 -68.18 -15.11
N LEU I 4 17.16 -66.93 -14.99
CA LEU I 4 16.70 -66.04 -13.94
C LEU I 4 15.62 -65.10 -14.46
N TRP I 5 14.73 -64.68 -13.58
CA TRP I 5 13.68 -63.74 -13.93
C TRP I 5 13.70 -62.56 -12.98
N VAL I 6 13.49 -61.37 -13.53
CA VAL I 6 13.38 -60.19 -12.70
C VAL I 6 12.06 -60.22 -11.94
N THR I 7 12.15 -59.92 -10.65
CA THR I 7 10.97 -59.77 -9.83
C THR I 7 11.06 -58.43 -9.14
N VAL I 8 10.00 -57.65 -9.18
CA VAL I 8 10.06 -56.28 -8.69
C VAL I 8 9.83 -56.21 -7.18
N TYR I 9 10.48 -55.24 -6.54
CA TYR I 9 10.39 -55.06 -5.10
C TYR I 9 9.86 -53.69 -4.75
N TYR I 10 8.87 -53.66 -3.87
CA TYR I 10 8.33 -52.40 -3.37
C TYR I 10 8.62 -52.26 -1.89
N GLY I 11 9.32 -51.17 -1.54
CA GLY I 11 9.68 -50.91 -0.16
C GLY I 11 11.17 -51.14 0.07
N VAL I 12 11.94 -51.09 -1.01
CA VAL I 12 13.37 -51.29 -0.94
C VAL I 12 14.05 -50.09 -0.27
N PRO I 13 14.94 -50.36 0.68
CA PRO I 13 15.70 -49.29 1.36
C PRO I 13 16.81 -48.68 0.49
N VAL I 14 16.45 -47.68 -0.31
CA VAL I 14 17.43 -46.95 -1.10
C VAL I 14 16.92 -45.55 -1.45
N TRP I 15 17.86 -44.60 -1.50
CA TRP I 15 17.53 -43.19 -1.71
C TRP I 15 18.49 -42.51 -2.70
N LYS I 16 17.97 -41.52 -3.42
CA LYS I 16 18.82 -40.67 -4.25
C LYS I 16 18.93 -39.29 -3.62
N ASP I 17 20.10 -38.67 -3.73
CA ASP I 17 20.28 -37.33 -3.18
C ASP I 17 19.32 -36.35 -3.84
N ALA I 18 18.81 -35.41 -3.04
CA ALA I 18 17.70 -34.59 -3.51
C ALA I 18 17.78 -33.14 -3.07
N GLU I 19 16.77 -32.39 -3.51
CA GLU I 19 16.41 -31.11 -2.96
C GLU I 19 14.91 -31.07 -2.93
N THR I 20 14.33 -30.52 -1.88
CA THR I 20 12.89 -30.33 -1.84
C THR I 20 12.49 -29.34 -0.77
N THR I 21 11.27 -28.83 -0.90
CA THR I 21 10.71 -27.95 0.10
C THR I 21 10.42 -28.74 1.37
N LEU I 22 11.06 -28.34 2.47
CA LEU I 22 10.79 -28.93 3.78
C LEU I 22 9.72 -28.10 4.49
N PHE I 23 9.38 -28.45 5.72
CA PHE I 23 8.49 -27.58 6.49
C PHE I 23 8.90 -27.53 7.95
N CYS I 24 8.40 -26.50 8.63
CA CYS I 24 8.84 -26.18 9.99
C CYS I 24 8.06 -26.94 11.05
N ALA I 25 8.73 -27.16 12.19
CA ALA I 25 8.07 -27.69 13.38
C ALA I 25 8.55 -26.95 14.62
N SER I 26 7.62 -26.65 15.52
CA SER I 26 7.95 -25.98 16.78
C SER I 26 7.11 -26.59 17.88
N ASP I 27 7.30 -26.15 19.13
CA ASP I 27 6.61 -26.78 20.24
C ASP I 27 5.48 -25.92 20.82
N ALA I 28 4.68 -26.54 21.70
CA ALA I 28 3.48 -25.92 22.25
C ALA I 28 3.77 -24.68 23.07
N LYS I 29 4.92 -24.63 23.71
CA LYS I 29 5.29 -23.49 24.55
C LYS I 29 5.54 -22.24 23.71
N ALA I 30 5.81 -22.45 22.41
CA ALA I 30 6.00 -21.35 21.48
C ALA I 30 4.68 -20.64 21.18
N TYR I 31 3.59 -21.40 21.21
CA TYR I 31 2.26 -20.83 21.01
C TYR I 31 1.72 -20.28 22.34
N GLU I 32 2.21 -20.85 23.44
CA GLU I 32 1.87 -20.36 24.77
C GLU I 32 2.53 -19.01 25.02
N THR I 33 3.49 -18.66 24.18
CA THR I 33 4.16 -17.37 24.24
C THR I 33 3.14 -16.25 23.97
N GLU I 34 2.07 -16.60 23.23
CA GLU I 34 1.00 -15.68 22.84
C GLU I 34 1.50 -14.28 22.51
N LYS I 35 0.78 -13.28 23.01
CA LYS I 35 1.12 -11.88 22.83
C LYS I 35 1.29 -11.47 21.36
N HIS I 36 0.83 -12.32 20.44
CA HIS I 36 0.90 -12.07 18.99
C HIS I 36 2.31 -11.72 18.50
N ASN I 37 3.33 -12.30 19.13
CA ASN I 37 4.70 -11.82 18.99
C ASN I 37 5.64 -12.65 18.13
N VAL I 38 5.72 -13.94 18.37
CA VAL I 38 6.69 -14.76 17.66
C VAL I 38 6.30 -14.85 16.19
N TRP I 39 7.31 -14.82 15.31
CA TRP I 39 7.04 -14.95 13.88
C TRP I 39 6.86 -16.39 13.40
N ALA I 40 5.72 -16.62 12.76
CA ALA I 40 5.45 -17.85 12.02
C ALA I 40 5.39 -19.11 12.90
N THR I 41 5.39 -18.92 14.22
CA THR I 41 5.21 -20.05 15.13
C THR I 41 3.82 -20.62 14.99
N HIS I 42 2.89 -19.77 14.56
CA HIS I 42 1.48 -20.12 14.48
C HIS I 42 1.17 -20.99 13.26
N ALA I 43 1.66 -20.58 12.10
CA ALA I 43 1.48 -21.33 10.86
C ALA I 43 2.35 -22.58 10.87
N CYS I 44 3.35 -22.58 11.75
CA CYS I 44 4.28 -23.69 11.87
C CYS I 44 3.67 -24.88 12.60
N VAL I 45 3.80 -26.05 11.99
CA VAL I 45 3.27 -27.30 12.53
C VAL I 45 3.95 -27.63 13.88
N PRO I 46 3.37 -28.53 14.69
CA PRO I 46 4.06 -28.85 15.95
C PRO I 46 5.17 -29.87 15.82
N THR I 47 5.85 -30.15 16.93
CA THR I 47 6.91 -31.15 16.96
C THR I 47 6.35 -32.50 17.40
N ASP I 48 7.24 -33.44 17.66
CA ASP I 48 6.82 -34.76 18.12
C ASP I 48 7.07 -34.92 19.62
N PRO I 49 6.11 -35.52 20.33
CA PRO I 49 6.28 -35.72 21.78
C PRO I 49 7.32 -36.80 22.05
N ASN I 50 7.35 -37.82 21.22
CA ASN I 50 8.38 -38.85 21.27
C ASN I 50 9.11 -38.99 19.93
N PRO I 51 10.12 -38.13 19.71
CA PRO I 51 10.86 -38.16 18.46
C PRO I 51 11.74 -39.40 18.35
N GLN I 52 11.87 -39.96 17.15
CA GLN I 52 12.73 -41.13 16.93
C GLN I 52 13.64 -40.92 15.72
N GLU I 53 14.93 -41.17 15.91
CA GLU I 53 15.86 -41.17 14.79
C GLU I 53 16.51 -42.55 14.66
N ILE I 54 16.11 -43.26 13.61
CA ILE I 54 16.57 -44.63 13.41
C ILE I 54 18.00 -44.66 12.90
N HIS I 55 18.88 -45.26 13.69
CA HIS I 55 20.26 -45.43 13.28
C HIS I 55 20.30 -46.44 12.15
N LEU I 56 21.09 -46.14 11.12
CA LEU I 56 21.25 -47.05 10.01
C LEU I 56 22.62 -47.72 10.12
N GLU I 57 22.62 -48.99 10.52
CA GLU I 57 23.87 -49.72 10.75
C GLU I 57 24.49 -50.12 9.42
N ASN I 58 25.82 -50.17 9.38
CA ASN I 58 26.58 -50.67 8.22
C ASN I 58 26.55 -49.79 6.97
N VAL I 59 26.14 -48.53 7.10
CA VAL I 59 26.08 -47.66 5.92
C VAL I 59 26.90 -46.38 6.12
N THR I 60 27.53 -45.92 5.05
CA THR I 60 28.29 -44.68 5.05
C THR I 60 27.65 -43.72 4.05
N GLU I 61 27.76 -42.41 4.31
CA GLU I 61 27.15 -41.41 3.43
C GLU I 61 28.04 -40.18 3.26
N GLU I 62 28.26 -39.79 2.00
CA GLU I 62 29.13 -38.67 1.66
C GLU I 62 28.46 -37.29 1.84
N PHE I 63 28.66 -36.70 3.02
CA PHE I 63 28.10 -35.38 3.31
C PHE I 63 28.93 -34.25 2.71
N ASN I 64 28.28 -33.11 2.47
CA ASN I 64 28.96 -31.86 2.11
C ASN I 64 28.09 -30.68 2.53
N MET I 65 28.53 -29.99 3.58
CA MET I 65 27.76 -28.90 4.15
C MET I 65 27.91 -27.59 3.39
N TRP I 66 28.88 -27.53 2.48
CA TRP I 66 29.16 -26.31 1.74
C TRP I 66 28.43 -26.35 0.40
N LYS I 67 27.75 -27.45 0.16
CA LYS I 67 26.95 -27.59 -1.05
C LYS I 67 25.59 -28.19 -0.69
N ASN I 68 25.02 -27.64 0.38
CA ASN I 68 23.73 -28.03 0.90
C ASN I 68 22.65 -27.06 0.43
N ASN I 69 21.38 -27.47 0.50
CA ASN I 69 20.29 -26.59 0.12
C ASN I 69 19.52 -26.08 1.33
N MET I 70 19.28 -26.95 2.30
CA MET I 70 18.36 -26.65 3.39
C MET I 70 18.86 -25.54 4.29
N VAL I 71 20.06 -25.06 4.02
CA VAL I 71 20.58 -23.86 4.67
C VAL I 71 20.26 -22.66 3.79
N GLU I 72 20.23 -22.88 2.48
CA GLU I 72 19.85 -21.82 1.55
C GLU I 72 18.36 -21.62 1.63
N GLN I 73 17.66 -22.73 1.78
CA GLN I 73 16.22 -22.73 1.99
C GLN I 73 15.89 -22.01 3.29
N MET I 74 16.59 -22.37 4.37
CA MET I 74 16.38 -21.76 5.67
C MET I 74 16.66 -20.26 5.66
N HIS I 75 17.85 -19.90 5.20
CA HIS I 75 18.26 -18.49 5.05
C HIS I 75 17.14 -17.70 4.39
N THR I 76 16.59 -18.27 3.31
CA THR I 76 15.48 -17.66 2.59
C THR I 76 14.20 -17.58 3.42
N ASP I 77 13.83 -18.71 4.05
CA ASP I 77 12.66 -18.74 4.91
C ASP I 77 12.71 -17.66 5.97
N ILE I 78 13.91 -17.43 6.53
CA ILE I 78 14.09 -16.43 7.56
C ILE I 78 13.91 -15.00 7.03
N ILE I 79 14.44 -14.73 5.85
CA ILE I 79 14.31 -13.41 5.23
C ILE I 79 12.86 -13.11 4.84
N SER I 80 12.18 -14.11 4.29
CA SER I 80 10.80 -13.95 3.87
C SER I 80 9.92 -13.73 5.08
N LEU I 81 9.91 -14.72 5.96
CA LEU I 81 9.19 -14.72 7.23
C LEU I 81 9.24 -13.36 7.92
N TRP I 82 10.46 -12.83 8.02
CA TRP I 82 10.71 -11.52 8.60
C TRP I 82 10.06 -10.38 7.82
N ASP I 83 10.16 -10.44 6.50
CA ASP I 83 9.69 -9.37 5.63
C ASP I 83 8.16 -9.32 5.53
N GLN I 84 7.52 -10.47 5.73
CA GLN I 84 6.06 -10.53 5.74
C GLN I 84 5.50 -9.93 7.02
N SER I 85 6.33 -9.93 8.06
CA SER I 85 5.92 -9.40 9.35
C SER I 85 5.78 -7.87 9.34
N LEU I 86 6.51 -7.21 8.45
CA LEU I 86 6.61 -5.76 8.47
C LEU I 86 5.54 -5.06 7.64
N LYS I 87 4.80 -5.83 6.85
CA LYS I 87 3.72 -5.27 6.05
C LYS I 87 2.68 -4.51 6.90
N PRO I 88 2.15 -5.13 7.98
CA PRO I 88 1.18 -4.37 8.77
C PRO I 88 1.82 -3.22 9.56
N CYS I 89 3.03 -3.45 10.05
CA CYS I 89 3.76 -2.48 10.86
C CYS I 89 3.91 -1.12 10.16
N VAL I 90 3.86 -0.06 10.96
CA VAL I 90 3.63 1.30 10.45
C VAL I 90 4.83 1.86 9.68
N LYS I 91 4.54 2.66 8.66
CA LYS I 91 5.59 3.28 7.86
C LYS I 91 6.02 4.61 8.45
N LEU I 92 7.33 4.82 8.55
CA LEU I 92 7.88 6.06 9.08
C LEU I 92 8.28 7.03 7.98
N THR I 93 7.46 7.06 6.93
CA THR I 93 7.64 7.97 5.80
C THR I 93 7.85 9.42 6.22
N PRO I 94 6.99 9.98 7.09
CA PRO I 94 7.18 11.41 7.38
C PRO I 94 8.25 11.69 8.43
N LEU I 95 8.79 10.64 9.07
CA LEU I 95 9.85 10.84 10.04
C LEU I 95 11.13 11.28 9.34
N CYS I 96 11.22 11.00 8.05
CA CYS I 96 12.31 11.53 7.24
C CYS I 96 12.12 13.03 7.05
N VAL I 97 12.77 13.78 7.92
CA VAL I 97 12.54 15.21 8.03
C VAL I 97 13.80 15.88 8.56
N THR I 98 13.97 17.16 8.26
CA THR I 98 15.10 17.92 8.79
C THR I 98 15.00 18.05 10.31
N LEU I 99 15.76 17.21 11.01
CA LEU I 99 15.81 17.27 12.47
C LEU I 99 16.68 18.43 12.91
N GLN I 100 16.44 18.91 14.12
CA GLN I 100 17.29 19.92 14.75
C GLN I 100 17.79 19.38 16.08
N CYS I 101 19.00 18.83 16.07
CA CYS I 101 19.46 18.03 17.19
C CYS I 101 20.60 18.65 17.99
N THR I 102 20.65 18.29 19.27
CA THR I 102 21.72 18.70 20.18
C THR I 102 22.32 17.47 20.85
N ASN I 103 23.03 17.68 21.96
CA ASN I 103 23.52 16.56 22.74
C ASN I 103 22.61 16.32 23.93
N VAL I 104 22.70 15.14 24.52
CA VAL I 104 21.88 14.81 25.68
C VAL I 104 22.48 15.43 26.94
N THR I 105 21.63 15.74 27.92
CA THR I 105 22.07 16.34 29.18
C THR I 105 23.13 15.48 29.85
N ASN I 106 24.37 15.98 29.87
CA ASN I 106 25.50 15.21 30.34
C ASN I 106 26.71 16.07 30.70
N ASN I 107 27.53 15.57 31.62
CA ASN I 107 28.81 16.19 31.95
C ASN I 107 29.93 15.18 31.82
N ILE I 108 30.35 14.94 30.58
CA ILE I 108 31.38 13.96 30.28
C ILE I 108 32.66 14.67 29.82
N THR I 109 33.78 13.97 29.90
CA THR I 109 35.04 14.54 29.43
C THR I 109 35.03 14.70 27.91
N ASP I 110 35.62 15.80 27.47
CA ASP I 110 35.62 16.22 26.06
C ASP I 110 35.93 15.07 25.09
N ASP I 111 36.87 14.21 25.48
CA ASP I 111 37.25 13.04 24.69
C ASP I 111 36.06 12.15 24.36
N MET I 112 35.18 11.96 25.33
CA MET I 112 34.02 11.10 25.17
C MET I 112 32.95 11.79 24.33
N ARG I 113 32.75 11.31 23.10
CA ARG I 113 31.81 11.92 22.18
C ARG I 113 30.36 11.63 22.60
N GLY I 114 29.45 12.50 22.19
CA GLY I 114 28.04 12.34 22.51
C GLY I 114 27.36 11.39 21.56
N GLU I 115 26.78 10.32 22.09
CA GLU I 115 26.16 9.29 21.28
C GLU I 115 24.64 9.30 21.39
N LEU I 116 24.10 10.28 22.12
CA LEU I 116 22.67 10.41 22.29
C LEU I 116 22.21 11.81 21.92
N LYS I 117 21.73 11.96 20.69
CA LYS I 117 21.33 13.29 20.21
C LYS I 117 19.84 13.56 20.43
N ASN I 118 19.55 14.61 21.20
CA ASN I 118 18.18 15.04 21.47
C ASN I 118 17.65 15.87 20.30
N CYS I 119 16.76 15.27 19.51
CA CYS I 119 16.31 15.88 18.26
C CYS I 119 14.84 16.32 18.27
N SER I 120 14.62 17.59 17.93
CA SER I 120 13.28 18.13 17.82
C SER I 120 12.94 18.34 16.35
N PHE I 121 11.67 18.15 16.00
CA PHE I 121 11.28 18.13 14.60
C PHE I 121 9.78 18.35 14.41
N ASN I 122 9.42 18.98 13.30
CA ASN I 122 8.02 19.11 12.92
C ASN I 122 7.47 17.79 12.47
N MET I 123 6.65 17.17 13.31
CA MET I 123 6.01 15.91 12.94
C MET I 123 4.56 16.15 12.53
N THR I 124 3.99 15.18 11.83
CA THR I 124 2.62 15.26 11.33
C THR I 124 1.59 15.01 12.44
N THR I 125 0.36 15.45 12.21
CA THR I 125 -0.72 15.26 13.19
C THR I 125 -1.78 14.31 12.65
N GLU I 126 -2.70 13.92 13.54
CA GLU I 126 -3.85 13.09 13.17
C GLU I 126 -4.68 13.76 12.06
N LEU I 127 -4.58 15.08 11.99
CA LEU I 127 -5.30 15.88 11.01
C LEU I 127 -4.32 16.42 9.97
N ARG I 128 -4.71 16.35 8.70
CA ARG I 128 -3.89 16.88 7.62
C ARG I 128 -3.63 18.37 7.80
N ASP I 129 -4.57 19.05 8.45
CA ASP I 129 -4.50 20.50 8.60
C ASP I 129 -3.27 20.97 9.39
N LYS I 130 -2.88 20.20 10.40
CA LYS I 130 -1.91 20.71 11.36
C LYS I 130 -0.58 19.97 11.37
N LYS I 131 0.30 20.42 12.26
CA LYS I 131 1.63 19.87 12.43
C LYS I 131 1.95 19.87 13.92
N GLN I 132 3.08 19.27 14.29
CA GLN I 132 3.50 19.30 15.69
C GLN I 132 5.01 19.17 15.86
N LYS I 133 5.61 20.20 16.44
CA LYS I 133 7.01 20.10 16.85
C LYS I 133 7.09 19.20 18.07
N VAL I 134 7.83 18.10 17.95
CA VAL I 134 7.96 17.14 19.03
C VAL I 134 9.40 16.65 19.04
N TYR I 135 9.90 16.22 20.19
CA TYR I 135 11.29 15.80 20.28
C TYR I 135 11.44 14.30 20.55
N SER I 136 12.56 13.75 20.10
CA SER I 136 12.90 12.37 20.39
C SER I 136 14.41 12.25 20.53
N LEU I 137 14.86 11.12 21.05
CA LEU I 137 16.28 10.86 21.22
C LEU I 137 16.78 9.83 20.22
N PHE I 138 17.91 10.13 19.60
CA PHE I 138 18.48 9.26 18.59
C PHE I 138 19.96 8.98 18.85
N TYR I 139 20.41 7.79 18.49
CA TYR I 139 21.81 7.45 18.57
C TYR I 139 22.54 8.15 17.43
N ARG I 140 23.83 8.43 17.62
CA ARG I 140 24.65 9.11 16.62
C ARG I 140 24.68 8.34 15.29
N LEU I 141 24.51 7.02 15.37
CA LEU I 141 24.58 6.17 14.19
C LEU I 141 23.27 6.19 13.40
N ASP I 142 22.19 6.62 14.05
CA ASP I 142 20.89 6.66 13.40
C ASP I 142 20.63 8.02 12.74
N VAL I 143 21.61 8.90 12.77
CA VAL I 143 21.47 10.23 12.20
C VAL I 143 22.72 10.67 11.46
N VAL I 144 22.55 11.62 10.54
CA VAL I 144 23.68 12.22 9.83
C VAL I 144 23.55 13.73 9.82
N GLN I 145 24.68 14.41 9.97
CA GLN I 145 24.69 15.87 9.88
C GLN I 145 24.30 16.30 8.49
N ILE I 146 23.24 17.08 8.39
CA ILE I 146 22.82 17.63 7.12
C ILE I 146 23.16 19.10 7.09
N ASN I 147 23.67 19.56 5.96
CA ASN I 147 24.07 20.96 5.82
C ASN I 147 24.17 21.38 4.36
N SER I 157 24.05 29.26 13.03
CA SER I 157 24.74 28.07 12.54
C SER I 157 24.19 26.81 13.18
N ASN I 158 22.93 26.49 12.86
CA ASN I 158 22.24 25.36 13.47
C ASN I 158 22.92 24.01 13.27
N LYS I 159 22.71 23.11 14.23
CA LYS I 159 23.21 21.75 14.14
C LYS I 159 22.06 20.82 13.77
N GLU I 160 21.78 20.71 12.48
CA GLU I 160 20.62 19.95 12.00
C GLU I 160 21.01 18.61 11.36
N TYR I 161 20.16 17.61 11.57
CA TYR I 161 20.47 16.25 11.15
C TYR I 161 19.29 15.62 10.41
N ARG I 162 19.49 14.37 9.98
CA ARG I 162 18.44 13.57 9.36
C ARG I 162 18.63 12.11 9.70
N LEU I 163 17.56 11.33 9.64
CA LEU I 163 17.69 9.88 9.79
C LEU I 163 18.48 9.35 8.61
N ILE I 164 19.46 8.49 8.89
CA ILE I 164 20.43 8.05 7.89
C ILE I 164 19.80 7.33 6.70
N ASN I 165 18.63 6.73 6.90
CA ASN I 165 18.00 5.97 5.82
C ASN I 165 17.44 6.86 4.71
N CYS I 166 17.23 8.14 5.01
CA CYS I 166 16.51 9.05 4.12
C CYS I 166 17.04 9.12 2.68
N ASN I 167 18.31 8.76 2.45
CA ASN I 167 18.82 8.78 1.09
C ASN I 167 19.03 7.39 0.52
N THR I 168 19.12 6.39 1.39
CA THR I 168 19.29 5.02 0.93
C THR I 168 17.94 4.31 0.75
N SER I 169 17.11 4.32 1.79
CA SER I 169 15.88 3.52 1.75
C SER I 169 14.74 4.09 2.56
N ALA I 170 13.57 3.46 2.44
CA ALA I 170 12.41 3.83 3.24
C ALA I 170 12.47 3.13 4.60
N CYS I 171 11.52 3.43 5.47
CA CYS I 171 11.58 2.96 6.84
C CYS I 171 10.21 2.55 7.37
N THR I 172 10.18 1.44 8.12
CA THR I 172 8.95 0.86 8.65
C THR I 172 9.11 0.36 10.09
N GLN I 173 8.34 0.94 11.01
CA GLN I 173 8.49 0.65 12.42
C GLN I 173 7.94 -0.71 12.83
N ALA I 174 8.81 -1.59 13.29
CA ALA I 174 8.41 -2.91 13.77
C ALA I 174 7.34 -2.80 14.85
N CYS I 175 6.33 -3.67 14.77
CA CYS I 175 5.29 -3.67 15.80
C CYS I 175 5.87 -4.18 17.12
N PRO I 176 5.70 -3.40 18.19
CA PRO I 176 6.18 -3.77 19.53
C PRO I 176 5.44 -5.01 20.02
N LYS I 177 4.32 -5.26 19.37
CA LYS I 177 3.50 -6.43 19.64
C LYS I 177 4.07 -7.64 18.89
N VAL I 178 5.37 -7.61 18.63
CA VAL I 178 6.10 -8.71 17.98
C VAL I 178 7.34 -9.02 18.82
N SER I 179 7.98 -10.15 18.58
CA SER I 179 9.20 -10.50 19.32
C SER I 179 10.34 -10.98 18.43
N PHE I 180 11.56 -10.61 18.83
CA PHE I 180 12.77 -10.97 18.09
C PHE I 180 13.47 -12.20 18.65
N GLU I 181 12.90 -12.80 19.70
CA GLU I 181 13.54 -13.94 20.34
C GLU I 181 13.65 -15.12 19.38
N PRO I 182 14.86 -15.69 19.25
CA PRO I 182 15.07 -16.85 18.40
C PRO I 182 14.53 -18.11 19.05
N ILE I 183 13.45 -18.65 18.50
CA ILE I 183 12.88 -19.88 19.06
C ILE I 183 13.21 -21.07 18.16
N PRO I 184 13.41 -22.25 18.75
CA PRO I 184 13.91 -23.41 18.01
C PRO I 184 12.97 -23.88 16.91
N ILE I 185 13.51 -24.04 15.70
CA ILE I 185 12.76 -24.51 14.56
C ILE I 185 13.24 -25.91 14.18
N HIS I 186 12.31 -26.78 13.74
CA HIS I 186 12.70 -28.08 13.19
C HIS I 186 12.33 -28.14 11.72
N TYR I 187 13.22 -28.62 10.88
CA TYR I 187 12.91 -28.75 9.46
C TYR I 187 12.49 -30.16 9.09
N CYS I 188 11.18 -30.38 9.02
CA CYS I 188 10.66 -31.71 8.73
C CYS I 188 10.50 -31.96 7.24
N ALA I 189 10.79 -33.19 6.84
CA ALA I 189 10.71 -33.59 5.44
C ALA I 189 9.29 -34.01 5.07
N PRO I 190 8.97 -33.99 3.77
CA PRO I 190 7.72 -34.59 3.30
C PRO I 190 7.76 -36.11 3.41
N ALA I 191 6.71 -36.78 2.96
CA ALA I 191 6.72 -38.23 2.94
C ALA I 191 7.64 -38.71 1.83
N GLY I 192 8.21 -39.90 1.99
CA GLY I 192 9.10 -40.44 0.99
C GLY I 192 10.31 -39.55 0.80
N PHE I 193 10.65 -38.83 1.87
CA PHE I 193 11.86 -38.01 1.93
C PHE I 193 12.49 -38.19 3.29
N ALA I 194 13.80 -38.42 3.30
CA ALA I 194 14.49 -38.60 4.58
C ALA I 194 15.56 -37.53 4.80
N ILE I 195 15.87 -37.30 6.06
CA ILE I 195 17.01 -36.46 6.43
C ILE I 195 18.04 -37.34 7.13
N LEU I 196 19.28 -37.28 6.68
CA LEU I 196 20.30 -38.18 7.19
C LEU I 196 21.28 -37.43 8.08
N LYS I 197 21.58 -38.01 9.23
CA LYS I 197 22.25 -37.31 10.33
C LYS I 197 23.59 -37.93 10.70
N CYS I 198 24.68 -37.21 10.41
CA CYS I 198 26.01 -37.70 10.73
C CYS I 198 26.24 -37.69 12.24
N LYS I 199 26.16 -38.87 12.86
CA LYS I 199 26.30 -38.99 14.30
C LYS I 199 27.76 -39.19 14.73
N ASP I 200 28.68 -38.99 13.80
CA ASP I 200 30.11 -39.07 14.09
C ASP I 200 30.58 -37.82 14.82
N LYS I 201 31.25 -38.02 15.95
CA LYS I 201 31.61 -36.90 16.82
C LYS I 201 32.99 -36.30 16.51
N LYS I 202 33.46 -36.49 15.28
CA LYS I 202 34.71 -35.89 14.81
C LYS I 202 34.64 -35.58 13.32
N PHE I 203 33.47 -35.16 12.85
CA PHE I 203 33.23 -34.95 11.42
C PHE I 203 33.46 -33.50 10.99
N ASN I 204 34.20 -33.29 9.90
CA ASN I 204 34.53 -31.93 9.48
C ASN I 204 33.54 -31.36 8.48
N GLY I 205 32.51 -32.15 8.15
CA GLY I 205 31.39 -31.68 7.34
C GLY I 205 31.40 -32.10 5.89
N THR I 206 32.48 -32.74 5.46
CA THR I 206 32.62 -33.14 4.07
C THR I 206 33.32 -34.48 3.94
N GLY I 207 32.65 -35.42 3.27
CA GLY I 207 33.18 -36.74 3.07
C GLY I 207 32.27 -37.82 3.63
N PRO I 208 32.74 -39.08 3.59
CA PRO I 208 31.98 -40.25 4.07
C PRO I 208 31.78 -40.24 5.58
N CYS I 209 30.53 -40.39 6.03
CA CYS I 209 30.27 -40.48 7.46
C CYS I 209 29.84 -41.90 7.82
N PRO I 210 30.61 -42.56 8.69
CA PRO I 210 30.36 -43.95 9.10
C PRO I 210 29.09 -44.08 9.94
N SER I 211 28.98 -43.25 10.96
CA SER I 211 27.82 -43.23 11.84
C SER I 211 26.76 -42.33 11.24
N VAL I 212 25.67 -42.93 10.76
CA VAL I 212 24.60 -42.18 10.14
C VAL I 212 23.23 -42.66 10.62
N SER I 213 22.27 -41.75 10.63
CA SER I 213 20.91 -42.07 11.02
C SER I 213 19.92 -41.29 10.17
N THR I 214 18.81 -41.93 9.81
CA THR I 214 17.72 -41.21 9.18
C THR I 214 16.94 -40.52 10.27
N VAL I 215 16.19 -39.49 9.87
CA VAL I 215 15.35 -38.76 10.81
C VAL I 215 14.40 -37.86 10.02
N GLN I 216 13.18 -37.69 10.53
CA GLN I 216 12.21 -36.82 9.88
C GLN I 216 12.65 -35.37 9.95
N CYS I 217 12.70 -34.82 11.16
CA CYS I 217 13.02 -33.40 11.35
C CYS I 217 14.40 -33.19 11.93
N THR I 218 14.99 -32.03 11.66
CA THR I 218 16.26 -31.67 12.26
C THR I 218 16.04 -31.40 13.75
N HIS I 219 17.08 -30.93 14.44
CA HIS I 219 16.95 -30.57 15.84
C HIS I 219 16.41 -29.15 15.94
N GLY I 220 16.24 -28.66 17.16
CA GLY I 220 15.71 -27.32 17.35
C GLY I 220 16.69 -26.24 16.96
N ILE I 221 16.67 -25.84 15.70
CA ILE I 221 17.60 -24.82 15.23
C ILE I 221 17.00 -23.43 15.31
N LYS I 222 17.31 -22.72 16.39
CA LYS I 222 16.89 -21.33 16.53
C LYS I 222 17.76 -20.41 15.67
N PRO I 223 17.12 -19.44 15.00
CA PRO I 223 17.75 -18.52 14.05
C PRO I 223 18.47 -17.34 14.67
N VAL I 224 19.55 -17.57 15.42
CA VAL I 224 20.35 -16.47 15.94
C VAL I 224 21.11 -15.80 14.79
N VAL I 225 20.72 -14.58 14.44
CA VAL I 225 21.42 -13.87 13.38
C VAL I 225 22.42 -12.90 14.02
N SER I 226 23.70 -13.23 13.87
CA SER I 226 24.77 -12.56 14.59
C SER I 226 26.10 -12.69 13.85
N THR I 227 26.90 -11.63 13.88
CA THR I 227 28.23 -11.66 13.29
C THR I 227 29.31 -11.98 14.31
N GLN I 228 30.55 -12.12 13.82
CA GLN I 228 31.67 -12.55 14.63
C GLN I 228 31.37 -13.88 15.32
N LEU I 229 31.10 -13.82 16.61
CA LEU I 229 30.81 -15.01 17.39
C LEU I 229 29.34 -15.39 17.26
N LEU I 230 29.08 -16.67 17.01
CA LEU I 230 27.71 -17.16 16.95
C LEU I 230 27.34 -17.77 18.29
N LEU I 231 26.11 -17.52 18.72
CA LEU I 231 25.72 -17.73 20.11
C LEU I 231 24.61 -18.77 20.28
N ASN I 232 24.48 -19.25 21.52
CA ASN I 232 23.39 -20.16 21.91
C ASN I 232 23.20 -21.39 21.05
N GLY I 233 24.15 -21.67 20.16
CA GLY I 233 24.07 -22.84 19.30
C GLY I 233 24.46 -24.12 20.01
N SER I 234 24.19 -25.26 19.38
CA SER I 234 24.58 -26.56 19.92
C SER I 234 26.08 -26.70 19.79
N LEU I 235 26.72 -27.27 20.80
CA LEU I 235 28.18 -27.36 20.80
C LEU I 235 28.69 -28.79 20.62
N ALA I 236 29.96 -28.89 20.23
CA ALA I 236 30.60 -30.17 19.91
C ALA I 236 30.67 -31.09 21.12
N GLU I 237 30.78 -32.39 20.86
CA GLU I 237 30.71 -33.39 21.92
C GLU I 237 32.08 -33.73 22.52
N GLU I 238 33.12 -33.70 21.70
CA GLU I 238 34.47 -33.97 22.19
C GLU I 238 35.43 -32.81 21.93
N GLU I 239 35.81 -32.61 20.68
CA GLU I 239 36.81 -31.59 20.33
C GLU I 239 36.23 -30.33 19.74
N VAL I 240 36.98 -29.24 19.87
CA VAL I 240 36.63 -27.97 19.23
C VAL I 240 36.89 -28.07 17.73
N MET I 241 35.85 -28.40 16.96
CA MET I 241 36.03 -28.66 15.55
C MET I 241 36.08 -27.39 14.70
N ILE I 242 37.12 -27.29 13.86
CA ILE I 242 37.31 -26.12 13.02
C ILE I 242 37.07 -26.49 11.56
N ARG I 243 35.93 -26.05 11.03
CA ARG I 243 35.50 -26.51 9.72
C ARG I 243 35.55 -25.41 8.66
N SER I 244 35.91 -25.80 7.44
CA SER I 244 36.01 -24.87 6.32
C SER I 244 35.82 -25.60 5.00
N GLU I 245 35.46 -24.86 3.95
CA GLU I 245 35.33 -25.45 2.62
C GLU I 245 36.69 -25.75 2.04
N ASN I 246 37.52 -24.71 1.96
CA ASN I 246 38.90 -24.83 1.53
C ASN I 246 39.78 -24.09 2.52
N ILE I 247 40.44 -24.84 3.40
CA ILE I 247 41.20 -24.24 4.48
C ILE I 247 42.45 -23.54 3.95
N THR I 248 43.09 -24.15 2.96
CA THR I 248 44.32 -23.61 2.38
C THR I 248 44.10 -22.25 1.74
N ASN I 249 42.89 -22.03 1.21
CA ASN I 249 42.56 -20.76 0.58
C ASN I 249 42.01 -19.76 1.59
N ASN I 250 42.68 -18.62 1.69
CA ASN I 250 42.33 -17.60 2.68
C ASN I 250 40.97 -16.95 2.41
N ALA I 251 40.52 -17.02 1.17
CA ALA I 251 39.26 -16.39 0.77
C ALA I 251 38.05 -17.05 1.44
N LYS I 252 38.22 -18.29 1.87
CA LYS I 252 37.15 -19.01 2.54
C LYS I 252 37.29 -18.89 4.06
N ASN I 253 36.17 -18.64 4.73
CA ASN I 253 36.16 -18.45 6.18
C ASN I 253 36.28 -19.76 6.92
N ILE I 254 36.53 -19.66 8.23
CA ILE I 254 36.66 -20.83 9.07
C ILE I 254 35.58 -20.86 10.13
N LEU I 255 34.85 -21.97 10.19
CA LEU I 255 33.77 -22.11 11.15
C LEU I 255 34.26 -22.91 12.35
N VAL I 256 34.47 -22.20 13.45
CA VAL I 256 34.90 -22.81 14.69
C VAL I 256 33.69 -23.22 15.51
N GLN I 257 33.62 -24.48 15.90
CA GLN I 257 32.53 -24.91 16.76
C GLN I 257 33.11 -25.33 18.10
N PHE I 258 32.71 -24.62 19.15
CA PHE I 258 33.28 -24.81 20.47
C PHE I 258 32.93 -26.17 21.05
N ASN I 259 33.65 -26.55 22.10
CA ASN I 259 33.37 -27.76 22.86
C ASN I 259 32.71 -27.38 24.17
N THR I 260 33.19 -26.30 24.76
CA THR I 260 32.66 -25.78 26.01
C THR I 260 31.98 -24.44 25.78
N PRO I 261 30.87 -24.18 26.48
CA PRO I 261 30.22 -22.87 26.32
C PRO I 261 30.98 -21.79 27.08
N VAL I 262 31.20 -20.64 26.45
CA VAL I 262 31.80 -19.51 27.15
C VAL I 262 30.73 -18.42 27.28
N GLN I 263 30.19 -18.34 28.50
CA GLN I 263 29.07 -17.46 28.84
C GLN I 263 29.45 -15.99 28.74
N ILE I 264 28.68 -15.24 27.96
CA ILE I 264 28.94 -13.81 27.75
C ILE I 264 27.71 -12.96 28.11
N ASN I 265 27.85 -12.15 29.16
CA ASN I 265 26.75 -11.34 29.66
C ASN I 265 26.75 -9.95 28.99
N CYS I 266 25.59 -9.50 28.53
CA CYS I 266 25.48 -8.22 27.82
C CYS I 266 24.37 -7.33 28.37
N THR I 267 24.49 -6.01 28.19
CA THR I 267 23.51 -5.09 28.77
C THR I 267 23.50 -3.65 28.22
N ARG I 268 22.33 -3.03 28.28
CA ARG I 268 22.19 -1.58 28.13
C ARG I 268 21.76 -1.02 29.48
N PRO I 269 22.71 -0.39 30.19
CA PRO I 269 22.51 0.06 31.59
C PRO I 269 21.49 1.19 31.76
N ASN I 270 21.22 1.95 30.71
CA ASN I 270 20.32 3.09 30.83
C ASN I 270 18.84 2.69 30.91
N ASN I 271 18.15 3.20 31.93
CA ASN I 271 16.71 2.99 32.10
C ASN I 271 15.93 3.89 31.13
N ASN I 272 15.98 3.55 29.83
CA ASN I 272 15.34 4.37 28.80
C ASN I 272 13.83 4.40 28.90
N THR I 273 13.22 5.47 28.38
CA THR I 273 11.77 5.65 28.44
C THR I 273 11.20 5.89 27.04
N ARG I 274 9.97 5.45 26.82
CA ARG I 274 9.34 5.59 25.52
C ARG I 274 8.04 6.41 25.59
N LYS I 275 7.95 7.42 24.73
CA LYS I 275 6.69 8.14 24.53
C LYS I 275 6.15 7.79 23.15
N SER I 276 4.82 7.87 22.99
CA SER I 276 4.17 7.52 21.74
C SER I 276 3.64 8.76 21.04
N ILE I 277 4.00 8.94 19.78
CA ILE I 277 3.59 10.12 19.04
C ILE I 277 2.57 9.79 17.98
N ARG I 278 1.41 10.43 18.07
CA ARG I 278 0.33 10.20 17.13
C ARG I 278 0.58 10.82 15.76
N ILE I 279 1.03 9.98 14.83
CA ILE I 279 1.11 10.38 13.44
C ILE I 279 -0.31 10.59 12.96
N GLY I 280 -1.18 9.65 13.33
CA GLY I 280 -2.59 9.69 13.03
C GLY I 280 -2.95 9.57 11.56
N PRO I 281 -4.07 8.90 11.27
CA PRO I 281 -4.86 8.13 12.24
C PRO I 281 -4.53 6.65 12.20
N GLY I 282 -4.30 6.05 13.36
CA GLY I 282 -3.85 4.68 13.42
C GLY I 282 -2.33 4.59 13.47
N GLN I 283 -1.68 5.43 12.69
CA GLN I 283 -0.22 5.52 12.70
C GLN I 283 0.23 6.17 14.01
N ALA I 284 1.32 5.65 14.58
CA ALA I 284 1.80 6.13 15.88
C ALA I 284 3.28 5.81 16.06
N PHE I 285 4.11 6.84 16.13
CA PHE I 285 5.55 6.66 16.23
C PHE I 285 5.97 6.57 17.69
N TYR I 286 6.83 5.60 17.97
CA TYR I 286 7.34 5.39 19.31
C TYR I 286 8.68 6.08 19.51
N ALA I 287 8.63 7.27 20.09
CA ALA I 287 9.82 8.08 20.30
C ALA I 287 10.58 7.60 21.53
N THR I 288 11.83 8.01 21.64
CA THR I 288 12.64 7.69 22.81
C THR I 288 12.60 8.86 23.79
N GLY I 289 11.99 8.61 24.95
CA GLY I 289 11.84 9.64 25.96
C GLY I 289 13.02 9.77 26.90
N ASP I 290 12.84 10.56 27.95
CA ASP I 290 13.88 10.87 28.92
C ASP I 290 14.66 9.64 29.42
N ILE I 291 15.95 9.83 29.68
CA ILE I 291 16.78 8.78 30.26
C ILE I 291 16.79 8.91 31.77
N ILE I 292 16.22 7.91 32.44
CA ILE I 292 16.08 7.95 33.88
C ILE I 292 17.32 7.40 34.56
N GLY I 293 18.10 8.30 35.16
CA GLY I 293 19.30 7.92 35.86
C GLY I 293 20.56 8.29 35.11
N ASP I 294 21.62 7.53 35.34
CA ASP I 294 22.92 7.83 34.76
C ASP I 294 22.98 7.50 33.28
N ILE I 295 23.91 8.14 32.59
CA ILE I 295 24.14 7.86 31.19
C ILE I 295 25.40 7.03 31.03
N ARG I 296 25.21 5.73 30.84
CA ARG I 296 26.32 4.78 30.79
C ARG I 296 26.48 4.20 29.39
N GLN I 297 27.32 3.17 29.30
CA GLN I 297 27.73 2.62 28.03
C GLN I 297 27.37 1.14 27.91
N ALA I 298 26.80 0.77 26.77
CA ALA I 298 26.44 -0.62 26.51
C ALA I 298 27.71 -1.46 26.42
N HIS I 299 27.65 -2.69 26.90
CA HIS I 299 28.82 -3.55 26.92
C HIS I 299 28.49 -5.02 27.14
N CYS I 300 29.50 -5.88 26.99
CA CYS I 300 29.39 -7.31 27.26
C CYS I 300 30.60 -7.82 28.04
N ASN I 301 30.38 -8.77 28.94
CA ASN I 301 31.48 -9.37 29.71
C ASN I 301 31.63 -10.85 29.43
N VAL I 302 32.87 -11.30 29.23
CA VAL I 302 33.19 -12.72 29.21
C VAL I 302 34.33 -12.96 30.18
N SER I 303 34.45 -14.17 30.69
CA SER I 303 35.57 -14.52 31.56
C SER I 303 36.86 -14.52 30.77
N LYS I 304 37.84 -13.77 31.26
CA LYS I 304 39.15 -13.77 30.63
C LYS I 304 39.79 -15.14 30.79
N ALA I 305 39.44 -15.81 31.89
CA ALA I 305 39.95 -17.14 32.17
C ALA I 305 39.48 -18.16 31.13
N THR I 306 38.17 -18.20 30.90
CA THR I 306 37.61 -19.17 29.97
C THR I 306 37.98 -18.85 28.52
N TRP I 307 38.08 -17.57 28.19
CA TRP I 307 38.44 -17.16 26.84
C TRP I 307 39.86 -17.61 26.53
N ASN I 308 40.74 -17.41 27.50
CA ASN I 308 42.10 -17.94 27.48
C ASN I 308 42.07 -19.45 27.23
N GLU I 309 41.29 -20.15 28.03
CA GLU I 309 41.15 -21.59 27.95
C GLU I 309 40.63 -22.05 26.59
N THR I 310 39.58 -21.40 26.09
CA THR I 310 38.94 -21.83 24.84
C THR I 310 39.72 -21.37 23.61
N LEU I 311 40.44 -20.26 23.73
CA LEU I 311 41.30 -19.83 22.62
C LEU I 311 42.53 -20.72 22.55
N GLY I 312 42.82 -21.42 23.64
CA GLY I 312 43.90 -22.37 23.67
C GLY I 312 43.49 -23.65 22.95
N LYS I 313 42.21 -23.96 23.02
CA LYS I 313 41.67 -25.15 22.38
C LYS I 313 41.69 -25.04 20.86
N VAL I 314 41.36 -23.86 20.35
CA VAL I 314 41.31 -23.66 18.91
C VAL I 314 42.72 -23.72 18.33
N VAL I 315 43.70 -23.28 19.11
CA VAL I 315 45.09 -23.28 18.67
C VAL I 315 45.64 -24.70 18.58
N LYS I 316 45.31 -25.52 19.59
CA LYS I 316 45.68 -26.93 19.58
C LYS I 316 45.13 -27.63 18.34
N GLN I 317 43.94 -27.21 17.91
CA GLN I 317 43.32 -27.78 16.73
C GLN I 317 43.89 -27.19 15.45
N LEU I 318 44.13 -25.88 15.44
CA LEU I 318 44.65 -25.19 14.27
C LEU I 318 46.00 -25.73 13.81
N ARG I 319 46.88 -26.05 14.75
CA ARG I 319 48.22 -26.53 14.42
C ARG I 319 48.21 -27.87 13.70
N LYS I 320 47.04 -28.52 13.68
CA LYS I 320 46.90 -29.78 12.95
C LYS I 320 46.80 -29.50 11.46
N HIS I 321 46.69 -28.23 11.10
CA HIS I 321 46.50 -27.84 9.71
C HIS I 321 47.63 -26.95 9.19
N PHE I 322 48.44 -26.42 10.10
CA PHE I 322 49.44 -25.44 9.71
C PHE I 322 50.84 -25.75 10.27
N GLY I 323 50.98 -26.89 10.92
CA GLY I 323 52.28 -27.30 11.44
C GLY I 323 52.41 -27.19 12.95
N ASN I 324 53.20 -28.09 13.52
CA ASN I 324 53.38 -28.16 14.96
C ASN I 324 54.22 -27.01 15.52
N ASN I 325 55.15 -26.52 14.71
CA ASN I 325 56.06 -25.44 15.12
C ASN I 325 55.64 -24.10 14.54
N THR I 326 54.44 -23.65 14.89
CA THR I 326 53.85 -22.48 14.24
C THR I 326 53.25 -21.49 15.24
N ILE I 327 53.39 -20.20 14.93
CA ILE I 327 52.76 -19.14 15.72
C ILE I 327 51.37 -18.81 15.19
N ILE I 328 50.39 -18.79 16.08
CA ILE I 328 49.02 -18.48 15.69
C ILE I 328 48.42 -17.39 16.59
N ARG I 329 48.56 -16.13 16.17
CA ARG I 329 48.05 -15.01 16.95
C ARG I 329 46.70 -14.54 16.43
N PHE I 330 45.98 -13.77 17.26
CA PHE I 330 44.64 -13.31 16.94
C PHE I 330 44.58 -11.79 16.84
N ALA I 331 44.00 -11.29 15.76
CA ALA I 331 43.91 -9.84 15.52
C ALA I 331 42.48 -9.40 15.24
N ASN I 332 42.22 -8.11 15.42
CA ASN I 332 40.88 -7.57 15.21
C ASN I 332 40.57 -7.35 13.73
N SER I 333 39.36 -6.90 13.43
CA SER I 333 38.89 -6.77 12.06
C SER I 333 39.76 -5.85 11.22
N SER I 334 39.89 -6.16 9.94
CA SER I 334 40.72 -5.38 9.04
C SER I 334 40.04 -4.06 8.67
N GLY I 335 38.74 -4.12 8.42
CA GLY I 335 37.97 -2.94 8.08
C GLY I 335 36.81 -3.25 7.16
N GLY I 336 35.72 -2.52 7.34
CA GLY I 336 34.52 -2.71 6.54
C GLY I 336 33.29 -2.08 7.14
N ASP I 337 32.13 -2.70 6.90
CA ASP I 337 30.87 -2.20 7.41
C ASP I 337 30.72 -2.50 8.89
N LEU I 338 29.97 -1.65 9.59
CA LEU I 338 29.66 -1.86 11.00
C LEU I 338 28.94 -3.19 11.19
N GLU I 339 28.26 -3.65 10.15
CA GLU I 339 27.58 -4.93 10.17
C GLU I 339 28.57 -6.07 10.39
N VAL I 340 29.81 -5.89 9.92
CA VAL I 340 30.79 -6.98 9.98
C VAL I 340 32.01 -6.67 10.86
N THR I 341 32.29 -5.39 11.09
CA THR I 341 33.46 -5.02 11.89
C THR I 341 33.22 -5.23 13.38
N THR I 342 32.05 -5.71 13.73
CA THR I 342 31.69 -5.81 15.12
C THR I 342 30.67 -6.91 15.40
N HIS I 343 30.79 -7.52 16.57
CA HIS I 343 29.86 -8.55 17.03
C HIS I 343 28.44 -7.99 17.12
N SER I 344 27.62 -8.32 16.13
CA SER I 344 26.24 -7.82 16.08
C SER I 344 25.27 -8.84 16.65
N PHE I 345 24.27 -8.35 17.38
CA PHE I 345 23.19 -9.22 17.87
C PHE I 345 21.99 -8.42 18.38
N ASN I 346 20.94 -9.15 18.70
CA ASN I 346 19.79 -8.55 19.36
C ASN I 346 19.86 -8.92 20.83
N CYS I 347 19.38 -8.03 21.68
CA CYS I 347 19.40 -8.28 23.12
C CYS I 347 18.26 -7.52 23.78
N GLY I 348 17.18 -8.22 24.07
CA GLY I 348 16.01 -7.60 24.69
C GLY I 348 15.11 -6.87 23.72
N GLY I 349 15.49 -6.86 22.44
CA GLY I 349 14.71 -6.19 21.42
C GLY I 349 15.42 -5.01 20.76
N GLU I 350 16.69 -4.84 21.07
CA GLU I 350 17.50 -3.79 20.45
C GLU I 350 18.79 -4.36 19.97
N PHE I 351 19.45 -3.64 19.06
CA PHE I 351 20.54 -4.22 18.29
C PHE I 351 21.89 -3.69 18.73
N PHE I 352 22.83 -4.62 18.89
CA PHE I 352 24.11 -4.34 19.51
C PHE I 352 25.27 -4.41 18.54
N TYR I 353 26.33 -3.69 18.85
CA TYR I 353 27.49 -3.63 18.00
C TYR I 353 28.75 -3.53 18.85
N CYS I 354 29.21 -4.70 19.28
CA CYS I 354 30.23 -4.83 20.32
C CYS I 354 31.66 -4.99 19.79
N ASN I 355 32.53 -4.06 20.18
CA ASN I 355 33.93 -4.09 19.76
C ASN I 355 34.65 -5.34 20.25
N THR I 356 35.17 -6.12 19.29
CA THR I 356 35.79 -7.41 19.59
C THR I 356 37.31 -7.35 19.61
N SER I 357 37.87 -6.14 19.59
CA SER I 357 39.31 -5.95 19.66
C SER I 357 39.94 -6.62 20.88
N GLY I 358 39.24 -6.58 21.99
CA GLY I 358 39.74 -7.14 23.23
C GLY I 358 39.82 -8.66 23.23
N LEU I 359 38.97 -9.31 22.45
CA LEU I 359 38.95 -10.77 22.38
C LEU I 359 40.01 -11.29 21.43
N PHE I 360 40.16 -10.60 20.30
CA PHE I 360 41.08 -11.02 19.26
C PHE I 360 42.31 -10.11 19.27
N ASN I 361 43.20 -10.46 20.19
CA ASN I 361 44.36 -9.68 20.55
C ASN I 361 45.25 -10.59 21.35
N SER I 362 45.97 -11.47 20.65
CA SER I 362 46.72 -12.53 21.31
C SER I 362 48.00 -12.87 20.57
N THR I 363 48.57 -14.01 20.97
CA THR I 363 49.73 -14.63 20.34
C THR I 363 49.97 -15.98 21.00
N TRP I 364 50.35 -16.99 20.22
CA TRP I 364 50.43 -18.34 20.76
C TRP I 364 51.67 -19.10 20.31
N ILE I 365 52.53 -19.41 21.29
CA ILE I 365 53.80 -20.08 21.06
C ILE I 365 53.58 -21.59 20.97
N SER I 366 54.50 -22.29 20.29
CA SER I 366 54.38 -23.73 20.07
C SER I 366 54.27 -24.51 21.38
N ASN I 367 55.08 -24.14 22.37
CA ASN I 367 55.03 -24.78 23.69
C ASN I 367 55.67 -23.91 24.76
N ASN I 379 40.14 -11.84 40.17
CA ASN I 379 39.89 -12.60 38.95
C ASN I 379 38.69 -12.04 38.19
N ASP I 380 38.95 -11.03 37.36
CA ASP I 380 37.90 -10.26 36.71
C ASP I 380 37.51 -10.82 35.35
N SER I 381 36.90 -9.97 34.52
CA SER I 381 36.37 -10.39 33.24
C SER I 381 36.69 -9.39 32.13
N ILE I 382 36.39 -9.77 30.89
CA ILE I 382 36.68 -8.93 29.73
C ILE I 382 35.52 -7.98 29.41
N THR I 383 35.60 -6.76 29.92
CA THR I 383 34.61 -5.74 29.56
C THR I 383 34.81 -5.32 28.11
N LEU I 384 33.79 -5.53 27.29
CA LEU I 384 33.87 -5.11 25.90
C LEU I 384 32.69 -4.22 25.54
N PRO I 385 32.99 -3.00 25.07
CA PRO I 385 31.99 -1.96 24.81
C PRO I 385 31.12 -2.25 23.60
N CYS I 386 29.96 -1.60 23.52
CA CYS I 386 29.04 -1.81 22.42
C CYS I 386 28.38 -0.51 21.97
N ARG I 387 27.81 -0.55 20.77
CA ARG I 387 26.96 0.53 20.27
C ARG I 387 25.56 -0.02 20.07
N ILE I 388 24.60 0.86 19.77
CA ILE I 388 23.21 0.47 19.62
C ILE I 388 22.54 1.27 18.51
N LYS I 389 21.78 0.60 17.65
CA LYS I 389 21.05 1.26 16.59
C LYS I 389 19.55 0.98 16.68
N GLN I 390 18.75 1.79 15.99
CA GLN I 390 17.31 1.56 15.93
C GLN I 390 16.81 1.38 14.49
N ILE I 391 17.32 2.21 13.58
CA ILE I 391 17.05 2.01 12.18
C ILE I 391 18.12 1.06 11.64
N ILE I 392 17.71 -0.18 11.39
CA ILE I 392 18.65 -1.23 11.01
C ILE I 392 18.50 -1.64 9.54
N ASN I 393 19.59 -2.16 8.99
CA ASN I 393 19.64 -2.51 7.56
C ASN I 393 20.25 -3.88 7.34
N MET I 394 19.74 -4.87 8.07
CA MET I 394 20.29 -6.21 8.08
C MET I 394 20.05 -6.95 6.77
N TRP I 395 20.68 -8.11 6.65
CA TRP I 395 20.57 -8.96 5.45
C TRP I 395 20.84 -8.20 4.16
N GLN I 396 21.82 -7.30 4.20
CA GLN I 396 22.18 -6.50 3.04
C GLN I 396 20.94 -5.84 2.41
N ARG I 397 20.21 -5.06 3.20
CA ARG I 397 19.02 -4.36 2.72
C ARG I 397 19.39 -3.26 1.73
N ILE I 398 18.45 -2.94 0.85
CA ILE I 398 18.73 -1.94 -0.18
C ILE I 398 17.59 -0.92 -0.32
N GLY I 399 16.35 -1.37 -0.42
CA GLY I 399 15.22 -0.47 -0.60
C GLY I 399 14.34 -0.26 0.63
N GLN I 400 14.49 -1.15 1.61
CA GLN I 400 13.68 -1.08 2.83
C GLN I 400 14.57 -1.17 4.06
N CYS I 401 14.18 -0.45 5.11
CA CYS I 401 14.86 -0.51 6.40
C CYS I 401 13.82 -0.63 7.50
N MET I 402 14.26 -0.81 8.74
CA MET I 402 13.33 -1.03 9.84
C MET I 402 13.74 -0.36 11.14
N TYR I 403 12.81 0.42 11.70
CA TYR I 403 13.01 1.10 12.97
C TYR I 403 12.57 0.21 14.13
N ALA I 404 13.54 -0.22 14.93
CA ALA I 404 13.25 -1.02 16.12
C ALA I 404 12.91 -0.12 17.29
N PRO I 405 11.62 -0.13 17.70
CA PRO I 405 11.07 0.73 18.76
C PRO I 405 11.94 0.71 20.02
N PRO I 406 11.89 1.81 20.79
CA PRO I 406 12.64 1.85 22.04
C PRO I 406 12.10 0.81 23.01
N ILE I 407 12.98 0.02 23.62
CA ILE I 407 12.53 -0.94 24.61
C ILE I 407 12.66 -0.34 26.01
N GLN I 408 11.52 0.01 26.61
CA GLN I 408 11.47 0.67 27.91
C GLN I 408 12.19 -0.11 29.02
N GLY I 409 12.96 0.61 29.83
CA GLY I 409 13.62 0.03 30.99
C GLY I 409 15.07 -0.33 30.76
N VAL I 410 15.62 -1.16 31.66
CA VAL I 410 17.00 -1.60 31.59
C VAL I 410 17.05 -2.95 30.92
N ILE I 411 18.06 -3.18 30.09
CA ILE I 411 18.15 -4.41 29.31
C ILE I 411 19.41 -5.20 29.61
N ARG I 412 19.26 -6.50 29.82
CA ARG I 412 20.42 -7.39 29.94
C ARG I 412 20.07 -8.81 29.50
N CYS I 413 20.99 -9.43 28.76
CA CYS I 413 20.84 -10.80 28.30
C CYS I 413 22.08 -11.62 28.65
N VAL I 414 21.89 -12.92 28.84
CA VAL I 414 23.00 -13.82 29.10
C VAL I 414 22.99 -14.94 28.07
N SER I 415 24.13 -15.19 27.45
CA SER I 415 24.22 -16.17 26.37
C SER I 415 25.56 -16.90 26.35
N ASN I 416 25.56 -18.10 25.76
CA ASN I 416 26.80 -18.82 25.51
C ASN I 416 27.33 -18.48 24.13
N ILE I 417 28.66 -18.53 23.99
CA ILE I 417 29.26 -18.48 22.67
C ILE I 417 29.47 -19.91 22.19
N THR I 418 28.86 -20.24 21.06
CA THR I 418 28.93 -21.59 20.51
C THR I 418 30.01 -21.69 19.42
N GLY I 419 30.29 -20.59 18.74
CA GLY I 419 31.29 -20.64 17.70
C GLY I 419 31.87 -19.31 17.27
N LEU I 420 32.63 -19.35 16.17
CA LEU I 420 33.28 -18.18 15.59
C LEU I 420 33.28 -18.30 14.08
N ILE I 421 33.41 -17.17 13.39
CA ILE I 421 33.62 -17.18 11.95
C ILE I 421 34.93 -16.47 11.64
N LEU I 422 36.03 -17.18 11.78
CA LEU I 422 37.36 -16.57 11.69
C LEU I 422 37.88 -16.49 10.26
N THR I 423 38.89 -15.66 10.06
CA THR I 423 39.45 -15.43 8.73
C THR I 423 40.98 -15.22 8.79
N ARG I 424 41.69 -15.98 7.96
CA ARG I 424 43.16 -15.97 7.96
C ARG I 424 43.71 -14.98 6.94
N ASP I 425 44.91 -14.46 7.22
CA ASP I 425 45.54 -13.46 6.37
C ASP I 425 46.38 -14.09 5.25
N GLY I 426 46.06 -13.72 4.01
CA GLY I 426 46.61 -14.38 2.84
C GLY I 426 47.98 -13.94 2.37
N GLY I 427 48.59 -13.01 3.10
CA GLY I 427 49.92 -12.54 2.73
C GLY I 427 50.92 -13.68 2.69
N SER I 428 50.81 -14.58 3.66
CA SER I 428 51.58 -15.82 3.71
C SER I 428 53.10 -15.64 3.71
N THR I 429 53.72 -15.97 2.58
CA THR I 429 55.18 -16.08 2.41
C THR I 429 55.75 -17.30 3.14
N ASN I 430 54.90 -18.32 3.35
CA ASN I 430 55.28 -19.55 4.03
C ASN I 430 55.70 -19.29 5.49
N SER I 431 55.34 -18.12 5.99
CA SER I 431 55.68 -17.75 7.36
C SER I 431 54.90 -18.60 8.36
N THR I 432 55.57 -19.03 9.41
CA THR I 432 54.91 -19.77 10.49
C THR I 432 54.24 -18.81 11.47
N THR I 433 53.70 -17.71 10.94
CA THR I 433 53.08 -16.67 11.76
C THR I 433 51.74 -16.22 11.19
N GLU I 434 51.07 -17.11 10.46
CA GLU I 434 49.78 -16.75 9.86
C GLU I 434 48.74 -16.49 10.93
N THR I 435 48.29 -15.23 11.01
CA THR I 435 47.33 -14.79 12.02
C THR I 435 45.89 -14.91 11.54
N PHE I 436 44.96 -14.73 12.48
CA PHE I 436 43.53 -14.85 12.18
C PHE I 436 42.73 -13.63 12.63
N ARG I 437 41.60 -13.40 11.97
CA ARG I 437 40.72 -12.29 12.29
C ARG I 437 39.26 -12.73 12.20
N PRO I 438 38.40 -12.16 13.05
CA PRO I 438 36.98 -12.53 13.01
C PRO I 438 36.29 -11.97 11.77
N GLY I 439 35.37 -12.74 11.19
CA GLY I 439 34.63 -12.32 10.02
C GLY I 439 33.13 -12.49 10.17
N GLY I 440 32.41 -12.28 9.08
CA GLY I 440 30.97 -12.44 9.06
C GLY I 440 30.43 -12.31 7.65
N GLY I 441 29.68 -11.22 7.41
CA GLY I 441 29.16 -10.93 6.09
C GLY I 441 27.97 -11.80 5.71
N ASP I 442 28.25 -12.90 5.01
CA ASP I 442 27.20 -13.81 4.58
C ASP I 442 26.64 -14.57 5.79
N MET I 443 25.31 -14.52 5.92
CA MET I 443 24.65 -15.10 7.08
C MET I 443 24.28 -16.56 6.90
N ARG I 444 24.57 -17.11 5.73
CA ARG I 444 24.32 -18.52 5.51
C ARG I 444 25.29 -19.35 6.34
N ASP I 445 26.41 -18.74 6.69
CA ASP I 445 27.43 -19.38 7.51
C ASP I 445 26.88 -19.84 8.85
N ASN I 446 25.96 -19.06 9.39
CA ASN I 446 25.37 -19.35 10.69
C ASN I 446 24.49 -20.59 10.66
N TRP I 447 23.74 -20.75 9.57
CA TRP I 447 22.84 -21.88 9.43
C TRP I 447 23.66 -23.06 8.93
N ARG I 448 24.73 -22.74 8.21
CA ARG I 448 25.73 -23.71 7.79
C ARG I 448 26.37 -24.34 9.01
N SER I 449 26.51 -23.53 10.06
CA SER I 449 27.11 -23.95 11.32
C SER I 449 26.27 -24.95 12.08
N GLU I 450 24.95 -24.84 11.95
CA GLU I 450 24.06 -25.75 12.67
C GLU I 450 23.58 -26.91 11.81
N LEU I 451 23.53 -26.70 10.50
CA LEU I 451 22.97 -27.71 9.58
C LEU I 451 24.00 -28.65 8.98
N TYR I 452 25.22 -28.63 9.52
CA TYR I 452 26.30 -29.47 8.98
C TYR I 452 25.99 -30.96 9.18
N LYS I 453 25.15 -31.25 10.16
CA LYS I 453 24.77 -32.64 10.46
C LYS I 453 23.77 -33.24 9.47
N TYR I 454 23.20 -32.41 8.61
CA TYR I 454 22.04 -32.86 7.85
C TYR I 454 22.19 -32.83 6.34
N LYS I 455 21.36 -33.65 5.70
CA LYS I 455 21.34 -33.84 4.26
C LYS I 455 19.97 -34.38 3.90
N VAL I 456 19.42 -33.92 2.77
CA VAL I 456 18.08 -34.33 2.34
C VAL I 456 18.13 -35.27 1.14
N VAL I 457 17.42 -36.40 1.21
CA VAL I 457 17.42 -37.38 0.13
C VAL I 457 16.01 -37.78 -0.35
N LYS I 458 15.95 -38.17 -1.62
CA LYS I 458 14.71 -38.61 -2.27
C LYS I 458 14.58 -40.12 -2.21
N ILE I 459 13.51 -40.61 -1.58
CA ILE I 459 13.32 -42.05 -1.41
C ILE I 459 12.74 -42.72 -2.66
N GLU I 460 13.41 -43.77 -3.10
CA GLU I 460 12.98 -44.52 -4.28
C GLU I 460 12.85 -46.01 -3.97
N PRO I 461 11.61 -46.46 -3.71
CA PRO I 461 11.34 -47.79 -3.15
C PRO I 461 11.17 -48.92 -4.16
N LEU I 462 11.15 -48.61 -5.44
CA LEU I 462 10.86 -49.62 -6.44
C LEU I 462 12.11 -50.36 -6.91
N GLY I 463 12.44 -51.43 -6.20
CA GLY I 463 13.59 -52.25 -6.55
C GLY I 463 13.21 -53.32 -7.56
N VAL I 464 14.14 -53.64 -8.45
CA VAL I 464 13.96 -54.73 -9.40
C VAL I 464 15.24 -55.55 -9.43
N ALA I 465 15.09 -56.87 -9.33
CA ALA I 465 16.23 -57.77 -9.26
C ALA I 465 15.80 -59.17 -9.61
N PRO I 466 16.74 -59.99 -10.12
CA PRO I 466 16.41 -61.36 -10.49
C PRO I 466 16.42 -62.35 -9.32
N THR I 467 15.34 -63.10 -9.20
CA THR I 467 15.32 -64.30 -8.38
C THR I 467 14.63 -65.39 -9.22
N ARG I 468 15.00 -66.65 -8.99
CA ARG I 468 14.49 -67.75 -9.81
C ARG I 468 12.98 -67.91 -9.62
N CYS I 469 12.21 -67.08 -10.33
CA CYS I 469 10.76 -67.10 -10.16
C CYS I 469 10.03 -66.54 -11.37
N LYS I 470 9.10 -67.33 -11.90
CA LYS I 470 8.23 -66.88 -12.98
C LYS I 470 6.81 -66.72 -12.46
N ARG I 471 6.08 -65.74 -12.96
CA ARG I 471 4.68 -65.62 -12.56
C ARG I 471 3.82 -66.60 -13.35
N ARG I 472 2.71 -67.03 -12.74
CA ARG I 472 1.86 -68.07 -13.29
C ARG I 472 1.22 -67.73 -14.64
N VAL I 473 0.65 -68.75 -15.28
CA VAL I 473 -0.01 -68.59 -16.56
C VAL I 473 -1.49 -68.27 -16.36
N VAL J 7 12.77 -59.42 14.21
CA VAL J 7 13.20 -58.18 14.86
C VAL J 7 12.77 -56.97 14.03
N PHE J 8 12.68 -55.81 14.69
CA PHE J 8 12.20 -54.59 14.05
C PHE J 8 13.24 -53.48 14.16
N LEU J 9 13.86 -53.15 13.03
CA LEU J 9 14.96 -52.20 12.99
C LEU J 9 14.51 -50.75 12.95
N GLY J 10 13.59 -50.45 12.04
CA GLY J 10 13.14 -49.10 11.84
C GLY J 10 13.17 -48.74 10.36
N PHE J 11 12.49 -47.64 10.03
CA PHE J 11 12.44 -47.13 8.67
C PHE J 11 13.85 -46.90 8.15
N LEU J 12 14.19 -47.61 7.08
CA LEU J 12 15.51 -47.58 6.43
C LEU J 12 16.61 -48.32 7.21
N GLY J 13 16.24 -48.93 8.32
CA GLY J 13 17.20 -49.64 9.17
C GLY J 13 18.05 -50.66 8.46
N ALA J 14 17.48 -51.34 7.48
CA ALA J 14 18.23 -52.32 6.68
C ALA J 14 18.90 -51.67 5.48
N ALA J 15 19.47 -50.49 5.69
CA ALA J 15 20.19 -49.78 4.65
C ALA J 15 21.44 -50.57 4.28
N GLY J 16 22.28 -50.80 5.27
CA GLY J 16 23.49 -51.57 5.09
C GLY J 16 23.31 -53.05 5.37
N SER J 17 22.11 -53.56 5.11
CA SER J 17 21.83 -54.98 5.23
C SER J 17 21.79 -55.62 3.85
N THR J 18 22.01 -56.94 3.81
CA THR J 18 22.02 -57.65 2.54
C THR J 18 20.63 -57.62 1.90
N MET J 19 20.59 -57.67 0.58
CA MET J 19 19.34 -57.54 -0.17
C MET J 19 18.33 -58.62 0.18
N GLY J 20 18.80 -59.68 0.83
CA GLY J 20 17.91 -60.72 1.31
C GLY J 20 17.27 -60.27 2.60
N ALA J 21 18.09 -59.78 3.52
CA ALA J 21 17.62 -59.32 4.81
C ALA J 21 16.82 -58.04 4.69
N ALA J 22 17.16 -57.22 3.69
CA ALA J 22 16.44 -55.99 3.43
C ALA J 22 15.11 -56.26 2.74
N SER J 23 15.02 -57.42 2.08
CA SER J 23 13.80 -57.81 1.40
C SER J 23 12.81 -58.43 2.38
N MET J 24 13.18 -58.46 3.65
CA MET J 24 12.27 -58.82 4.70
C MET J 24 11.48 -57.58 5.09
N THR J 25 12.20 -56.59 5.60
CA THR J 25 11.60 -55.33 6.00
C THR J 25 11.27 -54.46 4.79
N LEU J 26 10.20 -54.82 4.09
CA LEU J 26 9.74 -54.02 2.96
C LEU J 26 8.52 -53.23 3.39
N THR J 27 7.74 -53.83 4.27
CA THR J 27 6.49 -53.24 4.72
C THR J 27 6.70 -52.10 5.69
N VAL J 28 7.96 -51.85 6.06
CA VAL J 28 8.29 -50.76 6.97
C VAL J 28 8.65 -49.51 6.19
N GLN J 29 9.36 -49.70 5.08
CA GLN J 29 9.69 -48.58 4.22
C GLN J 29 8.45 -48.17 3.42
N ALA J 30 7.60 -49.15 3.11
CA ALA J 30 6.37 -48.90 2.39
C ALA J 30 5.35 -48.22 3.30
N ARG J 31 5.53 -48.41 4.60
CA ARG J 31 4.62 -47.89 5.62
C ARG J 31 4.80 -46.38 5.80
N ASN J 32 5.96 -46.00 6.31
CA ASN J 32 6.27 -44.60 6.56
C ASN J 32 6.52 -43.86 5.26
N LEU J 33 5.48 -43.70 4.45
CA LEU J 33 5.64 -43.17 3.09
C LEU J 33 4.49 -42.29 2.64
N LEU J 34 3.51 -42.06 3.51
CA LEU J 34 2.35 -41.25 3.13
C LEU J 34 2.01 -40.20 4.19
N SER J 35 1.31 -40.62 5.24
CA SER J 35 0.95 -39.71 6.32
C SER J 35 2.19 -39.28 7.10
N GLY J 36 3.18 -40.17 7.15
CA GLY J 36 4.43 -39.88 7.82
C GLY J 36 5.18 -41.14 8.23
N THR J 58 0.83 -16.38 5.77
CA THR J 58 0.83 -17.79 5.42
C THR J 58 2.11 -18.19 4.68
N VAL J 59 3.23 -18.08 5.37
CA VAL J 59 4.52 -18.49 4.80
C VAL J 59 4.71 -19.99 4.88
N TRP J 60 4.70 -20.55 6.09
CA TRP J 60 4.80 -22.00 6.26
C TRP J 60 3.64 -22.74 5.58
N GLY J 61 2.53 -22.03 5.38
CA GLY J 61 1.30 -22.60 4.88
C GLY J 61 1.42 -23.12 3.47
N ILE J 62 2.22 -22.45 2.66
CA ILE J 62 2.39 -22.86 1.27
C ILE J 62 3.38 -24.01 1.17
N LYS J 63 4.44 -23.95 1.98
CA LYS J 63 5.41 -25.03 2.07
C LYS J 63 4.72 -26.35 2.32
N GLN J 64 3.81 -26.35 3.30
CA GLN J 64 3.03 -27.52 3.67
C GLN J 64 2.24 -28.09 2.50
N LEU J 65 1.73 -27.22 1.64
CA LEU J 65 0.80 -27.63 0.59
C LEU J 65 1.50 -28.29 -0.60
N GLN J 66 2.63 -27.73 -1.02
CA GLN J 66 3.37 -28.28 -2.15
C GLN J 66 4.33 -29.38 -1.70
N ALA J 67 4.28 -29.70 -0.42
CA ALA J 67 4.94 -30.89 0.11
C ALA J 67 3.90 -31.99 0.27
N ARG J 68 2.67 -31.58 0.57
CA ARG J 68 1.57 -32.51 0.74
C ARG J 68 1.16 -33.15 -0.59
N VAL J 69 1.27 -32.39 -1.68
CA VAL J 69 0.94 -32.93 -2.99
C VAL J 69 2.10 -33.72 -3.56
N LEU J 70 3.31 -33.26 -3.28
CA LEU J 70 4.53 -33.90 -3.77
C LEU J 70 4.60 -35.34 -3.28
N ALA J 71 4.12 -35.57 -2.07
CA ALA J 71 4.20 -36.88 -1.45
C ALA J 71 3.22 -37.88 -2.08
N VAL J 72 2.06 -37.40 -2.53
CA VAL J 72 1.07 -38.27 -3.15
C VAL J 72 1.39 -38.43 -4.63
N GLU J 73 1.96 -37.39 -5.22
CA GLU J 73 2.37 -37.49 -6.62
C GLU J 73 3.47 -38.55 -6.73
N ARG J 74 4.47 -38.43 -5.88
CA ARG J 74 5.61 -39.33 -5.86
C ARG J 74 5.18 -40.76 -5.50
N TYR J 75 4.19 -40.88 -4.63
CA TYR J 75 3.70 -42.19 -4.20
C TYR J 75 2.90 -42.85 -5.32
N LEU J 76 2.01 -42.09 -5.94
CA LEU J 76 1.14 -42.63 -6.97
C LEU J 76 1.92 -43.07 -8.19
N ARG J 77 3.05 -42.41 -8.45
CA ARG J 77 3.87 -42.73 -9.61
C ARG J 77 4.48 -44.13 -9.50
N ASP J 78 4.56 -44.65 -8.27
CA ASP J 78 5.05 -46.00 -8.05
C ASP J 78 3.91 -47.01 -8.18
N GLN J 79 2.75 -46.65 -7.65
CA GLN J 79 1.56 -47.50 -7.79
C GLN J 79 1.15 -47.58 -9.25
N GLN J 80 1.36 -46.47 -9.95
CA GLN J 80 1.18 -46.38 -11.39
C GLN J 80 1.96 -47.49 -12.10
N LEU J 81 3.23 -47.63 -11.74
CA LEU J 81 4.09 -48.65 -12.33
C LEU J 81 3.66 -50.07 -11.95
N LEU J 82 3.44 -50.30 -10.65
CA LEU J 82 3.01 -51.61 -10.17
C LEU J 82 1.72 -52.05 -10.85
N GLY J 83 0.88 -51.07 -11.19
CA GLY J 83 -0.41 -51.33 -11.80
C GLY J 83 -0.36 -51.56 -13.30
N ILE J 84 0.59 -50.92 -13.98
CA ILE J 84 0.77 -51.14 -15.41
C ILE J 84 1.67 -52.34 -15.63
N TRP J 85 2.19 -52.87 -14.53
CA TRP J 85 2.70 -54.23 -14.50
C TRP J 85 1.59 -55.03 -13.81
N GLY J 86 1.88 -56.23 -13.33
CA GLY J 86 0.84 -57.00 -12.67
C GLY J 86 0.94 -56.95 -11.17
N CYS J 87 1.80 -56.08 -10.66
CA CYS J 87 2.27 -56.17 -9.29
C CYS J 87 1.60 -55.19 -8.33
N SER J 88 0.27 -55.14 -8.34
CA SER J 88 -0.47 -54.27 -7.44
C SER J 88 -0.60 -54.90 -6.04
N GLY J 89 0.10 -56.01 -5.84
CA GLY J 89 -0.02 -56.82 -4.64
C GLY J 89 0.25 -56.23 -3.26
N LYS J 90 1.50 -55.84 -3.00
CA LYS J 90 2.57 -55.86 -3.97
C LYS J 90 3.85 -56.43 -3.40
N LEU J 91 4.73 -55.54 -2.95
CA LEU J 91 6.03 -55.92 -2.40
C LEU J 91 6.85 -56.70 -3.43
N ILE J 92 6.99 -58.01 -3.21
CA ILE J 92 7.65 -58.86 -4.19
C ILE J 92 6.64 -59.32 -5.23
N CYS J 93 7.01 -59.23 -6.50
CA CYS J 93 6.15 -59.68 -7.59
C CYS J 93 6.99 -60.24 -8.72
N CYS J 94 6.78 -61.51 -9.04
CA CYS J 94 7.50 -62.15 -10.13
C CYS J 94 6.91 -61.74 -11.46
N THR J 95 7.66 -61.95 -12.54
CA THR J 95 7.20 -61.56 -13.87
C THR J 95 7.64 -62.52 -14.97
N ASN J 96 7.36 -62.15 -16.22
CA ASN J 96 7.64 -63.00 -17.37
C ASN J 96 8.75 -62.48 -18.26
N VAL J 97 9.37 -61.36 -17.87
CA VAL J 97 10.51 -60.88 -18.62
C VAL J 97 11.77 -61.48 -17.98
N PRO J 98 12.55 -62.23 -18.77
CA PRO J 98 13.75 -62.90 -18.24
C PRO J 98 14.92 -61.96 -18.07
N TRP J 99 15.80 -62.26 -17.11
CA TRP J 99 16.89 -61.37 -16.78
C TRP J 99 18.00 -61.37 -17.83
N ASN J 100 18.12 -60.27 -18.57
CA ASN J 100 19.23 -60.06 -19.47
C ASN J 100 20.53 -59.99 -18.68
N SER J 101 21.40 -60.97 -18.91
CA SER J 101 22.65 -61.08 -18.16
C SER J 101 23.51 -59.82 -18.29
N SER J 102 23.36 -59.11 -19.41
CA SER J 102 24.08 -57.87 -19.66
C SER J 102 23.85 -56.83 -18.56
N TRP J 103 22.67 -56.89 -17.93
CA TRP J 103 22.29 -55.94 -16.89
C TRP J 103 23.15 -56.09 -15.64
N SER J 104 23.32 -57.32 -15.18
CA SER J 104 24.12 -57.58 -14.00
C SER J 104 25.10 -58.72 -14.22
N ASN J 105 24.55 -59.93 -14.43
CA ASN J 105 25.28 -61.18 -14.69
C ASN J 105 25.88 -61.83 -13.43
N ARG J 106 25.69 -61.19 -12.28
CA ARG J 106 26.15 -61.75 -11.02
C ARG J 106 25.31 -62.94 -10.58
N ASN J 107 25.88 -63.80 -9.72
CA ASN J 107 25.16 -64.97 -9.25
C ASN J 107 24.19 -64.60 -8.12
N LEU J 108 23.22 -65.49 -7.87
CA LEU J 108 22.17 -65.24 -6.89
C LEU J 108 22.72 -64.89 -5.51
N SER J 109 23.58 -65.76 -5.01
CA SER J 109 24.13 -65.63 -3.66
C SER J 109 24.79 -64.28 -3.44
N GLU J 110 25.54 -63.82 -4.44
CA GLU J 110 26.35 -62.62 -4.28
C GLU J 110 25.56 -61.32 -4.47
N ILE J 111 24.24 -61.43 -4.58
CA ILE J 111 23.43 -60.22 -4.59
C ILE J 111 22.39 -60.28 -3.45
N TRP J 112 21.87 -61.46 -3.15
CA TRP J 112 20.83 -61.57 -2.12
C TRP J 112 21.44 -61.79 -0.75
N ASP J 113 22.52 -62.56 -0.70
CA ASP J 113 23.21 -62.82 0.55
C ASP J 113 24.51 -62.04 0.64
N ASN J 114 24.68 -61.05 -0.23
CA ASN J 114 25.90 -60.26 -0.25
C ASN J 114 25.64 -58.76 -0.38
N MET J 115 25.25 -58.33 -1.58
CA MET J 115 25.13 -56.91 -1.88
C MET J 115 23.93 -56.23 -1.21
N THR J 116 24.02 -54.90 -1.11
CA THR J 116 22.94 -54.10 -0.54
C THR J 116 22.25 -53.34 -1.65
N TRP J 117 21.01 -52.93 -1.40
CA TRP J 117 20.18 -52.30 -2.41
C TRP J 117 20.71 -50.95 -2.87
N LEU J 118 21.33 -50.22 -1.94
CA LEU J 118 22.01 -48.97 -2.28
C LEU J 118 23.05 -49.24 -3.35
N GLN J 119 23.83 -50.29 -3.12
CA GLN J 119 24.87 -50.72 -4.05
C GLN J 119 24.25 -51.25 -5.33
N TRP J 120 23.38 -52.24 -5.19
CA TRP J 120 22.72 -52.91 -6.30
C TRP J 120 22.00 -51.94 -7.25
N ASP J 121 21.40 -50.90 -6.69
CA ASP J 121 20.66 -49.93 -7.50
C ASP J 121 21.54 -49.27 -8.56
N LYS J 122 22.79 -48.99 -8.23
CA LYS J 122 23.66 -48.24 -9.13
C LYS J 122 24.12 -49.08 -10.32
N GLU J 123 24.12 -50.41 -10.16
CA GLU J 123 24.49 -51.29 -11.27
C GLU J 123 23.40 -51.35 -12.33
N ILE J 124 22.18 -51.70 -11.89
CA ILE J 124 21.02 -51.85 -12.77
C ILE J 124 20.42 -50.50 -13.17
N SER J 125 21.02 -49.42 -12.69
CA SER J 125 20.47 -48.08 -12.91
C SER J 125 20.48 -47.69 -14.38
N ASN J 126 21.44 -48.23 -15.13
CA ASN J 126 21.60 -47.86 -16.53
C ASN J 126 20.46 -48.34 -17.43
N TYR J 127 19.69 -49.31 -16.97
CA TYR J 127 18.65 -49.90 -17.83
C TYR J 127 17.30 -50.08 -17.16
N THR J 128 17.07 -49.39 -16.04
CA THR J 128 15.84 -49.59 -15.28
C THR J 128 14.60 -49.21 -16.08
N GLN J 129 14.70 -48.13 -16.85
CA GLN J 129 13.59 -47.65 -17.65
C GLN J 129 13.39 -48.51 -18.90
N ILE J 130 14.46 -49.13 -19.38
CA ILE J 130 14.38 -50.07 -20.49
C ILE J 130 13.74 -51.36 -19.99
N ILE J 131 14.11 -51.76 -18.77
CA ILE J 131 13.54 -52.93 -18.13
C ILE J 131 12.04 -52.73 -17.89
N TYR J 132 11.67 -51.53 -17.45
CA TYR J 132 10.26 -51.21 -17.20
C TYR J 132 9.42 -51.37 -18.47
N GLY J 133 9.99 -50.98 -19.60
CA GLY J 133 9.30 -51.10 -20.88
C GLY J 133 8.98 -52.53 -21.24
N LEU J 134 9.89 -53.43 -20.92
CA LEU J 134 9.68 -54.87 -21.13
C LEU J 134 8.49 -55.35 -20.30
N LEU J 135 8.35 -54.76 -19.12
CA LEU J 135 7.27 -55.10 -18.21
C LEU J 135 5.92 -54.61 -18.71
N GLU J 136 5.91 -53.37 -19.21
CA GLU J 136 4.68 -52.72 -19.69
C GLU J 136 3.97 -53.54 -20.77
N GLU J 137 4.70 -53.93 -21.81
CA GLU J 137 4.12 -54.73 -22.88
C GLU J 137 3.68 -56.10 -22.41
N SER J 138 4.43 -56.66 -21.46
CA SER J 138 4.19 -58.02 -21.00
C SER J 138 2.87 -58.17 -20.23
N GLN J 139 2.48 -57.12 -19.51
CA GLN J 139 1.26 -57.16 -18.72
C GLN J 139 0.01 -57.10 -19.61
N ASN J 140 -0.04 -56.12 -20.50
CA ASN J 140 -1.18 -55.99 -21.41
C ASN J 140 -1.29 -57.23 -22.29
N GLN J 141 -0.14 -57.83 -22.59
CA GLN J 141 -0.10 -59.08 -23.33
C GLN J 141 -0.77 -60.19 -22.53
N GLN J 142 -0.59 -60.18 -21.21
CA GLN J 142 -1.25 -61.15 -20.34
C GLN J 142 -2.78 -60.97 -20.38
N GLU J 143 -3.22 -59.73 -20.24
CA GLU J 143 -4.64 -59.41 -20.19
C GLU J 143 -5.34 -59.75 -21.51
N LYS J 144 -4.76 -59.31 -22.61
CA LYS J 144 -5.32 -59.58 -23.94
C LYS J 144 -5.43 -61.08 -24.17
N ASN J 145 -4.59 -61.85 -23.48
CA ASN J 145 -4.62 -63.30 -23.57
C ASN J 145 -5.66 -63.93 -22.67
N GLU J 146 -5.69 -63.47 -21.41
CA GLU J 146 -6.57 -64.05 -20.41
C GLU J 146 -8.05 -63.85 -20.74
N GLN J 147 -8.37 -62.80 -21.49
CA GLN J 147 -9.73 -62.59 -21.96
C GLN J 147 -10.11 -63.73 -22.90
N ASP J 148 -9.15 -64.19 -23.70
CA ASP J 148 -9.40 -65.25 -24.66
C ASP J 148 -9.67 -66.59 -23.97
N LEU J 149 -9.09 -66.78 -22.79
CA LEU J 149 -9.32 -68.00 -22.02
C LEU J 149 -10.73 -68.02 -21.44
N LEU J 150 -11.12 -66.93 -20.77
CA LEU J 150 -12.46 -66.81 -20.21
C LEU J 150 -13.49 -66.71 -21.32
N ALA J 151 -13.06 -66.32 -22.51
CA ALA J 151 -13.96 -66.25 -23.67
C ALA J 151 -14.35 -67.64 -24.13
N LEU J 152 -13.36 -68.50 -24.33
CA LEU J 152 -13.62 -69.86 -24.77
C LEU J 152 -14.20 -70.70 -23.64
N ASP J 153 -13.80 -70.37 -22.41
CA ASP J 153 -14.34 -71.05 -21.23
C ASP J 153 -15.06 -70.07 -20.31
N GLU K 1 -81.11 -10.16 16.21
CA GLU K 1 -81.22 -9.73 14.75
C GLU K 1 -80.77 -8.32 14.66
N VAL K 2 -80.09 -7.93 13.63
CA VAL K 2 -79.58 -6.59 13.73
C VAL K 2 -80.54 -5.31 13.60
N GLN K 3 -80.43 -4.27 14.44
CA GLN K 3 -81.04 -3.05 13.90
C GLN K 3 -80.34 -1.70 13.87
N LEU K 4 -80.87 -0.82 13.02
CA LEU K 4 -80.50 0.60 13.00
C LEU K 4 -81.72 1.60 13.30
N VAL K 5 -81.44 2.78 13.82
CA VAL K 5 -82.44 3.77 14.10
C VAL K 5 -81.88 5.10 13.72
N GLU K 6 -82.50 5.74 12.73
CA GLU K 6 -82.20 7.13 12.47
C GLU K 6 -82.98 8.01 13.41
N SER K 7 -82.29 8.97 14.04
CA SER K 7 -83.03 10.03 14.70
C SER K 7 -82.33 11.36 14.45
N GLY K 8 -83.20 12.30 13.98
CA GLY K 8 -82.96 13.74 13.84
C GLY K 8 -83.88 14.49 12.90
N GLY K 9 -84.54 13.78 12.02
CA GLY K 9 -85.47 14.44 11.12
C GLY K 9 -86.39 15.53 11.66
N GLY K 10 -87.02 16.27 10.74
CA GLY K 10 -88.02 17.31 11.02
C GLY K 10 -87.87 18.41 10.00
N LEU K 11 -88.25 19.69 10.37
CA LEU K 11 -88.16 20.89 9.43
C LEU K 11 -86.96 21.86 9.43
N VAL K 12 -86.55 22.19 8.21
CA VAL K 12 -85.48 23.14 7.98
C VAL K 12 -85.99 24.08 6.87
N LYS K 13 -85.72 25.37 7.04
CA LYS K 13 -86.08 26.33 6.06
C LYS K 13 -84.83 26.35 5.28
N ALA K 14 -84.90 26.68 3.99
CA ALA K 14 -83.73 26.54 3.08
C ALA K 14 -82.64 27.39 3.62
N GLY K 15 -81.49 26.81 3.83
CA GLY K 15 -80.38 27.51 4.40
C GLY K 15 -80.06 26.89 5.76
N GLY K 16 -81.12 26.49 6.44
CA GLY K 16 -80.93 25.56 7.52
C GLY K 16 -79.66 24.73 7.77
N SER K 17 -79.71 24.00 8.87
CA SER K 17 -78.75 23.00 9.21
C SER K 17 -79.57 22.01 9.93
N LEU K 18 -79.03 20.82 10.09
CA LEU K 18 -79.67 19.76 10.80
C LEU K 18 -78.63 18.82 10.68
N ILE K 19 -78.03 18.50 11.84
CA ILE K 19 -77.17 17.35 12.04
C ILE K 19 -78.25 16.29 12.17
N LEU K 20 -78.06 15.02 11.74
CA LEU K 20 -79.03 13.89 11.95
C LEU K 20 -78.22 12.87 12.70
N SER K 21 -78.81 11.80 13.25
CA SER K 21 -77.94 10.73 13.79
C SER K 21 -78.60 9.37 13.90
N CYS K 22 -77.84 8.41 14.39
CA CYS K 22 -78.10 7.06 13.97
C CYS K 22 -77.29 6.14 14.83
N GLY K 23 -77.96 5.20 15.48
CA GLY K 23 -77.25 4.19 16.24
C GLY K 23 -77.95 2.83 16.28
N VAL K 24 -77.25 1.82 16.78
CA VAL K 24 -77.66 0.48 16.43
C VAL K 24 -78.29 -0.24 17.58
N SER K 25 -78.38 -1.56 17.40
CA SER K 25 -78.76 -2.54 18.43
C SER K 25 -78.29 -3.83 17.78
N ASN K 26 -77.49 -4.56 18.53
CA ASN K 26 -76.99 -5.87 18.19
C ASN K 26 -75.78 -5.99 17.23
N PHE K 27 -74.96 -4.95 17.09
CA PHE K 27 -73.70 -5.16 16.39
C PHE K 27 -72.60 -4.04 16.45
N ARG K 28 -71.67 -4.05 17.40
CA ARG K 28 -70.66 -2.95 17.40
C ARG K 28 -70.27 -2.36 15.94
N ILE K 29 -70.63 -1.09 15.60
CA ILE K 29 -70.52 -0.54 14.23
C ILE K 29 -69.11 -0.39 13.70
N SER K 30 -68.16 -0.69 14.59
CA SER K 30 -66.75 -0.47 14.36
C SER K 30 -66.10 -1.38 13.34
N ALA K 31 -66.67 -2.50 12.97
CA ALA K 31 -65.99 -3.15 11.88
C ALA K 31 -66.57 -2.77 10.54
N HIS K 32 -67.15 -1.62 10.38
CA HIS K 32 -68.12 -1.60 9.35
C HIS K 32 -68.26 -0.28 8.75
N THR K 33 -68.18 -0.25 7.42
CA THR K 33 -68.42 1.03 6.76
C THR K 33 -69.87 1.59 6.99
N MET K 34 -70.06 2.82 7.42
CA MET K 34 -71.44 3.30 7.71
C MET K 34 -71.89 4.32 6.73
N ASN K 35 -73.11 4.17 6.27
CA ASN K 35 -73.61 4.99 5.09
C ASN K 35 -74.92 5.55 5.24
N TRP K 36 -75.09 6.79 4.77
CA TRP K 36 -76.44 7.48 4.75
C TRP K 36 -76.98 7.49 3.35
N VAL K 37 -78.25 7.17 3.22
CA VAL K 37 -78.83 7.40 1.92
C VAL K 37 -80.28 7.93 1.99
N ARG K 38 -80.74 8.52 0.91
CA ARG K 38 -82.04 9.05 1.10
C ARG K 38 -82.92 8.64 0.04
N ARG K 39 -84.22 8.76 0.34
CA ARG K 39 -85.24 8.54 -0.67
C ARG K 39 -86.06 9.76 -1.07
N VAL K 40 -85.82 10.33 -2.20
CA VAL K 40 -86.70 11.42 -2.62
C VAL K 40 -88.23 11.10 -2.83
N PRO K 41 -89.11 12.11 -2.81
CA PRO K 41 -90.50 11.92 -3.28
C PRO K 41 -90.57 11.41 -4.75
N GLY K 42 -91.43 10.41 -5.04
CA GLY K 42 -91.37 9.80 -6.38
C GLY K 42 -89.99 9.15 -6.54
N GLY K 43 -89.97 7.88 -6.17
CA GLY K 43 -89.19 7.58 -5.00
C GLY K 43 -88.02 6.71 -5.17
N GLY K 44 -86.93 7.33 -5.61
CA GLY K 44 -85.69 6.64 -5.78
C GLY K 44 -84.72 6.87 -4.67
N LEU K 45 -83.61 6.16 -4.83
CA LEU K 45 -82.64 6.33 -3.72
C LEU K 45 -81.42 7.11 -4.14
N GLU K 46 -80.93 7.99 -3.32
CA GLU K 46 -79.69 8.63 -3.61
C GLU K 46 -78.70 8.24 -2.52
N TRP K 47 -77.54 7.78 -2.95
CA TRP K 47 -76.48 7.61 -1.96
C TRP K 47 -76.03 8.99 -1.60
N VAL K 48 -75.74 9.19 -0.33
CA VAL K 48 -75.39 10.56 0.09
C VAL K 48 -73.94 10.57 0.60
N ALA K 49 -73.62 9.68 1.56
CA ALA K 49 -72.26 9.69 2.08
C ALA K 49 -71.92 8.32 2.64
N SER K 50 -70.64 7.92 2.53
CA SER K 50 -70.24 6.90 3.45
C SER K 50 -69.04 7.27 4.30
N ILE K 51 -68.85 6.60 5.45
CA ILE K 51 -67.61 6.73 6.23
C ILE K 51 -66.98 5.43 6.58
N SER K 52 -65.82 5.24 5.97
CA SER K 52 -65.07 3.94 6.06
C SER K 52 -64.70 3.60 7.52
N THR K 53 -64.06 2.46 7.69
CA THR K 53 -63.84 1.99 9.05
C THR K 53 -62.70 2.91 9.50
N SER K 54 -62.38 2.89 10.80
CA SER K 54 -61.47 3.86 11.50
C SER K 54 -61.44 5.32 10.97
N SER K 55 -62.57 5.70 10.36
CA SER K 55 -62.89 7.04 9.89
C SER K 55 -61.96 7.49 8.84
N THR K 56 -61.48 6.51 8.05
CA THR K 56 -60.31 6.65 7.13
C THR K 56 -60.66 7.32 5.84
N TYR K 57 -61.90 7.21 5.39
CA TYR K 57 -62.37 7.90 4.19
C TYR K 57 -63.75 8.40 4.40
N ARG K 58 -63.99 9.65 4.14
CA ARG K 58 -65.39 10.01 4.07
C ARG K 58 -65.53 10.30 2.59
N ASP K 59 -66.72 10.20 2.01
CA ASP K 59 -66.98 10.50 0.58
C ASP K 59 -68.38 10.89 0.52
N TYR K 60 -68.77 11.74 -0.39
CA TYR K 60 -70.16 12.25 -0.30
C TYR K 60 -70.48 12.29 -1.77
N ALA K 61 -71.74 12.48 -2.09
CA ALA K 61 -72.24 12.65 -3.43
C ALA K 61 -72.01 14.04 -3.92
N ASP K 62 -71.69 14.20 -5.19
CA ASP K 62 -71.46 15.51 -5.58
C ASP K 62 -72.51 16.54 -5.31
N ALA K 63 -73.79 16.17 -5.33
CA ALA K 63 -74.82 17.11 -4.83
C ALA K 63 -74.74 17.46 -3.38
N VAL K 64 -74.00 16.71 -2.57
CA VAL K 64 -73.98 17.25 -1.19
C VAL K 64 -72.61 17.63 -0.76
N LYS K 65 -71.65 17.38 -1.66
CA LYS K 65 -70.23 17.71 -1.35
C LYS K 65 -70.15 19.05 -0.63
N GLY K 66 -69.62 19.07 0.55
CA GLY K 66 -69.26 20.37 1.03
C GLY K 66 -70.33 21.18 1.71
N ARG K 67 -71.48 20.60 2.04
CA ARG K 67 -72.60 21.26 2.59
C ARG K 67 -72.91 20.32 3.71
N PHE K 68 -72.27 19.07 3.67
CA PHE K 68 -72.66 17.91 4.61
C PHE K 68 -71.53 17.14 5.15
N THR K 69 -71.49 16.89 6.44
CA THR K 69 -70.36 16.10 6.95
C THR K 69 -70.89 14.83 7.60
N VAL K 70 -70.14 13.74 7.47
CA VAL K 70 -70.51 12.45 8.08
C VAL K 70 -69.44 12.18 9.12
N SER K 71 -69.83 11.56 10.22
CA SER K 71 -68.97 11.44 11.42
C SER K 71 -69.34 10.13 12.08
N ARG K 72 -68.35 9.53 12.71
CA ARG K 72 -68.57 8.20 13.29
C ARG K 72 -67.97 8.14 14.68
N ASP K 73 -68.77 7.69 15.66
CA ASP K 73 -68.33 7.46 17.05
C ASP K 73 -68.37 5.97 17.35
N ASP K 74 -67.28 5.23 17.16
CA ASP K 74 -67.45 3.80 17.45
C ASP K 74 -67.34 3.50 18.93
N LEU K 75 -66.93 4.39 19.79
CA LEU K 75 -66.82 3.79 21.09
C LEU K 75 -68.20 3.75 21.64
N GLU K 76 -69.05 4.68 21.25
CA GLU K 76 -70.37 4.62 21.78
C GLU K 76 -71.34 4.08 20.85
N ASP K 77 -70.90 3.75 19.63
CA ASP K 77 -71.74 3.30 18.49
C ASP K 77 -72.79 4.24 17.98
N PHE K 78 -72.38 5.30 17.27
CA PHE K 78 -73.29 6.09 16.46
C PHE K 78 -72.56 6.71 15.27
N VAL K 79 -73.31 7.27 14.39
CA VAL K 79 -72.72 7.80 13.21
C VAL K 79 -73.69 8.95 13.02
N TYR K 80 -73.17 10.13 12.58
CA TYR K 80 -73.83 11.41 12.56
C TYR K 80 -73.95 12.02 11.13
N LEU K 81 -74.97 12.83 10.87
CA LEU K 81 -74.90 13.51 9.60
C LEU K 81 -75.16 15.02 9.70
N GLN K 82 -74.14 15.87 9.59
CA GLN K 82 -74.40 17.29 9.68
C GLN K 82 -74.92 17.64 8.34
N MET K 83 -76.14 18.12 8.12
CA MET K 83 -76.38 18.84 6.86
C MET K 83 -76.52 20.29 7.07
N HIS K 84 -75.86 21.05 6.21
CA HIS K 84 -75.96 22.49 6.14
C HIS K 84 -76.28 23.16 4.80
N LYS K 85 -76.27 24.46 4.86
CA LYS K 85 -76.71 25.30 3.80
C LYS K 85 -77.82 24.59 3.13
N MET K 86 -78.73 23.98 3.83
CA MET K 86 -79.58 22.99 3.13
C MET K 86 -80.50 23.52 2.01
N ARG K 87 -80.88 22.67 1.04
CA ARG K 87 -81.60 23.11 -0.23
C ARG K 87 -82.95 22.38 -0.44
N VAL K 88 -83.85 22.92 -1.22
CA VAL K 88 -85.11 22.22 -1.20
C VAL K 88 -84.95 20.79 -1.36
N GLU K 89 -84.39 20.39 -2.49
CA GLU K 89 -84.25 19.01 -2.83
C GLU K 89 -83.31 18.23 -1.89
N ASP K 90 -83.19 18.61 -0.63
CA ASP K 90 -82.59 17.68 0.31
C ASP K 90 -83.81 16.97 0.93
N THR K 91 -84.97 17.14 0.33
CA THR K 91 -86.12 16.67 1.07
C THR K 91 -86.27 15.21 0.81
N ALA K 92 -85.95 14.32 1.76
CA ALA K 92 -86.27 12.87 1.63
C ALA K 92 -86.56 12.12 2.95
N ILE K 93 -86.93 10.84 2.91
CA ILE K 93 -86.65 10.02 4.10
C ILE K 93 -85.11 9.69 4.06
N TYR K 94 -84.45 9.75 5.25
CA TYR K 94 -83.02 9.54 5.29
C TYR K 94 -82.71 8.27 6.02
N TYR K 95 -81.91 7.37 5.49
CA TYR K 95 -81.62 6.20 6.24
C TYR K 95 -80.11 6.02 6.28
N CYS K 96 -79.57 5.45 7.42
CA CYS K 96 -78.21 4.91 7.37
C CYS K 96 -78.21 3.42 7.16
N ALA K 97 -77.22 2.94 6.40
CA ALA K 97 -77.21 1.58 5.95
C ALA K 97 -75.89 1.05 6.37
N ARG K 98 -75.87 -0.15 6.91
CA ARG K 98 -74.65 -0.77 7.20
C ARG K 98 -73.92 -1.28 5.91
N LYS K 99 -72.61 -1.38 5.93
CA LYS K 99 -72.14 -1.89 4.75
C LYS K 99 -71.58 -3.24 4.90
N GLY K 100 -71.42 -3.84 6.04
CA GLY K 100 -71.11 -5.29 5.78
C GLY K 100 -71.99 -6.28 4.90
N SER K 101 -71.48 -7.37 4.40
CA SER K 101 -72.34 -8.58 4.30
C SER K 101 -71.80 -9.74 5.15
N ASP K 102 -72.05 -11.03 4.87
CA ASP K 102 -71.69 -11.91 5.99
C ASP K 102 -70.21 -12.24 6.27
N ARG K 103 -69.59 -13.16 5.50
CA ARG K 103 -68.12 -13.19 5.37
C ARG K 103 -67.76 -11.80 4.78
N LEU K 104 -67.07 -10.96 5.60
CA LEU K 104 -67.00 -9.51 5.35
C LEU K 104 -65.87 -9.24 4.40
N SER K 105 -66.09 -8.45 3.35
CA SER K 105 -65.07 -8.21 2.30
C SER K 105 -64.83 -6.77 1.86
N ASP K 106 -63.63 -6.30 1.64
CA ASP K 106 -63.51 -4.88 1.27
C ASP K 106 -64.50 -4.25 0.28
N ASN K 107 -65.54 -4.98 -0.14
CA ASN K 107 -66.72 -4.41 -0.85
C ASN K 107 -67.98 -5.32 -0.65
N ASP K 108 -68.69 -5.21 0.44
CA ASP K 108 -69.98 -5.92 0.54
C ASP K 108 -71.20 -4.96 0.22
N PRO K 109 -72.43 -5.38 0.21
CA PRO K 109 -73.44 -4.38 -0.04
C PRO K 109 -74.19 -3.95 1.16
N PHE K 110 -75.30 -3.31 0.99
CA PHE K 110 -75.89 -2.74 2.16
C PHE K 110 -76.92 -3.70 2.78
N ASP K 111 -76.54 -4.40 3.86
CA ASP K 111 -77.37 -5.44 4.44
C ASP K 111 -78.31 -4.98 5.58
N ALA K 112 -78.32 -3.71 5.97
CA ALA K 112 -79.11 -3.37 7.14
C ALA K 112 -79.75 -2.00 7.07
N TRP K 113 -80.95 -1.73 7.56
CA TRP K 113 -81.23 -0.33 7.41
C TRP K 113 -82.14 0.08 8.56
N GLY K 114 -81.94 1.32 8.98
CA GLY K 114 -82.93 1.97 9.76
C GLY K 114 -84.13 2.21 8.87
N PRO K 115 -85.22 2.47 9.57
CA PRO K 115 -86.49 2.73 8.92
C PRO K 115 -86.54 4.15 8.41
N GLY K 116 -85.46 4.86 8.58
CA GLY K 116 -85.35 6.15 7.96
C GLY K 116 -85.85 7.27 8.87
N THR K 117 -85.39 8.51 8.68
CA THR K 117 -85.99 9.62 9.34
C THR K 117 -86.44 10.70 8.35
N VAL K 118 -87.56 11.36 8.65
CA VAL K 118 -88.02 12.28 7.63
C VAL K 118 -87.42 13.69 7.71
N VAL K 119 -86.91 14.16 6.58
CA VAL K 119 -86.28 15.47 6.54
C VAL K 119 -86.86 16.33 5.41
N THR K 120 -87.05 17.59 5.74
CA THR K 120 -87.94 18.32 4.89
C THR K 120 -87.69 19.83 4.87
N VAL K 121 -87.35 20.36 3.69
CA VAL K 121 -86.95 21.78 3.61
C VAL K 121 -88.00 22.63 2.89
N SER K 122 -88.38 23.74 3.52
CA SER K 122 -89.32 24.72 2.92
C SER K 122 -88.47 25.74 2.17
N PRO K 123 -88.72 26.01 0.87
CA PRO K 123 -87.88 26.94 0.14
C PRO K 123 -87.94 28.35 0.75
N ALA K 124 -89.11 28.75 1.23
CA ALA K 124 -89.30 30.08 1.76
C ALA K 124 -88.10 30.10 2.65
N SER K 125 -87.14 30.96 2.38
CA SER K 125 -85.86 30.82 3.08
C SER K 125 -85.57 32.02 3.94
N THR K 126 -86.59 32.85 4.04
CA THR K 126 -86.49 34.20 4.52
C THR K 126 -87.88 34.81 4.26
N LYS K 127 -88.50 35.33 5.31
CA LYS K 127 -89.79 35.99 5.17
C LYS K 127 -89.81 37.27 5.95
N GLY K 128 -90.41 38.25 5.29
CA GLY K 128 -90.64 39.54 5.88
C GLY K 128 -91.56 39.56 7.09
N PRO K 129 -91.46 40.66 7.79
CA PRO K 129 -92.34 40.91 8.93
C PRO K 129 -93.71 41.42 8.53
N SER K 130 -94.64 41.17 9.45
CA SER K 130 -95.99 41.74 9.39
C SER K 130 -96.09 42.74 10.54
N VAL K 131 -96.64 43.93 10.30
CA VAL K 131 -96.37 45.07 11.21
C VAL K 131 -97.58 45.80 11.86
N PHE K 132 -97.83 45.57 13.14
CA PHE K 132 -99.14 45.86 13.65
C PHE K 132 -98.91 46.78 14.80
N PRO K 133 -99.69 47.88 14.92
CA PRO K 133 -99.30 49.01 15.81
C PRO K 133 -99.43 48.60 17.28
N LEU K 134 -99.17 49.73 18.10
CA LEU K 134 -99.34 49.75 19.57
C LEU K 134 -99.96 51.09 20.23
N ALA K 135 -101.27 51.05 20.39
CA ALA K 135 -102.12 52.25 20.47
C ALA K 135 -101.65 53.52 21.26
N PRO K 136 -101.32 54.64 20.54
CA PRO K 136 -101.09 55.95 21.19
C PRO K 136 -101.96 56.01 22.41
N SER K 137 -103.27 56.03 22.15
CA SER K 137 -104.25 55.48 23.07
C SER K 137 -104.62 56.39 24.17
N SER K 138 -105.68 55.98 24.86
CA SER K 138 -106.19 56.70 25.98
C SER K 138 -106.62 58.02 25.40
N LYS K 139 -107.92 58.09 25.13
CA LYS K 139 -108.59 59.35 25.33
C LYS K 139 -108.18 59.63 26.80
N SER K 140 -109.06 59.27 27.74
CA SER K 140 -108.92 59.48 29.22
C SER K 140 -108.65 60.95 29.59
N THR K 141 -107.39 61.21 29.94
CA THR K 141 -106.80 62.53 29.79
C THR K 141 -105.33 62.31 29.42
N SER K 142 -104.56 63.41 29.47
CA SER K 142 -103.09 63.35 29.39
C SER K 142 -102.41 64.75 29.41
N GLY K 143 -102.60 65.49 30.52
CA GLY K 143 -101.67 66.56 30.89
C GLY K 143 -100.24 66.09 31.26
N GLY K 144 -99.83 64.86 30.88
CA GLY K 144 -98.50 64.29 31.22
C GLY K 144 -97.56 63.88 30.10
N THR K 145 -97.57 62.56 29.80
CA THR K 145 -96.77 61.87 28.74
C THR K 145 -97.34 60.49 28.30
N ALA K 146 -97.36 60.23 26.98
CA ALA K 146 -97.94 58.97 26.44
C ALA K 146 -96.94 57.85 26.39
N ALA K 147 -97.12 56.97 25.39
CA ALA K 147 -96.26 55.84 25.08
C ALA K 147 -96.99 55.33 23.91
N LEU K 148 -96.25 54.94 22.84
CA LEU K 148 -96.80 54.28 21.63
C LEU K 148 -95.76 53.52 20.77
N GLY K 149 -96.26 52.68 19.83
CA GLY K 149 -95.46 51.80 18.96
C GLY K 149 -96.00 50.95 17.77
N CYS K 150 -95.09 50.80 16.80
CA CYS K 150 -94.88 49.66 15.89
C CYS K 150 -94.64 48.29 16.58
N LEU K 151 -95.48 47.29 16.34
CA LEU K 151 -95.10 45.87 16.58
C LEU K 151 -94.65 45.15 15.26
N VAL K 152 -93.41 44.63 15.23
CA VAL K 152 -92.82 44.00 14.03
C VAL K 152 -92.84 42.49 14.10
N LYS K 153 -93.80 41.93 13.38
CA LYS K 153 -94.31 40.62 13.66
C LYS K 153 -94.08 39.54 12.57
N ASP K 154 -93.73 38.34 13.06
CA ASP K 154 -93.62 37.14 12.26
C ASP K 154 -92.61 37.38 11.21
N TYR K 155 -91.38 36.93 11.44
CA TYR K 155 -90.23 37.19 10.51
C TYR K 155 -89.04 36.28 10.76
N PHE K 156 -88.02 36.30 9.87
CA PHE K 156 -86.99 35.23 9.90
C PHE K 156 -86.16 35.28 8.69
N PRO K 157 -84.83 35.31 8.80
CA PRO K 157 -84.13 35.24 10.07
C PRO K 157 -83.99 36.61 10.61
N GLU K 158 -83.05 36.76 11.50
CA GLU K 158 -82.95 38.03 12.12
C GLU K 158 -81.77 38.61 11.34
N PRO K 159 -81.59 39.93 11.41
CA PRO K 159 -82.48 40.83 12.11
C PRO K 159 -83.10 41.95 11.31
N VAL K 160 -83.78 42.74 12.10
CA VAL K 160 -84.51 43.83 11.57
C VAL K 160 -83.98 45.08 12.19
N THR K 161 -84.00 46.14 11.40
CA THR K 161 -83.58 47.43 11.88
C THR K 161 -84.70 48.43 11.72
N VAL K 162 -84.96 49.12 12.85
CA VAL K 162 -85.94 50.22 12.89
C VAL K 162 -85.38 51.59 13.32
N SER K 163 -85.83 52.61 12.63
CA SER K 163 -85.58 53.97 13.09
C SER K 163 -86.95 54.54 12.95
N TRP K 164 -87.23 55.62 13.66
CA TRP K 164 -88.49 56.35 13.51
C TRP K 164 -88.29 57.65 12.76
N ASN K 165 -89.31 58.12 12.02
CA ASN K 165 -89.17 59.33 11.20
C ASN K 165 -87.78 59.39 10.58
N SER K 166 -87.33 58.29 9.98
CA SER K 166 -86.02 58.20 9.31
C SER K 166 -84.89 58.93 10.02
N GLY K 167 -84.21 58.24 10.95
CA GLY K 167 -83.23 58.91 11.80
C GLY K 167 -83.80 60.06 12.63
N ALA K 168 -84.50 60.96 11.95
CA ALA K 168 -84.90 62.25 12.51
C ALA K 168 -85.29 62.21 13.99
N LEU K 169 -86.01 61.18 14.42
CA LEU K 169 -86.37 61.07 15.82
C LEU K 169 -85.68 59.87 16.46
N THR K 170 -84.89 60.12 17.52
CA THR K 170 -84.38 59.08 18.43
C THR K 170 -84.70 59.28 19.90
N SER K 171 -84.58 60.48 20.41
CA SER K 171 -84.55 60.47 21.86
C SER K 171 -85.81 59.74 22.40
N GLY K 172 -85.62 58.60 23.04
CA GLY K 172 -86.77 58.03 23.75
C GLY K 172 -87.47 56.90 23.05
N VAL K 173 -86.75 56.32 22.10
CA VAL K 173 -87.19 55.21 21.28
C VAL K 173 -86.71 54.04 22.09
N HIS K 174 -87.32 52.86 21.90
CA HIS K 174 -86.81 51.56 22.43
C HIS K 174 -87.16 50.41 21.45
N THR K 175 -86.14 49.63 21.08
CA THR K 175 -86.35 48.37 20.33
C THR K 175 -85.80 47.12 21.13
N PHE K 176 -86.59 46.05 21.20
CA PHE K 176 -86.28 44.95 22.06
C PHE K 176 -85.54 43.79 21.42
N PRO K 177 -84.84 43.09 22.29
CA PRO K 177 -84.52 41.72 22.02
C PRO K 177 -85.58 41.15 21.11
N ALA K 178 -85.27 40.53 19.99
CA ALA K 178 -86.38 39.87 19.34
C ALA K 178 -86.59 38.56 20.05
N VAL K 179 -87.72 37.93 19.75
CA VAL K 179 -88.22 36.79 20.53
C VAL K 179 -88.43 35.68 19.54
N LEU K 180 -87.88 34.48 19.83
CA LEU K 180 -88.31 33.31 19.04
C LEU K 180 -89.76 32.83 19.36
N GLN K 181 -90.63 32.89 18.34
CA GLN K 181 -92.05 32.54 18.56
C GLN K 181 -92.25 31.04 18.44
N SER K 182 -92.88 30.45 19.46
CA SER K 182 -93.31 29.07 19.25
C SER K 182 -93.39 28.67 17.70
N SER K 183 -94.01 29.53 16.88
CA SER K 183 -94.29 29.23 15.44
C SER K 183 -93.04 28.88 14.66
N GLY K 184 -91.98 29.59 15.01
CA GLY K 184 -90.82 29.68 14.15
C GLY K 184 -90.28 31.09 13.96
N LEU K 185 -91.01 31.93 13.21
CA LEU K 185 -90.77 33.36 13.02
C LEU K 185 -90.48 34.20 14.28
N TYR K 186 -89.35 34.90 14.17
CA TYR K 186 -88.96 35.91 15.08
C TYR K 186 -90.11 36.85 15.16
N SER K 187 -90.19 37.55 16.28
CA SER K 187 -90.79 38.88 16.25
C SER K 187 -90.29 39.82 17.36
N LEU K 188 -90.80 41.06 17.34
CA LEU K 188 -90.23 42.12 18.19
C LEU K 188 -91.10 43.40 18.39
N SER K 189 -90.75 44.33 19.30
CA SER K 189 -91.51 45.55 19.20
C SER K 189 -90.72 46.84 19.34
N SER K 190 -91.21 47.92 18.68
CA SER K 190 -90.67 49.27 18.94
C SER K 190 -91.58 50.23 19.76
N VAL K 191 -90.99 50.97 20.69
CA VAL K 191 -91.79 51.84 21.51
C VAL K 191 -91.22 53.17 21.32
N VAL K 192 -92.10 54.14 21.46
CA VAL K 192 -91.67 55.47 21.69
C VAL K 192 -92.53 56.11 22.76
N THR K 193 -91.90 56.92 23.60
CA THR K 193 -92.55 57.59 24.69
C THR K 193 -92.65 59.03 24.21
N VAL K 194 -93.84 59.42 23.77
CA VAL K 194 -94.03 60.81 23.38
C VAL K 194 -95.12 61.67 24.14
N PRO K 195 -94.68 62.68 24.86
CA PRO K 195 -95.60 63.45 25.68
C PRO K 195 -96.77 63.95 24.84
N SER K 196 -97.95 63.95 25.47
CA SER K 196 -99.25 63.79 24.77
C SER K 196 -99.67 64.90 23.80
N SER K 197 -99.54 66.17 24.25
CA SER K 197 -99.82 67.33 23.38
C SER K 197 -99.31 67.01 21.96
N SER K 198 -98.14 66.36 21.92
CA SER K 198 -97.49 66.06 20.67
C SER K 198 -98.36 65.20 19.68
N LEU K 199 -98.96 64.05 20.13
CA LEU K 199 -99.61 63.12 19.17
C LEU K 199 -100.74 63.75 18.33
N GLY K 200 -100.62 63.61 17.00
CA GLY K 200 -101.73 63.88 16.06
C GLY K 200 -101.70 65.30 15.46
N THR K 201 -101.66 66.30 16.34
CA THR K 201 -101.07 67.59 16.03
C THR K 201 -99.55 67.31 15.83
N GLN K 202 -99.17 66.02 15.84
CA GLN K 202 -97.90 65.51 15.33
C GLN K 202 -97.88 63.96 15.52
N THR K 203 -97.99 63.23 14.36
CA THR K 203 -97.91 61.74 14.32
C THR K 203 -96.57 61.16 13.81
N TYR K 204 -96.45 59.84 13.83
CA TYR K 204 -95.12 59.21 13.86
C TYR K 204 -94.92 58.08 12.82
N ILE K 205 -93.67 57.73 12.57
CA ILE K 205 -93.32 56.68 11.60
C ILE K 205 -92.16 55.76 12.12
N CYS K 206 -92.23 54.51 11.69
CA CYS K 206 -91.16 53.58 11.95
C CYS K 206 -90.83 53.08 10.63
N ASN K 207 -89.54 52.94 10.42
CA ASN K 207 -89.01 52.37 9.21
C ASN K 207 -88.42 51.01 9.50
N VAL K 208 -89.33 50.07 9.60
CA VAL K 208 -88.96 48.69 9.75
C VAL K 208 -88.36 48.14 8.50
N ASN K 209 -87.06 47.89 8.59
CA ASN K 209 -86.34 47.44 7.43
C ASN K 209 -85.71 46.01 7.61
N HIS K 210 -86.26 45.00 6.94
CA HIS K 210 -85.68 43.62 7.05
C HIS K 210 -84.75 43.18 5.85
N LYS K 211 -83.44 43.27 5.99
CA LYS K 211 -82.53 43.13 4.84
C LYS K 211 -82.20 41.65 4.30
N PRO K 212 -82.52 40.61 5.06
CA PRO K 212 -82.35 39.24 4.59
C PRO K 212 -83.33 39.02 3.51
N SER K 213 -84.54 39.48 3.77
CA SER K 213 -85.61 39.33 2.83
C SER K 213 -85.47 40.47 1.91
N ASN K 214 -84.77 41.50 2.36
CA ASN K 214 -84.88 42.72 1.63
C ASN K 214 -86.37 43.19 1.81
N THR K 215 -86.69 44.13 2.71
CA THR K 215 -88.09 44.50 2.87
C THR K 215 -88.23 45.64 3.82
N LYS K 216 -89.17 46.52 3.48
CA LYS K 216 -89.16 47.90 3.91
C LYS K 216 -90.51 48.45 4.29
N VAL K 217 -91.21 47.79 5.20
CA VAL K 217 -92.47 48.35 5.73
C VAL K 217 -92.31 49.67 6.42
N ASP K 218 -93.04 50.63 5.88
CA ASP K 218 -93.27 51.87 6.59
C ASP K 218 -94.73 51.97 7.01
N LYS K 219 -94.96 52.66 8.12
CA LYS K 219 -96.32 52.90 8.57
C LYS K 219 -96.45 53.93 9.69
N LYS K 220 -97.42 54.86 9.52
CA LYS K 220 -97.80 55.77 10.59
C LYS K 220 -98.58 55.01 11.68
N VAL K 221 -98.34 55.42 12.95
CA VAL K 221 -99.29 55.27 14.09
C VAL K 221 -99.89 56.63 14.33
N GLU K 222 -101.20 56.65 14.57
CA GLU K 222 -101.85 57.81 15.17
C GLU K 222 -102.83 57.26 16.20
N PRO K 223 -103.72 58.12 16.74
CA PRO K 223 -104.80 57.69 17.66
C PRO K 223 -105.80 56.59 17.15
N LYS K 224 -107.00 56.55 17.77
CA LYS K 224 -108.07 55.57 17.38
C LYS K 224 -109.56 56.04 17.68
N SER K 225 -110.40 55.08 18.07
CA SER K 225 -111.85 55.11 18.04
C SER K 225 -112.42 56.57 18.00
N GLN L 1 25.38 -9.02 -19.50
CA GLN L 1 26.83 -9.37 -19.53
C GLN L 1 27.62 -8.59 -18.47
N VAL L 2 28.41 -9.32 -17.68
CA VAL L 2 29.22 -8.70 -16.65
C VAL L 2 30.24 -7.78 -17.29
N GLN L 3 30.44 -6.62 -16.69
CA GLN L 3 31.41 -5.65 -17.18
C GLN L 3 32.12 -4.95 -16.03
N LEU L 4 33.44 -4.96 -16.09
CA LEU L 4 34.27 -4.30 -15.10
C LEU L 4 35.07 -3.25 -15.84
N VAL L 5 34.89 -1.98 -15.48
CA VAL L 5 35.59 -0.89 -16.17
C VAL L 5 36.42 -0.09 -15.18
N GLN L 6 37.73 -0.03 -15.43
CA GLN L 6 38.64 0.61 -14.50
C GLN L 6 38.93 2.05 -14.90
N SER L 7 39.51 2.82 -13.97
CA SER L 7 39.95 4.18 -14.27
C SER L 7 41.26 4.12 -15.07
N GLY L 8 41.62 5.25 -15.69
CA GLY L 8 42.69 5.26 -16.67
C GLY L 8 44.10 5.15 -16.08
N ALA L 9 45.07 4.95 -16.95
CA ALA L 9 46.48 4.88 -16.56
C ALA L 9 46.94 6.17 -15.90
N VAL L 10 47.90 6.07 -15.00
CA VAL L 10 48.40 7.25 -14.31
C VAL L 10 49.91 7.15 -14.07
N ILE L 11 50.55 8.31 -13.99
CA ILE L 11 51.94 8.40 -13.57
C ILE L 11 52.00 8.90 -12.12
N LYS L 12 52.70 8.18 -11.26
CA LYS L 12 52.76 8.54 -9.84
C LYS L 12 54.20 8.74 -9.41
N THR L 13 54.44 9.69 -8.52
CA THR L 13 55.78 9.89 -8.00
C THR L 13 55.99 8.95 -6.80
N PRO L 14 57.23 8.50 -6.60
CA PRO L 14 57.52 7.64 -5.44
C PRO L 14 57.05 8.29 -4.16
N GLY L 15 56.43 7.53 -3.26
CA GLY L 15 55.92 8.05 -2.01
C GLY L 15 54.44 8.38 -2.10
N SER L 16 53.94 8.45 -3.33
CA SER L 16 52.54 8.69 -3.63
C SER L 16 51.64 7.53 -3.22
N SER L 17 50.34 7.77 -3.27
CA SER L 17 49.33 6.72 -3.24
C SER L 17 48.56 6.78 -4.55
N VAL L 18 48.10 5.64 -5.02
CA VAL L 18 47.24 5.62 -6.18
C VAL L 18 45.90 5.01 -5.78
N LYS L 19 44.82 5.60 -6.27
CA LYS L 19 43.48 5.06 -6.01
C LYS L 19 42.87 4.64 -7.34
N ILE L 20 42.62 3.34 -7.48
CA ILE L 20 42.07 2.81 -8.73
C ILE L 20 40.62 2.40 -8.52
N SER L 21 39.76 2.77 -9.47
CA SER L 21 38.35 2.40 -9.38
C SER L 21 38.00 1.33 -10.40
N CYS L 22 36.98 0.54 -10.06
CA CYS L 22 36.53 -0.57 -10.89
C CYS L 22 35.01 -0.56 -10.88
N ARG L 23 34.39 0.00 -11.92
CA ARG L 23 32.93 0.07 -12.02
C ARG L 23 32.39 -1.26 -12.51
N ALA L 24 31.57 -1.92 -11.69
CA ALA L 24 31.09 -3.26 -12.00
C ALA L 24 29.58 -3.23 -12.29
N SER L 25 29.18 -3.84 -13.39
CA SER L 25 27.79 -3.78 -13.79
C SER L 25 27.39 -5.05 -14.56
N GLY L 26 26.08 -5.25 -14.75
CA GLY L 26 25.58 -6.42 -15.44
C GLY L 26 25.28 -7.59 -14.54
N TYR L 27 25.36 -7.37 -13.23
CA TYR L 27 25.03 -8.40 -12.24
C TYR L 27 24.77 -7.73 -10.91
N ASN L 28 24.29 -8.49 -9.93
CA ASN L 28 24.07 -7.94 -8.60
C ASN L 28 25.41 -7.79 -7.87
N PHE L 29 25.82 -6.54 -7.68
CA PHE L 29 27.16 -6.22 -7.19
C PHE L 29 27.44 -6.79 -5.80
N ARG L 30 26.41 -6.86 -4.97
CA ARG L 30 26.56 -7.36 -3.61
C ARG L 30 26.84 -8.87 -3.53
N ASP L 31 26.55 -9.59 -4.60
CA ASP L 31 26.58 -11.05 -4.57
C ASP L 31 27.93 -11.69 -4.87
N TYR L 32 28.91 -10.89 -5.28
CA TYR L 32 30.21 -11.45 -5.68
C TYR L 32 31.37 -10.60 -5.15
N SER L 33 32.40 -11.27 -4.66
CA SER L 33 33.63 -10.61 -4.28
C SER L 33 34.30 -10.04 -5.51
N ILE L 34 35.07 -8.98 -5.31
CA ILE L 34 35.95 -8.48 -6.34
C ILE L 34 37.37 -8.69 -5.82
N HIS L 35 38.27 -9.18 -6.67
CA HIS L 35 39.66 -9.26 -6.29
C HIS L 35 40.43 -8.21 -7.06
N TRP L 36 41.62 -7.89 -6.56
CA TRP L 36 42.57 -7.09 -7.30
C TRP L 36 43.84 -7.90 -7.48
N VAL L 37 44.43 -7.76 -8.65
CA VAL L 37 45.64 -8.47 -8.97
C VAL L 37 46.48 -7.55 -9.85
N ARG L 38 47.80 -7.66 -9.71
CA ARG L 38 48.73 -6.83 -10.47
C ARG L 38 49.62 -7.73 -11.31
N LEU L 39 49.88 -7.33 -12.54
CA LEU L 39 50.82 -8.02 -13.41
C LEU L 39 52.08 -7.17 -13.52
N ILE L 40 53.17 -7.66 -12.93
CA ILE L 40 54.40 -6.91 -12.82
C ILE L 40 55.40 -7.36 -13.87
N PRO L 41 55.97 -6.40 -14.63
CA PRO L 41 56.95 -6.75 -15.66
C PRO L 41 58.08 -7.60 -15.09
N ASP L 42 58.36 -8.73 -15.72
CA ASP L 42 59.47 -9.60 -15.34
C ASP L 42 59.26 -10.33 -14.00
N LYS L 43 58.07 -10.23 -13.42
CA LYS L 43 57.81 -10.89 -12.15
C LYS L 43 56.48 -11.65 -12.14
N GLY L 44 55.57 -11.28 -13.02
CA GLY L 44 54.32 -12.01 -13.18
C GLY L 44 53.19 -11.44 -12.35
N PHE L 45 52.19 -12.27 -12.06
CA PHE L 45 51.02 -11.83 -11.33
C PHE L 45 51.23 -11.85 -9.82
N GLU L 46 50.64 -10.87 -9.14
CA GLU L 46 50.62 -10.84 -7.70
C GLU L 46 49.20 -10.48 -7.25
N TRP L 47 48.58 -11.39 -6.51
CA TRP L 47 47.26 -11.14 -5.94
C TRP L 47 47.38 -10.08 -4.85
N ILE L 48 46.48 -9.12 -4.86
CA ILE L 48 46.54 -8.00 -3.90
C ILE L 48 45.56 -8.18 -2.75
N GLY L 49 44.33 -8.58 -3.06
CA GLY L 49 43.34 -8.83 -2.02
C GLY L 49 41.94 -8.98 -2.59
N TRP L 50 40.94 -9.16 -1.72
CA TRP L 50 39.56 -9.19 -2.17
C TRP L 50 38.72 -8.33 -1.27
N ILE L 51 37.54 -8.00 -1.76
CA ILE L 51 36.56 -7.27 -0.99
C ILE L 51 35.23 -7.91 -1.26
N LYS L 52 34.43 -8.07 -0.21
CA LYS L 52 33.07 -8.57 -0.36
C LYS L 52 32.11 -7.40 -0.13
N PRO L 53 31.42 -6.97 -1.20
CA PRO L 53 30.62 -5.73 -1.25
C PRO L 53 29.49 -5.56 -0.22
N LEU L 54 28.93 -6.65 0.30
CA LEU L 54 27.82 -6.54 1.26
C LEU L 54 28.17 -5.68 2.48
N TRP L 55 29.21 -6.11 3.21
CA TRP L 55 29.71 -5.39 4.38
C TRP L 55 31.03 -4.70 4.04
N GLY L 56 31.54 -4.97 2.86
CA GLY L 56 32.85 -4.46 2.47
C GLY L 56 33.99 -5.10 3.26
N ALA L 57 33.80 -6.33 3.71
CA ALA L 57 34.87 -7.11 4.34
C ALA L 57 36.02 -7.31 3.36
N VAL L 58 37.25 -7.35 3.86
CA VAL L 58 38.41 -7.39 3.00
C VAL L 58 39.48 -8.34 3.52
N SER L 59 40.36 -8.73 2.61
CA SER L 59 41.51 -9.56 2.94
C SER L 59 42.64 -9.09 2.03
N TYR L 60 43.79 -8.78 2.63
CA TYR L 60 44.92 -8.23 1.90
C TYR L 60 46.08 -9.21 1.92
N ALA L 61 46.78 -9.33 0.79
CA ALA L 61 47.99 -10.15 0.73
C ALA L 61 48.93 -9.74 1.85
N ARG L 62 49.38 -10.73 2.62
CA ARG L 62 50.24 -10.49 3.77
C ARG L 62 51.39 -9.54 3.42
N GLN L 63 51.99 -9.71 2.25
CA GLN L 63 53.20 -8.96 1.94
C GLN L 63 52.91 -7.51 1.57
N LEU L 64 51.63 -7.17 1.42
CA LEU L 64 51.24 -5.80 1.05
C LEU L 64 50.51 -5.08 2.17
N GLN L 65 50.31 -5.77 3.29
CA GLN L 65 49.52 -5.19 4.36
C GLN L 65 50.18 -3.93 4.90
N GLY L 66 49.36 -2.90 5.10
CA GLY L 66 49.84 -1.59 5.47
C GLY L 66 49.92 -0.65 4.28
N ARG L 67 49.88 -1.20 3.07
CA ARG L 67 50.00 -0.37 1.88
C ARG L 67 48.73 -0.40 1.01
N VAL L 68 47.75 -1.21 1.40
CA VAL L 68 46.59 -1.38 0.54
C VAL L 68 45.29 -1.21 1.31
N SER L 69 44.33 -0.57 0.67
CA SER L 69 43.00 -0.36 1.28
C SER L 69 41.93 -0.49 0.21
N MET L 70 40.96 -1.37 0.44
CA MET L 70 39.90 -1.58 -0.52
C MET L 70 38.56 -1.17 0.09
N THR L 71 37.76 -0.47 -0.71
CA THR L 71 36.45 0.03 -0.30
C THR L 71 35.52 -0.14 -1.50
N ARG L 72 34.23 0.09 -1.31
CA ARG L 72 33.27 0.00 -2.41
C ARG L 72 32.12 0.97 -2.22
N GLN L 73 31.46 1.32 -3.31
CA GLN L 73 30.28 2.16 -3.26
C GLN L 73 29.19 1.53 -4.10
N LEU L 74 27.99 1.45 -3.53
CA LEU L 74 26.88 0.80 -4.19
C LEU L 74 26.05 1.85 -4.92
N SER L 75 25.57 1.50 -6.10
CA SER L 75 24.74 2.40 -6.89
C SER L 75 23.67 3.08 -6.03
N GLN L 76 23.44 4.37 -6.30
CA GLN L 76 22.36 5.11 -5.64
C GLN L 76 21.31 5.54 -6.66
N ASP L 77 21.13 4.74 -7.70
CA ASP L 77 20.16 5.05 -8.74
C ASP L 77 18.97 4.09 -8.68
N PRO L 78 17.80 4.60 -8.23
CA PRO L 78 16.59 3.83 -7.94
C PRO L 78 16.13 2.89 -9.07
N ASP L 79 16.37 3.24 -10.32
CA ASP L 79 15.97 2.40 -11.44
C ASP L 79 17.13 1.57 -11.98
N ASP L 80 18.30 1.68 -11.33
CA ASP L 80 19.48 0.93 -11.72
C ASP L 80 20.34 0.68 -10.49
N PRO L 81 19.79 -0.08 -9.52
CA PRO L 81 20.32 -0.17 -8.16
C PRO L 81 21.33 -1.30 -7.90
N ASP L 82 21.65 -2.10 -8.91
CA ASP L 82 22.40 -3.34 -8.65
C ASP L 82 23.89 -3.31 -9.02
N TRP L 83 24.36 -2.24 -9.68
CA TRP L 83 25.79 -2.13 -9.98
C TRP L 83 26.49 -1.44 -8.82
N GLY L 84 27.82 -1.37 -8.89
CA GLY L 84 28.59 -0.74 -7.84
C GLY L 84 30.01 -0.46 -8.30
N VAL L 85 30.79 0.17 -7.44
CA VAL L 85 32.17 0.45 -7.76
C VAL L 85 33.06 -0.07 -6.64
N ALA L 86 34.13 -0.76 -7.02
CA ALA L 86 35.15 -1.17 -6.09
C ALA L 86 36.36 -0.26 -6.27
N TYR L 87 37.00 0.10 -5.15
CA TYR L 87 38.15 0.98 -5.17
C TYR L 87 39.32 0.29 -4.49
N MET L 88 40.52 0.46 -5.03
CA MET L 88 41.73 -0.01 -4.34
C MET L 88 42.73 1.12 -4.27
N GLU L 89 43.23 1.39 -3.08
CA GLU L 89 44.19 2.45 -2.89
C GLU L 89 45.49 1.79 -2.45
N PHE L 90 46.57 2.15 -3.13
CA PHE L 90 47.87 1.51 -2.91
C PHE L 90 48.85 2.62 -2.58
N SER L 91 49.51 2.52 -1.44
CA SER L 91 50.31 3.65 -0.95
C SER L 91 51.80 3.35 -0.83
N GLY L 92 52.58 4.39 -0.60
CA GLY L 92 54.03 4.28 -0.49
C GLY L 92 54.64 3.67 -1.73
N LEU L 93 54.20 4.14 -2.90
CA LEU L 93 54.64 3.56 -4.18
C LEU L 93 56.14 3.75 -4.42
N THR L 94 56.74 2.74 -5.05
CA THR L 94 58.11 2.83 -5.53
C THR L 94 58.07 2.39 -6.98
N PRO L 95 59.18 2.58 -7.71
CA PRO L 95 59.27 2.12 -9.10
C PRO L 95 58.93 0.64 -9.23
N ALA L 96 59.20 -0.14 -8.18
CA ALA L 96 58.89 -1.57 -8.23
C ALA L 96 57.37 -1.84 -8.27
N ASP L 97 56.57 -0.81 -8.01
CA ASP L 97 55.12 -0.94 -8.06
C ASP L 97 54.57 -0.61 -9.45
N THR L 98 55.46 -0.27 -10.37
CA THR L 98 55.08 -0.06 -11.76
C THR L 98 54.53 -1.36 -12.32
N ALA L 99 53.24 -1.38 -12.61
CA ALA L 99 52.57 -2.61 -13.03
C ALA L 99 51.24 -2.28 -13.68
N GLU L 100 50.59 -3.30 -14.21
CA GLU L 100 49.22 -3.15 -14.67
C GLU L 100 48.32 -3.80 -13.62
N TYR L 101 47.37 -3.02 -13.11
CA TYR L 101 46.49 -3.45 -12.02
C TYR L 101 45.13 -3.84 -12.58
N PHE L 102 44.62 -5.00 -12.17
CA PHE L 102 43.32 -5.48 -12.62
C PHE L 102 42.37 -5.71 -11.45
N CYS L 103 41.10 -5.41 -11.67
CA CYS L 103 40.04 -5.92 -10.80
C CYS L 103 39.44 -7.11 -11.52
N VAL L 104 39.07 -8.13 -10.76
CA VAL L 104 38.61 -9.38 -11.37
C VAL L 104 37.47 -9.96 -10.54
N ARG L 105 36.68 -10.83 -11.15
CA ARG L 105 35.55 -11.45 -10.48
C ARG L 105 35.45 -12.90 -10.91
N ARG L 106 35.02 -13.78 -10.00
CA ARG L 106 34.85 -15.20 -10.34
C ARG L 106 33.70 -15.47 -11.32
N GLY L 107 33.66 -16.67 -11.89
CA GLY L 107 32.55 -17.11 -12.70
C GLY L 107 31.37 -17.43 -11.79
N SER L 108 30.18 -17.55 -12.34
CA SER L 108 28.99 -17.77 -11.51
C SER L 108 28.38 -19.16 -11.64
N CYS L 109 29.15 -20.12 -12.12
CA CYS L 109 28.67 -21.49 -12.27
C CYS L 109 28.83 -22.26 -10.97
N ASP L 110 28.24 -23.44 -10.92
CA ASP L 110 28.21 -24.23 -9.70
C ASP L 110 29.59 -24.67 -9.21
N TYR L 111 30.50 -24.99 -10.14
CA TYR L 111 31.83 -25.46 -9.76
C TYR L 111 32.89 -24.37 -9.80
N CYS L 112 32.47 -23.13 -10.00
CA CYS L 112 33.39 -22.00 -10.00
C CYS L 112 33.79 -21.66 -8.56
N GLY L 113 35.09 -21.70 -8.30
CA GLY L 113 35.61 -21.32 -7.00
C GLY L 113 35.77 -19.82 -6.90
N ASP L 114 36.55 -19.35 -5.92
CA ASP L 114 36.70 -17.92 -5.71
C ASP L 114 37.80 -17.31 -6.55
N PHE L 115 38.79 -18.11 -6.91
CA PHE L 115 39.99 -17.58 -7.57
C PHE L 115 40.03 -17.70 -9.09
N PRO L 116 39.27 -18.63 -9.68
CA PRO L 116 39.28 -18.61 -11.14
C PRO L 116 38.52 -17.39 -11.64
N TRP L 117 39.23 -16.42 -12.19
CA TRP L 117 38.62 -15.15 -12.54
C TRP L 117 38.13 -15.13 -13.99
N GLN L 118 36.82 -15.31 -14.15
CA GLN L 118 36.19 -15.32 -15.46
C GLN L 118 36.10 -13.91 -16.08
N TYR L 119 35.99 -12.90 -15.22
CA TYR L 119 35.78 -11.52 -15.68
C TYR L 119 36.92 -10.63 -15.21
N TRP L 120 37.45 -9.83 -16.14
CA TRP L 120 38.60 -8.95 -15.89
C TRP L 120 38.27 -7.53 -16.34
N CYS L 121 38.65 -6.54 -15.54
CA CYS L 121 38.65 -5.16 -16.00
C CYS L 121 39.72 -5.01 -17.06
N GLN L 122 39.72 -3.87 -17.76
CA GLN L 122 40.65 -3.70 -18.88
C GLN L 122 42.06 -3.44 -18.40
N GLY L 123 42.24 -3.36 -17.08
CA GLY L 123 43.54 -3.07 -16.52
C GLY L 123 43.81 -1.58 -16.39
N THR L 124 44.59 -1.24 -15.38
CA THR L 124 45.06 0.13 -15.20
C THR L 124 46.59 0.14 -15.05
N VAL L 125 47.28 0.80 -15.97
CA VAL L 125 48.73 0.90 -15.90
C VAL L 125 49.12 2.02 -14.95
N VAL L 126 49.94 1.69 -13.96
CA VAL L 126 50.50 2.66 -13.05
C VAL L 126 52.02 2.68 -13.22
N VAL L 127 52.56 3.84 -13.59
CA VAL L 127 54.00 4.01 -13.71
C VAL L 127 54.45 4.89 -12.56
N VAL L 128 55.37 4.39 -11.76
CA VAL L 128 55.94 5.16 -10.64
C VAL L 128 57.32 5.65 -11.00
N GLU M 1 52.82 -21.45 1.50
CA GLU M 1 52.45 -20.94 0.19
C GLU M 1 52.65 -22.01 -0.87
N ILE M 2 52.01 -21.83 -2.04
CA ILE M 2 52.16 -22.75 -3.15
C ILE M 2 53.05 -22.14 -4.23
N VAL M 3 54.05 -22.93 -4.66
CA VAL M 3 54.93 -22.54 -5.74
C VAL M 3 54.55 -23.34 -6.98
N LEU M 4 54.22 -22.62 -8.05
CA LEU M 4 53.84 -23.23 -9.32
C LEU M 4 54.95 -23.03 -10.34
N THR M 5 55.45 -24.14 -10.89
CA THR M 5 56.56 -24.09 -11.83
C THR M 5 56.11 -24.56 -13.20
N GLN M 6 56.07 -23.63 -14.13
CA GLN M 6 55.60 -23.96 -15.47
C GLN M 6 56.75 -24.29 -16.41
N SER M 7 56.47 -25.20 -17.35
CA SER M 7 57.44 -25.53 -18.37
C SER M 7 56.68 -25.92 -19.62
N PRO M 8 57.34 -25.82 -20.79
CA PRO M 8 58.65 -25.21 -20.89
C PRO M 8 58.51 -23.68 -20.84
N GLY M 9 59.61 -22.94 -20.83
CA GLY M 9 59.51 -21.50 -20.84
C GLY M 9 58.96 -21.03 -22.19
N ILE M 10 59.47 -21.61 -23.26
CA ILE M 10 58.98 -21.30 -24.58
C ILE M 10 58.72 -22.59 -25.34
N LEU M 11 57.58 -22.65 -26.00
CA LEU M 11 57.21 -23.78 -26.83
C LEU M 11 57.02 -23.28 -28.26
N SER M 12 57.71 -23.91 -29.21
CA SER M 12 57.66 -23.49 -30.61
C SER M 12 56.98 -24.56 -31.46
N LEU M 13 55.82 -24.24 -32.02
CA LEU M 13 55.04 -25.20 -32.77
C LEU M 13 54.35 -24.52 -33.93
N SER M 14 53.80 -25.31 -34.84
CA SER M 14 53.09 -24.78 -35.99
C SER M 14 51.58 -24.89 -35.84
N PRO M 15 50.83 -23.98 -36.50
CA PRO M 15 49.38 -24.12 -36.61
C PRO M 15 48.99 -25.52 -37.05
N GLY M 16 48.03 -26.13 -36.38
CA GLY M 16 47.59 -27.48 -36.72
C GLY M 16 48.13 -28.53 -35.76
N GLU M 17 49.20 -28.19 -35.05
CA GLU M 17 49.82 -29.15 -34.14
C GLU M 17 49.18 -29.06 -32.76
N THR M 18 49.59 -29.95 -31.87
CA THR M 18 49.07 -29.93 -30.51
C THR M 18 50.18 -29.55 -29.54
N ALA M 19 49.86 -28.61 -28.66
CA ALA M 19 50.83 -28.12 -27.68
C ALA M 19 50.49 -28.76 -26.36
N THR M 20 51.53 -29.12 -25.61
CA THR M 20 51.33 -29.57 -24.25
C THR M 20 52.17 -28.69 -23.35
N LEU M 21 51.51 -28.12 -22.35
CA LEU M 21 52.16 -27.25 -21.37
C LEU M 21 52.01 -27.84 -19.98
N PHE M 22 53.02 -27.65 -19.14
CA PHE M 22 53.04 -28.33 -17.85
C PHE M 22 53.06 -27.32 -16.72
N CYS M 23 52.45 -27.67 -15.60
CA CYS M 23 52.54 -26.87 -14.38
C CYS M 23 52.71 -27.84 -13.21
N LYS M 24 53.79 -27.69 -12.47
CA LYS M 24 54.03 -28.53 -11.29
C LYS M 24 53.84 -27.68 -10.02
N ALA M 25 52.92 -28.07 -9.16
CA ALA M 25 52.71 -27.36 -7.90
C ALA M 25 53.60 -27.93 -6.80
N SER M 26 54.00 -27.10 -5.85
CA SER M 26 54.84 -27.57 -4.74
C SER M 26 54.02 -28.35 -3.72
N GLN M 27 52.70 -28.25 -3.83
CA GLN M 27 51.79 -28.97 -2.95
C GLN M 27 50.75 -29.71 -3.77
N GLY M 28 50.49 -30.96 -3.40
CA GLY M 28 49.58 -31.79 -4.16
C GLY M 28 48.14 -31.69 -3.70
N GLY M 29 47.22 -32.10 -4.56
CA GLY M 29 45.83 -32.26 -4.15
C GLY M 29 44.90 -31.12 -4.51
N ASN M 30 45.43 -30.00 -4.98
CA ASN M 30 44.57 -28.88 -5.34
C ASN M 30 44.23 -28.92 -6.82
N ALA M 31 43.12 -28.29 -7.19
CA ALA M 31 42.73 -28.18 -8.60
C ALA M 31 43.48 -27.03 -9.26
N MET M 32 43.57 -27.07 -10.60
CA MET M 32 44.35 -26.10 -11.33
C MET M 32 43.50 -25.19 -12.24
N THR M 33 43.92 -23.95 -12.39
CA THR M 33 43.28 -22.98 -13.24
C THR M 33 44.30 -22.54 -14.29
N TRP M 34 43.85 -22.28 -15.52
CA TRP M 34 44.73 -21.75 -16.55
C TRP M 34 44.15 -20.49 -17.19
N TYR M 35 45.03 -19.56 -17.51
CA TYR M 35 44.69 -18.35 -18.24
C TYR M 35 45.49 -18.23 -19.52
N GLN M 36 44.89 -17.57 -20.50
CA GLN M 36 45.58 -17.20 -21.72
C GLN M 36 45.78 -15.70 -21.72
N LYS M 37 46.97 -15.25 -22.06
CA LYS M 37 47.17 -13.82 -22.29
C LYS M 37 47.84 -13.58 -23.63
N ARG M 38 47.04 -13.17 -24.62
CA ARG M 38 47.58 -12.80 -25.90
C ARG M 38 48.31 -11.48 -25.70
N ARG M 39 49.34 -11.23 -26.51
CA ARG M 39 50.14 -10.02 -26.37
C ARG M 39 49.24 -8.78 -26.36
N GLY M 40 49.41 -7.95 -25.35
CA GLY M 40 48.69 -6.69 -25.26
C GLY M 40 47.20 -6.82 -24.99
N GLN M 41 46.72 -8.01 -24.63
CA GLN M 41 45.28 -8.19 -24.39
C GLN M 41 45.01 -8.57 -22.94
N VAL M 42 43.75 -8.40 -22.52
CA VAL M 42 43.34 -8.76 -21.18
C VAL M 42 43.44 -10.27 -21.01
N PRO M 43 43.91 -10.73 -19.84
CA PRO M 43 43.94 -12.18 -19.62
C PRO M 43 42.55 -12.79 -19.69
N ARG M 44 42.50 -14.04 -20.14
CA ARG M 44 41.28 -14.76 -20.39
C ARG M 44 41.35 -16.09 -19.65
N LEU M 45 40.33 -16.38 -18.86
CA LEU M 45 40.23 -17.67 -18.16
C LEU M 45 39.99 -18.76 -19.20
N LEU M 46 40.74 -19.86 -19.11
CA LEU M 46 40.53 -21.01 -20.02
C LEU M 46 39.95 -22.21 -19.30
N ILE M 47 40.60 -22.61 -18.21
CA ILE M 47 40.29 -23.84 -17.50
C ILE M 47 40.18 -23.56 -16.01
N TYR M 48 39.19 -24.16 -15.36
CA TYR M 48 39.14 -24.11 -13.90
C TYR M 48 38.82 -25.51 -13.39
N ASP M 49 39.01 -25.71 -12.08
CA ASP M 49 38.80 -27.03 -11.48
C ASP M 49 39.54 -28.11 -12.31
N THR M 50 40.73 -27.74 -12.78
CA THR M 50 41.65 -28.64 -13.50
C THR M 50 41.26 -28.97 -14.96
N SER M 51 39.97 -29.25 -15.21
CA SER M 51 39.54 -29.72 -16.51
C SER M 51 38.27 -29.06 -17.09
N ARG M 52 37.68 -28.13 -16.37
CA ARG M 52 36.44 -27.52 -16.85
C ARG M 52 36.75 -26.29 -17.69
N ARG M 53 36.16 -26.19 -18.88
CA ARG M 53 36.43 -25.05 -19.76
C ARG M 53 35.58 -23.85 -19.34
N ALA M 54 36.16 -22.66 -19.37
CA ALA M 54 35.45 -21.44 -19.00
C ALA M 54 34.53 -21.01 -20.14
N SER M 55 33.78 -19.92 -19.91
CA SER M 55 32.82 -19.44 -20.89
C SER M 55 33.46 -19.14 -22.24
N GLY M 56 32.86 -19.66 -23.30
CA GLY M 56 33.32 -19.40 -24.66
C GLY M 56 34.67 -19.98 -25.03
N VAL M 57 35.18 -20.92 -24.23
CA VAL M 57 36.48 -21.51 -24.54
C VAL M 57 36.28 -22.77 -25.39
N PRO M 58 36.91 -22.81 -26.58
CA PRO M 58 36.67 -23.93 -27.50
C PRO M 58 37.27 -25.24 -26.99
N ASP M 59 36.74 -26.37 -27.46
CA ASP M 59 37.09 -27.67 -26.88
C ASP M 59 38.48 -28.18 -27.26
N ARG M 60 39.21 -27.43 -28.06
CA ARG M 60 40.58 -27.83 -28.36
C ARG M 60 41.50 -27.53 -27.18
N PHE M 61 41.04 -26.71 -26.23
CA PHE M 61 41.75 -26.52 -24.97
C PHE M 61 41.34 -27.62 -24.01
N VAL M 62 42.31 -28.35 -23.49
CA VAL M 62 42.02 -29.48 -22.61
C VAL M 62 42.91 -29.45 -21.37
N GLY M 63 42.30 -29.29 -20.20
CA GLY M 63 43.07 -29.25 -18.97
C GLY M 63 43.01 -30.61 -18.30
N SER M 64 44.11 -31.03 -17.67
CA SER M 64 44.11 -32.27 -16.92
C SER M 64 45.21 -32.22 -15.89
N GLY M 65 45.35 -33.29 -15.11
CA GLY M 65 46.38 -33.33 -14.09
C GLY M 65 45.87 -33.99 -12.83
N SER M 66 46.79 -34.19 -11.89
CA SER M 66 46.50 -34.86 -10.64
C SER M 66 47.72 -34.74 -9.71
N GLY M 67 47.47 -34.66 -8.41
CA GLY M 67 48.56 -34.55 -7.45
C GLY M 67 49.28 -33.22 -7.58
N THR M 68 50.53 -33.27 -8.05
CA THR M 68 51.31 -32.06 -8.25
C THR M 68 51.51 -31.71 -9.72
N ASP M 69 51.10 -32.60 -10.62
CA ASP M 69 51.39 -32.46 -12.04
C ASP M 69 50.16 -32.11 -12.88
N PHE M 70 50.20 -30.97 -13.56
CA PHE M 70 49.04 -30.48 -14.29
C PHE M 70 49.43 -30.09 -15.69
N PHE M 71 48.46 -30.14 -16.60
CA PHE M 71 48.76 -30.00 -18.02
C PHE M 71 47.69 -29.18 -18.72
N LEU M 72 48.10 -28.32 -19.65
CA LEU M 72 47.17 -27.72 -20.60
C LEU M 72 47.52 -28.26 -21.98
N THR M 73 46.56 -28.90 -22.65
CA THR M 73 46.77 -29.41 -24.00
C THR M 73 45.95 -28.57 -24.98
N ILE M 74 46.59 -28.08 -26.03
CA ILE M 74 45.89 -27.30 -27.03
C ILE M 74 45.94 -28.05 -28.35
N ASN M 75 44.81 -28.64 -28.74
CA ASN M 75 44.72 -29.38 -29.99
C ASN M 75 44.54 -28.48 -31.21
N LYS M 76 44.97 -28.98 -32.37
CA LYS M 76 44.85 -28.27 -33.65
C LYS M 76 45.04 -26.76 -33.48
N LEU M 77 46.27 -26.36 -33.19
CA LEU M 77 46.59 -24.98 -32.86
C LEU M 77 46.09 -23.97 -33.90
N ASP M 78 45.43 -22.91 -33.42
CA ASP M 78 44.94 -21.85 -34.29
C ASP M 78 45.89 -20.67 -34.15
N ARG M 79 45.92 -19.77 -35.15
CA ARG M 79 46.83 -18.64 -35.09
C ARG M 79 46.65 -17.83 -33.80
N GLU M 80 45.44 -17.80 -33.29
CA GLU M 80 45.15 -17.02 -32.09
C GLU M 80 45.69 -17.67 -30.82
N ASP M 81 46.06 -18.95 -30.88
CA ASP M 81 46.46 -19.68 -29.67
C ASP M 81 47.89 -19.34 -29.25
N PHE M 82 48.59 -18.60 -30.09
CA PHE M 82 49.96 -18.25 -29.77
C PHE M 82 49.96 -17.04 -28.85
N ALA M 83 50.36 -17.31 -27.61
CA ALA M 83 50.13 -16.39 -26.52
C ALA M 83 50.93 -16.93 -25.33
N VAL M 84 50.85 -16.24 -24.19
CA VAL M 84 51.46 -16.73 -22.95
C VAL M 84 50.36 -17.34 -22.08
N TYR M 85 50.67 -18.47 -21.45
CA TYR M 85 49.69 -19.21 -20.66
C TYR M 85 50.16 -19.31 -19.22
N TYR M 86 49.25 -19.02 -18.28
CA TYR M 86 49.60 -18.98 -16.86
C TYR M 86 48.73 -19.95 -16.10
N CYS M 87 49.33 -20.62 -15.11
CA CYS M 87 48.55 -21.48 -14.23
C CYS M 87 48.36 -20.79 -12.88
N GLN M 88 47.34 -21.19 -12.14
CA GLN M 88 46.99 -20.55 -10.87
C GLN M 88 46.35 -21.55 -9.94
N GLN M 89 46.69 -21.43 -8.66
CA GLN M 89 45.93 -22.11 -7.62
C GLN M 89 45.76 -21.12 -6.49
N PHE M 90 44.51 -20.82 -6.15
CA PHE M 90 44.24 -19.81 -5.14
C PHE M 90 44.96 -18.52 -5.54
N GLU M 91 45.64 -17.86 -4.61
CA GLU M 91 46.28 -16.60 -4.94
C GLU M 91 47.66 -16.78 -5.57
N PHE M 92 48.04 -18.02 -5.87
CA PHE M 92 49.39 -18.30 -6.37
C PHE M 92 49.43 -18.53 -7.89
N PHE M 93 50.52 -18.09 -8.53
CA PHE M 93 50.60 -18.14 -9.99
C PHE M 93 51.91 -18.70 -10.50
N GLY M 94 51.85 -19.42 -11.63
CA GLY M 94 53.03 -19.75 -12.39
C GLY M 94 53.55 -18.53 -13.13
N LEU M 95 54.80 -18.57 -13.56
CA LEU M 95 55.42 -17.44 -14.23
C LEU M 95 55.13 -17.39 -15.73
N GLY M 96 54.43 -18.40 -16.24
CA GLY M 96 53.95 -18.39 -17.61
C GLY M 96 54.77 -19.18 -18.60
N SER M 97 54.11 -19.76 -19.60
CA SER M 97 54.80 -20.40 -20.71
C SER M 97 54.38 -19.72 -22.00
N GLU M 98 55.35 -19.38 -22.83
CA GLU M 98 55.02 -18.73 -24.09
C GLU M 98 54.89 -19.76 -25.20
N LEU M 99 53.77 -19.74 -25.91
CA LEU M 99 53.62 -20.54 -27.11
C LEU M 99 53.88 -19.66 -28.34
N GLU M 100 54.95 -19.98 -29.09
CA GLU M 100 55.41 -19.18 -30.23
C GLU M 100 55.32 -19.97 -31.53
N VAL M 101 55.28 -19.28 -32.67
CA VAL M 101 55.15 -19.94 -33.97
C VAL M 101 56.49 -20.46 -34.51
N VAL N 1 -70.75 18.19 46.29
CA VAL N 1 -69.76 18.97 45.44
C VAL N 1 -70.20 20.39 44.89
N VAL N 2 -70.92 21.21 45.67
CA VAL N 2 -71.80 22.34 45.20
C VAL N 2 -71.39 23.86 45.45
N MET N 3 -71.50 24.76 44.45
CA MET N 3 -70.90 26.14 44.57
C MET N 3 -71.80 27.35 44.73
N THR N 4 -71.87 27.97 45.91
CA THR N 4 -72.77 29.12 46.12
C THR N 4 -71.95 30.40 46.05
N GLN N 5 -72.32 31.31 45.13
CA GLN N 5 -71.76 32.68 45.13
C GLN N 5 -72.62 33.87 45.69
N SER N 6 -71.96 34.96 46.09
CA SER N 6 -72.57 36.03 46.84
C SER N 6 -71.80 37.26 46.45
N PRO N 7 -72.47 38.31 46.02
CA PRO N 7 -73.92 38.52 46.21
C PRO N 7 -74.81 37.91 45.18
N SER N 8 -75.91 38.58 44.85
CA SER N 8 -76.85 38.07 43.82
C SER N 8 -76.88 39.00 42.60
N THR N 9 -77.58 40.11 42.86
CA THR N 9 -77.31 41.37 42.23
C THR N 9 -76.32 42.17 43.04
N LEU N 10 -75.55 42.97 42.32
CA LEU N 10 -74.58 43.91 42.86
C LEU N 10 -74.72 45.22 42.13
N SER N 11 -74.84 46.26 42.93
CA SER N 11 -75.18 47.53 42.38
C SER N 11 -74.06 48.34 42.88
N ALA N 12 -73.22 48.68 41.93
CA ALA N 12 -72.12 49.55 42.29
C ALA N 12 -71.99 50.48 41.15
N SER N 13 -70.90 51.26 41.19
CA SER N 13 -70.73 52.43 40.39
C SER N 13 -69.28 52.54 40.04
N VAL N 14 -69.05 53.21 38.90
CA VAL N 14 -67.79 53.01 38.21
C VAL N 14 -66.76 53.42 39.17
N GLY N 15 -65.69 52.63 39.21
CA GLY N 15 -64.57 52.89 40.04
C GLY N 15 -64.72 52.54 41.50
N ASP N 16 -65.93 52.17 41.96
CA ASP N 16 -66.09 51.47 43.27
C ASP N 16 -65.20 50.20 43.23
N THR N 17 -64.69 49.70 44.36
CA THR N 17 -64.15 48.32 44.30
C THR N 17 -65.06 47.31 44.86
N ILE N 18 -65.87 46.76 44.00
CA ILE N 18 -66.53 45.51 44.31
C ILE N 18 -65.57 44.33 44.68
N THR N 19 -65.99 43.49 45.67
CA THR N 19 -65.63 42.04 45.61
C THR N 19 -66.84 41.07 45.45
N ILE N 20 -66.67 40.04 44.59
CA ILE N 20 -67.59 38.91 44.42
C ILE N 20 -66.93 37.70 45.08
N THR N 21 -67.70 36.70 45.50
CA THR N 21 -67.17 35.78 46.50
C THR N 21 -67.69 34.36 46.48
N CYS N 22 -67.19 33.58 45.50
CA CYS N 22 -67.32 32.10 45.46
C CYS N 22 -67.11 31.38 46.82
N ARG N 23 -67.77 30.23 47.00
CA ARG N 23 -67.91 29.52 48.28
C ARG N 23 -68.23 27.96 48.17
N ALA N 24 -67.24 27.07 48.20
CA ALA N 24 -67.51 25.64 47.95
C ALA N 24 -67.98 24.81 49.15
N SER N 25 -68.90 23.87 48.88
CA SER N 25 -69.52 23.05 49.90
C SER N 25 -68.65 21.82 50.22
N GLN N 26 -67.36 22.00 49.91
CA GLN N 26 -66.27 21.13 50.36
C GLN N 26 -64.98 21.61 49.73
N SER N 27 -63.88 20.90 50.04
CA SER N 27 -62.52 21.41 49.78
C SER N 27 -61.90 21.25 48.41
N ILE N 28 -61.47 22.40 47.90
CA ILE N 28 -61.13 22.54 46.48
C ILE N 28 -59.62 22.64 46.20
N GLU N 29 -58.75 22.54 47.19
CA GLU N 29 -57.36 22.95 46.95
C GLU N 29 -57.33 24.36 46.37
N THR N 30 -56.92 24.48 45.11
CA THR N 30 -56.68 25.77 44.46
C THR N 30 -57.16 25.75 43.00
N TRP N 31 -58.27 25.03 42.79
CA TRP N 31 -58.88 24.85 41.47
C TRP N 31 -59.86 25.96 40.85
N LEU N 32 -60.12 27.07 41.56
CA LEU N 32 -61.20 27.89 41.06
C LEU N 32 -60.78 28.72 39.86
N ALA N 33 -61.67 28.82 38.88
CA ALA N 33 -61.58 29.82 37.82
C ALA N 33 -62.84 30.70 37.82
N TRP N 34 -62.65 32.00 37.52
CA TRP N 34 -63.69 32.97 37.36
C TRP N 34 -63.86 33.47 35.90
N TYR N 35 -65.08 33.31 35.32
CA TYR N 35 -65.48 33.92 34.02
C TYR N 35 -66.44 35.09 34.19
N GLN N 36 -66.25 36.11 33.38
CA GLN N 36 -67.34 37.10 33.13
C GLN N 36 -67.96 36.84 31.78
N GLN N 37 -69.22 37.24 31.71
CA GLN N 37 -69.95 37.11 30.48
C GLN N 37 -71.04 38.12 30.43
N LYS N 38 -71.10 38.75 29.27
CA LYS N 38 -72.03 39.83 29.00
C LYS N 38 -73.25 39.22 28.33
N PRO N 39 -74.43 39.83 28.40
CA PRO N 39 -75.67 39.18 27.86
C PRO N 39 -75.50 38.93 26.36
N GLY N 40 -76.05 37.85 25.90
CA GLY N 40 -75.92 37.50 24.50
C GLY N 40 -74.59 37.00 24.01
N LYS N 41 -73.65 36.81 24.89
CA LYS N 41 -72.31 36.51 24.50
C LYS N 41 -71.68 35.34 25.20
N ALA N 42 -70.58 34.95 24.65
CA ALA N 42 -69.84 33.84 25.12
C ALA N 42 -69.25 34.33 26.36
N PRO N 43 -68.80 33.47 27.23
CA PRO N 43 -68.14 33.93 28.45
C PRO N 43 -66.61 34.20 28.32
N LYS N 44 -66.00 34.83 29.31
CA LYS N 44 -64.52 34.97 29.24
C LYS N 44 -63.80 34.42 30.45
N LEU N 45 -62.70 33.66 30.21
CA LEU N 45 -61.75 33.30 31.30
C LEU N 45 -61.24 34.60 31.88
N LEU N 46 -61.08 34.69 33.19
CA LEU N 46 -60.39 35.86 33.72
C LEU N 46 -59.19 35.38 34.52
N ILE N 47 -59.51 34.54 35.50
CA ILE N 47 -58.57 34.02 36.44
C ILE N 47 -58.97 32.58 36.65
N TYR N 48 -57.96 31.70 36.63
CA TYR N 48 -58.09 30.31 37.00
C TYR N 48 -56.96 30.03 38.02
N LYS N 49 -56.78 28.76 38.46
CA LYS N 49 -55.91 28.45 39.61
C LYS N 49 -56.08 29.45 40.77
N ALA N 50 -57.33 29.82 41.05
CA ALA N 50 -57.76 30.75 42.13
C ALA N 50 -57.31 32.22 42.13
N SER N 51 -56.20 32.47 41.44
CA SER N 51 -55.43 33.70 41.58
C SER N 51 -54.70 34.11 40.31
N THR N 52 -54.75 33.25 39.32
CA THR N 52 -53.92 33.48 38.13
C THR N 52 -54.56 34.25 36.95
N LEU N 53 -53.82 35.25 36.49
CA LEU N 53 -54.39 36.18 35.56
C LEU N 53 -54.08 35.74 34.15
N LYS N 54 -55.12 35.23 33.49
CA LYS N 54 -55.11 34.99 32.07
C LYS N 54 -54.59 36.20 31.34
N THR N 55 -53.57 35.91 30.52
CA THR N 55 -52.87 36.94 29.75
C THR N 55 -53.83 37.77 28.96
N GLY N 56 -53.77 39.07 29.12
CA GLY N 56 -54.70 39.91 28.39
C GLY N 56 -55.84 40.36 29.32
N VAL N 57 -56.16 39.55 30.34
CA VAL N 57 -57.14 40.10 31.23
C VAL N 57 -56.42 41.26 31.93
N PRO N 58 -57.07 42.43 32.14
CA PRO N 58 -56.39 43.60 32.74
C PRO N 58 -55.94 43.36 34.20
N SER N 59 -55.20 44.27 34.82
CA SER N 59 -54.81 43.87 36.16
C SER N 59 -55.77 44.27 37.31
N ARG N 60 -56.78 45.08 37.03
CA ARG N 60 -57.79 45.35 38.03
C ARG N 60 -58.40 44.04 38.60
N PHE N 61 -58.58 43.05 37.77
CA PHE N 61 -59.13 41.80 38.20
C PHE N 61 -58.13 40.95 38.98
N SER N 62 -58.55 40.33 40.07
CA SER N 62 -57.73 39.28 40.71
C SER N 62 -58.45 38.57 41.87
N GLY N 63 -57.88 37.44 42.26
CA GLY N 63 -58.58 36.50 43.10
C GLY N 63 -58.08 36.43 44.52
N SER N 64 -58.68 35.50 45.25
CA SER N 64 -58.33 35.16 46.64
C SER N 64 -59.08 33.86 46.81
N GLY N 65 -58.49 32.90 47.55
CA GLY N 65 -59.17 31.63 47.74
C GLY N 65 -58.31 30.39 47.90
N SER N 66 -58.90 29.39 48.78
CA SER N 66 -58.35 28.01 49.29
C SER N 66 -59.21 27.26 50.43
N GLY N 67 -59.66 26.03 50.17
CA GLY N 67 -60.69 25.40 51.02
C GLY N 67 -62.08 26.04 50.70
N THR N 68 -62.99 26.04 51.70
CA THR N 68 -64.34 26.59 51.47
C THR N 68 -64.47 27.97 50.78
N GLU N 69 -63.52 28.90 51.01
CA GLU N 69 -63.68 30.34 50.57
C GLU N 69 -62.90 30.95 49.38
N PHE N 70 -63.50 31.92 48.70
CA PHE N 70 -63.03 32.25 47.36
C PHE N 70 -63.54 33.56 46.82
N THR N 71 -62.61 34.42 46.41
CA THR N 71 -63.00 35.74 45.94
C THR N 71 -62.25 36.28 44.74
N LEU N 72 -63.05 36.94 43.96
CA LEU N 72 -62.68 37.83 42.91
C LEU N 72 -62.96 39.23 43.35
N THR N 73 -62.01 40.12 43.11
CA THR N 73 -62.18 41.52 43.42
C THR N 73 -61.91 42.16 42.08
N ILE N 74 -62.78 43.06 41.62
CA ILE N 74 -62.44 43.86 40.44
C ILE N 74 -62.10 45.20 41.02
N SER N 75 -60.94 45.79 40.69
CA SER N 75 -60.48 46.95 41.52
C SER N 75 -60.75 48.34 40.92
N GLY N 76 -62.00 48.80 41.08
CA GLY N 76 -62.43 50.05 40.50
C GLY N 76 -63.04 49.92 39.11
N LEU N 77 -64.37 49.74 39.14
CA LEU N 77 -65.19 49.45 37.96
C LEU N 77 -64.92 50.38 36.90
N GLN N 78 -64.77 49.80 35.74
CA GLN N 78 -65.00 50.54 34.54
C GLN N 78 -66.35 50.10 33.98
N PHE N 79 -66.88 50.97 33.13
CA PHE N 79 -68.13 50.75 32.48
C PHE N 79 -68.09 49.43 31.83
N ASP N 80 -67.05 49.17 31.04
CA ASP N 80 -66.94 47.84 30.47
C ASP N 80 -67.18 46.61 31.41
N ASP N 81 -66.52 46.53 32.55
CA ASP N 81 -66.81 45.57 33.61
C ASP N 81 -68.25 45.40 34.15
N PHE N 82 -69.26 46.12 33.69
CA PHE N 82 -70.56 45.74 34.23
C PHE N 82 -71.17 44.50 33.56
N ALA N 83 -71.21 43.32 34.18
CA ALA N 83 -71.65 42.10 33.47
C ALA N 83 -71.97 40.96 34.42
N THR N 84 -72.50 39.83 33.93
CA THR N 84 -72.83 38.84 34.94
C THR N 84 -71.50 38.16 35.20
N TYR N 85 -71.10 37.96 36.45
CA TYR N 85 -69.87 37.22 36.61
C TYR N 85 -70.19 35.85 37.01
N HIS N 86 -69.22 34.94 36.94
CA HIS N 86 -69.48 33.51 37.08
C HIS N 86 -68.27 32.72 37.64
N CYS N 87 -68.42 31.77 38.56
CA CYS N 87 -67.18 31.02 38.91
C CYS N 87 -67.40 29.60 38.91
N GLN N 88 -66.50 28.80 38.39
CA GLN N 88 -66.83 27.39 38.33
C GLN N 88 -65.74 26.62 38.98
N HIS N 89 -66.04 25.42 39.49
CA HIS N 89 -64.97 24.55 39.96
C HIS N 89 -64.51 23.68 38.83
N TYR N 90 -63.34 23.99 38.32
CA TYR N 90 -62.80 23.28 37.18
C TYR N 90 -61.98 22.05 37.46
N ALA N 91 -62.56 20.89 37.15
CA ALA N 91 -62.10 19.56 37.60
C ALA N 91 -61.03 18.96 36.73
N GLY N 92 -61.20 17.67 36.51
CA GLY N 92 -60.27 16.88 35.73
C GLY N 92 -60.97 16.60 34.43
N TYR N 93 -61.91 15.64 34.49
CA TYR N 93 -62.87 15.45 33.42
C TYR N 93 -64.30 15.98 33.68
N SER N 94 -64.48 16.95 34.59
CA SER N 94 -65.80 17.38 35.09
C SER N 94 -65.74 18.83 35.37
N ALA N 95 -66.84 19.39 35.91
CA ALA N 95 -66.92 20.80 36.27
C ALA N 95 -68.27 21.25 36.85
N THR N 96 -68.29 22.28 37.72
CA THR N 96 -69.53 22.85 38.28
C THR N 96 -69.43 24.33 38.55
N PHE N 97 -70.53 25.05 38.31
CA PHE N 97 -70.59 26.55 38.35
C PHE N 97 -71.51 27.12 39.45
N GLY N 98 -71.30 28.39 39.74
CA GLY N 98 -72.20 29.14 40.57
C GLY N 98 -73.39 29.69 39.81
N GLN N 99 -74.18 30.48 40.52
CA GLN N 99 -75.49 30.93 40.08
C GLN N 99 -75.34 32.16 39.23
N GLY N 100 -74.17 32.77 39.31
CA GLY N 100 -73.93 34.00 38.60
C GLY N 100 -74.27 35.19 39.47
N THR N 101 -73.29 36.06 39.66
CA THR N 101 -73.61 37.39 40.13
C THR N 101 -73.61 38.34 38.98
N ARG N 102 -74.74 39.00 38.79
CA ARG N 102 -74.69 40.10 37.85
C ARG N 102 -74.41 41.33 38.64
N VAL N 103 -73.59 42.17 38.00
CA VAL N 103 -73.06 43.32 38.62
C VAL N 103 -73.67 44.41 37.70
N GLU N 104 -74.41 45.31 38.35
CA GLU N 104 -75.19 46.26 37.60
C GLU N 104 -74.89 47.68 38.05
N ILE N 105 -75.34 48.68 37.33
CA ILE N 105 -74.87 50.02 37.56
C ILE N 105 -75.81 50.76 38.61
N LYS N 106 -75.41 50.95 39.88
CA LYS N 106 -76.26 51.67 40.90
C LYS N 106 -76.93 52.95 40.38
N ARG N 107 -78.26 53.04 40.55
CA ARG N 107 -78.93 54.31 40.45
C ARG N 107 -80.12 54.36 41.27
N THR N 108 -80.27 55.49 41.89
CA THR N 108 -81.56 55.89 42.39
C THR N 108 -82.77 55.15 41.76
N VAL N 109 -83.62 54.63 42.66
CA VAL N 109 -84.73 53.70 42.35
C VAL N 109 -85.79 54.32 41.48
N ALA N 110 -86.09 53.67 40.37
CA ALA N 110 -87.15 54.20 39.54
C ALA N 110 -88.26 53.28 39.19
N ALA N 111 -89.38 53.73 39.73
CA ALA N 111 -90.71 53.36 39.33
C ALA N 111 -90.95 53.42 37.79
N PRO N 112 -91.54 52.33 37.31
CA PRO N 112 -91.87 52.18 35.91
C PRO N 112 -93.19 52.81 35.60
N SER N 113 -93.17 53.80 34.73
CA SER N 113 -94.31 54.09 33.91
C SER N 113 -94.68 52.77 33.20
N VAL N 114 -96.02 52.52 33.07
CA VAL N 114 -96.63 51.30 32.51
C VAL N 114 -97.72 51.60 31.47
N PHE N 115 -98.18 50.57 30.72
CA PHE N 115 -99.12 50.63 29.53
C PHE N 115 -99.60 49.23 28.90
N ILE N 116 -100.86 48.85 29.12
CA ILE N 116 -101.46 47.69 28.43
C ILE N 116 -101.74 47.98 26.90
N PHE N 117 -101.44 46.97 26.10
CA PHE N 117 -101.66 46.99 24.66
C PHE N 117 -102.67 45.95 24.13
N PRO N 118 -103.82 46.47 23.70
CA PRO N 118 -104.69 45.67 22.80
C PRO N 118 -104.26 45.68 21.29
N PRO N 119 -104.34 44.46 20.68
CA PRO N 119 -104.33 44.13 19.22
C PRO N 119 -104.89 45.09 18.12
N SER N 120 -104.29 45.16 16.94
CA SER N 120 -105.07 45.89 15.93
C SER N 120 -106.13 44.91 15.46
N ASP N 121 -107.03 45.40 14.62
CA ASP N 121 -108.08 44.57 14.01
C ASP N 121 -107.54 43.68 12.88
N GLU N 122 -106.60 44.25 12.13
CA GLU N 122 -105.89 43.57 11.06
C GLU N 122 -105.27 42.30 11.57
N GLN N 123 -104.41 42.42 12.59
CA GLN N 123 -103.79 41.33 13.39
C GLN N 123 -104.81 40.31 14.05
N LEU N 124 -105.67 40.81 14.92
CA LEU N 124 -106.94 40.16 15.32
C LEU N 124 -107.71 39.25 14.26
N LYS N 125 -107.93 39.79 13.04
CA LYS N 125 -108.41 39.04 11.84
C LYS N 125 -107.34 38.12 11.17
N SER N 126 -106.05 38.40 11.35
CA SER N 126 -105.03 37.42 11.06
C SER N 126 -105.45 36.21 11.88
N GLY N 127 -106.27 36.46 12.89
CA GLY N 127 -106.92 35.42 13.69
C GLY N 127 -106.38 35.30 15.11
N THR N 128 -105.67 36.31 15.58
CA THR N 128 -104.79 36.09 16.69
C THR N 128 -104.63 37.41 17.57
N ALA N 129 -104.74 37.25 18.89
CA ALA N 129 -104.40 38.31 19.78
C ALA N 129 -102.89 38.23 20.06
N SER N 130 -102.24 39.38 20.24
CA SER N 130 -100.83 39.57 20.64
C SER N 130 -100.83 40.75 21.63
N VAL N 131 -100.64 40.47 22.89
CA VAL N 131 -101.24 41.43 23.83
C VAL N 131 -100.36 42.28 24.82
N VAL N 132 -99.79 43.43 24.40
CA VAL N 132 -98.65 44.06 25.17
C VAL N 132 -98.75 45.11 26.35
N CYS N 133 -98.27 44.62 27.51
CA CYS N 133 -97.78 45.41 28.64
C CYS N 133 -96.64 46.27 28.18
N LEU N 134 -96.30 47.29 28.92
CA LEU N 134 -95.11 48.04 28.54
C LEU N 134 -94.40 48.44 29.84
N LEU N 135 -93.18 47.99 30.08
CA LEU N 135 -92.67 48.30 31.42
C LEU N 135 -91.59 49.24 31.42
N ASN N 136 -91.80 50.31 30.65
CA ASN N 136 -90.90 51.44 30.40
C ASN N 136 -90.16 52.13 31.57
N ASN N 137 -88.94 52.59 31.24
CA ASN N 137 -87.94 53.21 32.11
C ASN N 137 -87.83 52.94 33.61
N PHE N 138 -87.69 51.70 34.03
CA PHE N 138 -87.71 51.46 35.47
C PHE N 138 -86.38 51.17 36.18
N TYR N 139 -86.38 50.68 37.40
CA TYR N 139 -85.16 50.38 38.09
C TYR N 139 -85.49 50.11 39.50
N PRO N 140 -85.00 49.00 40.10
CA PRO N 140 -84.04 48.09 39.51
C PRO N 140 -84.74 46.96 38.72
N ARG N 141 -83.98 45.98 38.20
CA ARG N 141 -84.52 45.00 37.26
C ARG N 141 -85.66 44.14 37.87
N GLU N 142 -85.28 43.15 38.65
CA GLU N 142 -86.21 42.49 39.51
C GLU N 142 -87.59 43.23 39.53
N ALA N 143 -88.50 42.85 38.63
CA ALA N 143 -89.91 43.25 38.68
C ALA N 143 -90.84 42.02 38.59
N LYS N 144 -92.05 42.31 38.14
CA LYS N 144 -93.11 41.31 38.10
C LYS N 144 -94.27 41.80 37.22
N VAL N 145 -94.58 41.00 36.24
CA VAL N 145 -95.64 41.31 35.37
C VAL N 145 -96.47 40.14 35.62
N GLN N 146 -97.69 40.43 36.04
CA GLN N 146 -98.77 39.44 36.02
C GLN N 146 -99.61 39.67 34.78
N TRP N 147 -100.24 38.63 34.34
CA TRP N 147 -101.21 38.79 33.33
C TRP N 147 -102.31 38.22 34.17
N LYS N 148 -103.57 38.58 33.92
CA LYS N 148 -104.70 38.11 34.75
C LYS N 148 -106.08 38.36 34.11
N VAL N 149 -106.54 37.37 33.33
CA VAL N 149 -107.67 37.55 32.44
C VAL N 149 -109.03 37.30 33.08
N ASP N 150 -109.66 38.41 33.44
CA ASP N 150 -110.85 38.45 34.27
C ASP N 150 -110.65 37.70 35.61
N ASN N 151 -110.00 38.44 36.51
CA ASN N 151 -109.29 37.97 37.72
C ASN N 151 -108.78 36.48 37.66
N ALA N 152 -108.46 35.99 36.46
CA ALA N 152 -107.84 34.65 36.28
C ALA N 152 -106.34 34.78 35.96
N LEU N 153 -105.55 33.72 36.18
CA LEU N 153 -104.07 33.85 36.21
C LEU N 153 -103.29 33.18 35.06
N GLN N 154 -102.44 33.94 34.40
CA GLN N 154 -101.71 33.39 33.26
C GLN N 154 -100.20 32.97 33.45
N SER N 155 -100.10 31.65 33.73
CA SER N 155 -98.87 30.88 33.62
C SER N 155 -98.85 30.27 32.22
N GLY N 156 -97.84 30.68 31.45
CA GLY N 156 -97.47 30.08 30.16
C GLY N 156 -98.27 30.37 28.89
N ASN N 157 -98.72 31.60 28.70
CA ASN N 157 -99.32 31.97 27.43
C ASN N 157 -98.71 33.27 26.92
N SER N 158 -97.44 33.60 27.31
CA SER N 158 -96.87 34.98 27.33
C SER N 158 -95.32 35.17 27.31
N GLN N 159 -94.82 36.23 26.62
CA GLN N 159 -93.35 36.54 26.51
C GLN N 159 -92.72 37.92 26.92
N GLU N 160 -91.82 37.86 27.91
CA GLU N 160 -91.14 39.04 28.45
C GLU N 160 -89.86 39.41 27.69
N SER N 161 -89.88 40.45 26.87
CA SER N 161 -88.57 40.95 26.46
C SER N 161 -88.03 42.11 27.34
N VAL N 162 -86.81 41.96 27.84
CA VAL N 162 -86.16 43.07 28.57
C VAL N 162 -85.01 43.72 27.82
N THR N 163 -84.94 45.05 27.83
CA THR N 163 -83.80 45.89 27.45
C THR N 163 -82.62 45.83 28.44
N GLU N 164 -81.42 46.09 27.98
CA GLU N 164 -80.34 46.24 28.89
C GLU N 164 -80.20 47.70 29.47
N GLN N 165 -79.29 47.96 30.43
CA GLN N 165 -79.40 49.20 31.24
C GLN N 165 -79.18 50.36 30.38
N ASP N 166 -79.94 51.44 30.58
CA ASP N 166 -79.95 52.53 29.62
C ASP N 166 -78.66 53.29 29.37
N SER N 167 -78.51 53.75 28.13
CA SER N 167 -77.30 54.44 27.69
C SER N 167 -77.37 55.84 28.14
N LYS N 168 -78.56 56.36 28.16
CA LYS N 168 -78.64 57.63 28.76
C LYS N 168 -78.90 57.53 30.27
N ASP N 169 -79.73 56.63 30.76
CA ASP N 169 -80.25 56.87 32.14
C ASP N 169 -80.17 55.65 33.06
N SER N 170 -79.63 54.59 32.48
CA SER N 170 -79.31 53.53 33.37
C SER N 170 -80.56 53.00 34.08
N THR N 171 -81.69 53.08 33.35
CA THR N 171 -82.93 52.33 33.61
C THR N 171 -83.10 51.16 32.61
N TYR N 172 -84.30 50.59 32.57
CA TYR N 172 -84.60 49.35 31.85
C TYR N 172 -86.01 49.45 31.28
N SER N 173 -86.37 48.57 30.31
CA SER N 173 -87.74 48.52 29.86
C SER N 173 -88.11 47.08 29.61
N LEU N 174 -89.32 46.69 30.05
CA LEU N 174 -89.87 45.34 29.79
C LEU N 174 -91.03 45.36 28.82
N SER N 175 -91.76 44.27 28.77
CA SER N 175 -92.57 43.99 27.60
C SER N 175 -92.96 42.50 27.62
N SER N 176 -94.01 42.27 28.43
CA SER N 176 -94.73 41.00 28.48
C SER N 176 -95.78 40.98 27.38
N THR N 177 -95.69 39.87 26.65
CA THR N 177 -96.38 39.59 25.38
C THR N 177 -97.12 38.23 25.42
N LEU N 178 -98.24 38.29 26.11
CA LEU N 178 -99.13 37.17 26.13
C LEU N 178 -99.69 37.02 24.77
N THR N 179 -99.40 35.91 24.15
CA THR N 179 -100.10 35.64 22.95
C THR N 179 -101.34 34.80 23.22
N LEU N 180 -102.27 34.83 22.27
CA LEU N 180 -103.66 34.45 22.52
C LEU N 180 -104.52 34.31 21.25
N SER N 181 -105.03 33.12 20.98
CA SER N 181 -105.76 32.88 19.71
C SER N 181 -107.09 33.66 19.63
N LYS N 182 -107.66 33.90 18.43
CA LYS N 182 -108.81 34.82 18.26
C LYS N 182 -110.04 34.44 19.03
N ALA N 183 -110.46 33.20 18.83
CA ALA N 183 -111.55 32.61 19.61
C ALA N 183 -111.30 32.95 21.05
N ASP N 184 -110.09 32.66 21.48
CA ASP N 184 -109.71 32.78 22.87
C ASP N 184 -109.79 34.28 23.29
N TYR N 185 -109.21 35.20 22.49
CA TYR N 185 -109.47 36.65 22.67
C TYR N 185 -111.01 36.89 22.50
N GLU N 186 -111.44 36.82 21.24
CA GLU N 186 -112.84 36.99 20.84
C GLU N 186 -113.77 36.02 21.63
N LYS N 187 -113.61 35.96 22.97
CA LYS N 187 -114.46 35.14 23.92
C LYS N 187 -114.16 35.46 25.39
N HIS N 188 -113.75 36.71 25.65
CA HIS N 188 -113.53 37.23 27.03
C HIS N 188 -113.76 38.79 27.12
N LYS N 189 -114.05 39.33 28.32
CA LYS N 189 -113.99 40.77 28.61
C LYS N 189 -112.62 41.04 29.18
N VAL N 190 -112.47 41.78 30.28
CA VAL N 190 -111.15 42.38 30.67
C VAL N 190 -109.90 41.52 30.34
N TYR N 191 -108.78 42.20 30.08
CA TYR N 191 -107.46 41.59 30.05
C TYR N 191 -106.50 42.56 30.72
N ALA N 192 -105.87 42.07 31.79
CA ALA N 192 -105.02 42.88 32.70
C ALA N 192 -103.43 42.68 32.66
N CYS N 193 -102.73 43.73 33.10
CA CYS N 193 -101.32 43.63 33.50
C CYS N 193 -101.03 44.22 34.86
N GLU N 194 -101.17 43.39 35.90
CA GLU N 194 -100.71 43.64 37.26
C GLU N 194 -99.22 43.85 37.30
N VAL N 195 -98.80 45.03 37.74
CA VAL N 195 -97.37 45.25 37.90
C VAL N 195 -96.98 45.37 39.33
N THR N 196 -95.80 44.84 39.60
CA THR N 196 -95.25 44.79 40.94
C THR N 196 -93.81 45.21 40.92
N HIS N 197 -93.60 46.53 40.80
CA HIS N 197 -92.30 47.17 40.88
C HIS N 197 -91.91 47.71 42.26
N GLN N 198 -90.71 47.29 42.69
CA GLN N 198 -90.04 47.74 43.90
C GLN N 198 -90.32 49.19 44.24
N GLY N 199 -90.28 50.00 43.20
CA GLY N 199 -90.31 51.44 43.35
C GLY N 199 -91.73 51.96 43.40
N LEU N 200 -92.66 51.17 42.92
CA LEU N 200 -94.02 51.56 43.15
C LEU N 200 -94.40 51.25 44.60
N SER N 201 -94.85 52.27 45.31
CA SER N 201 -95.17 52.05 46.68
C SER N 201 -96.47 51.22 46.73
N SER N 202 -97.20 51.14 45.61
CA SER N 202 -98.22 50.06 45.45
C SER N 202 -98.10 49.22 44.11
N PRO N 203 -98.77 48.05 44.04
CA PRO N 203 -99.01 47.31 42.78
C PRO N 203 -100.15 47.81 41.89
N VAL N 204 -99.81 48.81 41.08
CA VAL N 204 -100.73 49.44 40.15
C VAL N 204 -100.93 48.58 38.90
N THR N 205 -102.20 48.34 38.62
CA THR N 205 -102.62 47.39 37.61
C THR N 205 -103.14 48.09 36.37
N LYS N 206 -102.52 47.89 35.22
CA LYS N 206 -103.32 48.30 34.08
C LYS N 206 -103.79 47.26 33.04
N SER N 207 -104.98 47.60 32.51
CA SER N 207 -105.91 46.79 31.71
C SER N 207 -106.89 47.59 30.76
N PHE N 208 -107.96 46.92 30.35
CA PHE N 208 -108.96 47.45 29.40
C PHE N 208 -110.19 46.45 29.16
N ASN N 209 -111.23 46.87 28.42
CA ASN N 209 -112.43 46.05 28.35
C ASN N 209 -112.83 45.61 26.93
N ARG N 210 -111.98 44.85 26.23
CA ARG N 210 -112.37 44.21 24.93
C ARG N 210 -113.18 45.09 23.95
N GLY N 211 -112.46 45.71 23.00
CA GLY N 211 -113.03 46.76 22.14
C GLY N 211 -113.33 48.07 22.87
N GLU N 212 -112.24 48.77 23.19
CA GLU N 212 -112.24 49.97 24.02
C GLU N 212 -110.84 50.71 24.02
N VAL O 1 -70.36 8.12 -13.13
CA VAL O 1 -71.01 6.72 -13.19
C VAL O 1 -72.60 6.49 -13.02
N VAL O 2 -73.36 6.07 -14.05
CA VAL O 2 -74.83 6.27 -14.15
C VAL O 2 -75.72 5.03 -14.35
N MET O 3 -76.59 4.69 -13.35
CA MET O 3 -77.29 3.41 -13.43
C MET O 3 -78.56 3.67 -14.03
N THR O 4 -78.97 2.89 -15.04
CA THR O 4 -80.34 3.05 -15.57
C THR O 4 -81.33 1.90 -15.56
N GLN O 5 -82.25 1.78 -14.55
CA GLN O 5 -83.34 0.75 -14.64
C GLN O 5 -84.44 1.04 -15.68
N SER O 6 -85.16 -0.01 -16.09
CA SER O 6 -86.39 0.12 -16.91
C SER O 6 -87.11 -1.19 -16.87
N PRO O 7 -88.40 -1.06 -16.67
CA PRO O 7 -89.09 0.15 -16.99
C PRO O 7 -89.19 0.87 -15.72
N SER O 8 -89.76 2.04 -15.82
CA SER O 8 -90.03 2.80 -14.65
C SER O 8 -91.00 1.98 -13.88
N THR O 9 -91.96 1.51 -14.69
CA THR O 9 -93.17 0.88 -14.13
C THR O 9 -93.62 -0.47 -14.66
N LEU O 10 -94.41 -1.14 -13.83
CA LEU O 10 -94.62 -2.48 -14.18
C LEU O 10 -95.89 -3.01 -13.61
N SER O 11 -96.93 -3.11 -14.45
CA SER O 11 -98.07 -3.97 -14.12
C SER O 11 -97.93 -5.44 -14.57
N ALA O 12 -98.27 -6.33 -13.65
CA ALA O 12 -98.26 -7.77 -13.83
C ALA O 12 -99.34 -8.26 -12.82
N SER O 13 -99.54 -9.59 -12.79
CA SER O 13 -100.51 -10.32 -12.04
C SER O 13 -99.79 -11.43 -11.28
N VAL O 14 -100.32 -11.86 -10.12
CA VAL O 14 -99.71 -12.95 -9.38
C VAL O 14 -99.35 -14.08 -10.23
N GLY O 15 -98.12 -14.49 -10.13
CA GLY O 15 -97.72 -15.65 -10.87
C GLY O 15 -97.32 -15.21 -12.26
N ASP O 16 -97.70 -14.04 -12.76
CA ASP O 16 -96.87 -13.43 -13.82
C ASP O 16 -95.41 -13.67 -13.56
N THR O 17 -94.62 -13.79 -14.64
CA THR O 17 -93.16 -13.76 -14.44
C THR O 17 -92.44 -12.55 -15.02
N ILE O 18 -91.50 -11.94 -14.32
CA ILE O 18 -91.25 -10.55 -14.69
C ILE O 18 -89.84 -10.35 -14.61
N THR O 19 -89.36 -9.53 -15.49
CA THR O 19 -87.96 -9.23 -15.40
C THR O 19 -87.67 -7.69 -15.59
N ILE O 20 -87.03 -7.14 -14.55
CA ILE O 20 -86.44 -5.82 -14.45
C ILE O 20 -84.90 -5.75 -14.92
N THR O 21 -84.57 -4.62 -15.53
CA THR O 21 -83.30 -4.41 -16.26
C THR O 21 -82.52 -3.21 -15.68
N CYS O 22 -81.22 -3.20 -15.83
CA CYS O 22 -80.38 -2.26 -15.15
C CYS O 22 -79.08 -2.19 -15.88
N ARG O 23 -78.68 -0.96 -16.10
CA ARG O 23 -77.74 -0.71 -17.21
C ARG O 23 -76.67 0.38 -16.96
N ALA O 24 -75.41 -0.03 -16.88
CA ALA O 24 -74.37 0.90 -16.47
C ALA O 24 -73.72 1.80 -17.57
N SER O 25 -74.00 3.10 -17.54
CA SER O 25 -73.01 4.09 -17.92
C SER O 25 -71.73 3.36 -18.46
N GLN O 26 -70.94 2.68 -17.60
CA GLN O 26 -69.86 1.74 -18.00
C GLN O 26 -69.93 0.43 -17.27
N SER O 27 -68.93 -0.40 -17.52
CA SER O 27 -68.88 -1.72 -16.98
C SER O 27 -68.48 -1.69 -15.52
N ILE O 28 -69.09 -2.52 -14.69
CA ILE O 28 -69.03 -2.37 -13.22
C ILE O 28 -68.84 -3.76 -12.62
N GLU O 29 -68.29 -4.60 -13.53
CA GLU O 29 -68.09 -6.02 -13.32
C GLU O 29 -69.40 -6.59 -12.88
N THR O 30 -69.43 -7.18 -11.73
CA THR O 30 -70.62 -7.78 -11.28
C THR O 30 -70.93 -7.09 -9.90
N TRP O 31 -70.37 -5.89 -9.67
CA TRP O 31 -70.64 -5.30 -8.36
C TRP O 31 -71.95 -4.65 -8.46
N LEU O 32 -73.03 -5.43 -8.58
CA LEU O 32 -74.33 -4.81 -8.59
C LEU O 32 -75.17 -5.42 -7.59
N ALA O 33 -76.03 -4.68 -6.87
CA ALA O 33 -77.03 -5.39 -6.00
C ALA O 33 -78.48 -5.05 -6.35
N TRP O 34 -79.47 -5.87 -5.91
CA TRP O 34 -80.87 -5.39 -6.01
C TRP O 34 -81.48 -5.25 -4.66
N TYR O 35 -82.49 -4.39 -4.53
CA TYR O 35 -83.14 -4.17 -3.22
C TYR O 35 -84.62 -4.11 -3.47
N GLN O 36 -85.40 -4.51 -2.51
CA GLN O 36 -86.84 -4.25 -2.69
C GLN O 36 -87.20 -3.32 -1.63
N GLN O 37 -88.26 -2.55 -1.88
CA GLN O 37 -88.82 -1.65 -0.84
C GLN O 37 -90.25 -1.34 -0.91
N LYS O 38 -90.93 -1.57 0.18
CA LYS O 38 -92.30 -1.23 0.18
C LYS O 38 -92.51 0.17 0.70
N PRO O 39 -93.66 0.78 0.47
CA PRO O 39 -93.82 2.21 0.95
C PRO O 39 -93.72 2.33 2.44
N GLY O 40 -93.07 3.42 2.87
CA GLY O 40 -92.87 3.56 4.31
C GLY O 40 -91.95 2.52 4.92
N LYS O 41 -91.72 1.37 4.27
CA LYS O 41 -90.64 0.70 4.95
C LYS O 41 -89.23 0.96 4.40
N ALA O 42 -88.27 0.29 5.02
CA ALA O 42 -86.81 0.35 4.71
C ALA O 42 -86.63 -0.48 3.50
N PRO O 43 -85.62 -0.28 2.70
CA PRO O 43 -85.30 -1.35 1.75
C PRO O 43 -84.79 -2.63 2.47
N LYS O 44 -85.04 -3.80 1.84
CA LYS O 44 -84.38 -5.11 2.16
C LYS O 44 -83.49 -5.54 1.01
N LEU O 45 -82.37 -6.18 1.30
CA LEU O 45 -81.38 -6.43 0.27
C LEU O 45 -81.72 -7.77 -0.27
N LEU O 46 -81.60 -7.95 -1.59
CA LEU O 46 -82.12 -9.18 -2.18
C LEU O 46 -81.06 -10.09 -2.79
N ILE O 47 -80.39 -9.61 -3.84
CA ILE O 47 -79.35 -10.32 -4.54
C ILE O 47 -78.13 -9.36 -4.47
N TYR O 48 -76.95 -9.91 -4.28
CA TYR O 48 -75.75 -9.08 -4.57
C TYR O 48 -74.80 -9.75 -5.50
N LYS O 49 -73.67 -9.09 -5.69
CA LYS O 49 -72.71 -9.59 -6.63
C LYS O 49 -73.44 -10.05 -7.84
N ALA O 50 -74.24 -9.18 -8.41
CA ALA O 50 -75.12 -9.52 -9.53
C ALA O 50 -75.95 -10.80 -9.45
N SER O 51 -75.38 -11.90 -8.98
CA SER O 51 -76.11 -13.14 -9.02
C SER O 51 -76.38 -13.76 -7.74
N THR O 52 -75.61 -13.48 -6.68
CA THR O 52 -75.66 -14.27 -5.46
C THR O 52 -76.86 -13.86 -4.68
N LEU O 53 -77.53 -14.87 -4.11
CA LEU O 53 -78.73 -14.52 -3.32
C LEU O 53 -78.56 -14.46 -1.71
N LYS O 54 -79.14 -13.48 -1.05
CA LYS O 54 -79.01 -13.31 0.40
C LYS O 54 -79.77 -14.39 1.04
N THR O 55 -79.12 -15.06 1.97
CA THR O 55 -79.87 -16.05 2.80
C THR O 55 -81.22 -15.60 3.39
N GLY O 56 -82.14 -16.53 3.22
CA GLY O 56 -83.53 -16.42 3.55
C GLY O 56 -84.36 -15.60 2.58
N VAL O 57 -83.72 -14.70 1.79
CA VAL O 57 -84.40 -14.21 0.58
C VAL O 57 -84.97 -15.45 -0.17
N PRO O 58 -86.28 -15.46 -0.48
CA PRO O 58 -86.95 -16.66 -0.96
C PRO O 58 -86.44 -16.94 -2.37
N SER O 59 -86.75 -18.07 -3.00
CA SER O 59 -85.93 -18.21 -4.24
C SER O 59 -86.59 -18.00 -5.60
N ARG O 60 -87.53 -17.07 -5.77
CA ARG O 60 -88.11 -16.86 -7.09
C ARG O 60 -87.46 -15.63 -7.60
N PHE O 61 -86.74 -15.04 -6.64
CA PHE O 61 -85.91 -13.87 -6.88
C PHE O 61 -84.52 -14.23 -7.40
N SER O 62 -84.12 -13.61 -8.53
CA SER O 62 -82.89 -14.08 -9.21
C SER O 62 -82.30 -13.02 -10.12
N GLY O 63 -80.96 -12.98 -10.20
CA GLY O 63 -80.33 -11.88 -10.91
C GLY O 63 -79.35 -12.48 -11.90
N SER O 64 -79.11 -11.76 -13.00
CA SER O 64 -78.06 -12.14 -13.91
C SER O 64 -77.44 -10.90 -14.56
N GLY O 65 -76.17 -10.99 -14.97
CA GLY O 65 -75.50 -9.85 -15.57
C GLY O 65 -74.05 -9.69 -15.16
N SER O 66 -73.23 -9.38 -16.16
CA SER O 66 -71.97 -8.72 -15.87
C SER O 66 -71.71 -7.51 -16.76
N GLY O 67 -70.84 -6.63 -16.31
CA GLY O 67 -70.41 -5.56 -17.17
C GLY O 67 -71.35 -4.44 -17.18
N THR O 68 -72.24 -4.37 -18.17
CA THR O 68 -73.15 -3.22 -18.21
C THR O 68 -74.69 -3.48 -18.29
N GLU O 69 -75.10 -4.76 -18.36
CA GLU O 69 -76.55 -5.18 -18.37
C GLU O 69 -76.93 -6.05 -17.21
N PHE O 70 -77.92 -5.67 -16.46
CA PHE O 70 -78.14 -6.60 -15.40
C PHE O 70 -79.60 -6.77 -15.46
N THR O 71 -80.15 -7.77 -14.76
CA THR O 71 -81.60 -8.02 -14.83
C THR O 71 -82.04 -8.96 -13.80
N LEU O 72 -83.00 -8.49 -12.99
CA LEU O 72 -83.56 -9.21 -11.83
C LEU O 72 -84.77 -9.95 -12.29
N THR O 73 -85.05 -11.17 -11.80
CA THR O 73 -86.25 -11.83 -12.33
C THR O 73 -87.10 -12.35 -11.21
N ILE O 74 -88.37 -11.82 -11.13
CA ILE O 74 -89.37 -12.48 -10.31
C ILE O 74 -90.17 -13.62 -11.00
N SER O 75 -89.92 -14.85 -10.57
CA SER O 75 -90.52 -15.97 -11.32
C SER O 75 -91.79 -16.29 -10.55
N GLY O 76 -92.91 -15.73 -10.98
CA GLY O 76 -94.15 -16.21 -10.40
C GLY O 76 -94.61 -15.33 -9.33
N LEU O 77 -95.12 -14.18 -9.77
CA LEU O 77 -95.25 -13.05 -8.90
C LEU O 77 -96.03 -13.47 -7.63
N GLN O 78 -95.88 -12.83 -6.49
CA GLN O 78 -96.89 -12.94 -5.45
C GLN O 78 -97.13 -11.61 -4.75
N PHE O 79 -98.34 -11.52 -4.28
CA PHE O 79 -98.89 -10.34 -3.66
C PHE O 79 -97.97 -9.45 -2.77
N ASP O 80 -97.40 -10.07 -1.73
CA ASP O 80 -96.11 -9.64 -1.14
C ASP O 80 -94.95 -9.12 -2.01
N ASP O 81 -94.78 -9.60 -3.24
CA ASP O 81 -93.83 -9.00 -4.16
C ASP O 81 -94.16 -7.67 -4.91
N PHE O 82 -95.41 -7.28 -4.99
CA PHE O 82 -95.69 -5.94 -5.50
C PHE O 82 -95.08 -4.81 -4.64
N ALA O 83 -94.13 -4.05 -5.25
CA ALA O 83 -93.17 -3.20 -4.51
C ALA O 83 -92.28 -2.42 -5.44
N THR O 84 -91.43 -1.57 -4.86
CA THR O 84 -90.44 -1.02 -5.76
C THR O 84 -89.14 -1.71 -5.50
N TYR O 85 -88.30 -1.73 -6.57
CA TYR O 85 -87.03 -2.43 -6.56
C TYR O 85 -86.00 -1.42 -6.92
N HIS O 86 -84.83 -1.49 -6.28
CA HIS O 86 -83.75 -0.58 -6.62
C HIS O 86 -82.49 -1.26 -7.08
N CYS O 87 -81.84 -0.79 -8.14
CA CYS O 87 -80.59 -1.51 -8.48
C CYS O 87 -79.37 -0.75 -8.08
N GLN O 88 -78.39 -1.40 -7.51
CA GLN O 88 -77.31 -0.54 -7.02
C GLN O 88 -75.87 -0.97 -7.47
N HIS O 89 -75.05 0.02 -7.81
CA HIS O 89 -73.73 -0.28 -8.01
C HIS O 89 -72.97 -0.18 -6.74
N TYR O 90 -72.65 -1.24 -6.09
CA TYR O 90 -71.85 -1.02 -4.93
C TYR O 90 -70.34 -1.06 -5.09
N ALA O 91 -69.67 -0.16 -4.37
CA ALA O 91 -68.33 0.17 -4.82
C ALA O 91 -67.39 0.61 -3.77
N GLY O 92 -67.29 -0.14 -2.68
CA GLY O 92 -66.11 0.00 -1.85
C GLY O 92 -66.22 1.14 -0.86
N TYR O 93 -66.34 2.42 -1.26
CA TYR O 93 -66.78 3.46 -0.33
C TYR O 93 -67.77 4.38 -0.99
N SER O 94 -68.79 3.85 -1.64
CA SER O 94 -69.65 4.76 -2.43
C SER O 94 -70.58 3.87 -3.20
N ALA O 95 -71.78 4.39 -3.56
CA ALA O 95 -72.73 3.62 -4.38
C ALA O 95 -73.47 4.49 -5.34
N THR O 96 -74.29 3.85 -6.19
CA THR O 96 -75.25 4.56 -7.08
C THR O 96 -76.61 3.79 -7.21
N PHE O 97 -77.76 4.50 -7.51
CA PHE O 97 -79.09 3.78 -7.52
C PHE O 97 -79.82 3.82 -8.85
N GLY O 98 -80.81 2.99 -9.03
CA GLY O 98 -81.58 3.10 -10.23
C GLY O 98 -82.42 4.33 -10.07
N GLN O 99 -83.30 4.63 -11.01
CA GLN O 99 -84.40 5.49 -10.77
C GLN O 99 -85.39 4.60 -9.99
N GLY O 100 -85.23 3.29 -10.10
CA GLY O 100 -86.04 2.35 -9.30
C GLY O 100 -87.17 1.76 -10.09
N THR O 101 -87.53 0.51 -9.82
CA THR O 101 -88.79 0.04 -10.47
C THR O 101 -89.99 -0.30 -9.65
N ARG O 102 -91.09 0.35 -9.98
CA ARG O 102 -92.21 -0.07 -9.16
C ARG O 102 -93.24 -0.86 -9.92
N VAL O 103 -93.46 -2.05 -9.33
CA VAL O 103 -94.23 -3.14 -9.89
C VAL O 103 -95.62 -3.09 -9.28
N GLU O 104 -96.62 -3.03 -10.17
CA GLU O 104 -97.94 -2.92 -9.67
C GLU O 104 -98.82 -4.00 -10.14
N ILE O 105 -99.98 -4.07 -9.45
CA ILE O 105 -100.97 -5.11 -9.67
C ILE O 105 -101.79 -4.76 -10.93
N LYS O 106 -101.29 -4.99 -12.17
CA LYS O 106 -101.97 -4.74 -13.47
C LYS O 106 -103.46 -4.97 -13.47
N ARG O 107 -104.26 -4.11 -14.10
CA ARG O 107 -105.69 -4.37 -14.21
C ARG O 107 -106.34 -3.37 -15.11
N THR O 108 -107.53 -3.68 -15.63
CA THR O 108 -108.22 -2.81 -16.60
C THR O 108 -108.06 -1.40 -16.16
N VAL O 109 -107.92 -0.48 -17.10
CA VAL O 109 -107.93 0.97 -16.80
C VAL O 109 -109.29 1.53 -16.36
N ALA O 110 -109.27 2.48 -15.44
CA ALA O 110 -110.49 2.97 -14.85
C ALA O 110 -110.33 4.42 -14.35
N ALA O 111 -111.37 5.21 -14.62
CA ALA O 111 -111.28 6.66 -14.40
C ALA O 111 -111.54 7.09 -12.94
N PRO O 112 -110.93 8.20 -12.51
CA PRO O 112 -111.14 8.71 -11.18
C PRO O 112 -112.48 9.37 -11.18
N SER O 113 -113.39 9.01 -10.28
CA SER O 113 -114.59 9.79 -9.95
C SER O 113 -114.03 11.05 -9.29
N VAL O 114 -114.74 12.19 -9.37
CA VAL O 114 -114.12 13.49 -9.00
C VAL O 114 -114.91 14.49 -8.16
N PHE O 115 -114.21 15.00 -7.16
CA PHE O 115 -114.94 15.78 -6.09
C PHE O 115 -114.26 17.04 -5.56
N ILE O 116 -115.06 18.13 -5.52
CA ILE O 116 -114.51 19.36 -4.97
C ILE O 116 -115.34 19.70 -3.80
N PHE O 117 -114.68 20.29 -2.83
CA PHE O 117 -115.21 20.29 -1.52
C PHE O 117 -114.70 21.58 -0.93
N PRO O 118 -115.52 22.64 -0.83
CA PRO O 118 -115.04 23.95 -0.32
C PRO O 118 -114.80 23.88 1.21
N PRO O 119 -114.05 24.77 1.85
CA PRO O 119 -113.81 24.63 3.28
C PRO O 119 -115.07 24.92 4.02
N SER O 120 -115.11 24.49 5.30
CA SER O 120 -116.20 24.76 6.24
C SER O 120 -116.24 26.18 6.61
N ASP O 121 -117.44 26.67 6.85
CA ASP O 121 -117.52 28.02 7.44
C ASP O 121 -116.94 28.00 8.88
N GLU O 122 -117.16 26.90 9.60
CA GLU O 122 -116.39 26.65 10.82
C GLU O 122 -114.87 27.07 10.70
N GLN O 123 -114.13 26.50 9.75
CA GLN O 123 -112.66 26.63 9.70
C GLN O 123 -112.22 28.00 9.31
N LEU O 124 -112.85 28.45 8.24
CA LEU O 124 -112.47 29.66 7.55
C LEU O 124 -112.66 30.86 8.49
N LYS O 125 -113.84 30.99 9.10
CA LYS O 125 -113.97 31.73 10.35
C LYS O 125 -112.60 31.94 11.05
N SER O 126 -112.00 30.84 11.51
CA SER O 126 -110.83 30.87 12.42
C SER O 126 -109.47 31.12 11.75
N GLY O 127 -109.49 31.36 10.44
CA GLY O 127 -108.40 32.07 9.78
C GLY O 127 -107.84 31.44 8.52
N THR O 128 -108.21 30.18 8.26
CA THR O 128 -107.56 29.35 7.25
C THR O 128 -108.54 28.69 6.21
N ALA O 129 -108.13 28.54 4.97
CA ALA O 129 -109.04 28.02 3.99
C ALA O 129 -108.52 26.68 3.40
N SER O 130 -109.20 25.58 3.72
CA SER O 130 -108.71 24.34 3.22
C SER O 130 -109.79 23.81 2.31
N VAL O 131 -109.57 24.07 1.03
CA VAL O 131 -110.37 23.64 -0.12
C VAL O 131 -109.79 22.35 -0.65
N VAL O 132 -110.62 21.33 -0.86
CA VAL O 132 -110.19 19.94 -1.21
C VAL O 132 -110.82 19.26 -2.43
N CYS O 133 -110.00 18.47 -3.12
CA CYS O 133 -110.36 17.86 -4.36
C CYS O 133 -110.03 16.44 -4.29
N LEU O 134 -110.89 15.57 -4.82
CA LEU O 134 -110.79 14.12 -4.61
C LEU O 134 -110.72 13.36 -5.93
N LEU O 135 -109.82 12.42 -6.09
CA LEU O 135 -109.80 11.46 -7.22
C LEU O 135 -110.00 10.15 -6.51
N ASN O 136 -111.23 9.71 -6.66
CA ASN O 136 -111.66 8.46 -6.10
C ASN O 136 -111.43 7.33 -7.07
N ASN O 137 -110.62 6.34 -6.74
CA ASN O 137 -110.82 5.05 -7.38
C ASN O 137 -110.57 4.99 -8.90
N PHE O 138 -109.33 5.30 -9.24
CA PHE O 138 -108.93 5.35 -10.60
C PHE O 138 -107.73 4.44 -10.66
N TYR O 139 -107.35 4.04 -11.86
CA TYR O 139 -106.14 3.35 -12.18
C TYR O 139 -106.06 3.77 -13.71
N PRO O 140 -104.91 3.76 -14.37
CA PRO O 140 -103.59 3.45 -13.83
C PRO O 140 -103.13 4.62 -13.02
N ARG O 141 -101.90 4.61 -12.49
CA ARG O 141 -101.76 5.40 -11.26
C ARG O 141 -101.74 6.91 -11.38
N GLU O 142 -101.15 7.47 -12.41
CA GLU O 142 -100.89 8.87 -12.45
C GLU O 142 -102.02 9.74 -13.04
N ALA O 143 -102.15 10.93 -12.45
CA ALA O 143 -103.19 11.93 -12.75
C ALA O 143 -102.65 13.35 -12.59
N LYS O 144 -103.21 14.28 -13.38
CA LYS O 144 -102.77 15.66 -13.29
C LYS O 144 -103.80 16.34 -12.53
N VAL O 145 -103.42 17.15 -11.59
CA VAL O 145 -104.48 17.84 -10.90
C VAL O 145 -104.07 19.28 -10.69
N GLN O 146 -104.55 20.21 -11.48
CA GLN O 146 -104.22 21.60 -11.17
C GLN O 146 -105.46 22.33 -10.68
N TRP O 147 -105.23 23.18 -9.66
CA TRP O 147 -106.23 24.11 -9.12
C TRP O 147 -106.34 25.49 -9.89
N LYS O 148 -107.42 25.77 -10.61
CA LYS O 148 -107.46 27.09 -11.18
C LYS O 148 -108.28 27.99 -10.27
N VAL O 149 -107.82 29.21 -9.96
CA VAL O 149 -108.44 30.00 -8.88
C VAL O 149 -108.72 31.30 -9.49
N ASP O 150 -109.97 31.47 -9.80
CA ASP O 150 -110.50 32.60 -10.55
C ASP O 150 -109.90 32.53 -11.94
N ASN O 151 -109.61 31.31 -12.36
CA ASN O 151 -108.99 31.18 -13.65
C ASN O 151 -107.53 31.37 -13.52
N ALA O 152 -107.06 31.52 -12.30
CA ALA O 152 -105.66 31.76 -12.13
C ALA O 152 -105.05 30.41 -11.82
N LEU O 153 -104.07 29.98 -12.62
CA LEU O 153 -103.27 28.81 -12.19
C LEU O 153 -102.81 28.74 -10.66
N GLN O 154 -102.38 27.62 -10.10
CA GLN O 154 -101.74 27.73 -8.80
C GLN O 154 -100.49 26.96 -8.72
N SER O 155 -99.83 27.06 -7.58
CA SER O 155 -98.64 26.20 -7.26
C SER O 155 -98.04 26.58 -5.92
N GLY O 156 -97.36 25.58 -5.33
CA GLY O 156 -96.82 25.68 -3.98
C GLY O 156 -97.81 25.93 -2.86
N ASN O 157 -99.04 26.33 -3.15
CA ASN O 157 -99.96 26.54 -2.07
C ASN O 157 -100.87 25.35 -1.96
N SER O 158 -100.41 24.16 -2.39
CA SER O 158 -101.24 22.94 -2.28
C SER O 158 -100.39 21.67 -2.19
N GLN O 159 -100.83 20.73 -1.32
CA GLN O 159 -100.19 19.43 -1.10
C GLN O 159 -101.08 18.33 -1.63
N GLU O 160 -100.49 17.19 -2.00
CA GLU O 160 -101.37 16.02 -2.24
C GLU O 160 -100.97 14.72 -1.53
N SER O 161 -101.82 13.67 -1.65
CA SER O 161 -101.59 12.41 -0.97
C SER O 161 -102.35 11.26 -1.61
N VAL O 162 -101.73 10.12 -1.80
CA VAL O 162 -102.35 9.08 -2.59
C VAL O 162 -102.47 7.87 -1.77
N THR O 163 -103.43 7.07 -2.07
CA THR O 163 -103.68 5.89 -1.33
C THR O 163 -102.86 4.80 -1.91
N GLU O 164 -102.67 3.67 -1.23
CA GLU O 164 -101.87 2.53 -1.83
C GLU O 164 -102.91 1.63 -2.58
N GLN O 165 -102.45 0.70 -3.43
CA GLN O 165 -103.35 -0.02 -4.40
C GLN O 165 -104.44 -0.82 -3.62
N ASP O 166 -105.71 -0.47 -3.92
CA ASP O 166 -106.87 -0.92 -3.16
C ASP O 166 -107.01 -2.33 -2.87
N SER O 167 -106.95 -2.50 -1.55
CA SER O 167 -107.50 -3.61 -0.75
C SER O 167 -108.44 -4.54 -1.58
N LYS O 168 -109.28 -3.97 -2.48
CA LYS O 168 -110.43 -4.72 -3.05
C LYS O 168 -110.57 -4.77 -4.59
N ASP O 169 -110.19 -3.67 -5.27
CA ASP O 169 -110.42 -3.48 -6.69
C ASP O 169 -109.24 -2.74 -7.25
N SER O 170 -108.15 -2.68 -6.48
CA SER O 170 -106.87 -2.42 -7.17
C SER O 170 -106.73 -1.04 -7.76
N THR O 171 -107.75 -0.18 -7.67
CA THR O 171 -107.58 1.23 -8.02
C THR O 171 -106.69 2.03 -6.97
N TYR O 172 -106.34 3.26 -7.36
CA TYR O 172 -105.74 4.20 -6.49
C TYR O 172 -106.73 5.27 -6.28
N SER O 173 -106.83 5.83 -5.05
CA SER O 173 -107.39 7.19 -4.89
C SER O 173 -106.37 8.11 -4.28
N LEU O 174 -106.68 9.41 -4.38
CA LEU O 174 -105.81 10.53 -3.90
C LEU O 174 -106.64 11.79 -3.76
N SER O 175 -106.47 12.43 -2.62
CA SER O 175 -107.02 13.75 -2.41
C SER O 175 -106.05 14.78 -2.95
N SER O 176 -106.61 16.00 -3.11
CA SER O 176 -105.82 17.25 -3.13
C SER O 176 -106.15 18.42 -2.13
N THR O 177 -105.14 19.01 -1.48
CA THR O 177 -105.54 20.18 -0.69
C THR O 177 -104.92 21.54 -0.97
N LEU O 178 -105.82 22.42 -1.45
CA LEU O 178 -105.64 23.88 -1.40
C LEU O 178 -105.46 24.36 0.03
N THR O 179 -104.37 25.04 0.38
CA THR O 179 -104.45 25.82 1.59
C THR O 179 -104.34 27.29 1.40
N LEU O 180 -105.32 28.06 1.82
CA LEU O 180 -105.17 29.51 1.71
C LEU O 180 -105.32 30.26 3.08
N SER O 181 -104.77 31.47 3.18
CA SER O 181 -105.21 32.40 4.25
C SER O 181 -106.71 32.77 4.01
N LYS O 182 -107.40 33.11 5.11
CA LYS O 182 -108.84 33.47 5.15
C LYS O 182 -109.04 34.69 4.32
N ALA O 183 -107.99 35.49 4.36
CA ALA O 183 -107.70 36.58 3.44
C ALA O 183 -107.71 36.23 1.93
N ASP O 184 -106.77 35.36 1.56
CA ASP O 184 -106.53 35.12 0.17
C ASP O 184 -107.74 34.48 -0.44
N TYR O 185 -108.37 33.69 0.43
CA TYR O 185 -109.57 32.94 0.09
C TYR O 185 -110.68 33.91 -0.12
N GLU O 186 -110.85 34.76 0.89
CA GLU O 186 -111.64 35.94 0.82
C GLU O 186 -111.47 36.78 -0.52
N LYS O 187 -110.28 36.81 -1.17
CA LYS O 187 -110.10 37.70 -2.38
C LYS O 187 -110.66 37.21 -3.73
N HIS O 188 -111.18 35.99 -3.81
CA HIS O 188 -111.38 35.35 -5.09
C HIS O 188 -112.68 34.56 -5.17
N LYS O 189 -113.36 34.63 -6.33
CA LYS O 189 -114.69 33.99 -6.42
C LYS O 189 -114.75 32.49 -6.87
N VAL O 190 -114.17 32.13 -8.01
CA VAL O 190 -114.45 30.79 -8.55
C VAL O 190 -113.42 29.80 -8.19
N TYR O 191 -113.75 28.67 -7.60
CA TYR O 191 -112.64 27.72 -7.32
C TYR O 191 -112.64 26.45 -8.22
N ALA O 192 -111.48 26.02 -8.68
CA ALA O 192 -111.54 24.93 -9.66
C ALA O 192 -110.51 23.78 -9.51
N CYS O 193 -110.95 22.57 -9.84
CA CYS O 193 -110.11 21.41 -9.77
C CYS O 193 -110.01 20.78 -11.18
N GLU O 194 -108.79 20.67 -11.72
CA GLU O 194 -108.68 20.15 -13.11
C GLU O 194 -107.86 18.88 -13.38
N VAL O 195 -108.58 17.75 -13.31
CA VAL O 195 -108.01 16.42 -13.47
C VAL O 195 -107.89 15.90 -14.88
N THR O 196 -106.75 15.30 -15.10
CA THR O 196 -106.36 14.71 -16.34
C THR O 196 -106.08 13.29 -16.05
N HIS O 197 -106.66 12.42 -16.88
CA HIS O 197 -106.48 10.96 -16.79
C HIS O 197 -106.55 10.31 -18.11
N GLN O 198 -106.06 9.08 -18.07
CA GLN O 198 -105.80 8.34 -19.28
C GLN O 198 -107.04 7.58 -19.49
N GLY O 199 -107.76 7.45 -18.39
CA GLY O 199 -109.11 6.94 -18.39
C GLY O 199 -110.08 8.02 -18.88
N LEU O 200 -109.61 9.27 -18.88
CA LEU O 200 -110.43 10.38 -19.30
C LEU O 200 -110.13 10.65 -20.69
N SER O 201 -111.24 10.68 -21.42
CA SER O 201 -111.14 11.05 -22.79
C SER O 201 -111.09 12.60 -22.86
N SER O 202 -111.56 13.35 -21.88
CA SER O 202 -110.88 14.67 -21.72
C SER O 202 -110.85 15.41 -20.31
N PRO O 203 -109.76 16.17 -20.01
CA PRO O 203 -109.59 16.91 -18.75
C PRO O 203 -110.86 17.30 -18.11
N VAL O 204 -111.09 16.71 -16.97
CA VAL O 204 -112.31 16.89 -16.22
C VAL O 204 -112.00 17.91 -15.16
N THR O 205 -112.98 18.78 -14.92
CA THR O 205 -112.83 19.98 -14.14
C THR O 205 -114.09 19.99 -13.31
N LYS O 206 -113.97 19.78 -12.00
CA LYS O 206 -115.12 19.98 -11.13
C LYS O 206 -114.79 21.26 -10.45
N SER O 207 -115.83 22.05 -10.20
CA SER O 207 -115.61 23.26 -9.41
C SER O 207 -116.81 23.76 -8.67
N PHE O 208 -116.55 24.78 -7.85
CA PHE O 208 -117.61 25.61 -7.32
C PHE O 208 -117.14 27.05 -7.42
N ASN O 209 -118.09 27.99 -7.53
CA ASN O 209 -117.78 29.35 -7.16
C ASN O 209 -118.24 29.48 -5.76
N ARG O 210 -117.35 30.10 -4.97
CA ARG O 210 -117.40 30.24 -3.54
C ARG O 210 -118.61 31.01 -3.05
N GLY O 211 -119.07 30.61 -1.88
CA GLY O 211 -120.22 31.22 -1.25
C GLY O 211 -121.54 30.83 -1.91
N GLU O 212 -121.76 29.52 -2.02
CA GLU O 212 -123.03 29.02 -2.61
C GLU O 212 -123.66 27.68 -2.09
N GLU P 1 -57.65 34.33 16.90
CA GLU P 1 -57.71 33.35 18.01
C GLU P 1 -58.39 32.11 17.53
N VAL P 2 -58.17 31.07 18.30
CA VAL P 2 -59.11 29.98 18.45
C VAL P 2 -60.52 30.44 18.23
N GLN P 3 -61.33 29.70 17.51
CA GLN P 3 -62.73 29.99 17.57
C GLN P 3 -63.45 28.73 17.51
N LEU P 4 -64.51 28.64 18.31
CA LEU P 4 -65.51 27.57 18.20
C LEU P 4 -66.85 28.07 17.67
N VAL P 5 -67.61 27.22 16.99
CA VAL P 5 -68.94 27.56 16.57
C VAL P 5 -69.89 26.41 16.47
N GLU P 6 -70.80 26.30 17.47
CA GLU P 6 -71.98 25.38 17.45
C GLU P 6 -72.94 25.85 16.38
N SER P 7 -73.43 24.88 15.60
CA SER P 7 -74.64 24.91 14.79
C SER P 7 -75.55 23.79 15.35
N GLY P 8 -76.80 23.67 14.93
CA GLY P 8 -77.75 22.96 15.78
C GLY P 8 -79.14 23.56 16.08
N GLY P 9 -79.22 24.38 17.10
CA GLY P 9 -80.51 24.58 17.78
C GLY P 9 -81.84 24.78 17.04
N GLY P 10 -82.93 24.82 17.83
CA GLY P 10 -84.25 25.16 17.30
C GLY P 10 -85.46 24.96 18.24
N LEU P 11 -86.64 25.04 17.66
CA LEU P 11 -87.76 24.71 18.51
C LEU P 11 -87.78 23.19 18.51
N VAL P 12 -87.74 22.56 19.69
CA VAL P 12 -88.29 21.17 19.81
C VAL P 12 -89.46 20.97 20.78
N LYS P 13 -90.35 20.01 20.49
CA LYS P 13 -91.47 19.80 21.40
C LYS P 13 -91.00 18.85 22.49
N ALA P 14 -91.44 19.16 23.71
CA ALA P 14 -91.09 18.42 24.88
C ALA P 14 -91.39 17.02 24.53
N GLY P 15 -90.37 16.18 24.66
CA GLY P 15 -90.44 14.76 24.32
C GLY P 15 -89.30 14.48 23.39
N GLY P 16 -89.31 15.25 22.30
CA GLY P 16 -88.30 15.27 21.27
C GLY P 16 -86.85 14.88 21.52
N SER P 17 -86.11 15.12 20.43
CA SER P 17 -84.77 14.64 20.24
C SER P 17 -84.18 15.67 19.33
N LEU P 18 -82.96 16.05 19.59
CA LEU P 18 -82.31 17.10 18.85
C LEU P 18 -80.85 16.97 19.11
N ILE P 19 -80.09 17.25 18.06
CA ILE P 19 -78.68 16.89 18.11
C ILE P 19 -77.68 18.02 17.82
N LEU P 20 -76.75 18.48 18.68
CA LEU P 20 -76.09 19.73 18.21
C LEU P 20 -74.75 19.49 17.70
N SER P 21 -74.09 20.53 17.21
CA SER P 21 -72.71 20.36 16.68
C SER P 21 -71.64 21.50 16.76
N CYS P 22 -70.58 21.23 17.46
CA CYS P 22 -69.49 22.17 17.61
C CYS P 22 -68.50 22.14 16.43
N GLY P 23 -68.05 23.25 15.89
CA GLY P 23 -66.92 23.18 14.95
C GLY P 23 -65.88 24.25 15.26
N VAL P 24 -64.61 24.09 14.86
CA VAL P 24 -63.61 25.02 15.38
C VAL P 24 -62.86 25.88 14.36
N SER P 25 -61.98 26.78 14.82
CA SER P 25 -60.92 27.33 13.97
C SER P 25 -59.64 27.57 14.74
N ASN P 26 -58.51 27.19 14.17
CA ASN P 26 -57.21 27.63 14.67
C ASN P 26 -56.59 26.78 15.80
N PHE P 27 -57.27 25.69 16.08
CA PHE P 27 -56.61 24.51 16.64
C PHE P 27 -57.28 23.27 16.11
N ARG P 28 -56.61 22.11 16.11
CA ARG P 28 -57.32 20.88 15.95
C ARG P 28 -57.88 20.55 17.34
N ILE P 29 -59.01 19.86 17.44
CA ILE P 29 -59.54 19.43 18.74
C ILE P 29 -58.66 18.49 19.54
N SER P 30 -58.38 17.25 19.06
CA SER P 30 -57.60 16.23 19.88
C SER P 30 -57.02 16.66 21.26
N ALA P 31 -55.83 17.26 21.31
CA ALA P 31 -55.23 17.73 22.57
C ALA P 31 -56.21 18.14 23.68
N HIS P 32 -57.28 18.86 23.33
CA HIS P 32 -58.30 19.29 24.33
C HIS P 32 -59.51 18.41 24.39
N THR P 33 -60.21 18.61 25.50
CA THR P 33 -61.32 17.83 26.04
C THR P 33 -62.47 18.76 25.80
N MET P 34 -63.62 18.33 25.33
CA MET P 34 -64.59 19.38 25.04
C MET P 34 -65.69 19.27 25.98
N ASN P 35 -66.43 20.33 26.15
CA ASN P 35 -67.56 20.27 27.04
C ASN P 35 -68.64 21.02 26.43
N TRP P 36 -69.83 20.61 26.69
CA TRP P 36 -70.92 21.47 26.36
C TRP P 36 -71.43 22.13 27.64
N VAL P 37 -71.71 23.45 27.63
CA VAL P 37 -72.52 24.00 28.71
C VAL P 37 -73.63 24.94 28.29
N ARG P 38 -74.48 25.29 29.25
CA ARG P 38 -75.66 26.00 28.83
C ARG P 38 -76.08 27.08 29.72
N ARG P 39 -76.58 28.16 29.17
CA ARG P 39 -77.13 29.08 30.11
C ARG P 39 -78.61 28.78 30.05
N VAL P 40 -79.19 28.54 31.21
CA VAL P 40 -80.64 28.63 31.29
C VAL P 40 -81.07 30.10 31.07
N PRO P 41 -82.29 30.48 31.38
CA PRO P 41 -82.52 31.85 31.91
C PRO P 41 -82.95 31.93 33.40
N GLY P 42 -82.72 33.15 33.91
CA GLY P 42 -82.42 33.44 35.32
C GLY P 42 -80.89 33.31 35.39
N GLY P 43 -80.46 32.46 34.40
CA GLY P 43 -79.33 32.68 33.38
C GLY P 43 -77.95 32.44 33.94
N GLY P 44 -77.90 31.41 34.84
CA GLY P 44 -76.57 30.82 35.46
C GLY P 44 -76.07 29.96 34.34
N LEU P 45 -74.88 29.38 34.46
CA LEU P 45 -74.59 28.27 33.55
C LEU P 45 -74.57 27.00 34.36
N GLU P 46 -74.92 25.95 33.64
CA GLU P 46 -75.01 24.58 34.07
C GLU P 46 -74.00 23.73 33.21
N TRP P 47 -73.07 22.99 33.88
CA TRP P 47 -72.14 22.11 33.14
C TRP P 47 -72.85 20.90 32.54
N VAL P 48 -73.15 20.93 31.26
CA VAL P 48 -73.81 19.76 30.69
C VAL P 48 -72.96 18.46 30.50
N ALA P 49 -72.40 18.18 29.34
CA ALA P 49 -71.54 16.99 29.32
C ALA P 49 -70.05 17.34 29.28
N SER P 50 -69.26 16.25 29.11
CA SER P 50 -67.80 16.35 28.83
C SER P 50 -67.06 15.11 28.27
N ILE P 51 -66.17 15.24 27.29
CA ILE P 51 -65.57 14.06 26.64
C ILE P 51 -64.07 14.16 26.79
N SER P 52 -63.47 13.18 27.45
CA SER P 52 -62.04 13.17 27.63
C SER P 52 -61.29 13.06 26.31
N THR P 53 -60.03 13.45 26.33
CA THR P 53 -59.16 13.23 25.18
C THR P 53 -59.27 11.76 24.84
N SER P 54 -58.80 11.42 23.63
CA SER P 54 -58.76 10.03 23.13
C SER P 54 -60.08 9.26 23.39
N SER P 55 -61.12 10.08 23.48
CA SER P 55 -62.47 9.68 23.70
C SER P 55 -62.71 8.72 24.86
N THR P 56 -61.90 8.80 25.91
CA THR P 56 -61.87 7.76 26.95
C THR P 56 -62.87 7.93 28.09
N TYR P 57 -63.44 9.08 28.28
CA TYR P 57 -64.25 9.24 29.47
C TYR P 57 -65.40 10.21 29.25
N ARG P 58 -66.46 9.84 28.56
CA ARG P 58 -67.64 10.70 28.65
C ARG P 58 -68.12 10.79 30.13
N ASP P 59 -68.39 11.98 30.67
CA ASP P 59 -68.96 12.20 32.01
C ASP P 59 -70.10 13.18 31.80
N TYR P 60 -71.13 13.12 32.66
CA TYR P 60 -72.26 14.05 32.35
C TYR P 60 -72.84 14.58 33.58
N ALA P 61 -73.79 15.52 33.41
CA ALA P 61 -74.55 16.06 34.53
C ALA P 61 -75.86 15.31 34.77
N ASP P 62 -76.01 14.92 36.02
CA ASP P 62 -77.18 14.33 36.55
C ASP P 62 -78.46 14.44 35.80
N ALA P 63 -79.06 15.59 35.61
CA ALA P 63 -80.23 15.64 34.70
C ALA P 63 -79.93 15.45 33.14
N VAL P 64 -78.80 14.84 32.78
CA VAL P 64 -78.63 14.48 31.39
C VAL P 64 -77.96 13.17 31.25
N LYS P 65 -77.54 12.63 32.38
CA LYS P 65 -77.16 11.24 32.35
C LYS P 65 -78.43 10.57 31.83
N GLY P 66 -78.26 9.94 30.67
CA GLY P 66 -79.28 9.08 30.16
C GLY P 66 -80.13 9.66 29.05
N ARG P 67 -80.03 10.95 28.79
CA ARG P 67 -80.84 11.47 27.73
C ARG P 67 -79.93 11.86 26.61
N PHE P 68 -78.69 12.17 26.97
CA PHE P 68 -77.78 13.03 26.21
C PHE P 68 -76.53 12.25 25.90
N THR P 69 -75.91 12.50 24.78
CA THR P 69 -74.70 11.80 24.58
C THR P 69 -73.76 12.76 23.96
N VAL P 70 -72.62 12.99 24.59
CA VAL P 70 -71.51 13.70 23.90
C VAL P 70 -70.68 12.69 23.03
N SER P 71 -70.11 13.18 21.93
CA SER P 71 -69.44 12.36 20.95
C SER P 71 -68.43 13.31 20.32
N ARG P 72 -67.28 12.82 19.87
CA ARG P 72 -66.27 13.74 19.32
C ARG P 72 -65.76 13.26 17.93
N ASP P 73 -65.26 14.17 17.06
CA ASP P 73 -64.73 13.82 15.75
C ASP P 73 -63.33 14.43 15.41
N ASP P 74 -62.23 13.77 15.80
CA ASP P 74 -60.96 14.44 15.86
C ASP P 74 -60.55 14.80 14.48
N LEU P 75 -59.95 13.84 13.80
CA LEU P 75 -59.88 13.78 12.36
C LEU P 75 -60.63 14.82 11.49
N GLU P 76 -61.87 15.21 11.82
CA GLU P 76 -62.60 16.15 11.00
C GLU P 76 -62.82 17.43 11.71
N ASP P 77 -62.63 17.34 13.04
CA ASP P 77 -62.74 18.34 14.15
C ASP P 77 -64.09 18.81 14.52
N PHE P 78 -64.90 17.96 15.12
CA PHE P 78 -66.10 18.47 15.76
C PHE P 78 -66.42 17.70 16.98
N VAL P 79 -67.45 18.17 17.65
CA VAL P 79 -68.14 17.47 18.71
C VAL P 79 -69.66 17.54 18.51
N TYR P 80 -70.36 16.45 18.82
CA TYR P 80 -71.78 16.51 18.87
C TYR P 80 -72.34 16.26 20.26
N LEU P 81 -73.55 16.80 20.49
CA LEU P 81 -74.39 16.44 21.64
C LEU P 81 -75.72 15.90 21.24
N GLN P 82 -75.93 14.66 21.61
CA GLN P 82 -77.19 14.08 21.30
C GLN P 82 -78.14 14.50 22.37
N MET P 83 -79.26 15.13 21.94
CA MET P 83 -80.31 15.31 22.93
C MET P 83 -81.69 14.66 22.70
N HIS P 84 -81.91 13.64 23.56
CA HIS P 84 -83.16 12.89 23.75
C HIS P 84 -83.99 13.10 24.98
N LYS P 85 -85.28 12.98 24.72
CA LYS P 85 -86.25 12.69 25.74
C LYS P 85 -86.35 13.97 26.57
N MET P 86 -86.34 14.99 25.74
CA MET P 86 -85.95 16.32 26.14
C MET P 86 -87.04 16.95 27.06
N ARG P 87 -86.64 17.53 28.18
CA ARG P 87 -87.64 18.13 29.09
C ARG P 87 -87.57 19.65 28.95
N VAL P 88 -88.53 20.37 29.49
CA VAL P 88 -88.45 21.80 29.38
C VAL P 88 -87.14 22.25 29.96
N GLU P 89 -86.96 22.18 31.30
CA GLU P 89 -85.66 22.56 31.91
C GLU P 89 -84.38 22.17 31.12
N ASP P 90 -84.50 21.90 29.84
CA ASP P 90 -83.31 21.82 29.03
C ASP P 90 -83.26 23.09 28.23
N THR P 91 -84.23 23.99 28.51
CA THR P 91 -84.33 25.14 27.61
C THR P 91 -83.19 26.15 27.79
N ALA P 92 -82.25 26.16 26.85
CA ALA P 92 -80.97 26.78 27.20
C ALA P 92 -80.54 27.52 26.02
N ILE P 93 -79.55 28.39 26.17
CA ILE P 93 -78.60 28.65 25.15
C ILE P 93 -77.54 27.60 25.45
N TYR P 94 -76.98 26.97 24.41
CA TYR P 94 -75.98 25.94 24.66
C TYR P 94 -74.72 26.30 23.91
N TYR P 95 -73.56 26.05 24.54
CA TYR P 95 -72.23 26.28 23.92
C TYR P 95 -71.28 25.16 24.08
N CYS P 96 -70.33 24.97 23.14
CA CYS P 96 -69.20 24.06 23.55
C CYS P 96 -67.87 24.78 23.85
N ALA P 97 -67.07 24.23 24.77
CA ALA P 97 -65.86 24.89 25.23
C ALA P 97 -64.62 24.01 25.40
N ARG P 98 -63.47 24.50 24.91
CA ARG P 98 -62.11 23.93 24.95
C ARG P 98 -61.72 23.58 26.34
N LYS P 99 -60.68 22.78 26.50
CA LYS P 99 -60.16 22.65 27.82
C LYS P 99 -58.88 23.22 28.29
N GLY P 100 -57.91 23.75 27.53
CA GLY P 100 -56.87 24.54 28.25
C GLY P 100 -55.79 25.61 27.94
N SER P 101 -54.90 25.82 28.90
CA SER P 101 -54.00 26.93 28.82
C SER P 101 -52.65 26.71 28.15
N ASP P 102 -52.55 26.60 26.83
CA ASP P 102 -51.30 27.21 26.23
C ASP P 102 -50.03 26.36 26.03
N ARG P 103 -48.89 26.85 26.54
CA ARG P 103 -47.70 26.00 26.59
C ARG P 103 -47.93 24.85 27.63
N LEU P 104 -49.23 24.49 27.83
CA LEU P 104 -49.67 23.88 29.11
C LEU P 104 -50.49 22.59 29.15
N SER P 105 -50.95 22.36 30.40
CA SER P 105 -52.14 21.59 30.75
C SER P 105 -51.80 20.67 31.95
N ASP P 106 -52.84 20.19 32.76
CA ASP P 106 -53.08 18.74 33.03
C ASP P 106 -54.39 18.51 33.80
N ASN P 107 -54.93 19.62 34.27
CA ASN P 107 -56.40 19.75 34.56
C ASN P 107 -56.87 21.26 34.32
N ASP P 108 -56.76 21.75 32.95
CA ASP P 108 -56.68 23.19 32.70
C ASP P 108 -58.10 23.62 32.50
N PRO P 109 -58.39 24.91 32.38
CA PRO P 109 -59.76 25.40 32.53
C PRO P 109 -60.26 25.80 31.17
N PHE P 110 -61.48 26.33 31.05
CA PHE P 110 -62.08 26.61 29.76
C PHE P 110 -61.53 27.87 29.09
N ASP P 111 -60.34 27.78 28.50
CA ASP P 111 -59.72 28.89 27.74
C ASP P 111 -60.57 29.51 26.54
N ALA P 112 -61.39 28.71 25.88
CA ALA P 112 -62.04 29.20 24.69
C ALA P 112 -63.56 28.82 24.62
N TRP P 113 -64.49 29.74 24.32
CA TRP P 113 -65.83 29.22 24.23
C TRP P 113 -66.41 29.55 22.90
N GLY P 114 -67.42 28.80 22.47
CA GLY P 114 -68.16 29.10 21.26
C GLY P 114 -69.17 30.18 21.57
N PRO P 115 -69.99 30.55 20.60
CA PRO P 115 -70.83 31.75 20.68
C PRO P 115 -72.17 31.45 21.24
N GLY P 116 -72.25 30.17 21.54
CA GLY P 116 -73.52 29.52 21.75
C GLY P 116 -74.61 29.53 20.67
N THR P 117 -75.40 28.44 20.77
CA THR P 117 -76.81 28.36 20.38
C THR P 117 -77.91 28.15 21.44
N VAL P 118 -79.12 28.54 20.93
CA VAL P 118 -80.48 28.54 21.53
C VAL P 118 -81.38 27.39 21.13
N VAL P 119 -81.69 26.59 22.14
CA VAL P 119 -82.52 25.43 21.97
C VAL P 119 -83.75 25.54 22.83
N THR P 120 -84.91 25.40 22.15
CA THR P 120 -86.17 25.77 22.86
C THR P 120 -87.46 24.91 22.67
N VAL P 121 -87.61 24.16 23.78
CA VAL P 121 -88.34 22.93 23.96
C VAL P 121 -89.71 23.31 24.31
N SER P 122 -90.70 22.85 23.52
CA SER P 122 -92.13 23.14 23.84
C SER P 122 -92.55 22.36 25.10
N PRO P 123 -93.31 22.95 26.04
CA PRO P 123 -93.95 22.14 27.10
C PRO P 123 -94.96 21.15 26.53
N ALA P 124 -95.78 21.62 25.59
CA ALA P 124 -96.78 20.81 24.88
C ALA P 124 -96.01 19.65 24.40
N SER P 125 -96.63 18.79 23.62
CA SER P 125 -95.89 17.63 23.12
C SER P 125 -96.87 16.85 22.33
N THR P 126 -98.11 17.15 22.58
CA THR P 126 -99.18 16.48 21.94
C THR P 126 -100.01 17.63 21.43
N LYS P 127 -100.93 17.39 20.50
CA LYS P 127 -101.90 18.41 20.12
C LYS P 127 -102.87 17.63 19.33
N GLY P 128 -104.12 17.74 19.76
CA GLY P 128 -105.23 17.02 19.17
C GLY P 128 -105.49 17.70 17.89
N PRO P 129 -106.19 17.02 17.02
CA PRO P 129 -106.67 17.49 15.73
C PRO P 129 -107.82 18.45 15.76
N SER P 130 -108.08 19.11 14.65
CA SER P 130 -109.31 19.87 14.66
C SER P 130 -110.53 19.50 13.71
N VAL P 131 -110.79 18.26 13.24
CA VAL P 131 -111.88 18.02 12.20
C VAL P 131 -113.04 19.00 11.68
N PHE P 132 -113.29 19.00 10.35
CA PHE P 132 -114.40 19.69 9.65
C PHE P 132 -115.06 18.84 8.60
N PRO P 133 -116.29 19.17 8.19
CA PRO P 133 -116.95 18.45 7.08
C PRO P 133 -116.54 18.77 5.63
N LEU P 134 -115.96 17.78 4.94
CA LEU P 134 -116.19 17.78 3.50
C LEU P 134 -117.58 17.32 3.21
N ALA P 135 -118.33 18.31 2.78
CA ALA P 135 -119.77 18.18 2.68
C ALA P 135 -120.18 17.62 1.36
N PRO P 136 -121.21 16.79 1.38
CA PRO P 136 -121.70 16.07 0.21
C PRO P 136 -122.11 17.07 -0.87
N SER P 137 -122.60 18.18 -0.33
CA SER P 137 -123.06 19.33 -1.11
C SER P 137 -123.60 19.01 -2.53
N SER P 138 -123.93 20.10 -3.23
CA SER P 138 -124.14 20.18 -4.67
C SER P 138 -125.62 20.06 -5.00
N LYS P 139 -126.33 19.39 -4.07
CA LYS P 139 -127.76 18.93 -4.09
C LYS P 139 -128.20 17.87 -5.17
N SER P 140 -129.18 18.25 -6.05
CA SER P 140 -129.66 17.39 -7.17
C SER P 140 -128.66 17.24 -8.40
N THR P 141 -127.49 16.64 -8.07
CA THR P 141 -126.22 16.70 -8.83
C THR P 141 -125.63 15.29 -9.02
N SER P 142 -126.30 14.47 -9.85
CA SER P 142 -126.11 12.98 -9.97
C SER P 142 -126.77 12.11 -8.82
N GLY P 143 -128.11 11.93 -8.90
CA GLY P 143 -128.87 11.02 -8.05
C GLY P 143 -128.34 9.57 -8.06
N GLY P 144 -127.05 9.41 -7.72
CA GLY P 144 -126.26 8.18 -7.86
C GLY P 144 -125.08 8.05 -6.90
N THR P 145 -124.07 8.91 -6.99
CA THR P 145 -122.95 8.78 -6.02
C THR P 145 -122.51 10.04 -5.24
N ALA P 146 -121.89 9.80 -4.10
CA ALA P 146 -121.86 10.76 -3.03
C ALA P 146 -120.52 11.35 -2.96
N ALA P 147 -119.93 11.17 -1.77
CA ALA P 147 -118.58 11.62 -1.37
C ALA P 147 -118.73 12.72 -0.40
N LEU P 148 -118.04 12.51 0.70
CA LEU P 148 -117.99 13.43 1.85
C LEU P 148 -117.02 12.76 2.78
N GLY P 149 -116.50 13.52 3.74
CA GLY P 149 -115.52 13.01 4.65
C GLY P 149 -115.21 14.06 5.65
N CYS P 150 -114.40 13.67 6.62
CA CYS P 150 -113.88 14.59 7.62
C CYS P 150 -112.54 15.17 7.15
N LEU P 151 -112.25 16.43 7.47
CA LEU P 151 -110.86 16.90 7.36
C LEU P 151 -110.19 16.97 8.73
N VAL P 152 -109.40 15.97 9.09
CA VAL P 152 -108.58 16.05 10.31
C VAL P 152 -107.22 16.74 10.16
N LYS P 153 -107.26 18.06 10.06
CA LYS P 153 -106.09 18.86 9.84
C LYS P 153 -105.67 19.30 11.20
N ASP P 154 -104.58 18.76 11.74
CA ASP P 154 -103.61 19.56 12.54
C ASP P 154 -103.13 19.12 13.88
N TYR P 155 -102.64 17.89 13.98
CA TYR P 155 -102.33 17.33 15.30
C TYR P 155 -100.92 16.90 15.46
N PHE P 156 -100.55 16.35 16.59
CA PHE P 156 -99.17 15.88 16.72
C PHE P 156 -99.22 14.86 17.79
N PRO P 157 -98.41 13.81 17.73
CA PRO P 157 -97.64 13.40 16.57
C PRO P 157 -98.59 12.64 15.69
N GLU P 158 -98.15 11.68 14.86
CA GLU P 158 -99.13 10.84 14.18
C GLU P 158 -99.26 9.72 15.20
N PRO P 159 -100.33 8.89 15.18
CA PRO P 159 -101.54 9.03 14.35
C PRO P 159 -102.97 9.10 15.01
N VAL P 160 -103.73 10.01 14.44
CA VAL P 160 -105.16 9.88 14.23
C VAL P 160 -105.61 8.56 13.55
N THR P 161 -106.59 7.84 14.14
CA THR P 161 -107.44 6.92 13.36
C THR P 161 -108.79 7.50 12.99
N VAL P 162 -109.31 7.20 11.79
CA VAL P 162 -110.67 7.57 11.50
C VAL P 162 -111.56 6.40 11.26
N SER P 163 -112.89 6.61 11.23
CA SER P 163 -113.94 5.57 11.08
C SER P 163 -115.28 6.28 10.98
N TRP P 164 -116.30 5.52 10.60
CA TRP P 164 -117.56 6.14 10.23
C TRP P 164 -118.77 5.34 10.67
N ASN P 165 -119.80 6.06 11.14
CA ASN P 165 -121.03 5.48 11.68
C ASN P 165 -120.63 4.40 12.64
N SER P 166 -119.53 4.69 13.36
CA SER P 166 -119.02 3.97 14.56
C SER P 166 -118.61 2.51 14.35
N GLY P 167 -118.13 2.23 13.12
CA GLY P 167 -117.76 0.88 12.70
C GLY P 167 -118.65 0.07 11.71
N ALA P 168 -119.92 0.47 11.50
CA ALA P 168 -120.70 0.22 10.26
C ALA P 168 -119.89 0.58 9.02
N LEU P 169 -120.50 1.30 8.10
CA LEU P 169 -119.77 1.96 7.02
C LEU P 169 -118.33 1.57 6.95
N THR P 170 -118.01 0.69 6.03
CA THR P 170 -116.60 0.52 5.70
C THR P 170 -116.39 0.41 4.23
N SER P 171 -117.41 -0.16 3.59
CA SER P 171 -117.23 -0.62 2.24
C SER P 171 -117.24 0.61 1.34
N GLY P 172 -116.14 1.35 1.30
CA GLY P 172 -116.05 2.54 0.43
C GLY P 172 -115.21 3.76 0.81
N VAL P 173 -114.69 3.65 2.01
CA VAL P 173 -113.87 4.64 2.63
C VAL P 173 -112.45 4.65 2.07
N HIS P 174 -111.80 5.79 2.20
CA HIS P 174 -110.38 5.76 2.28
C HIS P 174 -109.91 6.82 3.27
N THR P 175 -108.96 6.52 4.18
CA THR P 175 -108.35 7.63 4.88
C THR P 175 -107.03 7.84 4.29
N PHE P 176 -106.69 9.03 3.82
CA PHE P 176 -105.49 9.01 2.94
C PHE P 176 -104.34 9.07 3.90
N PRO P 177 -103.12 8.80 3.50
CA PRO P 177 -102.01 9.07 4.41
C PRO P 177 -101.85 10.51 4.73
N ALA P 178 -101.56 10.69 6.02
CA ALA P 178 -101.19 11.95 6.70
C ALA P 178 -100.15 12.77 5.93
N VAL P 179 -100.14 14.10 6.07
CA VAL P 179 -99.11 14.93 5.42
C VAL P 179 -98.47 15.80 6.42
N LEU P 180 -97.29 16.29 6.14
CA LEU P 180 -96.72 17.15 7.13
C LEU P 180 -96.71 18.54 6.58
N GLN P 181 -97.40 19.42 7.27
CA GLN P 181 -97.55 20.74 6.74
C GLN P 181 -96.49 21.70 7.25
N SER P 182 -96.33 22.78 6.49
CA SER P 182 -95.49 23.92 6.87
C SER P 182 -95.28 24.18 8.36
N SER P 183 -96.29 23.82 9.16
CA SER P 183 -96.29 24.25 10.54
C SER P 183 -95.58 23.23 11.37
N GLY P 184 -95.60 21.99 10.95
CA GLY P 184 -94.89 21.01 11.70
C GLY P 184 -95.97 20.15 12.25
N LEU P 185 -97.22 20.52 12.03
CA LEU P 185 -98.38 19.83 12.61
C LEU P 185 -99.02 18.94 11.53
N TYR P 186 -99.40 17.69 11.86
CA TYR P 186 -99.89 16.73 10.84
C TYR P 186 -101.21 17.03 10.24
N SER P 187 -101.79 16.16 9.42
CA SER P 187 -103.06 16.49 8.72
C SER P 187 -103.46 15.57 7.59
N LEU P 188 -104.74 15.25 7.60
CA LEU P 188 -105.27 14.25 6.66
C LEU P 188 -106.84 14.34 6.63
N SER P 189 -107.48 13.45 5.85
CA SER P 189 -108.89 13.54 5.41
C SER P 189 -109.35 12.14 5.11
N SER P 190 -110.34 11.61 5.82
CA SER P 190 -111.07 10.48 5.31
C SER P 190 -112.27 10.86 4.36
N VAL P 191 -112.60 10.09 3.36
CA VAL P 191 -113.78 10.42 2.54
C VAL P 191 -114.47 9.09 2.44
N VAL P 192 -115.60 9.07 1.69
CA VAL P 192 -116.39 7.88 1.34
C VAL P 192 -117.58 8.20 0.41
N THR P 193 -117.74 7.33 -0.57
CA THR P 193 -118.78 7.50 -1.56
C THR P 193 -119.93 6.63 -1.15
N VAL P 194 -121.09 7.26 -1.02
CA VAL P 194 -122.30 6.55 -0.64
C VAL P 194 -123.11 6.20 -1.89
N PRO P 195 -124.39 5.95 -1.73
CA PRO P 195 -125.35 6.15 -2.80
C PRO P 195 -126.17 7.46 -2.76
N SER P 196 -125.50 8.63 -2.84
CA SER P 196 -126.14 9.93 -3.13
C SER P 196 -127.56 10.12 -2.65
N SER P 197 -128.38 9.10 -2.86
CA SER P 197 -129.83 9.14 -2.59
C SER P 197 -130.20 8.89 -1.09
N SER P 198 -129.15 8.86 -0.27
CA SER P 198 -129.22 8.57 1.16
C SER P 198 -129.16 9.87 1.98
N LEU P 199 -129.49 10.99 1.33
CA LEU P 199 -129.18 12.30 1.90
C LEU P 199 -130.33 13.10 2.49
N GLY P 200 -130.14 13.59 3.73
CA GLY P 200 -131.27 14.05 4.55
C GLY P 200 -131.93 12.86 5.28
N THR P 201 -131.69 11.66 4.70
CA THR P 201 -132.28 10.35 5.11
C THR P 201 -131.25 9.36 5.73
N GLN P 202 -129.97 9.66 5.67
CA GLN P 202 -129.02 8.88 6.46
C GLN P 202 -127.95 9.78 7.01
N THR P 203 -127.94 9.89 8.34
CA THR P 203 -127.01 10.74 9.05
C THR P 203 -125.63 10.07 9.16
N TYR P 204 -124.58 10.75 8.69
CA TYR P 204 -123.25 10.16 8.67
C TYR P 204 -122.24 10.78 9.62
N ILE P 205 -121.55 9.98 10.40
CA ILE P 205 -120.61 10.57 11.32
C ILE P 205 -119.21 9.97 11.13
N CYS P 206 -118.19 10.73 11.51
CA CYS P 206 -116.88 10.12 11.61
C CYS P 206 -116.35 10.17 12.99
N ASN P 207 -115.32 9.34 13.20
CA ASN P 207 -114.75 9.14 14.52
C ASN P 207 -113.18 9.11 14.44
N VAL P 208 -112.70 10.36 14.39
CA VAL P 208 -111.34 10.73 14.64
C VAL P 208 -110.90 10.31 16.00
N ASN P 209 -109.89 9.47 16.03
CA ASN P 209 -109.36 9.21 17.31
C ASN P 209 -107.88 9.46 17.44
N HIS P 210 -107.48 10.59 17.99
CA HIS P 210 -106.08 10.91 18.20
C HIS P 210 -105.47 10.61 19.60
N LYS P 211 -104.93 9.40 19.75
CA LYS P 211 -104.54 8.82 21.03
C LYS P 211 -103.66 9.67 21.93
N PRO P 212 -102.49 10.10 21.49
CA PRO P 212 -101.50 10.51 22.50
C PRO P 212 -101.98 11.85 23.03
N SER P 213 -102.98 12.40 22.34
CA SER P 213 -103.72 13.54 22.86
C SER P 213 -104.82 13.18 23.83
N ASN P 214 -105.16 11.89 23.95
CA ASN P 214 -106.53 11.40 24.28
C ASN P 214 -107.50 12.36 23.68
N THR P 215 -107.98 12.11 22.49
CA THR P 215 -108.81 13.13 21.94
C THR P 215 -109.68 12.35 21.01
N LYS P 216 -110.92 12.12 21.39
CA LYS P 216 -111.74 11.38 20.44
C LYS P 216 -112.71 12.34 19.95
N VAL P 217 -112.66 12.64 18.66
CA VAL P 217 -113.78 13.29 18.04
C VAL P 217 -114.54 12.50 16.95
N ASP P 218 -115.85 12.43 17.17
CA ASP P 218 -116.90 12.07 16.20
C ASP P 218 -117.42 13.40 15.63
N LYS P 219 -117.52 13.51 14.29
CA LYS P 219 -118.21 14.68 13.67
C LYS P 219 -119.31 14.35 12.65
N LYS P 220 -120.50 14.92 12.85
CA LYS P 220 -121.60 14.73 11.93
C LYS P 220 -121.24 15.45 10.61
N VAL P 221 -121.94 15.09 9.53
CA VAL P 221 -121.65 15.59 8.20
C VAL P 221 -122.95 15.91 7.42
N GLU P 222 -123.13 17.18 7.10
CA GLU P 222 -124.40 17.60 6.52
C GLU P 222 -124.21 18.44 5.28
N PRO P 223 -125.07 18.28 4.28
CA PRO P 223 -125.08 19.22 3.16
C PRO P 223 -125.44 20.58 3.74
N LYS P 224 -125.25 21.69 3.04
CA LYS P 224 -125.65 23.01 3.61
C LYS P 224 -127.06 23.50 3.14
N SER P 225 -127.37 24.79 3.37
CA SER P 225 -128.39 25.49 2.55
C SER P 225 -128.27 27.02 2.63
N GLN Q 1 -29.69 -4.40 -14.31
CA GLN Q 1 -30.43 -4.38 -15.61
C GLN Q 1 -29.86 -3.33 -16.57
N VAL Q 2 -29.58 -3.76 -17.80
CA VAL Q 2 -29.05 -2.87 -18.81
C VAL Q 2 -30.09 -1.79 -19.12
N GLN Q 3 -29.62 -0.56 -19.27
CA GLN Q 3 -30.49 0.56 -19.60
C GLN Q 3 -29.80 1.51 -20.57
N LEU Q 4 -30.50 1.83 -21.64
CA LEU Q 4 -30.02 2.76 -22.65
C LEU Q 4 -31.02 3.90 -22.69
N VAL Q 5 -30.57 5.11 -22.38
CA VAL Q 5 -31.47 6.26 -22.35
C VAL Q 5 -30.98 7.34 -23.31
N GLN Q 6 -31.82 7.68 -24.28
CA GLN Q 6 -31.43 8.63 -25.31
C GLN Q 6 -31.87 10.04 -25.00
N SER Q 7 -31.32 11.02 -25.73
CA SER Q 7 -31.74 12.40 -25.59
C SER Q 7 -33.08 12.59 -26.32
N GLY Q 8 -33.76 13.70 -26.04
CA GLY Q 8 -35.13 13.89 -26.47
C GLY Q 8 -35.30 14.19 -27.95
N ALA Q 9 -36.56 14.14 -28.40
CA ALA Q 9 -36.90 14.45 -29.79
C ALA Q 9 -36.50 15.88 -30.16
N VAL Q 10 -36.19 16.10 -31.42
CA VAL Q 10 -35.79 17.42 -31.86
C VAL Q 10 -36.31 17.72 -33.26
N ILE Q 11 -36.51 19.00 -33.55
CA ILE Q 11 -36.82 19.48 -34.89
C ILE Q 11 -35.57 20.12 -35.49
N LYS Q 12 -35.19 19.68 -36.69
CA LYS Q 12 -33.96 20.17 -37.32
C LYS Q 12 -34.29 20.75 -38.69
N THR Q 13 -33.59 21.82 -39.07
CA THR Q 13 -33.77 22.39 -40.39
C THR Q 13 -32.87 21.65 -41.38
N PRO Q 14 -33.31 21.53 -42.64
CA PRO Q 14 -32.47 20.89 -43.66
C PRO Q 14 -31.10 21.53 -43.71
N GLY Q 15 -30.04 20.72 -43.81
CA GLY Q 15 -28.68 21.23 -43.85
C GLY Q 15 -28.03 21.18 -42.47
N SER Q 16 -28.86 21.01 -41.45
CA SER Q 16 -28.43 20.86 -40.06
C SER Q 16 -27.68 19.57 -39.81
N SER Q 17 -27.08 19.48 -38.64
CA SER Q 17 -26.59 18.22 -38.09
C SER Q 17 -27.36 17.97 -36.79
N VAL Q 18 -27.59 16.70 -36.48
CA VAL Q 18 -28.19 16.35 -35.21
C VAL Q 18 -27.20 15.48 -34.44
N LYS Q 19 -27.08 15.74 -33.14
CA LYS Q 19 -26.23 14.92 -32.28
C LYS Q 19 -27.10 14.23 -31.24
N ILE Q 20 -27.16 12.91 -31.29
CA ILE Q 20 -27.99 12.14 -30.38
C ILE Q 20 -27.12 11.41 -29.36
N SER Q 21 -27.52 11.46 -28.10
CA SER Q 21 -26.78 10.78 -27.05
C SER Q 21 -27.53 9.55 -26.55
N CYS Q 22 -26.76 8.57 -26.07
CA CYS Q 22 -27.31 7.31 -25.58
C CYS Q 22 -26.55 6.95 -24.30
N ARG Q 23 -27.14 7.25 -23.15
CA ARG Q 23 -26.51 6.95 -21.85
C ARG Q 23 -26.73 5.48 -21.52
N ALA Q 24 -25.64 4.73 -21.39
CA ALA Q 24 -25.71 3.29 -21.18
C ALA Q 24 -25.24 2.92 -19.79
N SER Q 25 -26.02 2.13 -19.08
CA SER Q 25 -25.70 1.79 -17.68
C SER Q 25 -26.21 0.40 -17.32
N GLY Q 26 -25.75 -0.12 -16.19
CA GLY Q 26 -26.15 -1.44 -15.73
C GLY Q 26 -25.26 -2.57 -16.23
N TYR Q 27 -24.15 -2.21 -16.86
CA TYR Q 27 -23.17 -3.18 -17.32
C TYR Q 27 -21.85 -2.46 -17.58
N ASN Q 28 -20.79 -3.23 -17.84
CA ASN Q 28 -19.50 -2.62 -18.14
C ASN Q 28 -19.51 -2.07 -19.58
N PHE Q 29 -19.50 -0.75 -19.69
CA PHE Q 29 -19.72 -0.06 -20.96
C PHE Q 29 -18.66 -0.42 -22.01
N ARG Q 30 -17.43 -0.66 -21.56
CA ARG Q 30 -16.33 -0.96 -22.47
C ARG Q 30 -16.45 -2.34 -23.13
N ASP Q 31 -17.27 -3.21 -22.57
CA ASP Q 31 -17.31 -4.62 -22.97
C ASP Q 31 -18.26 -4.93 -24.14
N TYR Q 32 -19.07 -3.97 -24.55
CA TYR Q 32 -20.06 -4.21 -25.60
C TYR Q 32 -20.14 -3.07 -26.60
N SER Q 33 -20.23 -3.42 -27.89
CA SER Q 33 -20.47 -2.45 -28.92
C SER Q 33 -21.86 -1.85 -28.75
N ILE Q 34 -22.02 -0.62 -29.21
CA ILE Q 34 -23.34 -0.02 -29.34
C ILE Q 34 -23.58 0.18 -30.82
N HIS Q 35 -24.77 -0.17 -31.30
CA HIS Q 35 -25.12 0.15 -32.67
C HIS Q 35 -26.13 1.27 -32.67
N TRP Q 36 -26.26 1.91 -33.82
CA TRP Q 36 -27.33 2.85 -34.06
C TRP Q 36 -28.15 2.36 -35.25
N VAL Q 37 -29.45 2.52 -35.14
CA VAL Q 37 -30.34 2.10 -36.21
C VAL Q 37 -31.48 3.11 -36.24
N ARG Q 38 -32.01 3.34 -37.45
CA ARG Q 38 -33.09 4.29 -37.64
C ARG Q 38 -34.28 3.56 -38.23
N LEU Q 39 -35.48 3.90 -37.74
CA LEU Q 39 -36.72 3.36 -38.31
C LEU Q 39 -37.40 4.49 -39.09
N ILE Q 40 -37.43 4.33 -40.40
CA ILE Q 40 -37.91 5.38 -41.30
C ILE Q 40 -39.33 5.09 -41.75
N PRO Q 41 -40.24 6.07 -41.61
CA PRO Q 41 -41.62 5.87 -42.04
C PRO Q 41 -41.70 5.39 -43.48
N ASP Q 42 -42.44 4.31 -43.71
CA ASP Q 42 -42.67 3.76 -45.05
C ASP Q 42 -41.43 3.15 -45.70
N LYS Q 43 -40.34 3.01 -44.95
CA LYS Q 43 -39.12 2.42 -45.51
C LYS Q 43 -38.49 1.38 -44.60
N GLY Q 44 -38.81 1.43 -43.32
CA GLY Q 44 -38.37 0.40 -42.38
C GLY Q 44 -37.07 0.75 -41.68
N PHE Q 45 -36.36 -0.27 -41.21
CA PHE Q 45 -35.13 -0.05 -40.45
C PHE Q 45 -33.93 0.12 -41.36
N GLU Q 46 -33.01 0.99 -40.93
CA GLU Q 46 -31.74 1.15 -41.60
C GLU Q 46 -30.65 1.21 -40.53
N TRP Q 47 -29.73 0.25 -40.59
CA TRP Q 47 -28.58 0.22 -39.70
C TRP Q 47 -27.66 1.37 -40.04
N ILE Q 48 -27.18 2.08 -39.03
CA ILE Q 48 -26.34 3.26 -39.25
C ILE Q 48 -24.86 2.96 -39.03
N GLY Q 49 -24.55 2.26 -37.95
CA GLY Q 49 -23.17 1.86 -37.68
C GLY Q 49 -22.99 1.33 -36.27
N TRP Q 50 -21.75 1.00 -35.90
CA TRP Q 50 -21.48 0.58 -34.53
C TRP Q 50 -20.25 1.29 -34.03
N ILE Q 51 -20.10 1.28 -32.72
CA ILE Q 51 -18.92 1.82 -32.09
C ILE Q 51 -18.52 0.85 -31.01
N LYS Q 52 -17.23 0.60 -30.87
CA LYS Q 52 -16.71 -0.23 -29.79
C LYS Q 52 -16.01 0.69 -28.79
N PRO Q 53 -16.58 0.84 -27.59
CA PRO Q 53 -16.20 1.83 -26.57
C PRO Q 53 -14.74 1.81 -26.07
N LEU Q 54 -14.05 0.67 -26.14
CA LEU Q 54 -12.67 0.61 -25.63
C LEU Q 54 -11.75 1.64 -26.29
N TRP Q 55 -11.63 1.55 -27.62
CA TRP Q 55 -10.83 2.47 -28.42
C TRP Q 55 -11.74 3.44 -29.18
N GLY Q 56 -13.03 3.19 -29.12
CA GLY Q 56 -13.99 3.95 -29.90
C GLY Q 56 -13.89 3.70 -31.40
N ALA Q 57 -13.43 2.50 -31.77
CA ALA Q 57 -13.43 2.08 -33.17
C ALA Q 57 -14.87 2.06 -33.72
N VAL Q 58 -15.02 2.39 -35.00
CA VAL Q 58 -16.34 2.54 -35.58
C VAL Q 58 -16.44 1.94 -36.97
N SER Q 59 -17.68 1.69 -37.37
CA SER Q 59 -17.97 1.21 -38.71
C SER Q 59 -19.30 1.84 -39.10
N TYR Q 60 -19.32 2.47 -40.27
CA TYR Q 60 -20.50 3.22 -40.74
C TYR Q 60 -21.07 2.55 -41.98
N ALA Q 61 -22.40 2.49 -42.05
CA ALA Q 61 -23.08 2.00 -43.24
C ALA Q 61 -22.54 2.73 -44.46
N ARG Q 62 -22.13 1.96 -45.47
CA ARG Q 62 -21.53 2.52 -46.67
C ARG Q 62 -22.36 3.68 -47.22
N GLN Q 63 -23.68 3.54 -47.21
CA GLN Q 63 -24.52 4.53 -47.89
C GLN Q 63 -24.65 5.82 -47.09
N LEU Q 64 -24.14 5.82 -45.85
CA LEU Q 64 -24.23 7.01 -44.99
C LEU Q 64 -22.87 7.64 -44.73
N GLN Q 65 -21.82 7.04 -45.27
CA GLN Q 65 -20.48 7.50 -44.98
C GLN Q 65 -20.27 8.94 -45.46
N GLY Q 66 -19.67 9.75 -44.59
CA GLY Q 66 -19.53 11.17 -44.83
C GLY Q 66 -20.57 11.98 -44.09
N ARG Q 67 -21.63 11.32 -43.63
CA ARG Q 67 -22.70 12.03 -42.93
C ARG Q 67 -22.85 11.61 -41.46
N VAL Q 68 -22.06 10.63 -41.04
CA VAL Q 68 -22.26 10.10 -39.69
C VAL Q 68 -20.93 10.02 -38.93
N SER Q 69 -21.00 10.34 -37.64
CA SER Q 69 -19.83 10.28 -36.77
C SER Q 69 -20.25 9.78 -35.40
N MET Q 70 -19.60 8.73 -34.93
CA MET Q 70 -19.92 8.16 -33.63
C MET Q 70 -18.74 8.29 -32.69
N THR Q 71 -19.02 8.71 -31.46
CA THR Q 71 -18.00 8.90 -30.42
C THR Q 71 -18.60 8.40 -29.11
N ARG Q 72 -17.79 8.31 -28.06
CA ARG Q 72 -18.30 7.89 -26.75
C ARG Q 72 -17.53 8.57 -25.62
N GLN Q 73 -18.16 8.63 -24.45
CA GLN Q 73 -17.51 9.17 -23.28
C GLN Q 73 -17.73 8.21 -22.12
N LEU Q 74 -16.65 7.89 -21.41
CA LEU Q 74 -16.71 6.93 -20.34
C LEU Q 74 -16.90 7.67 -19.02
N SER Q 75 -17.72 7.10 -18.14
CA SER Q 75 -17.96 7.69 -16.83
C SER Q 75 -16.68 8.17 -16.16
N GLN Q 76 -16.75 9.34 -15.51
CA GLN Q 76 -15.62 9.85 -14.73
C GLN Q 76 -15.99 9.92 -13.25
N ASP Q 77 -16.83 8.99 -12.81
CA ASP Q 77 -17.25 8.95 -11.41
C ASP Q 77 -16.66 7.74 -10.69
N PRO Q 78 -15.68 7.98 -9.80
CA PRO Q 78 -14.87 6.97 -9.13
C PRO Q 78 -15.65 5.85 -8.44
N ASP Q 79 -16.87 6.14 -7.95
CA ASP Q 79 -17.67 5.10 -7.30
C ASP Q 79 -18.74 4.54 -8.24
N ASP Q 80 -18.73 5.00 -9.48
CA ASP Q 80 -19.68 4.52 -10.49
C ASP Q 80 -19.03 4.60 -11.86
N PRO Q 81 -17.94 3.84 -12.07
CA PRO Q 81 -17.02 4.01 -13.19
C PRO Q 81 -17.32 3.19 -14.44
N ASP Q 82 -18.40 2.40 -14.45
CA ASP Q 82 -18.58 1.41 -15.52
C ASP Q 82 -19.62 1.77 -16.59
N TRP Q 83 -20.38 2.84 -16.38
CA TRP Q 83 -21.34 3.28 -17.40
C TRP Q 83 -20.64 4.22 -18.37
N GLY Q 84 -21.35 4.61 -19.44
CA GLY Q 84 -20.79 5.51 -20.42
C GLY Q 84 -21.86 6.08 -21.32
N VAL Q 85 -21.47 6.97 -22.22
CA VAL Q 85 -22.41 7.53 -23.16
C VAL Q 85 -21.89 7.36 -24.57
N ALA Q 86 -22.77 6.92 -25.46
CA ALA Q 86 -22.47 6.86 -26.88
C ALA Q 86 -23.18 8.02 -27.57
N TYR Q 87 -22.51 8.63 -28.54
CA TYR Q 87 -23.04 9.77 -29.28
C TYR Q 87 -23.05 9.43 -30.76
N MET Q 88 -24.09 9.85 -31.47
CA MET Q 88 -24.10 9.76 -32.92
C MET Q 88 -24.49 11.11 -33.51
N GLU Q 89 -23.68 11.60 -34.42
CA GLU Q 89 -23.95 12.87 -35.05
C GLU Q 89 -24.21 12.60 -36.52
N PHE Q 90 -25.32 13.13 -37.02
CA PHE Q 90 -25.78 12.87 -38.37
C PHE Q 90 -25.94 14.20 -39.05
N SER Q 91 -25.26 14.39 -40.19
CA SER Q 91 -25.18 15.71 -40.79
C SER Q 91 -25.82 15.80 -42.18
N GLY Q 92 -25.95 17.03 -42.67
CA GLY Q 92 -26.57 17.28 -43.97
C GLY Q 92 -27.98 16.72 -44.04
N LEU Q 93 -28.77 16.95 -43.00
CA LEU Q 93 -30.11 16.37 -42.91
C LEU Q 93 -31.04 16.89 -44.00
N THR Q 94 -31.92 16.01 -44.46
CA THR Q 94 -33.00 16.38 -45.36
C THR Q 94 -34.27 15.82 -44.74
N PRO Q 95 -35.44 16.19 -45.27
CA PRO Q 95 -36.71 15.64 -44.81
C PRO Q 95 -36.71 14.11 -44.84
N ALA Q 96 -35.96 13.52 -45.77
CA ALA Q 96 -35.89 12.07 -45.87
C ALA Q 96 -35.20 11.44 -44.65
N ASP Q 97 -34.56 12.26 -43.83
CA ASP Q 97 -33.89 11.77 -42.63
C ASP Q 97 -34.82 11.82 -41.42
N THR Q 98 -36.06 12.27 -41.63
CA THR Q 98 -37.07 12.26 -40.59
C THR Q 98 -37.33 10.81 -40.20
N ALA Q 99 -36.96 10.44 -38.98
CA ALA Q 99 -37.04 9.06 -38.55
C ALA Q 99 -36.96 8.99 -37.04
N GLU Q 100 -37.14 7.79 -36.49
CA GLU Q 100 -36.87 7.56 -35.10
C GLU Q 100 -35.54 6.82 -35.00
N TYR Q 101 -34.60 7.39 -34.25
CA TYR Q 101 -33.24 6.85 -34.13
C TYR Q 101 -33.08 6.09 -32.83
N PHE Q 102 -32.51 4.89 -32.92
CA PHE Q 102 -32.29 4.07 -31.73
C PHE Q 102 -30.82 3.73 -31.56
N CYS Q 103 -30.38 3.68 -30.30
CA CYS Q 103 -29.12 3.03 -29.96
C CYS Q 103 -29.50 1.66 -29.42
N VAL Q 104 -28.70 0.66 -29.74
CA VAL Q 104 -29.05 -0.72 -29.39
C VAL Q 104 -27.79 -1.48 -28.98
N ARG Q 105 -27.97 -2.57 -28.26
CA ARG Q 105 -26.85 -3.39 -27.78
C ARG Q 105 -27.24 -4.85 -27.87
N ARG Q 106 -26.26 -5.71 -28.17
CA ARG Q 106 -26.52 -7.16 -28.25
C ARG Q 106 -26.83 -7.79 -26.88
N GLY Q 107 -27.35 -9.01 -26.89
CA GLY Q 107 -27.53 -9.80 -25.69
C GLY Q 107 -26.17 -10.30 -25.21
N SER Q 108 -26.08 -10.76 -23.97
CA SER Q 108 -24.79 -11.18 -23.44
C SER Q 108 -24.66 -12.67 -23.22
N CYS Q 109 -25.48 -13.46 -23.89
CA CYS Q 109 -25.44 -14.92 -23.77
C CYS Q 109 -24.40 -15.49 -24.73
N ASP Q 110 -24.11 -16.78 -24.57
CA ASP Q 110 -23.05 -17.44 -25.33
C ASP Q 110 -23.32 -17.47 -26.84
N TYR Q 111 -24.58 -17.64 -27.23
CA TYR Q 111 -24.91 -17.74 -28.65
C TYR Q 111 -25.43 -16.43 -29.25
N CYS Q 112 -25.36 -15.35 -28.48
CA CYS Q 112 -25.75 -14.04 -28.95
C CYS Q 112 -24.69 -13.47 -29.89
N GLY Q 113 -25.09 -13.17 -31.12
CA GLY Q 113 -24.19 -12.55 -32.07
C GLY Q 113 -24.14 -11.04 -31.86
N ASP Q 114 -23.65 -10.33 -32.86
CA ASP Q 114 -23.48 -8.88 -32.72
C ASP Q 114 -24.73 -8.10 -33.08
N PHE Q 115 -25.56 -8.67 -33.95
CA PHE Q 115 -26.68 -7.93 -34.50
C PHE Q 115 -28.05 -8.18 -33.84
N PRO Q 116 -28.22 -9.32 -33.15
CA PRO Q 116 -29.50 -9.44 -32.47
C PRO Q 116 -29.52 -8.50 -31.27
N TRP Q 117 -30.32 -7.45 -31.35
CA TRP Q 117 -30.28 -6.41 -30.34
C TRP Q 117 -31.30 -6.64 -29.22
N GLN Q 118 -30.82 -7.15 -28.10
CA GLN Q 118 -31.65 -7.45 -26.94
C GLN Q 118 -32.10 -6.17 -26.21
N TYR Q 119 -31.26 -5.13 -26.27
CA TYR Q 119 -31.51 -3.90 -25.52
C TYR Q 119 -31.62 -2.70 -26.45
N TRP Q 120 -32.67 -1.90 -26.25
CA TRP Q 120 -32.98 -0.75 -27.10
C TRP Q 120 -33.15 0.50 -26.24
N CYS Q 121 -32.60 1.62 -26.68
CA CYS Q 121 -32.95 2.90 -26.10
C CYS Q 121 -34.39 3.22 -26.46
N GLN Q 122 -34.97 4.25 -25.83
CA GLN Q 122 -36.39 4.52 -26.03
C GLN Q 122 -36.65 5.17 -27.37
N GLY Q 123 -35.59 5.42 -28.13
CA GLY Q 123 -35.71 6.07 -29.42
C GLY Q 123 -35.68 7.59 -29.32
N THR Q 124 -35.17 8.21 -30.37
CA THR Q 124 -35.19 9.66 -30.50
C THR Q 124 -35.81 10.05 -31.84
N VAL Q 125 -36.92 10.77 -31.80
CA VAL Q 125 -37.56 11.23 -33.04
C VAL Q 125 -36.88 12.50 -33.52
N VAL Q 126 -36.43 12.47 -34.78
CA VAL Q 126 -35.88 13.64 -35.43
C VAL Q 126 -36.76 14.01 -36.62
N VAL Q 127 -37.30 15.23 -36.58
CA VAL Q 127 -38.10 15.73 -37.69
C VAL Q 127 -37.29 16.80 -38.39
N VAL Q 128 -37.05 16.61 -39.69
CA VAL Q 128 -36.33 17.61 -40.48
C VAL Q 128 -37.29 18.38 -41.36
N GLU R 1 -25.16 -7.64 -50.60
CA GLU R 1 -26.11 -7.37 -49.54
C GLU R 1 -27.16 -8.47 -49.47
N ILE R 2 -27.85 -8.56 -48.34
CA ILE R 2 -28.95 -9.52 -48.17
C ILE R 2 -30.30 -8.83 -48.24
N VAL R 3 -31.19 -9.38 -49.07
CA VAL R 3 -32.54 -8.89 -49.19
C VAL R 3 -33.47 -9.88 -48.49
N LEU R 4 -34.22 -9.37 -47.51
CA LEU R 4 -35.16 -10.17 -46.75
C LEU R 4 -36.59 -9.81 -47.15
N THR R 5 -37.34 -10.81 -47.59
CA THR R 5 -38.70 -10.58 -48.06
C THR R 5 -39.69 -11.27 -47.15
N GLN R 6 -40.47 -10.47 -46.42
CA GLN R 6 -41.42 -11.04 -45.48
C GLN R 6 -42.80 -11.18 -46.07
N SER R 7 -43.52 -12.20 -45.63
CA SER R 7 -44.89 -12.39 -46.04
C SER R 7 -45.63 -13.07 -44.90
N PRO R 8 -46.96 -12.92 -44.87
CA PRO R 8 -47.69 -12.02 -45.77
C PRO R 8 -47.51 -10.58 -45.28
N GLY R 9 -48.01 -9.60 -46.02
CA GLY R 9 -47.93 -8.23 -45.54
C GLY R 9 -48.80 -8.05 -44.31
N ILE R 10 -50.01 -8.58 -44.39
CA ILE R 10 -50.92 -8.54 -43.26
C ILE R 10 -51.50 -9.91 -43.02
N LEU R 11 -51.52 -10.32 -41.76
CA LEU R 11 -52.11 -11.57 -41.35
C LEU R 11 -53.25 -11.28 -40.38
N SER R 12 -54.44 -11.81 -40.66
CA SER R 12 -55.62 -11.54 -39.84
C SER R 12 -56.07 -12.83 -39.15
N LEU R 13 -55.98 -12.85 -37.82
CA LEU R 13 -56.29 -14.05 -37.05
C LEU R 13 -56.94 -13.67 -35.75
N SER R 14 -57.49 -14.66 -35.05
CA SER R 14 -58.14 -14.42 -33.76
C SER R 14 -57.27 -14.88 -32.60
N PRO R 15 -57.45 -14.26 -31.43
CA PRO R 15 -56.84 -14.75 -30.18
C PRO R 15 -57.09 -16.25 -30.01
N GLY R 16 -56.05 -17.01 -29.69
CA GLY R 16 -56.19 -18.44 -29.51
C GLY R 16 -55.65 -19.24 -30.69
N GLU R 17 -55.54 -18.58 -31.84
CA GLU R 17 -55.08 -19.26 -33.05
C GLU R 17 -53.57 -19.20 -33.15
N THR R 18 -53.01 -19.88 -34.15
CA THR R 18 -51.57 -19.85 -34.36
C THR R 18 -51.26 -19.11 -35.64
N ALA R 19 -50.31 -18.20 -35.57
CA ALA R 19 -49.91 -17.41 -36.71
C ALA R 19 -48.60 -17.97 -37.24
N THR R 20 -48.47 -18.00 -38.55
CA THR R 20 -47.19 -18.35 -39.15
C THR R 20 -46.78 -17.21 -40.06
N LEU R 21 -45.57 -16.72 -39.83
CA LEU R 21 -45.00 -15.63 -40.63
C LEU R 21 -43.74 -16.10 -41.31
N PHE R 22 -43.48 -15.59 -42.52
CA PHE R 22 -42.40 -16.11 -43.32
C PHE R 22 -41.39 -15.02 -43.62
N CYS R 23 -40.12 -15.41 -43.74
CA CYS R 23 -39.08 -14.50 -44.19
C CYS R 23 -38.17 -15.27 -45.13
N LYS R 24 -38.05 -14.79 -46.36
CA LYS R 24 -37.17 -15.42 -47.34
C LYS R 24 -35.94 -14.53 -47.58
N ALA R 25 -34.75 -15.05 -47.32
CA ALA R 25 -33.52 -14.29 -47.56
C ALA R 25 -33.01 -14.52 -48.98
N SER R 26 -32.34 -13.53 -49.55
CA SER R 26 -31.80 -13.67 -50.90
C SER R 26 -30.55 -14.52 -50.92
N GLN R 27 -30.00 -14.75 -49.73
CA GLN R 27 -28.81 -15.59 -49.57
C GLN R 27 -29.05 -16.64 -48.49
N GLY R 28 -28.65 -17.88 -48.78
CA GLY R 28 -28.89 -18.98 -47.87
C GLY R 28 -27.78 -19.18 -46.86
N GLY R 29 -28.10 -19.89 -45.78
CA GLY R 29 -27.08 -20.33 -44.86
C GLY R 29 -26.89 -19.50 -43.61
N ASN R 30 -27.52 -18.33 -43.53
CA ASN R 30 -27.37 -17.50 -42.35
C ASN R 30 -28.50 -17.77 -41.36
N ALA R 31 -28.27 -17.46 -40.09
CA ALA R 31 -29.31 -17.59 -39.07
C ALA R 31 -30.21 -16.36 -39.07
N MET R 32 -31.40 -16.50 -38.52
CA MET R 32 -32.41 -15.45 -38.57
C MET R 32 -32.75 -14.88 -37.19
N THR R 33 -33.03 -13.58 -37.16
CA THR R 33 -33.44 -12.88 -35.95
C THR R 33 -34.83 -12.31 -36.19
N TRP R 34 -35.67 -12.29 -35.16
CA TRP R 34 -36.98 -11.67 -35.26
C TRP R 34 -37.21 -10.65 -34.15
N TYR R 35 -37.90 -9.56 -34.49
CA TYR R 35 -38.32 -8.56 -33.53
C TYR R 35 -39.82 -8.37 -33.57
N GLN R 36 -40.36 -7.98 -32.42
CA GLN R 36 -41.75 -7.56 -32.32
C GLN R 36 -41.80 -6.08 -32.09
N LYS R 37 -42.66 -5.38 -32.82
CA LYS R 37 -42.90 -3.97 -32.51
C LYS R 37 -44.38 -3.71 -32.35
N ARG R 38 -44.84 -3.60 -31.11
CA ARG R 38 -46.21 -3.23 -30.85
C ARG R 38 -46.35 -1.77 -31.21
N ARG R 39 -47.55 -1.35 -31.62
CA ARG R 39 -47.78 0.03 -32.04
C ARG R 39 -47.29 1.00 -30.98
N GLY R 40 -46.45 1.94 -31.39
CA GLY R 40 -45.98 2.98 -30.50
C GLY R 40 -45.02 2.53 -29.41
N GLN R 41 -44.52 1.30 -29.49
CA GLN R 41 -43.62 0.79 -28.45
C GLN R 41 -42.23 0.50 -29.01
N VAL R 42 -41.26 0.40 -28.11
CA VAL R 42 -39.89 0.08 -28.50
C VAL R 42 -39.84 -1.34 -29.06
N PRO R 43 -39.07 -1.56 -30.14
CA PRO R 43 -38.94 -2.93 -30.64
C PRO R 43 -38.35 -3.86 -29.60
N ARG R 44 -38.76 -5.12 -29.67
CA ARG R 44 -38.40 -6.14 -28.71
C ARG R 44 -37.85 -7.33 -29.47
N LEU R 45 -36.67 -7.78 -29.07
CA LEU R 45 -36.06 -8.99 -29.66
C LEU R 45 -36.88 -10.20 -29.25
N LEU R 46 -37.22 -11.06 -30.20
CA LEU R 46 -37.94 -12.31 -29.89
C LEU R 46 -37.07 -13.54 -30.06
N ILE R 47 -36.46 -13.66 -31.23
CA ILE R 47 -35.72 -14.86 -31.62
C ILE R 47 -34.36 -14.47 -32.18
N TYR R 48 -33.33 -15.22 -31.82
CA TYR R 48 -32.04 -15.06 -32.45
C TYR R 48 -31.49 -16.43 -32.80
N ASP R 49 -30.44 -16.45 -33.64
CA ASP R 49 -29.87 -17.72 -34.09
C ASP R 49 -30.99 -18.66 -34.59
N THR R 50 -31.97 -18.06 -35.27
CA THR R 50 -33.06 -18.77 -35.93
C THR R 50 -34.16 -19.33 -34.99
N SER R 51 -33.77 -19.92 -33.87
CA SER R 51 -34.71 -20.62 -33.01
C SER R 51 -34.58 -20.34 -31.50
N ARG R 52 -33.61 -19.52 -31.09
CA ARG R 52 -33.42 -19.28 -29.66
C ARG R 52 -34.27 -18.11 -29.21
N ARG R 53 -35.01 -18.27 -28.12
CA ARG R 53 -35.87 -17.19 -27.63
C ARG R 53 -35.04 -16.20 -26.81
N ALA R 54 -35.31 -14.91 -26.98
CA ALA R 54 -34.61 -13.87 -26.23
C ALA R 54 -35.12 -13.78 -24.79
N SER R 55 -34.53 -12.90 -24.01
CA SER R 55 -34.90 -12.76 -22.59
C SER R 55 -36.38 -12.44 -22.41
N GLY R 56 -37.02 -13.20 -21.54
CA GLY R 56 -38.42 -12.97 -21.20
C GLY R 56 -39.43 -13.24 -22.30
N VAL R 57 -39.01 -13.93 -23.36
CA VAL R 57 -39.93 -14.22 -24.46
C VAL R 57 -40.63 -15.57 -24.22
N PRO R 58 -41.97 -15.56 -24.18
CA PRO R 58 -42.71 -16.79 -23.84
C PRO R 58 -42.59 -17.87 -24.92
N ASP R 59 -42.78 -19.13 -24.55
CA ASP R 59 -42.50 -20.24 -25.44
C ASP R 59 -43.52 -20.43 -26.57
N ARG R 60 -44.55 -19.60 -26.61
CA ARG R 60 -45.49 -19.69 -27.71
C ARG R 60 -44.89 -19.06 -28.99
N PHE R 61 -43.82 -18.29 -28.82
CA PHE R 61 -43.05 -17.81 -29.98
C PHE R 61 -42.05 -18.88 -30.38
N VAL R 62 -42.10 -19.29 -31.64
CA VAL R 62 -41.22 -20.38 -32.10
C VAL R 62 -40.58 -20.01 -33.43
N GLY R 63 -39.26 -19.90 -33.44
CA GLY R 63 -38.56 -19.54 -34.66
C GLY R 63 -37.99 -20.80 -35.30
N SER R 64 -37.98 -20.88 -36.63
CA SER R 64 -37.37 -22.00 -37.31
C SER R 64 -37.03 -21.59 -38.72
N GLY R 65 -36.44 -22.51 -39.48
CA GLY R 65 -36.05 -22.19 -40.83
C GLY R 65 -34.74 -22.84 -41.18
N SER R 66 -34.37 -22.72 -42.45
CA SER R 66 -33.15 -23.32 -42.99
C SER R 66 -32.94 -22.81 -44.42
N GLY R 67 -31.68 -22.67 -44.82
CA GLY R 67 -31.37 -22.20 -46.16
C GLY R 67 -31.78 -20.76 -46.37
N THR R 68 -32.80 -20.55 -47.20
CA THR R 68 -33.32 -19.20 -47.43
C THR R 68 -34.68 -18.96 -46.81
N ASP R 69 -35.30 -20.01 -46.27
CA ASP R 69 -36.67 -19.94 -45.80
C ASP R 69 -36.79 -19.98 -44.27
N PHE R 70 -37.37 -18.94 -43.69
CA PHE R 70 -37.42 -18.83 -42.24
C PHE R 70 -38.81 -18.48 -41.78
N PHE R 71 -39.15 -18.86 -40.55
CA PHE R 71 -40.53 -18.78 -40.09
C PHE R 71 -40.58 -18.32 -38.64
N LEU R 72 -41.57 -17.48 -38.32
CA LEU R 72 -41.92 -17.22 -36.93
C LEU R 72 -43.32 -17.80 -36.70
N THR R 73 -43.45 -18.70 -35.74
CA THR R 73 -44.75 -19.28 -35.41
C THR R 73 -45.18 -18.76 -34.03
N ILE R 74 -46.40 -18.24 -33.94
CA ILE R 74 -46.90 -17.75 -32.67
C ILE R 74 -48.10 -18.58 -32.27
N ASN R 75 -47.91 -19.47 -31.30
CA ASN R 75 -48.98 -20.33 -30.81
C ASN R 75 -49.93 -19.63 -29.85
N LYS R 76 -51.16 -20.12 -29.78
CA LYS R 76 -52.20 -19.59 -28.89
C LYS R 76 -52.09 -18.07 -28.74
N LEU R 77 -52.42 -17.35 -29.80
CA LEU R 77 -52.25 -15.90 -29.87
C LEU R 77 -52.86 -15.15 -28.69
N ASP R 78 -52.10 -14.25 -28.09
CA ASP R 78 -52.57 -13.42 -26.98
C ASP R 78 -52.88 -12.04 -27.54
N ARG R 79 -53.73 -11.27 -26.86
CA ARG R 79 -54.09 -9.94 -27.35
C ARG R 79 -52.84 -9.09 -27.61
N GLU R 80 -51.80 -9.30 -26.83
CA GLU R 80 -50.59 -8.51 -26.95
C GLU R 80 -49.76 -8.88 -28.18
N ASP R 81 -50.05 -10.03 -28.80
CA ASP R 81 -49.21 -10.52 -29.90
C ASP R 81 -49.52 -9.80 -31.21
N PHE R 82 -50.57 -9.00 -31.21
CA PHE R 82 -50.95 -8.29 -32.42
C PHE R 82 -50.10 -7.04 -32.54
N ALA R 83 -49.22 -7.08 -33.54
CA ALA R 83 -48.13 -6.14 -33.64
C ALA R 83 -47.50 -6.35 -35.01
N VAL R 84 -46.44 -5.60 -35.31
CA VAL R 84 -45.67 -5.80 -36.53
C VAL R 84 -44.40 -6.58 -36.20
N TYR R 85 -44.04 -7.53 -37.04
CA TYR R 85 -42.90 -8.41 -36.80
C TYR R 85 -41.87 -8.24 -37.91
N TYR R 86 -40.60 -8.10 -37.52
CA TYR R 86 -39.53 -7.84 -38.47
C TYR R 86 -38.48 -8.91 -38.37
N CYS R 87 -37.93 -9.31 -39.51
CA CYS R 87 -36.82 -10.25 -39.51
C CYS R 87 -35.51 -9.49 -39.82
N GLN R 88 -34.39 -10.06 -39.41
CA GLN R 88 -33.09 -9.40 -39.56
C GLN R 88 -32.00 -10.43 -39.74
N GLN R 89 -31.04 -10.11 -40.60
CA GLN R 89 -29.79 -10.85 -40.64
C GLN R 89 -28.69 -9.83 -40.78
N PHE R 90 -27.78 -9.82 -39.82
CA PHE R 90 -26.72 -8.80 -39.80
C PHE R 90 -27.37 -7.42 -39.89
N GLU R 91 -26.86 -6.54 -40.73
CA GLU R 91 -27.41 -5.19 -40.77
C GLU R 91 -28.65 -5.09 -41.67
N PHE R 92 -29.14 -6.23 -42.18
CA PHE R 92 -30.24 -6.21 -43.14
C PHE R 92 -31.60 -6.57 -42.52
N PHE R 93 -32.67 -5.94 -42.99
CA PHE R 93 -33.99 -6.12 -42.39
C PHE R 93 -35.09 -6.39 -43.40
N GLY R 94 -36.07 -7.20 -42.98
CA GLY R 94 -37.33 -7.30 -43.70
C GLY R 94 -38.18 -6.07 -43.46
N LEU R 95 -39.17 -5.86 -44.31
CA LEU R 95 -40.01 -4.67 -44.22
C LEU R 95 -41.19 -4.84 -43.24
N GLY R 96 -41.32 -6.04 -42.68
CA GLY R 96 -42.27 -6.28 -41.61
C GLY R 96 -43.58 -6.93 -42.05
N SER R 97 -44.14 -7.75 -41.16
CA SER R 97 -45.48 -8.31 -41.37
C SER R 97 -46.36 -7.88 -40.22
N GLU R 98 -47.55 -7.39 -40.55
CA GLU R 98 -48.47 -6.97 -39.51
C GLU R 98 -49.42 -8.11 -39.14
N LEU R 99 -49.49 -8.42 -37.85
CA LEU R 99 -50.50 -9.34 -37.36
C LEU R 99 -51.66 -8.55 -36.75
N GLU R 100 -52.84 -8.68 -37.37
CA GLU R 100 -54.03 -7.91 -37.01
C GLU R 100 -55.17 -8.82 -36.53
N VAL R 101 -56.11 -8.26 -35.76
CA VAL R 101 -57.20 -9.06 -35.20
C VAL R 101 -58.33 -9.29 -36.20
N VAL S 1 0.04 27.08 -82.13
CA VAL S 1 0.47 27.65 -80.79
C VAL S 1 1.49 28.87 -80.76
N VAL S 2 1.38 29.83 -81.70
CA VAL S 2 2.49 30.75 -82.13
C VAL S 2 2.46 32.30 -81.74
N MET S 3 3.55 32.91 -81.27
CA MET S 3 3.50 34.30 -80.67
C MET S 3 4.10 35.48 -81.42
N THR S 4 3.30 36.38 -81.98
CA THR S 4 3.84 37.51 -82.76
C THR S 4 3.81 38.76 -81.88
N GLN S 5 4.99 39.38 -81.67
CA GLN S 5 5.04 40.73 -81.06
C GLN S 5 5.29 41.99 -81.97
N SER S 6 4.90 43.17 -81.47
CA SER S 6 4.83 44.38 -82.25
C SER S 6 5.08 45.48 -81.28
N PRO S 7 6.02 46.36 -81.56
CA PRO S 7 6.61 46.57 -82.89
C PRO S 7 7.77 45.68 -83.22
N SER S 8 8.75 46.19 -83.98
CA SER S 8 9.94 45.39 -84.34
C SER S 8 11.20 45.98 -83.71
N THR S 9 11.59 47.09 -84.34
CA THR S 9 12.30 48.16 -83.67
C THR S 9 11.33 49.18 -83.12
N LEU S 10 11.77 49.79 -82.03
CA LEU S 10 11.06 50.87 -81.34
C LEU S 10 12.07 51.94 -80.99
N SER S 11 11.70 53.15 -81.37
CA SER S 11 12.64 54.22 -81.29
C SER S 11 11.89 55.17 -80.48
N ALA S 12 12.34 55.28 -79.25
CA ALA S 12 11.72 56.25 -78.38
C ALA S 12 12.84 56.86 -77.63
N SER S 13 12.47 57.66 -76.63
CA SER S 13 13.35 58.59 -75.98
C SER S 13 12.95 58.65 -74.53
N VAL S 14 13.96 59.01 -73.72
CA VAL S 14 13.88 58.69 -72.31
C VAL S 14 12.68 59.37 -71.83
N GLY S 15 11.94 58.65 -71.00
CA GLY S 15 10.75 59.16 -70.38
C GLY S 15 9.51 59.19 -71.25
N ASP S 16 9.63 58.91 -72.57
CA ASP S 16 8.43 58.58 -73.40
C ASP S 16 7.73 57.37 -72.73
N THR S 17 6.40 57.20 -72.87
CA THR S 17 5.87 55.86 -72.50
C THR S 17 5.59 55.01 -73.66
N ILE S 18 6.57 54.22 -74.01
CA ILE S 18 6.32 53.08 -74.86
C ILE S 18 5.25 52.07 -74.31
N THR S 19 4.43 51.50 -75.22
CA THR S 19 3.94 50.11 -75.03
C THR S 19 4.44 49.08 -76.10
N ILE S 20 4.82 47.87 -75.64
CA ILE S 20 5.14 46.71 -76.47
C ILE S 20 3.97 45.73 -76.33
N THR S 21 3.74 44.84 -77.30
CA THR S 21 2.43 44.24 -77.40
C THR S 21 2.35 42.84 -77.98
N CYS S 22 2.73 41.86 -77.15
CA CYS S 22 2.47 40.41 -77.40
C CYS S 22 1.04 40.08 -77.93
N ARG S 23 0.94 38.99 -78.71
CA ARG S 23 -0.24 38.63 -79.51
C ARG S 23 -0.36 37.09 -79.88
N ALA S 24 -1.10 36.28 -79.11
CA ALA S 24 -1.11 34.82 -79.38
C ALA S 24 -2.09 34.31 -80.44
N SER S 25 -1.64 33.31 -81.21
CA SER S 25 -2.40 32.75 -82.31
C SER S 25 -3.38 31.68 -81.82
N GLN S 26 -3.71 31.81 -80.54
CA GLN S 26 -4.83 31.15 -79.89
C GLN S 26 -4.82 31.48 -78.40
N SER S 27 -5.78 30.93 -77.67
CA SER S 27 -6.10 31.39 -76.31
C SER S 27 -5.29 30.90 -75.12
N ILE S 28 -4.79 31.89 -74.39
CA ILE S 28 -3.74 31.67 -73.41
C ILE S 28 -4.20 31.75 -71.95
N GLU S 29 -5.49 31.94 -71.67
CA GLU S 29 -5.87 32.32 -70.30
C GLU S 29 -5.04 33.53 -69.86
N THR S 30 -4.16 33.34 -68.88
CA THR S 30 -3.41 34.43 -68.24
C THR S 30 -1.96 34.01 -67.97
N TRP S 31 -1.42 33.21 -68.89
CA TRP S 31 -0.07 32.67 -68.83
C TRP S 31 1.20 33.55 -69.27
N LEU S 32 1.01 34.79 -69.74
CA LEU S 32 2.15 35.43 -70.35
C LEU S 32 3.16 35.93 -69.33
N ALA S 33 4.44 35.74 -69.63
CA ALA S 33 5.53 36.43 -68.94
C ALA S 33 6.36 37.24 -69.96
N TRP S 34 6.83 38.41 -69.53
CA TRP S 34 7.71 39.28 -70.27
C TRP S 34 9.14 39.37 -69.67
N TYR S 35 10.18 39.02 -70.47
CA TYR S 35 11.61 39.26 -70.14
C TYR S 35 12.23 40.40 -70.94
N GLN S 36 13.07 41.18 -70.30
CA GLN S 36 14.04 42.03 -71.03
C GLN S 36 15.42 41.40 -70.96
N GLN S 37 16.18 41.72 -71.98
CA GLN S 37 17.54 41.26 -72.04
C GLN S 37 18.36 42.18 -72.87
N LYS S 38 19.51 42.48 -72.30
CA LYS S 38 20.46 43.42 -72.90
C LYS S 38 21.45 42.61 -73.69
N PRO S 39 22.13 43.17 -74.69
CA PRO S 39 23.02 42.36 -75.58
C PRO S 39 24.14 41.74 -74.74
N GLY S 40 24.53 40.56 -75.11
CA GLY S 40 25.56 39.87 -74.36
C GLY S 40 25.20 39.30 -73.02
N LYS S 41 23.95 39.39 -72.62
CA LYS S 41 23.55 39.03 -71.29
C LYS S 41 22.38 38.11 -71.19
N ALA S 42 22.20 37.63 -70.01
CA ALA S 42 21.18 36.70 -69.70
C ALA S 42 19.98 37.52 -69.73
N PRO S 43 18.82 36.94 -69.83
CA PRO S 43 17.58 37.72 -69.80
C PRO S 43 17.02 37.99 -68.38
N LYS S 44 16.03 38.89 -68.26
CA LYS S 44 15.41 39.06 -66.91
C LYS S 44 13.91 38.86 -66.92
N LEU S 45 13.39 38.11 -65.92
CA LEU S 45 11.93 38.07 -65.64
C LEU S 45 11.51 39.50 -65.35
N LEU S 46 10.35 39.95 -65.82
CA LEU S 46 9.86 41.23 -65.36
C LEU S 46 8.49 41.02 -64.74
N ILE S 47 7.62 40.45 -65.58
CA ILE S 47 6.24 40.22 -65.26
C ILE S 47 5.92 38.89 -65.84
N TYR S 48 5.23 38.05 -65.04
CA TYR S 48 4.62 36.81 -65.47
C TYR S 48 3.16 36.84 -65.00
N LYS S 49 2.40 35.74 -65.18
CA LYS S 49 0.93 35.77 -64.99
C LYS S 49 0.29 37.04 -65.60
N ALA S 50 0.75 37.42 -66.79
CA ALA S 50 0.27 38.57 -67.59
C ALA S 50 0.42 40.01 -67.04
N SER S 51 0.52 40.12 -65.72
CA SER S 51 0.32 41.37 -65.01
C SER S 51 1.14 41.46 -63.73
N THR S 52 1.78 40.37 -63.37
CA THR S 52 2.43 40.31 -62.06
C THR S 52 3.92 40.73 -61.98
N LEU S 53 4.20 41.60 -61.03
CA LEU S 53 5.48 42.23 -60.97
C LEU S 53 6.40 41.46 -60.07
N LYS S 54 7.34 40.75 -60.72
CA LYS S 54 8.46 40.14 -60.05
C LYS S 54 9.12 41.14 -59.14
N THR S 55 9.24 40.69 -57.88
CA THR S 55 9.80 41.51 -56.80
C THR S 55 11.14 42.07 -57.17
N GLY S 56 11.29 43.37 -57.07
CA GLY S 56 12.55 43.95 -57.46
C GLY S 56 12.45 44.59 -58.85
N VAL S 57 11.54 44.07 -59.71
CA VAL S 57 11.40 44.79 -60.93
C VAL S 57 10.76 46.12 -60.53
N PRO S 58 11.17 47.28 -61.07
CA PRO S 58 10.62 48.59 -60.65
C PRO S 58 9.12 48.75 -60.98
N SER S 59 8.46 49.82 -60.55
CA SER S 59 7.05 49.79 -60.88
C SER S 59 6.65 50.44 -62.24
N ARG S 60 7.59 51.12 -62.91
CA ARG S 60 7.31 51.59 -64.25
C ARG S 60 6.79 50.47 -65.17
N PHE S 61 7.34 49.28 -65.02
CA PHE S 61 6.94 48.18 -65.84
C PHE S 61 5.59 47.59 -65.41
N SER S 62 4.73 47.26 -66.37
CA SER S 62 3.54 46.44 -66.06
C SER S 62 2.75 46.03 -67.31
N GLY S 63 1.86 45.07 -67.11
CA GLY S 63 1.27 44.35 -68.21
C GLY S 63 -0.18 44.68 -68.46
N SER S 64 -0.73 43.96 -69.43
CA SER S 64 -2.14 43.99 -69.82
C SER S 64 -2.25 42.75 -70.67
N GLY S 65 -3.39 42.04 -70.61
CA GLY S 65 -3.53 40.84 -71.42
C GLY S 65 -4.38 39.72 -70.87
N SER S 66 -5.07 38.96 -71.89
CA SER S 66 -6.10 37.78 -71.79
C SER S 66 -6.83 37.32 -73.15
N GLY S 67 -6.69 36.05 -73.54
CA GLY S 67 -7.06 35.63 -74.92
C GLY S 67 -5.96 36.11 -75.92
N THR S 68 -6.36 36.34 -77.18
CA THR S 68 -5.37 36.76 -78.20
C THR S 68 -4.39 37.92 -77.85
N GLU S 69 -4.82 38.90 -77.04
CA GLU S 69 -4.02 40.18 -76.84
C GLU S 69 -3.25 40.47 -75.52
N PHE S 70 -2.15 41.22 -75.63
CA PHE S 70 -1.17 41.20 -74.54
C PHE S 70 -0.15 42.31 -74.59
N THR S 71 -0.06 43.07 -73.51
CA THR S 71 0.85 44.20 -73.50
C THR S 71 1.62 44.44 -72.22
N LEU S 72 2.84 44.85 -72.49
CA LEU S 72 3.75 45.45 -71.56
C LEU S 72 3.86 46.90 -71.90
N THR S 73 3.82 47.72 -70.86
CA THR S 73 3.98 49.15 -71.02
C THR S 73 5.13 49.42 -70.08
N ILE S 74 6.15 50.15 -70.53
CA ILE S 74 7.18 50.62 -69.60
C ILE S 74 6.86 52.08 -69.45
N SER S 75 6.70 52.61 -68.22
CA SER S 75 6.07 53.97 -68.11
C SER S 75 7.05 55.13 -67.92
N GLY S 76 7.63 55.57 -69.03
CA GLY S 76 8.63 56.61 -69.01
C GLY S 76 10.07 56.11 -68.90
N LEU S 77 10.64 55.89 -70.09
CA LEU S 77 11.97 55.27 -70.27
C LEU S 77 12.95 55.91 -69.42
N GLN S 78 13.70 55.05 -68.81
CA GLN S 78 15.00 55.45 -68.37
C GLN S 78 16.01 54.82 -69.31
N PHE S 79 17.21 55.43 -69.29
CA PHE S 79 18.30 55.00 -70.09
C PHE S 79 18.50 53.56 -69.87
N ASP S 80 18.60 53.14 -68.61
CA ASP S 80 18.70 51.71 -68.37
C ASP S 80 17.73 50.76 -69.15
N ASP S 81 16.43 51.01 -69.12
CA ASP S 81 15.45 50.34 -69.98
C ASP S 81 15.66 50.27 -71.51
N PHE S 82 16.71 50.80 -72.11
CA PHE S 82 16.80 50.53 -73.53
C PHE S 82 17.36 49.14 -73.86
N ALA S 83 16.55 48.16 -74.31
CA ALA S 83 17.07 46.78 -74.48
C ALA S 83 16.16 45.91 -75.32
N THR S 84 16.55 44.68 -75.65
CA THR S 84 15.62 43.99 -76.52
C THR S 84 14.60 43.44 -75.54
N TYR S 85 13.29 43.59 -75.82
CA TYR S 85 12.38 42.95 -74.89
C TYR S 85 11.87 41.73 -75.49
N HIS S 86 11.23 40.87 -74.71
CA HIS S 86 10.90 39.51 -75.14
C HIS S 86 9.64 38.95 -74.43
N CYS S 87 8.72 38.25 -75.08
CA CYS S 87 7.63 37.67 -74.24
C CYS S 87 7.39 36.29 -74.58
N GLN S 88 7.20 35.43 -73.61
CA GLN S 88 7.06 34.03 -74.01
C GLN S 88 5.79 33.49 -73.44
N HIS S 89 5.23 32.46 -74.07
CA HIS S 89 4.09 31.78 -73.44
C HIS S 89 4.61 30.66 -72.58
N TYR S 90 4.54 30.87 -71.28
CA TYR S 90 5.06 29.91 -70.35
C TYR S 90 4.13 28.83 -69.88
N ALA S 91 4.39 27.60 -70.36
CA ALA S 91 3.46 26.45 -70.30
C ALA S 91 3.52 25.68 -69.00
N GLY S 92 3.48 24.37 -69.17
CA GLY S 92 3.48 23.45 -68.06
C GLY S 92 4.85 22.81 -68.08
N TYR S 93 5.01 21.87 -69.02
CA TYR S 93 6.34 21.37 -69.37
C TYR S 93 6.95 21.90 -70.69
N SER S 94 6.50 23.07 -71.19
CA SER S 94 6.83 23.56 -72.53
C SER S 94 6.92 25.05 -72.47
N ALA S 95 7.15 25.67 -73.63
CA ALA S 95 7.22 27.14 -73.74
C ALA S 95 7.51 27.66 -75.15
N THR S 96 7.03 28.89 -75.48
CA THR S 96 7.31 29.54 -76.78
C THR S 96 7.40 31.04 -76.69
N PHE S 97 8.31 31.64 -77.47
CA PHE S 97 8.67 33.09 -77.38
C PHE S 97 8.34 33.90 -78.66
N GLY S 98 8.29 35.21 -78.49
CA GLY S 98 8.23 36.11 -79.60
C GLY S 98 9.58 36.40 -80.21
N GLN S 99 9.55 37.32 -81.18
CA GLN S 99 10.67 37.59 -82.07
C GLN S 99 11.62 38.56 -81.41
N GLY S 100 11.12 39.22 -80.37
CA GLY S 100 11.90 40.22 -79.69
C GLY S 100 11.63 41.59 -80.31
N THR S 101 11.21 42.51 -79.45
CA THR S 101 11.29 43.90 -79.82
C THR S 101 12.49 44.53 -79.18
N ARG S 102 13.37 45.06 -80.01
CA ARG S 102 14.39 45.89 -79.40
C ARG S 102 13.89 47.29 -79.43
N VAL S 103 14.23 47.96 -78.33
CA VAL S 103 13.75 49.25 -78.04
C VAL S 103 15.07 50.04 -78.04
N GLU S 104 15.11 51.06 -78.90
CA GLU S 104 16.35 51.75 -79.13
C GLU S 104 16.17 53.24 -78.95
N ILE S 105 17.24 54.01 -78.90
CA ILE S 105 17.14 55.38 -78.47
C ILE S 105 16.91 56.33 -79.73
N LYS S 106 15.69 56.86 -79.96
CA LYS S 106 15.43 57.79 -81.13
C LYS S 106 16.50 58.86 -81.33
N ARG S 107 17.02 58.94 -82.57
CA ARG S 107 17.74 60.13 -82.98
C ARG S 107 17.66 60.35 -84.41
N THR S 108 17.47 61.60 -84.73
CA THR S 108 17.78 62.07 -86.05
C THR S 108 18.72 61.13 -86.88
N VAL S 109 18.25 60.83 -88.11
CA VAL S 109 18.82 59.82 -89.01
C VAL S 109 20.22 60.16 -89.47
N ALA S 110 21.14 59.22 -89.26
CA ALA S 110 22.48 59.49 -89.73
C ALA S 110 23.09 58.46 -90.62
N ALA S 111 23.29 59.00 -91.81
CA ALA S 111 24.18 58.50 -92.82
C ALA S 111 25.60 58.15 -92.30
N PRO S 112 26.02 56.95 -92.68
CA PRO S 112 27.33 56.43 -92.31
C PRO S 112 28.39 56.91 -93.26
N SER S 113 29.35 57.63 -92.73
CA SER S 113 30.67 57.66 -93.30
C SER S 113 31.11 56.19 -93.41
N VAL S 114 31.81 55.87 -94.54
CA VAL S 114 32.28 54.51 -94.93
C VAL S 114 33.76 54.51 -95.35
N PHE S 115 34.36 53.30 -95.50
CA PHE S 115 35.83 53.01 -95.74
C PHE S 115 36.26 51.48 -95.99
N ILE S 116 36.59 51.13 -97.24
CA ILE S 116 37.17 49.80 -97.54
C ILE S 116 38.67 49.68 -97.03
N PHE S 117 38.94 48.50 -96.47
CA PHE S 117 40.27 48.15 -95.98
C PHE S 117 40.95 46.97 -96.70
N PRO S 118 41.99 47.31 -97.46
CA PRO S 118 42.97 46.28 -97.86
C PRO S 118 44.04 45.91 -96.76
N PRO S 119 44.29 44.57 -96.65
CA PRO S 119 45.43 43.88 -95.98
C PRO S 119 46.86 44.49 -95.86
N SER S 120 47.58 44.28 -94.77
CA SER S 120 48.97 44.69 -94.89
C SER S 120 49.65 43.58 -95.68
N ASP S 121 50.91 43.80 -96.02
CA ASP S 121 51.73 42.82 -96.73
C ASP S 121 52.20 41.68 -95.80
N GLU S 122 52.51 42.06 -94.56
CA GLU S 122 52.90 41.16 -93.50
C GLU S 122 51.85 40.08 -93.33
N GLN S 123 50.60 40.50 -93.05
CA GLN S 123 49.37 39.67 -93.01
C GLN S 123 49.06 38.82 -94.30
N LEU S 124 48.87 39.50 -95.42
CA LEU S 124 49.00 38.93 -96.78
C LEU S 124 50.04 37.75 -97.04
N LYS S 125 51.30 37.94 -96.59
CA LYS S 125 52.36 36.90 -96.52
C LYS S 125 52.17 35.88 -95.34
N SER S 126 51.47 36.23 -94.28
CA SER S 126 50.97 35.25 -93.34
C SER S 126 50.20 34.28 -94.21
N GLY S 127 49.80 34.76 -95.39
CA GLY S 127 49.20 33.94 -96.45
C GLY S 127 47.71 34.21 -96.66
N THR S 128 47.22 35.33 -96.17
CA THR S 128 45.80 35.45 -95.96
C THR S 128 45.32 36.95 -96.12
N ALA S 129 44.22 37.12 -96.85
CA ALA S 129 43.57 38.40 -96.88
C ALA S 129 42.57 38.45 -95.70
N SER S 130 42.38 39.64 -95.11
CA SER S 130 41.41 39.96 -94.05
C SER S 130 40.88 41.36 -94.41
N VAL S 131 39.66 41.42 -94.87
CA VAL S 131 39.39 42.58 -95.75
C VAL S 131 38.34 43.68 -95.38
N VAL S 132 38.71 44.70 -94.57
CA VAL S 132 37.65 45.55 -93.89
C VAL S 132 36.97 46.87 -94.43
N CYS S 133 35.65 46.72 -94.62
CA CYS S 133 34.65 47.79 -94.65
C CYS S 133 34.70 48.54 -93.35
N LEU S 134 34.15 49.74 -93.31
CA LEU S 134 34.08 50.40 -92.01
C LEU S 134 32.74 51.15 -91.99
N LEU S 135 31.83 50.82 -91.07
CA LEU S 135 30.54 51.48 -91.24
C LEU S 135 30.24 52.43 -90.20
N ASN S 136 31.25 53.25 -89.92
CA ASN S 136 31.29 54.31 -88.89
C ASN S 136 30.12 55.31 -88.75
N ASN S 137 29.92 55.72 -87.49
CA ASN S 137 28.87 56.58 -86.97
C ASN S 137 27.49 56.70 -87.61
N PHE S 138 26.76 55.62 -87.81
CA PHE S 138 25.50 55.76 -88.53
C PHE S 138 24.19 55.71 -87.75
N TYR S 139 23.05 55.58 -88.38
CA TYR S 139 21.80 55.49 -87.67
C TYR S 139 20.71 55.59 -88.67
N PRO S 140 19.69 54.70 -88.63
CA PRO S 140 19.50 53.69 -87.59
C PRO S 140 20.22 52.37 -87.94
N ARG S 141 20.06 51.32 -87.11
CA ARG S 141 20.87 50.11 -87.24
C ARG S 141 20.69 49.40 -88.60
N GLU S 142 19.62 48.68 -88.75
CA GLU S 142 19.19 48.21 -90.03
C GLU S 142 20.03 48.89 -91.17
N ALA S 143 21.12 48.26 -91.57
CA ALA S 143 21.86 48.60 -92.78
C ALA S 143 22.10 47.36 -93.68
N LYS S 144 23.14 47.48 -94.50
CA LYS S 144 23.44 46.46 -95.50
C LYS S 144 24.86 46.67 -96.04
N VAL S 145 25.64 45.63 -95.93
CA VAL S 145 26.97 45.66 -96.39
C VAL S 145 26.86 44.57 -97.36
N GLN S 146 27.18 44.91 -98.59
CA GLN S 146 27.48 43.91 -99.62
C GLN S 146 28.99 43.79 -99.74
N TRP S 147 29.41 42.65 -100.17
CA TRP S 147 30.77 42.50 -100.53
C TRP S 147 30.46 42.13 -101.94
N LYS S 148 31.38 42.38 -102.88
CA LYS S 148 31.11 42.09 -104.32
C LYS S 148 32.38 42.12 -105.19
N VAL S 149 33.02 40.95 -105.31
CA VAL S 149 34.36 40.85 -105.86
C VAL S 149 34.42 40.72 -107.38
N ASP S 150 34.70 41.86 -108.00
CA ASP S 150 34.59 42.07 -109.42
C ASP S 150 33.19 41.71 -109.96
N ASN S 151 32.30 42.69 -109.76
CA ASN S 151 30.83 42.58 -109.76
C ASN S 151 30.25 41.14 -109.43
N ALA S 152 30.99 40.36 -108.62
CA ALA S 152 30.52 39.04 -108.13
C ALA S 152 30.08 39.14 -106.65
N LEU S 153 29.25 38.20 -106.17
CA LEU S 153 28.54 38.39 -104.88
C LEU S 153 28.96 37.47 -103.72
N GLN S 154 29.28 38.06 -102.58
CA GLN S 154 29.75 37.27 -101.45
C GLN S 154 28.75 36.95 -100.27
N SER S 155 28.15 35.76 -100.44
CA SER S 155 27.45 35.03 -99.39
C SER S 155 28.47 34.07 -98.77
N GLY S 156 28.73 34.32 -97.47
CA GLY S 156 29.48 33.42 -96.59
C GLY S 156 31.01 33.33 -96.64
N ASN S 157 31.68 34.45 -96.84
CA ASN S 157 33.13 34.46 -96.72
C ASN S 157 33.59 35.60 -95.82
N SER S 158 32.71 36.06 -94.86
CA SER S 158 32.76 37.42 -94.24
C SER S 158 32.08 37.65 -92.87
N GLN S 159 32.66 38.51 -91.99
CA GLN S 159 32.12 38.84 -90.62
C GLN S 159 31.79 40.31 -90.13
N GLU S 160 30.52 40.53 -89.83
CA GLU S 160 30.02 41.84 -89.37
C GLU S 160 30.13 42.03 -87.85
N SER S 161 31.07 42.82 -87.38
CA SER S 161 30.90 43.25 -85.99
C SER S 161 30.19 44.61 -85.84
N VAL S 162 29.15 44.64 -85.02
CA VAL S 162 28.48 45.93 -84.70
C VAL S 162 28.72 46.40 -83.27
N THR S 163 28.99 47.69 -83.10
CA THR S 163 28.95 48.44 -81.83
C THR S 163 27.55 48.69 -81.28
N GLU S 164 27.41 48.86 -79.99
CA GLU S 164 26.15 49.29 -79.47
C GLU S 164 25.96 50.83 -79.48
N GLN S 165 24.78 51.37 -79.11
CA GLN S 165 24.45 52.77 -79.48
C GLN S 165 25.36 53.68 -78.76
N ASP S 166 25.81 54.75 -79.43
CA ASP S 166 26.89 55.56 -78.87
C ASP S 166 26.65 56.26 -77.54
N SER S 167 27.73 56.38 -76.78
CA SER S 167 27.69 56.98 -75.44
C SER S 167 27.69 58.46 -75.59
N LYS S 168 28.37 58.91 -76.58
CA LYS S 168 28.22 60.30 -76.82
C LYS S 168 27.06 60.59 -77.78
N ASP S 169 26.82 59.81 -78.82
CA ASP S 169 25.98 60.38 -79.91
C ASP S 169 24.88 59.46 -80.40
N SER S 170 24.84 58.29 -79.76
CA SER S 170 23.67 57.51 -80.00
C SER S 170 23.55 57.14 -81.48
N THR S 171 24.74 56.99 -82.11
CA THR S 171 24.94 56.29 -83.39
C THR S 171 25.58 54.90 -83.17
N TYR S 172 26.06 54.30 -84.27
CA TYR S 172 26.51 52.90 -84.30
C TYR S 172 27.70 52.80 -85.24
N SER S 173 28.47 51.69 -85.17
CA SER S 173 29.50 51.48 -86.17
C SER S 173 29.54 50.01 -86.52
N LEU S 174 29.65 49.69 -87.81
CA LEU S 174 29.82 48.29 -88.30
C LEU S 174 31.20 48.03 -88.85
N SER S 175 31.34 46.95 -89.57
CA SER S 175 32.64 46.34 -89.74
C SER S 175 32.44 44.88 -90.24
N SER S 176 32.21 44.84 -91.56
CA SER S 176 32.23 43.61 -92.33
C SER S 176 33.64 43.26 -92.73
N THR S 177 33.95 42.01 -92.42
CA THR S 177 35.28 41.38 -92.44
C THR S 177 35.27 40.06 -93.23
N LEU S 178 35.25 40.26 -94.54
CA LEU S 178 35.40 39.15 -95.43
C LEU S 178 36.78 38.63 -95.28
N THR S 179 36.88 37.40 -94.84
CA THR S 179 38.16 36.81 -94.90
C THR S 179 38.33 36.03 -96.18
N LEU S 180 39.60 35.77 -96.55
CA LEU S 180 39.97 35.41 -97.91
C LEU S 180 41.42 34.92 -98.07
N SER S 181 41.61 33.68 -98.51
CA SER S 181 42.96 33.09 -98.55
C SER S 181 43.87 33.79 -99.61
N LYS S 182 45.20 33.68 -99.51
CA LYS S 182 46.14 34.48 -100.33
C LYS S 182 46.00 34.26 -101.82
N ALA S 183 46.05 33.00 -102.21
CA ALA S 183 45.80 32.61 -103.59
C ALA S 183 44.55 33.31 -104.02
N ASP S 184 43.53 33.18 -103.20
CA ASP S 184 42.20 33.68 -103.53
C ASP S 184 42.27 35.23 -103.66
N TYR S 185 42.87 35.94 -102.67
CA TYR S 185 43.21 37.37 -102.85
C TYR S 185 44.15 37.50 -104.09
N GLU S 186 45.41 37.09 -103.87
CA GLU S 186 46.46 37.10 -104.87
C GLU S 186 46.02 36.34 -106.15
N LYS S 187 44.80 36.63 -106.67
CA LYS S 187 44.22 36.07 -107.94
C LYS S 187 42.91 36.76 -108.36
N HIS S 188 42.80 38.06 -108.01
CA HIS S 188 41.67 38.92 -108.42
C HIS S 188 42.09 40.45 -108.51
N LYS S 189 41.36 41.27 -109.30
CA LYS S 189 41.43 42.74 -109.24
C LYS S 189 40.35 43.19 -108.28
N VAL S 190 39.55 44.20 -108.61
CA VAL S 190 38.71 44.93 -107.58
C VAL S 190 38.18 44.05 -106.41
N TYR S 191 38.01 44.69 -105.25
CA TYR S 191 37.24 44.13 -104.13
C TYR S 191 36.45 45.26 -103.54
N ALA S 192 35.13 45.10 -103.53
CA ALA S 192 34.16 46.15 -103.16
C ALA S 192 33.36 46.01 -101.77
N CYS S 193 32.90 47.16 -101.27
CA CYS S 193 31.86 47.22 -100.24
C CYS S 193 30.72 48.15 -100.58
N GLU S 194 29.71 47.60 -101.28
CA GLU S 194 28.43 48.23 -101.50
C GLU S 194 27.71 48.49 -100.20
N VAL S 195 27.42 49.77 -99.93
CA VAL S 195 26.65 50.07 -98.74
C VAL S 195 25.28 50.56 -99.07
N THR S 196 24.35 50.16 -98.22
CA THR S 196 22.95 50.49 -98.38
C THR S 196 22.37 50.93 -97.07
N HIS S 197 22.69 52.18 -96.71
CA HIS S 197 22.15 52.87 -95.55
C HIS S 197 20.94 53.76 -95.82
N GLN S 198 19.89 53.52 -95.01
CA GLN S 198 18.64 54.28 -94.97
C GLN S 198 18.86 55.77 -95.23
N GLY S 199 19.91 56.28 -94.61
CA GLY S 199 20.16 57.71 -94.59
C GLY S 199 20.92 58.16 -95.79
N LEU S 200 21.59 57.25 -96.46
CA LEU S 200 22.16 57.64 -97.71
C LEU S 200 21.04 57.70 -98.77
N SER S 201 20.92 58.85 -99.40
CA SER S 201 19.87 58.98 -100.36
C SER S 201 20.26 58.15 -101.60
N SER S 202 21.54 57.76 -101.71
CA SER S 202 21.90 56.64 -102.62
C SER S 202 22.76 55.48 -101.95
N PRO S 203 22.87 54.32 -102.62
CA PRO S 203 23.85 53.26 -102.31
C PRO S 203 25.28 53.47 -102.82
N VAL S 204 26.03 54.24 -102.04
CA VAL S 204 27.42 54.58 -102.35
C VAL S 204 28.35 53.41 -101.99
N THR S 205 29.14 53.06 -103.00
CA THR S 205 29.96 51.86 -102.97
C THR S 205 31.43 52.21 -102.77
N LYS S 206 32.04 51.73 -101.69
CA LYS S 206 33.49 51.80 -101.80
C LYS S 206 34.34 50.50 -101.82
N SER S 207 35.45 50.66 -102.58
CA SER S 207 36.36 49.63 -103.08
C SER S 207 37.83 50.13 -103.40
N PHE S 208 38.54 49.33 -104.20
CA PHE S 208 39.96 49.56 -104.57
C PHE S 208 40.51 48.49 -105.62
N ASN S 209 41.73 48.66 -106.14
CA ASN S 209 42.18 47.82 -107.24
C ASN S 209 43.45 47.00 -106.94
N ARG S 210 43.44 46.12 -105.94
CA ARG S 210 44.57 45.16 -105.73
C ARG S 210 46.00 45.71 -105.89
N GLY S 211 46.59 46.10 -104.74
CA GLY S 211 47.86 46.86 -104.72
C GLY S 211 47.70 48.31 -105.20
N GLU S 212 47.09 49.11 -104.33
CA GLU S 212 46.68 50.48 -104.62
C GLU S 212 46.17 51.23 -103.32
N GLU T 1 22.26 35.48 -55.08
CA GLU T 1 21.12 34.82 -55.75
C GLU T 1 21.55 33.48 -56.24
N VAL T 2 20.55 32.66 -56.51
CA VAL T 2 20.61 31.62 -57.52
C VAL T 2 21.59 31.97 -58.60
N GLN T 3 22.42 31.04 -59.04
CA GLN T 3 23.12 31.28 -60.25
C GLN T 3 23.21 30.02 -60.99
N LEU T 4 23.04 30.10 -62.29
CA LEU T 4 23.35 29.01 -63.23
C LEU T 4 24.57 29.31 -64.09
N VAL T 5 25.30 28.28 -64.50
CA VAL T 5 26.38 28.45 -65.44
C VAL T 5 26.64 27.28 -66.32
N GLU T 6 26.23 27.40 -67.61
CA GLU T 6 26.59 26.48 -68.72
C GLU T 6 28.06 26.62 -69.00
N SER T 7 28.73 25.46 -69.15
CA SER T 7 30.00 25.24 -69.82
C SER T 7 29.70 24.27 -70.98
N GLY T 8 30.63 24.00 -71.88
CA GLY T 8 30.20 23.50 -73.19
C GLY T 8 30.78 24.09 -74.49
N GLY T 9 30.17 25.15 -74.97
CA GLY T 9 30.27 25.48 -76.39
C GLY T 9 31.58 25.44 -77.19
N GLY T 10 31.46 25.65 -78.51
CA GLY T 10 32.63 25.79 -79.39
C GLY T 10 32.39 25.79 -80.90
N LEU T 11 33.46 25.69 -81.64
CA LEU T 11 33.22 25.53 -83.05
C LEU T 11 32.85 24.08 -83.24
N VAL T 12 31.69 23.77 -83.81
CA VAL T 12 31.52 22.44 -84.49
C VAL T 12 31.22 22.46 -85.99
N LYS T 13 31.66 21.43 -86.73
CA LYS T 13 31.40 21.41 -88.16
C LYS T 13 30.01 20.81 -88.36
N ALA T 14 29.28 21.40 -89.31
CA ALA T 14 27.95 21.02 -89.62
C ALA T 14 28.06 19.56 -89.86
N GLY T 15 27.25 18.82 -89.11
CA GLY T 15 27.22 17.37 -89.15
C GLY T 15 27.37 16.88 -87.73
N GLY T 16 28.48 17.34 -87.15
CA GLY T 16 28.86 17.13 -85.76
C GLY T 16 27.85 16.87 -84.66
N SER T 17 28.46 16.84 -83.47
CA SER T 17 27.85 16.38 -82.25
C SER T 17 28.58 17.15 -81.21
N LEU T 18 27.86 17.63 -80.23
CA LEU T 18 28.42 18.47 -79.20
C LEU T 18 27.47 18.47 -78.06
N ILE T 19 28.05 18.49 -76.88
CA ILE T 19 27.23 18.21 -75.70
C ILE T 19 27.25 19.27 -74.59
N LEU T 20 26.19 19.96 -74.14
CA LEU T 20 26.57 21.07 -73.22
C LEU T 20 26.28 20.75 -71.83
N SER T 21 26.63 21.66 -70.91
CA SER T 21 26.37 21.40 -69.47
C SER T 21 26.05 22.55 -68.47
N CYS T 22 24.89 22.51 -67.90
CA CYS T 22 24.46 23.50 -66.93
C CYS T 22 24.95 23.20 -65.50
N GLY T 23 25.47 24.16 -64.75
CA GLY T 23 25.68 23.87 -63.32
C GLY T 23 25.18 25.03 -62.45
N VAL T 24 24.87 24.80 -61.18
CA VAL T 24 24.16 25.89 -60.44
C VAL T 24 24.87 26.48 -59.23
N SER T 25 24.26 27.50 -58.59
CA SER T 25 24.60 27.84 -57.21
C SER T 25 23.39 28.32 -56.44
N ASN T 26 23.23 27.83 -55.21
CA ASN T 26 22.27 28.45 -54.28
C ASN T 26 20.83 27.94 -54.36
N PHE T 27 20.66 26.93 -55.20
CA PHE T 27 19.59 25.97 -55.00
C PHE T 27 20.05 24.60 -55.45
N ARG T 28 19.43 23.52 -54.98
CA ARG T 28 19.61 22.25 -55.64
C ARG T 28 18.64 22.29 -56.82
N ILE T 29 18.93 21.61 -57.93
CA ILE T 29 18.00 21.50 -59.05
C ILE T 29 16.67 20.83 -58.76
N SER T 30 16.63 19.53 -58.41
CA SER T 30 15.33 18.79 -58.21
C SER T 30 13.98 19.58 -58.34
N ALA T 31 13.50 20.21 -57.25
CA ALA T 31 12.28 21.03 -57.29
C ALA T 31 11.92 21.67 -58.64
N HIS T 32 12.92 22.24 -59.32
CA HIS T 32 12.67 22.87 -60.65
C HIS T 32 13.01 22.00 -61.84
N THR T 33 12.45 22.45 -62.95
CA THR T 33 12.34 21.80 -64.25
C THR T 33 13.34 22.60 -65.06
N MET T 34 14.19 22.01 -65.87
CA MET T 34 15.16 22.92 -66.48
C MET T 34 14.88 23.02 -67.90
N ASN T 35 15.37 24.07 -68.52
CA ASN T 35 15.15 24.19 -69.95
C ASN T 35 16.37 24.72 -70.52
N TRP T 36 16.63 24.35 -71.72
CA TRP T 36 17.64 25.05 -72.43
C TRP T 36 16.99 26.01 -73.43
N VAL T 37 17.45 27.27 -73.53
CA VAL T 37 17.07 28.04 -74.71
C VAL T 37 18.20 28.80 -75.39
N ARG T 38 17.89 29.37 -76.54
CA ARG T 38 18.99 29.90 -77.31
C ARG T 38 18.71 31.16 -78.00
N ARG T 39 19.68 32.03 -78.07
CA ARG T 39 19.39 33.16 -78.91
C ARG T 39 20.08 32.80 -80.20
N VAL T 40 19.33 32.84 -81.28
CA VAL T 40 19.98 32.90 -82.59
C VAL T 40 20.73 34.25 -82.71
N PRO T 41 21.17 34.65 -83.88
CA PRO T 41 21.17 36.11 -84.20
C PRO T 41 20.14 36.56 -85.28
N GLY T 42 19.91 37.87 -85.21
CA GLY T 42 18.65 38.52 -85.59
C GLY T 42 17.81 38.47 -84.31
N GLY T 43 18.23 37.42 -83.54
CA GLY T 43 18.59 37.40 -82.04
C GLY T 43 17.38 37.36 -81.14
N GLY T 44 16.36 36.60 -81.62
CA GLY T 44 15.04 36.24 -80.81
C GLY T 44 15.53 35.14 -79.91
N LEU T 45 14.71 34.66 -78.99
CA LEU T 45 15.07 33.36 -78.41
C LEU T 45 14.06 32.35 -78.91
N GLU T 46 14.58 31.13 -78.97
CA GLU T 46 13.92 29.93 -79.39
C GLU T 46 13.95 28.91 -78.17
N TRP T 47 12.76 28.40 -77.76
CA TRP T 47 12.72 27.38 -76.68
C TRP T 47 13.26 26.05 -77.13
N VAL T 48 14.49 25.73 -76.78
CA VAL T 48 15.00 24.43 -77.19
C VAL T 48 14.44 23.16 -76.48
N ALA T 49 15.05 22.60 -75.46
CA ALA T 49 14.37 21.48 -74.82
C ALA T 49 13.77 21.86 -73.47
N SER T 50 13.25 20.80 -72.80
CA SER T 50 12.80 20.86 -71.39
C SER T 50 12.61 19.55 -70.59
N ILE T 51 13.04 19.46 -69.33
CA ILE T 51 13.00 18.17 -68.62
C ILE T 51 12.18 18.36 -67.36
N SER T 52 11.09 17.60 -67.25
CA SER T 52 10.23 17.69 -66.09
C SER T 52 10.95 17.27 -64.82
N THR T 53 10.41 17.69 -63.69
CA THR T 53 10.90 17.22 -62.41
C THR T 53 10.89 15.70 -62.47
N SER T 54 11.58 15.09 -61.53
CA SER T 54 11.65 13.62 -61.38
C SER T 54 11.88 12.89 -62.72
N SER T 55 12.52 13.67 -63.61
CA SER T 55 12.88 13.28 -64.93
C SER T 55 11.79 12.66 -65.78
N THR T 56 10.54 13.03 -65.57
CA THR T 56 9.39 12.30 -66.14
C THR T 56 8.98 12.72 -67.54
N TYR T 57 9.37 13.87 -68.02
CA TYR T 57 8.81 14.31 -69.27
C TYR T 57 9.78 15.13 -70.09
N ARG T 58 10.78 14.57 -70.73
CA ARG T 58 11.50 15.37 -71.71
C ARG T 58 10.51 15.83 -72.83
N ASP T 59 10.49 17.10 -73.20
CA ASP T 59 9.68 17.66 -74.32
C ASP T 59 10.66 18.50 -75.13
N TYR T 60 10.42 18.64 -76.43
CA TYR T 60 11.46 19.40 -77.18
C TYR T 60 10.84 20.23 -78.23
N ALA T 61 11.68 21.04 -78.88
CA ALA T 61 11.24 21.82 -80.03
C ALA T 61 11.50 21.13 -81.37
N ASP T 62 10.42 21.07 -82.13
CA ASP T 62 10.40 20.59 -83.47
C ASP T 62 11.69 20.45 -84.21
N ALA T 63 12.42 21.50 -84.54
CA ALA T 63 13.76 21.27 -85.11
C ALA T 63 14.87 20.70 -84.12
N VAL T 64 14.48 20.05 -83.03
CA VAL T 64 15.48 19.35 -82.24
C VAL T 64 14.95 18.07 -81.72
N LYS T 65 13.66 17.86 -81.94
CA LYS T 65 13.16 16.52 -81.74
C LYS T 65 14.05 15.69 -82.66
N GLY T 66 14.79 14.80 -82.02
CA GLY T 66 15.51 13.79 -82.75
C GLY T 66 16.99 14.03 -82.90
N ARG T 67 17.47 15.20 -82.55
CA ARG T 67 18.88 15.40 -82.71
C ARG T 67 19.48 15.52 -81.35
N PHE T 68 18.64 15.96 -80.41
CA PHE T 68 19.05 16.63 -79.17
C PHE T 68 18.52 15.84 -78.00
N THR T 69 19.20 15.81 -76.90
CA THR T 69 18.61 15.13 -75.81
C THR T 69 18.92 15.93 -74.61
N VAL T 70 17.88 16.35 -73.89
CA VAL T 70 18.10 16.89 -72.53
C VAL T 70 18.17 15.73 -71.48
N SER T 71 18.94 15.94 -70.41
CA SER T 71 19.24 14.91 -69.44
C SER T 71 19.52 15.71 -68.16
N ARG T 72 19.20 15.15 -66.99
CA ARG T 72 19.40 15.93 -65.75
C ARG T 72 20.20 15.12 -64.69
N ASP T 73 20.90 15.80 -63.76
CA ASP T 73 21.67 15.12 -62.68
C ASP T 73 21.42 15.68 -61.25
N ASP T 74 20.39 15.18 -60.54
CA ASP T 74 19.90 15.90 -59.40
C ASP T 74 20.93 15.90 -58.35
N LEU T 75 20.98 14.82 -57.58
CA LEU T 75 22.14 14.38 -56.85
C LEU T 75 23.49 15.13 -56.98
N GLU T 76 23.91 15.55 -58.19
CA GLU T 76 25.18 16.23 -58.33
C GLU T 76 25.00 17.63 -58.75
N ASP T 77 23.77 17.90 -59.23
CA ASP T 77 23.15 19.15 -59.76
C ASP T 77 23.61 19.65 -61.07
N PHE T 78 23.29 18.95 -62.13
CA PHE T 78 23.46 19.57 -63.44
C PHE T 78 22.40 19.13 -64.39
N VAL T 79 22.46 19.73 -65.56
CA VAL T 79 21.73 19.30 -66.75
C VAL T 79 22.66 19.26 -67.96
N TYR T 80 22.46 18.27 -68.82
CA TYR T 80 23.14 18.28 -70.09
C TYR T 80 22.18 18.39 -71.26
N LEU T 81 22.71 18.93 -72.37
CA LEU T 81 22.06 18.84 -73.69
C LEU T 81 22.91 18.17 -74.71
N GLN T 82 22.41 17.06 -75.18
CA GLN T 82 23.14 16.38 -76.20
C GLN T 82 22.82 17.04 -77.51
N MET T 83 23.86 17.49 -78.20
CA MET T 83 23.59 17.88 -79.59
C MET T 83 24.30 17.15 -80.74
N HIS T 84 23.44 16.38 -81.44
CA HIS T 84 23.70 15.67 -82.69
C HIS T 84 23.12 16.15 -83.99
N LYS T 85 23.93 15.93 -85.00
CA LYS T 85 23.48 15.88 -86.37
C LYS T 85 23.15 17.32 -86.73
N MET T 86 24.09 18.10 -86.22
CA MET T 86 23.88 19.49 -85.95
C MET T 86 23.80 20.31 -87.28
N ARG T 87 22.80 21.16 -87.40
CA ARG T 87 22.68 21.95 -88.66
C ARG T 87 23.13 23.39 -88.38
N VAL T 88 23.32 24.18 -89.40
CA VAL T 88 23.72 25.53 -89.15
C VAL T 88 22.70 26.18 -88.24
N GLU T 89 21.48 26.46 -88.73
CA GLU T 89 20.42 27.03 -87.85
C GLU T 89 20.37 26.49 -86.39
N ASP T 90 21.44 25.89 -85.91
CA ASP T 90 21.52 25.64 -84.49
C ASP T 90 22.48 26.67 -83.94
N THR T 91 22.93 27.57 -84.84
CA THR T 91 24.02 28.45 -84.38
C THR T 91 23.55 29.51 -83.38
N ALA T 92 23.89 29.31 -82.09
CA ALA T 92 23.12 30.04 -81.10
C ALA T 92 24.09 30.45 -80.08
N ILE T 93 23.69 31.38 -79.21
CA ILE T 93 24.16 31.40 -77.86
C ILE T 93 23.13 30.49 -77.17
N TYR T 94 23.58 29.64 -76.25
CA TYR T 94 22.63 28.74 -75.60
C TYR T 94 22.73 28.94 -74.10
N TYR T 95 21.58 28.91 -73.43
CA TYR T 95 21.50 29.01 -71.94
C TYR T 95 20.63 28.01 -71.29
N CYS T 96 20.91 27.62 -70.04
CA CYS T 96 19.80 26.89 -69.33
C CYS T 96 19.08 27.72 -68.25
N ALA T 97 17.78 27.44 -68.04
CA ALA T 97 16.96 28.24 -67.14
C ALA T 97 15.99 27.47 -66.23
N ARG T 98 15.97 27.86 -64.94
CA ARG T 98 15.15 27.38 -63.83
C ARG T 98 13.71 27.41 -64.18
N LYS T 99 12.87 26.71 -63.43
CA LYS T 99 11.47 26.95 -63.63
C LYS T 99 10.60 27.68 -62.68
N GLY T 100 10.90 28.02 -61.42
CA GLY T 100 9.97 29.01 -60.77
C GLY T 100 9.98 30.01 -59.57
N SER T 101 8.79 30.48 -59.24
CA SER T 101 8.69 31.56 -58.31
C SER T 101 8.54 31.23 -56.83
N ASP T 102 9.56 30.77 -56.12
CA ASP T 102 9.60 31.26 -54.69
C ASP T 102 8.95 30.43 -53.57
N ARG T 103 8.08 31.08 -52.77
CA ARG T 103 7.26 30.32 -51.83
C ARG T 103 6.22 29.47 -52.65
N LEU T 104 6.60 29.13 -53.91
CA LEU T 104 5.59 28.86 -54.96
C LEU T 104 5.64 27.59 -55.83
N SER T 105 4.76 27.67 -56.85
CA SER T 105 4.85 26.98 -58.13
C SER T 105 3.46 26.42 -58.49
N ASP T 106 3.16 26.13 -59.84
CA ASP T 106 2.70 24.80 -60.31
C ASP T 106 2.64 24.71 -61.85
N ASN T 107 2.77 25.90 -62.44
CA ASN T 107 3.28 26.05 -63.84
C ASN T 107 4.08 27.42 -63.99
N ASP T 108 5.30 27.55 -63.19
CA ASP T 108 5.82 28.87 -62.87
C ASP T 108 6.79 29.19 -63.97
N PRO T 109 7.35 30.40 -64.04
CA PRO T 109 8.00 30.85 -65.25
C PRO T 109 9.48 30.86 -65.00
N PHE T 110 10.30 31.29 -65.96
CA PHE T 110 11.76 31.21 -65.84
C PHE T 110 12.34 32.27 -64.92
N ASP T 111 12.24 32.08 -63.61
CA ASP T 111 12.85 32.97 -62.59
C ASP T 111 14.42 33.24 -62.70
N ALA T 112 15.18 32.26 -63.19
CA ALA T 112 16.61 32.39 -63.13
C ALA T 112 17.32 31.96 -64.46
N TRP T 113 18.24 32.73 -65.05
CA TRP T 113 18.85 32.15 -66.22
C TRP T 113 20.32 32.12 -66.06
N GLY T 114 20.99 31.24 -66.80
CA GLY T 114 22.45 31.19 -66.84
C GLY T 114 22.93 32.27 -67.78
N PRO T 115 24.23 32.35 -67.99
CA PRO T 115 24.87 33.50 -68.65
C PRO T 115 24.98 33.30 -70.12
N GLY T 116 24.46 32.15 -70.45
CA GLY T 116 24.74 31.53 -71.72
C GLY T 116 26.18 31.22 -72.15
N THR T 117 26.22 30.16 -73.00
CA THR T 117 27.22 29.94 -74.05
C THR T 117 26.81 29.98 -75.54
N VAL T 118 27.91 30.17 -76.31
CA VAL T 118 28.08 30.28 -77.78
C VAL T 118 28.56 29.03 -78.49
N VAL T 119 27.67 28.51 -79.31
CA VAL T 119 27.93 27.31 -80.07
C VAL T 119 27.84 27.60 -81.55
N THR T 120 28.94 27.25 -82.25
CA THR T 120 29.05 27.75 -83.66
C THR T 120 29.64 26.83 -84.76
N VAL T 121 28.60 26.38 -85.51
CA VAL T 121 28.49 25.21 -86.34
C VAL T 121 28.97 25.62 -87.68
N SER T 122 29.99 24.94 -88.20
CA SER T 122 30.48 25.26 -89.57
C SER T 122 29.45 24.82 -90.61
N PRO T 123 29.17 25.61 -91.68
CA PRO T 123 28.39 25.07 -92.82
C PRO T 123 29.13 23.93 -93.53
N ALA T 124 30.43 24.12 -93.75
CA ALA T 124 31.31 23.12 -94.36
C ALA T 124 31.05 21.89 -93.57
N SER T 125 31.80 20.85 -93.82
CA SER T 125 31.58 19.62 -93.05
C SER T 125 32.53 18.62 -93.60
N THR T 126 33.00 18.94 -94.78
CA THR T 126 33.88 18.09 -95.47
C THR T 126 35.00 19.03 -95.84
N LYS T 127 36.17 18.53 -96.22
CA LYS T 127 37.22 19.38 -96.78
C LYS T 127 38.16 18.39 -97.32
N GLY T 128 38.43 18.55 -98.61
CA GLY T 128 39.28 17.66 -99.37
C GLY T 128 40.65 17.98 -98.92
N PRO T 129 41.55 17.07 -99.19
CA PRO T 129 42.99 17.17 -98.94
C PRO T 129 43.76 18.07 -99.87
N SER T 130 44.96 18.41 -99.51
CA SER T 130 45.74 19.10 -100.50
C SER T 130 47.05 18.45 -101.15
N VAL T 131 47.26 17.12 -101.26
CA VAL T 131 48.62 16.58 -101.75
C VAL T 131 49.86 17.36 -102.41
N PHE T 132 51.09 17.00 -101.99
CA PHE T 132 52.38 17.44 -102.57
C PHE T 132 53.39 16.32 -102.72
N PRO T 133 54.40 16.49 -103.56
CA PRO T 133 55.48 15.49 -103.69
C PRO T 133 56.58 15.44 -102.59
N LEU T 134 56.63 14.33 -101.86
CA LEU T 134 57.94 13.93 -101.36
C LEU T 134 58.77 13.37 -102.49
N ALA T 135 59.73 14.18 -102.85
CA ALA T 135 60.48 13.97 -104.06
C ALA T 135 61.65 13.08 -103.85
N PRO T 136 61.93 12.24 -104.85
CA PRO T 136 62.97 11.23 -104.77
C PRO T 136 64.31 11.91 -104.52
N SER T 137 64.38 13.10 -105.10
CA SER T 137 65.53 13.99 -105.02
C SER T 137 66.91 13.29 -104.85
N SER T 138 67.92 14.15 -104.69
CA SER T 138 69.26 13.83 -104.18
C SER T 138 70.22 13.59 -105.32
N LYS T 139 69.63 13.16 -106.45
CA LYS T 139 70.23 12.67 -107.73
C LYS T 139 71.09 11.34 -107.71
N SER T 140 72.39 11.44 -108.10
CA SER T 140 73.36 10.30 -108.07
C SER T 140 73.87 9.87 -106.62
N THR T 141 72.88 9.42 -105.82
CA THR T 141 72.90 9.32 -104.33
C THR T 141 72.44 7.95 -103.86
N SER T 142 73.25 6.90 -104.13
CA SER T 142 72.90 5.44 -104.05
C SER T 142 72.05 4.88 -105.26
N GLY T 143 72.72 4.64 -106.41
CA GLY T 143 72.15 3.95 -107.56
C GLY T 143 71.56 2.57 -107.25
N GLY T 144 70.60 2.55 -106.29
CA GLY T 144 70.03 1.36 -105.65
C GLY T 144 68.62 1.53 -105.10
N THR T 145 68.42 2.37 -104.09
CA THR T 145 67.04 2.54 -103.60
C THR T 145 66.47 3.96 -103.46
N ALA T 146 65.15 4.05 -103.48
CA ALA T 146 64.47 5.26 -103.88
C ALA T 146 63.91 5.90 -102.68
N ALA T 147 62.57 6.05 -102.76
CA ALA T 147 61.70 6.65 -101.73
C ALA T 147 61.22 7.95 -102.21
N LEU T 148 59.91 8.06 -102.17
CA LEU T 148 59.15 9.24 -102.58
C LEU T 148 57.73 8.88 -102.24
N GLY T 149 56.86 9.88 -102.17
CA GLY T 149 55.49 9.65 -101.80
C GLY T 149 54.76 10.94 -101.90
N CYS T 150 53.46 10.84 -101.70
CA CYS T 150 52.59 12.02 -101.63
C CYS T 150 52.47 12.49 -100.18
N LEU T 151 52.37 13.80 -99.96
CA LEU T 151 51.90 14.28 -98.65
C LEU T 151 50.44 14.72 -98.71
N VAL T 152 49.52 13.90 -98.29
CA VAL T 152 48.12 14.30 -98.15
C VAL T 152 47.74 14.99 -96.82
N LYS T 153 48.17 16.24 -96.69
CA LYS T 153 47.97 16.98 -95.49
C LYS T 153 46.75 17.78 -95.72
N ASP T 154 45.63 17.43 -95.08
CA ASP T 154 44.68 18.45 -94.54
C ASP T 154 43.21 18.38 -94.81
N TYR T 155 42.59 17.25 -94.55
CA TYR T 155 41.19 17.08 -94.96
C TYR T 155 40.28 16.75 -93.85
N PHE T 156 39.01 16.53 -94.12
CA PHE T 156 38.11 16.15 -93.03
C PHE T 156 37.00 15.44 -93.68
N PRO T 157 36.40 14.44 -93.04
CA PRO T 157 36.88 13.76 -91.85
C PRO T 157 37.89 12.78 -92.33
N GLU T 158 38.15 11.66 -91.64
CA GLU T 158 39.00 10.63 -92.27
C GLU T 158 37.93 9.80 -92.97
N PRO T 159 38.26 8.96 -93.97
CA PRO T 159 39.58 8.84 -94.62
C PRO T 159 39.74 9.03 -96.17
N VAL T 160 40.82 9.73 -96.48
CA VAL T 160 41.66 9.51 -97.64
C VAL T 160 42.11 8.03 -97.83
N THR T 161 41.92 7.45 -99.03
CA THR T 161 42.77 6.34 -99.50
C THR T 161 43.88 6.76 -100.44
N VAL T 162 45.07 6.12 -100.35
CA VAL T 162 46.06 6.36 -101.37
C VAL T 162 46.41 5.14 -102.14
N SER T 163 47.14 5.29 -103.27
CA SER T 163 47.52 4.21 -104.21
C SER T 163 48.42 4.82 -105.27
N TRP T 164 49.05 3.96 -106.05
CA TRP T 164 50.13 4.40 -106.92
C TRP T 164 50.15 3.70 -108.27
N ASN T 165 50.43 4.49 -109.31
CA ASN T 165 50.43 4.04 -110.70
C ASN T 165 49.17 3.24 -110.91
N SER T 166 48.11 3.74 -110.27
CA SER T 166 46.69 3.38 -110.46
C SER T 166 46.30 1.95 -110.16
N GLY T 167 47.03 1.37 -109.16
CA GLY T 167 46.87 -0.03 -108.78
C GLY T 167 47.93 -1.10 -109.15
N ALA T 168 48.83 -0.81 -110.13
CA ALA T 168 50.19 -1.41 -110.25
C ALA T 168 50.92 -1.36 -108.91
N LEU T 169 52.17 -0.92 -108.93
CA LEU T 169 52.88 -0.54 -107.71
C LEU T 169 52.14 -0.88 -106.46
N THR T 170 52.54 -1.96 -105.82
CA THR T 170 52.08 -2.16 -104.45
C THR T 170 53.20 -2.64 -103.58
N SER T 171 54.09 -3.39 -104.21
CA SER T 171 55.01 -4.18 -103.46
C SER T 171 56.08 -3.22 -102.92
N GLY T 172 55.77 -2.49 -101.86
CA GLY T 172 56.73 -1.57 -101.25
C GLY T 172 56.30 -0.26 -100.58
N VAL T 173 55.02 -0.04 -100.72
CA VAL T 173 54.34 1.12 -100.21
C VAL T 173 54.13 1.03 -98.69
N HIS T 174 53.98 2.18 -98.09
CA HIS T 174 53.20 2.23 -96.88
C HIS T 174 52.41 3.53 -96.84
N THR T 175 51.11 3.50 -96.47
CA THR T 175 50.50 4.78 -96.18
C THR T 175 50.40 4.88 -94.72
N PHE T 176 50.93 5.92 -94.08
CA PHE T 176 51.06 5.71 -92.62
C PHE T 176 49.72 6.06 -92.06
N PRO T 177 49.39 5.74 -90.83
CA PRO T 177 48.16 6.28 -90.28
C PRO T 177 48.16 7.75 -90.15
N ALA T 178 46.98 8.27 -90.49
CA ALA T 178 46.54 9.68 -90.38
C ALA T 178 46.89 10.31 -89.02
N VAL T 179 47.08 11.62 -88.94
CA VAL T 179 47.33 12.28 -87.65
C VAL T 179 46.39 13.42 -87.49
N LEU T 180 46.18 13.86 -86.28
CA LEU T 180 45.28 14.96 -86.18
C LEU T 180 46.07 16.17 -85.77
N GLN T 181 46.04 17.17 -86.62
CA GLN T 181 46.87 18.30 -86.37
C GLN T 181 46.18 19.40 -85.58
N SER T 182 47.00 20.24 -84.99
CA SER T 182 46.55 21.47 -84.32
C SER T 182 45.26 22.11 -84.83
N SER T 183 44.99 21.94 -86.12
CA SER T 183 43.94 22.72 -86.74
C SER T 183 42.65 21.98 -86.62
N GLY T 184 42.71 20.68 -86.56
CA GLY T 184 41.49 19.95 -86.38
C GLY T 184 41.34 19.22 -87.68
N LEU T 185 42.23 19.47 -88.63
CA LEU T 185 42.14 18.92 -89.99
C LEU T 185 43.14 17.75 -90.12
N TYR T 186 42.74 16.62 -90.73
CA TYR T 186 43.60 15.40 -90.76
C TYR T 186 44.83 15.50 -91.58
N SER T 187 45.58 14.42 -91.79
CA SER T 187 46.88 14.52 -92.52
C SER T 187 47.79 13.32 -92.42
N LEU T 188 48.32 12.96 -93.58
CA LEU T 188 49.13 11.74 -93.69
C LEU T 188 49.94 11.77 -95.04
N SER T 189 50.68 10.67 -95.31
CA SER T 189 51.75 10.60 -96.32
C SER T 189 51.90 9.15 -96.72
N SER T 190 51.64 8.81 -97.98
CA SER T 190 52.15 7.55 -98.47
C SER T 190 53.63 7.63 -99.03
N VAL T 191 54.44 6.60 -98.92
CA VAL T 191 55.78 6.67 -99.52
C VAL T 191 55.88 5.33 -100.21
N VAL T 192 57.06 5.08 -100.84
CA VAL T 192 57.44 3.80 -101.47
C VAL T 192 58.87 3.84 -102.03
N THR T 193 59.57 2.74 -101.79
CA THR T 193 60.94 2.61 -102.20
C THR T 193 60.95 1.83 -103.49
N VAL T 194 61.55 2.44 -104.51
CA VAL T 194 61.65 1.80 -105.81
C VAL T 194 63.01 1.11 -105.96
N PRO T 195 63.44 0.87 -107.17
CA PRO T 195 64.85 0.76 -107.48
C PRO T 195 65.53 2.01 -108.08
N SER T 196 65.56 3.12 -107.36
CA SER T 196 66.43 4.28 -107.65
C SER T 196 66.77 4.54 -109.09
N SER T 197 67.09 3.46 -109.81
CA SER T 197 67.58 3.53 -111.20
C SER T 197 66.45 3.66 -112.26
N SER T 198 65.24 3.89 -111.74
CA SER T 198 64.01 3.98 -112.51
C SER T 198 63.61 5.44 -112.73
N LEU T 199 64.59 6.34 -112.61
CA LEU T 199 64.27 7.77 -112.47
C LEU T 199 64.53 8.65 -113.68
N GLY T 200 63.53 9.45 -114.07
CA GLY T 200 63.51 10.08 -115.39
C GLY T 200 62.92 9.10 -116.43
N THR T 201 62.98 7.79 -116.08
CA THR T 201 62.61 6.62 -116.91
C THR T 201 61.35 5.86 -116.40
N GLN T 202 60.85 6.19 -115.22
CA GLN T 202 59.54 5.65 -114.84
C GLN T 202 58.79 6.72 -114.09
N THR T 203 57.69 7.16 -114.71
CA THR T 203 56.83 8.20 -114.16
C THR T 203 55.91 7.64 -113.07
N TYR T 204 55.97 8.20 -111.85
CA TYR T 204 55.20 7.68 -110.75
C TYR T 204 54.05 8.56 -110.26
N ILE T 205 52.86 8.01 -110.10
CA ILE T 205 51.77 8.86 -109.67
C ILE T 205 51.10 8.29 -108.42
N CYS T 206 50.48 9.15 -107.63
CA CYS T 206 49.61 8.63 -106.60
C CYS T 206 48.21 9.05 -106.79
N ASN T 207 47.33 8.34 -106.07
CA ASN T 207 45.90 8.52 -106.22
C ASN T 207 45.20 8.53 -104.82
N VAL T 208 45.31 9.74 -104.26
CA VAL T 208 44.53 10.21 -103.15
C VAL T 208 43.07 10.17 -103.46
N ASN T 209 42.36 9.40 -102.67
CA ASN T 209 40.96 9.50 -102.84
C ASN T 209 40.17 9.82 -101.60
N HIS T 210 39.80 11.09 -101.40
CA HIS T 210 39.02 11.49 -100.24
C HIS T 210 37.48 11.59 -100.40
N LYS T 211 36.80 10.47 -100.14
CA LYS T 211 35.38 10.27 -100.46
C LYS T 211 34.42 11.36 -100.04
N PRO T 212 34.32 11.70 -98.76
CA PRO T 212 33.09 12.38 -98.35
C PRO T 212 33.20 13.80 -98.88
N SER T 213 34.41 14.12 -99.37
CA SER T 213 34.60 15.33 -100.15
C SER T 213 34.24 15.19 -101.61
N ASN T 214 33.98 13.96 -102.09
CA ASN T 214 34.25 13.53 -103.50
C ASN T 214 35.47 14.27 -103.97
N THR T 215 36.64 13.70 -103.84
CA THR T 215 37.75 14.51 -104.20
C THR T 215 38.77 13.49 -104.58
N LYS T 216 39.00 13.31 -105.88
CA LYS T 216 40.01 12.33 -106.20
C LYS T 216 41.13 13.10 -106.72
N VAL T 217 42.25 13.04 -106.04
CA VAL T 217 43.49 13.48 -106.66
C VAL T 217 44.58 12.40 -106.87
N ASP T 218 45.01 12.34 -108.14
CA ASP T 218 46.25 11.71 -108.61
C ASP T 218 47.30 12.82 -108.67
N LYS T 219 48.51 12.58 -108.11
CA LYS T 219 49.64 13.52 -108.30
C LYS T 219 50.96 12.88 -108.80
N LYS T 220 51.50 13.45 -109.88
CA LYS T 220 52.77 12.99 -110.43
C LYS T 220 53.87 13.35 -109.41
N VAL T 221 55.03 12.70 -109.53
CA VAL T 221 56.14 12.84 -108.60
C VAL T 221 57.49 12.92 -109.33
N GLU T 222 58.16 14.05 -109.21
CA GLU T 222 59.37 14.27 -110.00
C GLU T 222 60.52 14.75 -109.17
N PRO T 223 61.74 14.31 -109.45
CA PRO T 223 62.91 14.92 -108.82
C PRO T 223 62.93 16.36 -109.28
N LYS T 224 63.70 17.28 -108.68
CA LYS T 224 63.73 18.68 -109.17
C LYS T 224 64.93 18.98 -110.13
N SER T 225 65.21 20.27 -110.39
CA SER T 225 66.56 20.70 -110.82
C SER T 225 66.81 22.20 -110.61
N GLU U 1 23.40 -8.46 -79.54
CA GLU U 1 24.78 -8.44 -78.89
C GLU U 1 24.98 -7.08 -78.32
N VAL U 2 25.61 -6.95 -77.20
CA VAL U 2 25.60 -5.61 -76.66
C VAL U 2 26.49 -4.45 -77.33
N GLN U 3 25.99 -3.22 -77.52
CA GLN U 3 27.04 -2.21 -77.68
C GLN U 3 27.06 -0.89 -76.92
N LEU U 4 28.23 -0.27 -76.90
CA LEU U 4 28.42 1.10 -76.43
C LEU U 4 29.00 2.10 -77.53
N VAL U 5 28.71 3.40 -77.42
CA VAL U 5 29.22 4.38 -78.33
C VAL U 5 29.58 5.58 -77.54
N GLU U 6 30.87 5.92 -77.54
CA GLU U 6 31.29 7.20 -77.03
C GLU U 6 31.09 8.27 -78.07
N SER U 7 30.47 9.38 -77.68
CA SER U 7 30.52 10.55 -78.52
C SER U 7 30.72 11.80 -77.68
N GLY U 8 31.76 12.55 -78.12
CA GLY U 8 32.12 13.90 -77.71
C GLY U 8 33.54 14.36 -77.98
N GLY U 9 34.43 13.43 -78.21
CA GLY U 9 35.79 13.79 -78.52
C GLY U 9 36.05 14.94 -79.48
N GLY U 10 37.31 15.40 -79.52
CA GLY U 10 37.82 16.44 -80.43
C GLY U 10 38.88 17.25 -79.69
N LEU U 11 39.06 18.56 -80.09
CA LEU U 11 40.09 19.47 -79.45
C LEU U 11 39.74 20.45 -78.30
N VAL U 12 40.65 20.48 -77.33
CA VAL U 12 40.56 21.36 -76.19
C VAL U 12 41.96 21.97 -76.02
N LYS U 13 42.01 23.25 -75.73
CA LYS U 13 43.24 23.92 -75.49
C LYS U 13 43.29 23.78 -74.01
N ALA U 14 44.49 23.77 -73.43
CA ALA U 14 44.63 23.44 -71.98
C ALA U 14 43.87 24.43 -71.20
N GLY U 15 43.00 23.95 -70.37
CA GLY U 15 42.13 24.83 -69.60
C GLY U 15 40.70 24.60 -70.04
N GLY U 16 40.55 24.36 -71.32
CA GLY U 16 39.32 23.74 -71.76
C GLY U 16 38.29 23.05 -70.84
N SER U 17 37.21 22.64 -71.50
CA SER U 17 36.21 21.79 -70.92
C SER U 17 35.77 20.99 -72.08
N LEU U 18 35.08 19.91 -71.79
CA LEU U 18 34.53 19.05 -72.79
C LEU U 18 33.90 18.13 -71.92
N ILE U 19 32.56 18.16 -71.98
CA ILE U 19 31.69 17.13 -71.44
C ILE U 19 31.85 16.10 -72.55
N LEU U 20 31.81 14.77 -72.29
CA LEU U 20 31.84 13.71 -73.36
C LEU U 20 30.56 12.95 -73.11
N SER U 21 30.12 12.03 -73.99
CA SER U 21 28.98 11.17 -73.59
C SER U 21 28.88 9.86 -74.34
N CYS U 22 27.87 9.10 -74.02
CA CYS U 22 28.01 7.67 -74.17
C CYS U 22 26.67 7.03 -73.96
N GLY U 23 26.22 6.28 -74.96
CA GLY U 23 24.99 5.52 -74.79
C GLY U 23 24.97 4.20 -75.55
N VAL U 24 23.97 3.37 -75.28
CA VAL U 24 24.13 1.98 -75.60
C VAL U 24 23.29 1.56 -76.76
N SER U 25 23.17 0.23 -76.89
CA SER U 25 22.26 -0.45 -77.81
C SER U 25 22.25 -1.85 -77.21
N ASN U 26 21.04 -2.33 -76.95
CA ASN U 26 20.78 -3.67 -76.47
C ASN U 26 20.96 -3.99 -74.96
N PHE U 27 20.94 -2.99 -74.08
CA PHE U 27 20.86 -3.34 -72.67
C PHE U 27 20.55 -2.20 -71.63
N ARG U 28 19.30 -1.92 -71.28
CA ARG U 28 19.07 -0.83 -70.29
C ARG U 28 20.25 -0.63 -69.19
N ILE U 29 21.02 0.49 -69.22
CA ILE U 29 22.25 0.67 -68.42
C ILE U 29 22.04 0.73 -66.91
N SER U 30 20.76 0.71 -66.54
CA SER U 30 20.32 0.91 -65.18
C SER U 30 20.64 -0.20 -64.21
N ALA U 31 20.96 -1.40 -64.64
CA ALA U 31 21.38 -2.30 -63.60
C ALA U 31 22.87 -2.30 -63.41
N HIS U 32 23.58 -1.25 -63.73
CA HIS U 32 24.92 -1.54 -64.08
C HIS U 32 25.81 -0.42 -63.79
N THR U 33 26.90 -0.73 -63.09
CA THR U 33 27.89 0.32 -62.85
C THR U 33 28.53 0.88 -64.19
N MET U 34 28.55 2.16 -64.43
CA MET U 34 29.10 2.65 -65.73
C MET U 34 30.39 3.35 -65.55
N ASN U 35 31.35 3.05 -66.41
CA ASN U 35 32.77 3.53 -66.20
C ASN U 35 33.42 4.06 -67.36
N TRP U 36 34.20 5.13 -67.17
CA TRP U 36 35.04 5.73 -68.27
C TRP U 36 36.47 5.36 -68.07
N VAL U 37 37.13 4.97 -69.14
CA VAL U 37 38.56 4.84 -69.01
C VAL U 37 39.33 5.32 -70.25
N ARG U 38 40.61 5.59 -70.10
CA ARG U 38 41.21 6.10 -71.26
C ARG U 38 42.42 5.40 -71.56
N ARG U 39 42.83 5.55 -72.83
CA ARG U 39 44.13 5.04 -73.25
C ARG U 39 45.15 6.08 -73.66
N VAL U 40 46.13 6.33 -72.86
CA VAL U 40 47.17 7.25 -73.33
C VAL U 40 48.02 6.84 -74.59
N PRO U 41 48.67 7.79 -75.26
CA PRO U 41 49.70 7.43 -76.27
C PRO U 41 50.84 6.55 -75.68
N GLY U 42 51.26 5.49 -76.39
CA GLY U 42 52.21 4.54 -75.76
C GLY U 42 51.51 3.93 -74.54
N GLY U 43 50.88 2.80 -74.82
CA GLY U 43 49.45 2.84 -74.72
C GLY U 43 48.81 2.01 -73.72
N GLY U 44 48.80 2.52 -72.49
CA GLY U 44 48.17 1.85 -71.38
C GLY U 44 46.82 2.40 -71.05
N LEU U 45 46.24 1.72 -70.07
CA LEU U 45 44.89 2.20 -69.74
C LEU U 45 44.84 2.88 -68.40
N GLU U 46 44.12 3.97 -68.28
CA GLU U 46 43.92 4.55 -67.00
C GLU U 46 42.42 4.50 -66.69
N TRP U 47 42.11 3.98 -65.52
CA TRP U 47 40.73 4.12 -65.08
C TRP U 47 40.53 5.55 -64.73
N VAL U 48 39.38 6.09 -65.06
CA VAL U 48 39.20 7.52 -64.83
C VAL U 48 38.06 7.72 -63.80
N ALA U 49 36.89 7.14 -64.07
CA ALA U 49 35.78 7.32 -63.14
C ALA U 49 34.82 6.15 -63.24
N SER U 50 34.19 5.79 -62.10
CA SER U 50 32.97 5.06 -62.29
C SER U 50 31.76 5.69 -61.62
N ILE U 51 30.54 5.34 -62.06
CA ILE U 51 29.32 5.72 -61.34
C ILE U 51 28.40 4.56 -61.07
N SER U 52 28.30 4.27 -59.80
CA SER U 52 27.55 3.07 -59.32
C SER U 52 26.06 3.13 -59.72
N THR U 53 25.32 2.09 -59.36
CA THR U 53 23.96 2.01 -59.85
C THR U 53 23.25 3.05 -59.00
N SER U 54 22.00 3.38 -59.33
CA SER U 54 21.21 4.52 -58.79
C SER U 54 21.99 5.80 -58.36
N SER U 55 23.16 5.98 -59.02
CA SER U 55 24.03 7.12 -58.94
C SER U 55 24.57 7.33 -57.59
N THR U 56 24.75 6.19 -56.88
CA THR U 56 24.98 6.13 -55.41
C THR U 56 26.41 6.43 -55.02
N TYR U 57 27.36 6.16 -55.91
CA TYR U 57 28.76 6.49 -55.68
C TYR U 57 29.38 6.98 -56.94
N ARG U 58 30.02 8.11 -56.90
CA ARG U 58 30.85 8.39 -58.05
C ARG U 58 32.24 8.29 -57.44
N ASP U 59 33.27 8.00 -58.22
CA ASP U 59 34.67 7.90 -57.72
C ASP U 59 35.50 8.22 -58.88
N TYR U 60 36.66 8.79 -58.71
CA TYR U 60 37.39 9.25 -59.90
C TYR U 60 38.79 8.90 -59.48
N ALA U 61 39.72 8.95 -60.42
CA ALA U 61 41.12 8.74 -60.19
C ALA U 61 41.76 9.96 -59.62
N ASP U 62 42.71 9.81 -58.72
CA ASP U 62 43.26 10.98 -58.21
C ASP U 62 43.77 12.00 -59.15
N ALA U 63 44.33 11.60 -60.29
CA ALA U 63 44.64 12.59 -61.34
C ALA U 63 43.47 13.31 -61.93
N VAL U 64 42.25 12.82 -61.74
CA VAL U 64 41.22 13.70 -62.33
C VAL U 64 40.28 14.22 -61.31
N LYS U 65 40.49 13.79 -60.06
CA LYS U 65 39.63 14.24 -58.95
C LYS U 65 39.32 15.73 -59.10
N GLY U 66 38.07 16.07 -59.19
CA GLY U 66 37.81 17.46 -58.97
C GLY U 66 37.97 18.38 -60.16
N ARG U 67 38.11 17.85 -61.38
CA ARG U 67 38.36 18.61 -62.55
C ARG U 67 37.33 17.97 -63.44
N PHE U 68 36.75 16.79 -62.99
CA PHE U 68 35.87 15.90 -63.89
C PHE U 68 34.68 15.34 -63.24
N THR U 69 33.51 15.43 -63.85
CA THR U 69 32.34 14.85 -63.19
C THR U 69 31.75 13.77 -64.08
N VAL U 70 31.21 12.71 -63.47
CA VAL U 70 30.57 11.62 -64.21
C VAL U 70 29.12 11.66 -63.78
N SER U 71 28.24 11.33 -64.73
CA SER U 71 26.77 11.56 -64.56
C SER U 71 26.09 10.45 -65.32
N ARG U 72 24.92 10.07 -64.81
CA ARG U 72 24.23 8.94 -65.41
C ARG U 72 22.74 9.26 -65.56
N ASP U 73 22.21 9.05 -66.77
CA ASP U 73 20.77 9.20 -67.07
C ASP U 73 20.19 7.85 -67.40
N ASP U 74 19.63 7.13 -66.43
CA ASP U 74 19.11 5.81 -66.85
C ASP U 74 17.75 5.91 -67.49
N LEU U 75 17.05 7.00 -67.46
CA LEU U 75 15.76 6.77 -68.05
C LEU U 75 15.96 6.83 -69.52
N GLU U 76 16.92 7.60 -69.99
CA GLU U 76 17.10 7.63 -71.39
C GLU U 76 18.22 6.83 -71.84
N ASP U 77 18.97 6.21 -70.92
CA ASP U 77 20.21 5.44 -71.14
C ASP U 77 21.38 6.17 -71.71
N PHE U 78 22.03 7.04 -70.92
CA PHE U 78 23.35 7.56 -71.26
C PHE U 78 24.14 7.86 -70.00
N VAL U 79 25.39 8.15 -70.17
CA VAL U 79 26.21 8.38 -69.03
C VAL U 79 27.13 9.40 -69.68
N TYR U 80 27.53 10.44 -68.90
CA TYR U 80 28.18 11.66 -69.35
C TYR U 80 29.58 11.87 -68.71
N LEU U 81 30.50 12.54 -69.40
CA LEU U 81 31.69 12.86 -68.66
C LEU U 81 32.10 14.35 -68.79
N GLN U 82 31.91 15.18 -67.77
CA GLN U 82 32.30 16.56 -67.90
C GLN U 82 33.77 16.52 -67.68
N MET U 83 34.67 16.88 -68.59
CA MET U 83 36.01 17.24 -68.12
C MET U 83 36.26 18.70 -68.21
N HIS U 84 36.85 19.22 -67.15
CA HIS U 84 37.31 20.59 -67.06
C HIS U 84 38.75 20.88 -66.64
N LYS U 85 39.02 22.15 -66.53
CA LYS U 85 40.32 22.67 -66.33
C LYS U 85 41.25 21.77 -67.04
N MET U 86 40.95 21.33 -68.23
CA MET U 86 41.71 20.17 -68.74
C MET U 86 43.23 20.36 -68.95
N ARG U 87 44.01 19.26 -68.89
CA ARG U 87 45.55 19.34 -68.88
C ARG U 87 46.19 18.53 -70.02
N VAL U 88 47.42 18.81 -70.39
CA VAL U 88 47.85 18.10 -71.57
C VAL U 88 47.55 16.69 -71.49
N GLU U 89 48.14 16.03 -70.50
CA GLU U 89 48.02 14.61 -70.35
C GLU U 89 46.57 14.13 -70.05
N ASP U 90 45.56 14.83 -70.51
CA ASP U 90 44.26 14.21 -70.53
C ASP U 90 44.14 13.63 -71.95
N THR U 91 45.27 13.61 -72.68
CA THR U 91 45.08 13.31 -74.06
C THR U 91 45.03 11.81 -74.21
N ALA U 92 43.85 11.22 -74.48
CA ALA U 92 43.76 9.78 -74.84
C ALA U 92 42.61 9.38 -75.80
N ILE U 93 42.51 8.13 -76.23
CA ILE U 93 41.17 7.65 -76.63
C ILE U 93 40.37 7.38 -75.30
N TYR U 94 39.08 7.77 -75.28
CA TYR U 94 38.29 7.64 -74.07
C TYR U 94 37.22 6.60 -74.27
N TYR U 95 37.06 5.62 -73.40
CA TYR U 95 36.00 4.71 -73.63
C TYR U 95 35.19 4.60 -72.35
N CYS U 96 33.84 4.36 -72.48
CA CYS U 96 33.08 3.87 -71.31
C CYS U 96 32.88 2.39 -71.36
N ALA U 97 32.94 1.76 -70.18
CA ALA U 97 32.97 0.33 -70.10
C ALA U 97 31.85 -0.03 -69.18
N ARG U 98 31.09 -1.05 -69.54
CA ARG U 98 30.11 -1.53 -68.67
C ARG U 98 30.70 -2.33 -67.48
N LYS U 99 30.02 -2.37 -66.35
CA LYS U 99 30.67 -3.16 -65.43
C LYS U 99 29.93 -4.40 -65.14
N GLY U 100 28.74 -4.67 -65.60
CA GLY U 100 28.46 -6.13 -65.35
C GLY U 100 29.39 -7.35 -65.80
N SER U 101 29.29 -8.51 -65.21
CA SER U 101 29.50 -9.73 -66.03
C SER U 101 28.24 -10.62 -66.08
N ASP U 102 28.28 -11.93 -66.30
CA ASP U 102 26.96 -12.48 -66.60
C ASP U 102 25.92 -12.69 -65.47
N ARG U 103 26.03 -13.75 -64.65
CA ARG U 103 25.43 -13.75 -63.31
C ARG U 103 26.09 -12.55 -62.57
N LEU U 104 25.27 -11.51 -62.29
CA LEU U 104 25.80 -10.17 -61.96
C LEU U 104 26.11 -10.11 -60.49
N SER U 105 27.29 -9.63 -60.10
CA SER U 105 27.73 -9.65 -58.70
C SER U 105 28.34 -8.35 -58.14
N ASP U 106 28.04 -7.92 -56.93
CA ASP U 106 28.66 -6.63 -56.52
C ASP U 106 30.12 -6.32 -56.84
N ASN U 107 30.81 -7.16 -57.62
CA ASN U 107 32.11 -6.84 -58.25
C ASN U 107 32.33 -7.72 -59.54
N ASP U 108 31.78 -7.36 -60.68
CA ASP U 108 32.17 -8.06 -61.91
C ASP U 108 33.25 -7.26 -62.74
N PRO U 109 33.76 -7.70 -63.84
CA PRO U 109 34.71 -6.85 -64.51
C PRO U 109 34.17 -6.15 -65.69
N PHE U 110 35.01 -5.61 -66.52
CA PHE U 110 34.45 -4.78 -67.55
C PHE U 110 34.20 -5.57 -68.84
N ASP U 111 32.93 -5.96 -69.08
CA ASP U 111 32.60 -6.84 -70.17
C ASP U 111 32.21 -6.14 -71.50
N ALA U 112 32.20 -4.81 -71.57
CA ALA U 112 31.69 -4.21 -72.81
C ALA U 112 32.39 -2.92 -73.19
N TRP U 113 32.64 -2.58 -74.44
CA TRP U 113 33.24 -1.28 -74.48
C TRP U 113 32.81 -0.61 -75.78
N GLY U 114 32.66 0.71 -75.69
CA GLY U 114 32.66 1.49 -76.87
C GLY U 114 34.05 1.45 -77.47
N PRO U 115 34.05 1.84 -78.71
CA PRO U 115 35.28 1.88 -79.50
C PRO U 115 36.08 3.12 -79.16
N GLY U 116 35.57 3.88 -78.22
CA GLY U 116 36.35 4.97 -77.72
C GLY U 116 36.12 6.27 -78.48
N THR U 117 36.35 7.44 -77.86
CA THR U 117 36.36 8.65 -78.59
C THR U 117 37.67 9.43 -78.41
N VAL U 118 38.12 10.10 -79.46
CA VAL U 118 39.44 10.71 -79.29
C VAL U 118 39.43 12.12 -78.67
N VAL U 119 40.24 12.28 -77.64
CA VAL U 119 40.28 13.56 -76.94
C VAL U 119 41.72 14.07 -76.83
N THR U 120 41.84 15.37 -77.03
CA THR U 120 43.17 15.82 -77.32
C THR U 120 43.43 17.30 -76.95
N VAL U 121 44.44 17.42 -76.06
CA VAL U 121 44.64 18.64 -75.31
C VAL U 121 45.96 19.21 -75.64
N SER U 122 45.97 20.27 -76.45
CA SER U 122 47.20 21.00 -76.82
C SER U 122 47.55 21.97 -75.69
N PRO U 123 48.82 22.03 -75.24
CA PRO U 123 49.19 22.92 -74.13
C PRO U 123 49.02 24.43 -74.38
N ALA U 124 49.35 24.90 -75.59
CA ALA U 124 49.33 26.30 -75.88
C ALA U 124 48.00 26.60 -75.26
N SER U 125 47.97 27.40 -74.20
CA SER U 125 46.73 27.48 -73.43
C SER U 125 46.16 28.88 -73.48
N THR U 126 46.78 29.67 -74.34
CA THR U 126 46.65 31.10 -74.35
C THR U 126 47.69 31.57 -75.38
N LYS U 127 47.24 32.33 -76.37
CA LYS U 127 48.14 32.88 -77.35
C LYS U 127 47.82 34.32 -77.64
N GLY U 128 48.91 35.06 -77.74
CA GLY U 128 48.83 36.46 -78.11
C GLY U 128 48.27 36.76 -79.47
N PRO U 129 47.91 38.01 -79.63
CA PRO U 129 47.43 38.52 -80.90
C PRO U 129 48.56 38.85 -81.86
N SER U 130 48.19 38.82 -83.14
CA SER U 130 49.03 39.31 -84.24
C SER U 130 48.36 40.56 -84.77
N VAL U 131 49.11 41.64 -85.02
CA VAL U 131 48.50 42.98 -85.11
C VAL U 131 48.73 43.81 -86.41
N PHE U 132 47.71 43.90 -87.26
CA PHE U 132 48.00 44.28 -88.63
C PHE U 132 47.14 45.47 -88.88
N PRO U 133 47.69 46.54 -89.52
CA PRO U 133 47.03 47.87 -89.50
C PRO U 133 45.75 47.86 -90.35
N LEU U 134 45.21 49.17 -90.40
CA LEU U 134 44.06 49.56 -91.26
C LEU U 134 44.15 51.01 -91.97
N ALA U 135 44.65 50.97 -93.21
CA ALA U 135 45.29 52.11 -93.86
C ALA U 135 44.70 53.56 -93.71
N PRO U 136 45.42 54.46 -92.97
CA PRO U 136 45.09 55.90 -92.96
C PRO U 136 44.50 56.24 -94.28
N SER U 137 45.36 56.16 -95.31
CA SER U 137 44.94 55.83 -96.65
C SER U 137 44.40 56.97 -97.41
N SER U 138 44.24 56.72 -98.71
CA SER U 138 43.73 57.69 -99.63
C SER U 138 44.75 58.81 -99.60
N LYS U 139 45.63 58.75 -100.59
CA LYS U 139 46.09 60.00 -101.15
C LYS U 139 44.72 60.66 -101.46
N SER U 140 44.28 60.52 -102.73
CA SER U 140 43.03 61.12 -103.27
C SER U 140 42.94 62.65 -103.08
N THR U 141 42.09 63.04 -102.13
CA THR U 141 42.26 64.29 -101.42
C THR U 141 41.79 64.04 -99.97
N SER U 142 41.66 65.12 -99.23
CA SER U 142 40.97 65.10 -97.91
C SER U 142 40.98 66.48 -97.18
N GLY U 143 40.32 67.49 -97.81
CA GLY U 143 39.82 68.64 -97.08
C GLY U 143 38.71 68.35 -96.04
N GLY U 144 38.51 67.08 -95.62
CA GLY U 144 37.44 66.67 -94.69
C GLY U 144 37.83 66.00 -93.37
N THR U 145 37.75 64.66 -93.36
CA THR U 145 38.10 63.72 -92.23
C THR U 145 38.41 62.27 -92.64
N ALA U 146 39.46 61.67 -92.05
CA ALA U 146 39.89 60.30 -92.42
C ALA U 146 39.17 59.23 -91.63
N ALA U 147 39.88 58.13 -91.39
CA ALA U 147 39.44 56.99 -90.61
C ALA U 147 40.66 56.16 -90.73
N LEU U 148 41.09 55.54 -89.62
CA LEU U 148 42.22 54.56 -89.58
C LEU U 148 42.25 53.65 -88.34
N GLY U 149 43.07 52.57 -88.41
CA GLY U 149 43.21 51.53 -87.37
C GLY U 149 44.26 50.37 -87.35
N CYS U 150 44.59 50.00 -86.11
CA CYS U 150 44.98 48.67 -85.62
C CYS U 150 43.94 47.55 -85.86
N LEU U 151 44.31 46.48 -86.58
CA LEU U 151 43.57 45.19 -86.50
C LEU U 151 44.29 44.18 -85.55
N VAL U 152 43.58 43.70 -84.51
CA VAL U 152 44.15 42.81 -83.46
C VAL U 152 43.72 41.37 -83.66
N LYS U 153 44.67 40.61 -84.21
CA LYS U 153 44.36 39.39 -84.92
C LYS U 153 44.90 38.07 -84.30
N ASP U 154 44.02 37.06 -84.35
CA ASP U 154 44.34 35.70 -83.98
C ASP U 154 44.80 35.68 -82.58
N TYR U 155 43.89 35.36 -81.66
CA TYR U 155 44.18 35.42 -80.18
C TYR U 155 43.16 34.65 -79.35
N PHE U 156 43.42 34.47 -78.05
CA PHE U 156 42.63 33.48 -77.26
C PHE U 156 43.26 33.24 -75.95
N PRO U 157 42.51 33.34 -74.84
CA PRO U 157 41.10 33.62 -74.84
C PRO U 157 40.92 35.11 -74.83
N GLU U 158 39.74 35.50 -74.43
CA GLU U 158 39.48 36.89 -74.51
C GLU U 158 39.71 37.31 -73.07
N PRO U 159 39.88 38.59 -72.82
CA PRO U 159 39.95 39.61 -73.83
C PRO U 159 41.19 40.46 -73.88
N VAL U 160 41.06 41.41 -74.78
CA VAL U 160 42.11 42.29 -75.05
C VAL U 160 41.65 43.68 -74.77
N THR U 161 42.59 44.49 -74.30
CA THR U 161 42.30 45.89 -74.03
C THR U 161 43.21 46.76 -74.85
N VAL U 162 42.56 47.72 -75.55
CA VAL U 162 43.27 48.76 -76.31
C VAL U 162 42.97 50.21 -75.91
N SER U 163 44.02 51.00 -75.87
CA SER U 163 43.85 52.43 -75.73
C SER U 163 44.76 52.90 -76.81
N TRP U 164 44.57 54.13 -77.29
CA TRP U 164 45.50 54.74 -78.25
C TRP U 164 46.35 55.81 -77.59
N ASN U 165 47.57 56.03 -78.08
CA ASN U 165 48.49 56.99 -77.45
C ASN U 165 48.34 56.95 -75.93
N SER U 166 48.36 55.74 -75.36
CA SER U 166 48.26 55.53 -73.90
C SER U 166 47.29 56.44 -73.19
N GLY U 167 46.02 56.05 -73.10
CA GLY U 167 44.99 56.95 -72.59
C GLY U 167 44.85 58.26 -73.37
N ALA U 168 45.98 58.92 -73.57
CA ALA U 168 46.02 60.30 -74.07
C ALA U 168 44.96 60.63 -75.11
N LEU U 169 44.70 59.73 -76.05
CA LEU U 169 43.67 59.97 -77.04
C LEU U 169 42.52 59.00 -76.87
N THR U 170 41.30 59.56 -76.65
CA THR U 170 40.03 58.80 -76.75
C THR U 170 39.01 59.37 -77.71
N SER U 171 38.81 60.67 -77.73
CA SER U 171 37.57 61.02 -78.41
C SER U 171 37.55 60.42 -79.82
N GLY U 172 36.65 59.49 -80.08
CA GLY U 172 36.47 59.10 -81.48
C GLY U 172 37.12 57.78 -81.88
N VAL U 173 37.44 57.01 -80.84
CA VAL U 173 38.06 55.71 -80.94
C VAL U 173 36.87 54.80 -81.02
N HIS U 174 37.03 53.59 -81.57
CA HIS U 174 36.03 52.50 -81.50
C HIS U 174 36.73 51.13 -81.45
N THR U 175 36.35 50.30 -80.47
CA THR U 175 36.78 48.88 -80.41
C THR U 175 35.53 47.91 -80.44
N PHE U 176 35.60 46.88 -81.25
CA PHE U 176 34.46 46.04 -81.50
C PHE U 176 34.36 44.78 -80.68
N PRO U 177 33.12 44.36 -80.53
CA PRO U 177 32.84 42.98 -80.27
C PRO U 177 33.99 42.16 -80.81
N ALA U 178 34.62 41.28 -80.06
CA ALA U 178 35.55 40.43 -80.79
C ALA U 178 34.74 39.35 -81.44
N VAL U 179 35.38 38.62 -82.34
CA VAL U 179 34.69 37.71 -83.27
C VAL U 179 35.35 36.36 -83.07
N LEU U 180 34.55 35.30 -82.86
CA LEU U 180 35.13 33.95 -82.96
C LEU U 180 35.47 33.52 -84.42
N GLN U 181 36.75 33.28 -84.69
CA GLN U 181 37.18 32.96 -86.06
C GLN U 181 37.00 31.48 -86.34
N SER U 182 36.31 31.14 -87.43
CA SER U 182 36.36 29.74 -87.85
C SER U 182 37.60 28.94 -87.21
N SER U 183 38.81 29.55 -87.27
CA SER U 183 40.07 28.87 -86.86
C SER U 183 40.02 28.37 -85.43
N GLY U 184 39.40 29.18 -84.59
CA GLY U 184 39.57 29.09 -83.18
C GLY U 184 39.82 30.42 -82.47
N LEU U 185 41.00 31.01 -82.67
CA LEU U 185 41.39 32.35 -82.23
C LEU U 185 40.40 33.50 -82.48
N TYR U 186 40.13 34.18 -81.40
CA TYR U 186 39.41 35.41 -81.40
C TYR U 186 40.14 36.30 -82.33
N SER U 187 39.40 37.26 -82.87
CA SER U 187 40.05 38.52 -83.25
C SER U 187 39.11 39.73 -83.26
N LEU U 188 39.67 40.91 -83.58
CA LEU U 188 38.94 42.16 -83.38
C LEU U 188 39.51 43.43 -84.12
N SER U 189 38.81 44.57 -84.16
CA SER U 189 39.54 45.70 -84.65
C SER U 189 39.36 47.00 -83.90
N SER U 190 40.42 47.86 -83.90
CA SER U 190 40.27 49.24 -83.44
C SER U 190 40.26 50.36 -84.53
N VAL U 191 39.36 51.33 -84.39
CA VAL U 191 39.29 52.36 -85.39
C VAL U 191 39.50 53.61 -84.67
N VAL U 192 40.03 54.55 -85.41
CA VAL U 192 39.97 55.91 -85.02
C VAL U 192 39.64 56.77 -86.22
N THR U 193 38.82 57.80 -85.99
CA THR U 193 38.39 58.70 -87.02
C THR U 193 39.19 59.96 -86.73
N VAL U 194 40.24 60.18 -87.52
CA VAL U 194 41.00 61.42 -87.37
C VAL U 194 41.10 62.41 -88.60
N PRO U 195 40.54 63.58 -88.46
CA PRO U 195 40.48 64.50 -89.58
C PRO U 195 41.87 64.72 -90.15
N SER U 196 41.93 64.86 -91.49
CA SER U 196 43.10 64.48 -92.31
C SER U 196 44.40 65.27 -92.10
N SER U 197 44.27 66.62 -92.08
CA SER U 197 45.40 67.49 -91.79
C SER U 197 46.27 66.85 -90.70
N SER U 198 45.58 66.24 -89.72
CA SER U 198 46.24 65.66 -88.58
C SER U 198 47.28 64.54 -88.95
N LEU U 199 46.92 63.52 -89.80
CA LEU U 199 47.81 62.35 -90.01
C LEU U 199 49.21 62.70 -90.53
N GLY U 200 50.24 62.23 -89.80
CA GLY U 200 51.63 62.20 -90.29
C GLY U 200 52.46 63.42 -89.84
N THR U 201 51.95 64.62 -90.13
CA THR U 201 52.24 65.80 -89.33
C THR U 201 51.60 65.53 -87.95
N GLN U 202 51.10 64.29 -87.75
CA GLN U 202 50.78 63.71 -86.44
C GLN U 202 50.24 62.27 -86.66
N THR U 203 51.07 61.26 -86.27
CA THR U 203 50.72 59.82 -86.33
C THR U 203 50.35 59.17 -84.97
N TYR U 204 49.95 57.91 -85.01
CA TYR U 204 49.12 57.36 -83.93
C TYR U 204 49.62 56.01 -83.37
N ILE U 205 49.15 55.65 -82.18
CA ILE U 205 49.53 54.39 -81.52
C ILE U 205 48.30 53.68 -80.85
N CYS U 206 48.39 52.36 -80.82
CA CYS U 206 47.43 51.57 -80.11
C CYS U 206 48.25 50.75 -79.23
N ASN U 207 47.76 50.61 -78.01
CA ASN U 207 48.38 49.76 -77.01
C ASN U 207 47.52 48.56 -76.78
N VAL U 208 47.64 47.64 -77.72
CA VAL U 208 47.00 46.35 -77.60
C VAL U 208 47.63 45.52 -76.53
N ASN U 209 46.86 45.35 -75.46
CA ASN U 209 47.37 44.63 -74.33
C ASN U 209 46.57 43.33 -74.01
N HIS U 210 47.15 42.16 -74.25
CA HIS U 210 46.44 40.87 -73.94
C HIS U 210 46.89 40.17 -72.60
N LYS U 211 46.15 40.35 -71.51
CA LYS U 211 46.62 39.94 -70.17
C LYS U 211 46.57 38.38 -69.78
N PRO U 212 45.82 37.57 -70.52
CA PRO U 212 45.81 36.13 -70.27
C PRO U 212 47.14 35.60 -70.64
N SER U 213 47.62 36.07 -71.77
CA SER U 213 48.89 35.64 -72.27
C SER U 213 49.87 36.51 -71.59
N ASN U 214 49.41 37.63 -71.10
CA ASN U 214 50.37 38.63 -70.74
C ASN U 214 51.06 39.07 -72.08
N THR U 215 50.69 40.20 -72.69
CA THR U 215 51.33 40.55 -73.96
C THR U 215 50.88 41.89 -74.42
N LYS U 216 51.84 42.62 -75.00
CA LYS U 216 51.80 44.07 -75.05
C LYS U 216 52.29 44.65 -76.36
N VAL U 217 51.69 44.23 -77.47
CA VAL U 217 52.00 44.86 -78.77
C VAL U 217 51.66 46.32 -78.83
N ASP U 218 52.71 47.08 -79.13
CA ASP U 218 52.53 48.45 -79.55
C ASP U 218 52.91 48.60 -81.00
N LYS U 219 52.26 49.54 -81.68
CA LYS U 219 52.60 49.85 -83.05
C LYS U 219 51.98 51.13 -83.60
N LYS U 220 52.82 51.96 -84.27
CA LYS U 220 52.34 53.09 -85.03
C LYS U 220 51.61 52.62 -86.30
N VAL U 221 50.53 53.35 -86.67
CA VAL U 221 50.00 53.47 -88.05
C VAL U 221 50.42 54.81 -88.56
N GLU U 222 50.86 54.85 -89.81
CA GLU U 222 50.95 56.11 -90.56
C GLU U 222 50.44 55.81 -91.96
N PRO U 223 50.62 56.74 -92.91
CA PRO U 223 50.29 56.54 -94.33
C PRO U 223 50.91 55.30 -95.07
N LYS U 224 50.97 55.39 -96.43
CA LYS U 224 51.59 54.31 -97.27
C LYS U 224 52.17 54.78 -98.66
N SER U 225 52.01 53.92 -99.67
CA SER U 225 52.76 53.88 -100.92
C SER U 225 53.42 55.26 -101.26
N VAL V 1 47.23 1.92 -54.34
CA VAL V 1 47.26 0.52 -55.02
C VAL V 1 47.84 0.30 -56.52
N VAL V 2 48.97 -0.41 -56.72
CA VAL V 2 49.82 -0.29 -57.94
C VAL V 2 50.11 -1.58 -58.74
N MET V 3 49.61 -1.67 -60.02
CA MET V 3 49.71 -2.96 -60.70
C MET V 3 50.89 -2.91 -61.51
N THR V 4 51.76 -3.93 -61.46
CA THR V 4 52.89 -3.96 -62.38
C THR V 4 53.10 -5.11 -63.37
N GLN V 5 52.67 -5.00 -64.67
CA GLN V 5 53.02 -6.06 -65.67
C GLN V 5 54.49 -6.08 -66.10
N SER V 6 54.94 -7.22 -66.65
CA SER V 6 56.25 -7.35 -67.31
C SER V 6 56.25 -8.63 -68.09
N PRO V 7 56.74 -8.51 -69.29
CA PRO V 7 57.64 -7.44 -69.63
C PRO V 7 56.80 -6.42 -70.25
N SER V 8 57.46 -5.34 -70.59
CA SER V 8 56.78 -4.31 -71.31
C SER V 8 56.40 -4.94 -72.60
N THR V 9 57.45 -5.64 -73.11
CA THR V 9 57.41 -6.14 -74.49
C THR V 9 57.73 -7.59 -74.75
N LEU V 10 57.27 -8.06 -75.90
CA LEU V 10 57.33 -9.45 -76.04
C LEU V 10 57.35 -9.86 -77.48
N SER V 11 58.52 -10.21 -78.00
CA SER V 11 58.60 -11.00 -79.24
C SER V 11 58.55 -12.52 -79.03
N ALA V 12 57.72 -13.16 -79.86
CA ALA V 12 57.53 -14.59 -79.91
C ALA V 12 57.08 -14.84 -81.38
N SER V 13 56.83 -16.12 -81.69
CA SER V 13 56.49 -16.67 -82.98
C SER V 13 55.23 -17.52 -82.81
N VAL V 14 54.41 -17.65 -83.87
CA VAL V 14 53.23 -18.48 -83.81
C VAL V 14 53.50 -19.77 -83.19
N GLY V 15 52.71 -20.11 -82.20
CA GLY V 15 52.85 -21.40 -81.61
C GLY V 15 53.93 -21.33 -80.56
N ASP V 16 54.83 -20.34 -80.54
CA ASP V 16 55.46 -19.99 -79.25
C ASP V 16 54.47 -20.12 -78.12
N THR V 17 54.95 -20.48 -76.93
CA THR V 17 54.08 -20.35 -75.74
C THR V 17 54.52 -19.31 -74.72
N ILE V 18 53.62 -18.50 -74.19
CA ILE V 18 54.16 -17.25 -73.63
C ILE V 18 53.45 -16.99 -72.44
N THR V 19 54.15 -16.40 -71.52
CA THR V 19 53.47 -16.04 -70.30
C THR V 19 53.86 -14.59 -69.82
N ILE V 20 52.81 -13.77 -69.70
CA ILE V 20 52.77 -12.45 -69.12
C ILE V 20 52.43 -12.46 -67.53
N THR V 21 53.06 -11.51 -66.84
CA THR V 21 53.10 -11.44 -65.36
C THR V 21 52.53 -10.11 -64.84
N CYS V 22 52.02 -10.09 -63.63
CA CYS V 22 51.27 -8.98 -63.14
C CYS V 22 51.26 -9.06 -61.65
N ARG V 23 51.56 -7.92 -61.07
CA ARG V 23 52.10 -7.93 -59.70
C ARG V 23 51.62 -6.77 -58.78
N ALA V 24 50.85 -7.11 -57.75
CA ALA V 24 50.23 -6.05 -56.95
C ALA V 24 51.06 -5.46 -55.78
N SER V 25 51.48 -4.20 -55.91
CA SER V 25 51.56 -3.31 -54.76
C SER V 25 51.21 -4.11 -53.46
N GLN V 26 49.94 -4.52 -53.25
CA GLN V 26 49.52 -5.49 -52.20
C GLN V 26 48.62 -6.56 -52.75
N SER V 27 48.15 -7.39 -51.82
CA SER V 27 47.34 -8.54 -52.17
C SER V 27 45.93 -8.10 -52.52
N ILE V 28 45.33 -8.71 -53.53
CA ILE V 28 44.10 -8.19 -54.17
C ILE V 28 43.18 -9.36 -54.43
N GLU V 29 43.45 -10.39 -53.59
CA GLU V 29 42.84 -11.69 -53.65
C GLU V 29 42.97 -12.18 -55.05
N THR V 30 41.86 -12.46 -55.69
CA THR V 30 41.93 -12.95 -57.01
C THR V 30 41.09 -11.94 -57.87
N TRP V 31 40.92 -10.70 -57.37
CA TRP V 31 40.10 -9.80 -58.18
C TRP V 31 40.98 -9.24 -59.21
N LEU V 32 41.40 -10.06 -60.16
CA LEU V 32 42.19 -9.51 -61.24
C LEU V 32 41.62 -9.88 -62.52
N ALA V 33 41.61 -9.02 -63.53
CA ALA V 33 41.21 -9.50 -64.90
C ALA V 33 42.29 -9.32 -65.96
N TRP V 34 42.20 -10.03 -67.11
CA TRP V 34 43.08 -9.65 -68.23
C TRP V 34 42.28 -9.17 -69.41
N TYR V 35 42.87 -8.35 -70.27
CA TYR V 35 42.14 -7.81 -71.42
C TYR V 35 43.09 -7.88 -72.60
N GLN V 36 42.57 -8.03 -73.78
CA GLN V 36 43.47 -7.89 -74.93
C GLN V 36 42.99 -6.73 -75.65
N GLN V 37 43.90 -6.08 -76.39
CA GLN V 37 43.52 -4.97 -77.29
C GLN V 37 44.35 -4.74 -78.48
N LYS V 38 43.70 -4.71 -79.60
CA LYS V 38 44.47 -4.43 -80.76
C LYS V 38 44.48 -2.94 -81.07
N PRO V 39 45.37 -2.46 -81.91
CA PRO V 39 45.40 -0.95 -82.14
C PRO V 39 44.13 -0.45 -82.74
N GLY V 40 43.71 0.73 -82.28
CA GLY V 40 42.45 1.25 -82.78
C GLY V 40 41.25 0.45 -82.37
N LYS V 41 41.38 -0.83 -81.97
CA LYS V 41 40.13 -1.25 -81.41
C LYS V 41 39.97 -1.10 -79.89
N ALA V 42 38.82 -1.55 -79.42
CA ALA V 42 38.38 -1.53 -78.00
C ALA V 42 39.11 -2.63 -77.34
N PRO V 43 39.33 -2.61 -76.05
CA PRO V 43 39.72 -3.87 -75.43
C PRO V 43 38.55 -4.91 -75.44
N LYS V 44 38.91 -6.21 -75.48
CA LYS V 44 38.00 -7.36 -75.18
C LYS V 44 38.43 -8.05 -73.90
N LEU V 45 37.48 -8.54 -73.12
CA LEU V 45 37.80 -9.03 -71.79
C LEU V 45 38.09 -10.48 -71.95
N LEU V 46 39.10 -10.98 -71.24
CA LEU V 46 39.56 -12.35 -71.53
C LEU V 46 39.33 -13.34 -70.40
N ILE V 47 40.00 -13.13 -69.26
CA ILE V 47 39.89 -13.96 -68.08
C ILE V 47 39.48 -12.97 -66.97
N TYR V 48 38.62 -13.41 -66.07
CA TYR V 48 38.48 -12.64 -64.82
C TYR V 48 38.63 -13.50 -63.60
N LYS V 49 38.41 -12.87 -62.47
CA LYS V 49 38.60 -13.57 -61.23
C LYS V 49 39.87 -14.35 -61.32
N ALA V 50 40.94 -13.69 -61.67
CA ALA V 50 42.22 -14.33 -61.93
C ALA V 50 42.25 -15.57 -62.82
N SER V 51 41.31 -16.51 -62.65
CA SER V 51 41.40 -17.74 -63.39
C SER V 51 40.31 -18.00 -64.30
N THR V 52 39.10 -17.43 -64.11
CA THR V 52 37.90 -17.87 -64.81
C THR V 52 37.95 -17.33 -66.19
N LEU V 53 37.55 -18.17 -67.15
CA LEU V 53 37.55 -17.67 -68.54
C LEU V 53 36.13 -17.19 -69.15
N LYS V 54 36.11 -16.08 -69.89
CA LYS V 54 34.87 -15.55 -70.43
C LYS V 54 34.43 -16.46 -71.52
N THR V 55 33.17 -16.83 -71.46
CA THR V 55 32.60 -17.59 -72.61
C THR V 55 32.88 -17.06 -74.02
N GLY V 56 33.23 -18.04 -74.84
CA GLY V 56 33.66 -17.90 -76.20
C GLY V 56 35.08 -17.37 -76.38
N VAL V 57 35.66 -16.70 -75.35
CA VAL V 57 37.12 -16.55 -75.33
C VAL V 57 37.71 -17.97 -75.58
N PRO V 58 38.62 -18.10 -76.58
CA PRO V 58 39.05 -19.41 -77.05
C PRO V 58 39.91 -20.05 -75.95
N SER V 59 40.32 -21.30 -76.03
CA SER V 59 40.93 -21.72 -74.73
C SER V 59 42.45 -21.90 -74.65
N ARG V 60 43.27 -21.08 -75.30
CA ARG V 60 44.69 -21.24 -75.15
C ARG V 60 45.12 -20.16 -74.23
N PHE V 61 44.11 -19.32 -73.98
CA PHE V 61 44.20 -18.23 -73.04
C PHE V 61 43.87 -18.66 -71.61
N SER V 62 44.76 -18.34 -70.67
CA SER V 62 44.63 -18.93 -69.31
C SER V 62 45.36 -18.13 -68.26
N GLY V 63 44.80 -18.05 -67.05
CA GLY V 63 45.35 -17.15 -66.06
C GLY V 63 45.55 -17.96 -64.78
N SER V 64 46.53 -17.54 -63.99
CA SER V 64 46.69 -18.11 -62.66
C SER V 64 47.24 -17.05 -61.68
N GLY V 65 46.94 -17.21 -60.39
CA GLY V 65 47.39 -16.24 -59.42
C GLY V 65 46.39 -15.94 -58.32
N SER V 66 46.90 -15.86 -57.10
CA SER V 66 46.20 -15.11 -56.07
C SER V 66 47.12 -14.15 -55.31
N GLY V 67 46.55 -13.15 -54.68
CA GLY V 67 47.31 -12.35 -53.78
C GLY V 67 48.05 -11.28 -54.49
N THR V 68 49.33 -11.51 -54.78
CA THR V 68 50.09 -10.44 -55.46
C THR V 68 50.83 -10.78 -56.79
N GLU V 69 50.79 -12.05 -57.24
CA GLU V 69 51.39 -12.50 -58.53
C GLU V 69 50.40 -13.05 -59.50
N PHE V 70 50.34 -12.53 -60.69
CA PHE V 70 49.33 -13.16 -61.47
C PHE V 70 50.06 -13.38 -62.74
N THR V 71 49.49 -14.19 -63.65
CA THR V 71 50.19 -14.50 -64.91
C THR V 71 49.32 -15.16 -65.87
N LEU V 72 49.21 -14.52 -67.05
CA LEU V 72 48.33 -14.93 -68.17
C LEU V 72 49.13 -15.81 -69.08
N THR V 73 48.56 -16.87 -69.68
CA THR V 73 49.42 -17.68 -70.53
C THR V 73 48.77 -17.93 -71.87
N ILE V 74 49.45 -17.44 -72.95
CA ILE V 74 49.09 -17.90 -74.29
C ILE V 74 49.78 -19.21 -74.77
N SER V 75 49.01 -20.27 -74.88
CA SER V 75 49.65 -21.57 -75.14
C SER V 75 49.54 -21.73 -76.65
N GLY V 76 50.59 -21.34 -77.37
CA GLY V 76 50.58 -21.69 -78.78
C GLY V 76 50.13 -20.58 -79.61
N LEU V 77 51.02 -19.61 -79.72
CA LEU V 77 50.63 -18.29 -80.15
C LEU V 77 49.84 -18.40 -81.48
N GLN V 78 48.98 -17.48 -81.83
CA GLN V 78 48.57 -17.35 -83.21
C GLN V 78 48.42 -15.89 -83.63
N PHE V 79 48.63 -15.72 -84.90
CA PHE V 79 48.67 -14.44 -85.57
C PHE V 79 47.69 -13.33 -85.12
N ASP V 80 46.39 -13.62 -85.17
CA ASP V 80 45.37 -13.01 -84.28
C ASP V 80 45.66 -12.69 -82.80
N ASP V 81 46.50 -13.48 -82.10
CA ASP V 81 46.96 -13.11 -80.78
C ASP V 81 48.07 -12.03 -80.58
N PHE V 82 48.84 -11.72 -81.59
CA PHE V 82 49.73 -10.56 -81.47
C PHE V 82 48.99 -9.22 -81.24
N ALA V 83 49.21 -8.62 -80.05
CA ALA V 83 48.34 -7.57 -79.48
C ALA V 83 48.88 -7.03 -78.18
N THR V 84 48.19 -6.03 -77.63
CA THR V 84 48.59 -5.70 -76.29
C THR V 84 47.57 -6.24 -75.35
N TYR V 85 48.06 -6.51 -74.11
CA TYR V 85 47.26 -7.14 -73.07
C TYR V 85 47.31 -6.23 -71.89
N HIS V 86 46.19 -6.09 -71.19
CA HIS V 86 46.17 -5.25 -69.99
C HIS V 86 45.78 -5.99 -68.73
N CYS V 87 46.46 -5.79 -67.62
CA CYS V 87 45.96 -6.52 -66.44
C CYS V 87 45.21 -5.65 -65.49
N GLN V 88 44.10 -6.09 -64.97
CA GLN V 88 43.38 -5.10 -64.18
C GLN V 88 42.95 -5.58 -62.75
N HIS V 89 43.08 -4.69 -61.77
CA HIS V 89 42.53 -4.98 -60.55
C HIS V 89 41.12 -4.52 -60.49
N TYR V 90 40.16 -5.36 -60.62
CA TYR V 90 38.85 -4.82 -60.46
C TYR V 90 38.24 -4.84 -59.07
N ALA V 91 37.54 -3.77 -58.74
CA ALA V 91 37.34 -3.52 -57.32
C ALA V 91 36.10 -2.79 -56.96
N GLY V 92 34.96 -3.23 -57.47
CA GLY V 92 33.72 -2.84 -56.81
C GLY V 92 33.23 -1.48 -57.27
N TYR V 93 33.94 -0.35 -57.07
CA TYR V 93 33.61 0.89 -57.81
C TYR V 93 34.88 1.56 -58.26
N SER V 94 35.80 0.85 -58.89
CA SER V 94 37.09 1.48 -59.17
C SER V 94 37.98 0.38 -59.71
N ALA V 95 38.99 0.76 -60.54
CA ALA V 95 39.95 -0.23 -61.04
C ALA V 95 41.33 0.33 -61.14
N THR V 96 42.28 -0.53 -61.52
CA THR V 96 43.67 -0.12 -61.86
C THR V 96 44.26 -0.95 -63.05
N PHE V 97 45.23 -0.38 -63.85
CA PHE V 97 45.72 -1.12 -65.08
C PHE V 97 47.19 -1.46 -65.06
N GLY V 98 47.62 -2.34 -65.93
CA GLY V 98 49.04 -2.57 -66.01
C GLY V 98 49.62 -1.37 -66.71
N GLN V 99 50.90 -1.36 -66.99
CA GLN V 99 51.44 -0.51 -67.99
C GLN V 99 51.06 -1.19 -69.31
N GLY V 100 50.76 -2.47 -69.25
CA GLY V 100 50.25 -3.21 -70.42
C GLY V 100 51.32 -4.03 -71.09
N THR V 101 50.96 -5.18 -71.66
CA THR V 101 52.00 -5.84 -72.49
C THR V 101 51.82 -6.00 -73.97
N ARG V 102 52.78 -5.50 -74.71
CA ARG V 102 52.54 -5.73 -76.12
C ARG V 102 53.49 -6.73 -76.73
N VAL V 103 52.82 -7.74 -77.32
CA VAL V 103 53.39 -8.96 -77.84
C VAL V 103 53.57 -8.80 -79.32
N GLU V 104 54.81 -9.01 -79.76
CA GLU V 104 55.06 -8.82 -81.15
C GLU V 104 55.63 -10.01 -81.80
N ILE V 105 55.59 -9.95 -83.15
CA ILE V 105 56.00 -11.04 -84.01
C ILE V 105 57.54 -11.05 -84.08
N LYS V 106 58.29 -11.58 -83.07
CA LYS V 106 59.76 -11.71 -83.02
C LYS V 106 60.43 -11.98 -84.36
N ARG V 107 61.56 -11.35 -84.66
CA ARG V 107 62.28 -11.68 -85.88
C ARG V 107 63.60 -10.97 -85.92
N THR V 108 64.54 -11.44 -86.75
CA THR V 108 65.90 -10.89 -86.80
C THR V 108 65.81 -9.40 -86.72
N VAL V 109 66.75 -8.74 -86.07
CA VAL V 109 66.86 -7.28 -86.09
C VAL V 109 67.28 -6.67 -87.43
N ALA V 110 66.73 -5.51 -87.76
CA ALA V 110 66.97 -4.92 -89.05
C ALA V 110 66.81 -3.39 -89.01
N ALA V 111 67.74 -2.73 -89.71
CA ALA V 111 67.86 -1.28 -89.61
C ALA V 111 66.86 -0.49 -90.48
N PRO V 112 66.48 0.71 -90.06
CA PRO V 112 65.60 1.53 -90.82
C PRO V 112 66.41 2.14 -91.92
N SER V 113 66.00 1.98 -93.18
CA SER V 113 66.51 2.77 -94.32
C SER V 113 65.99 4.19 -94.02
N VAL V 114 66.67 5.24 -94.50
CA VAL V 114 66.39 6.61 -93.99
C VAL V 114 66.30 7.78 -94.99
N PHE V 115 65.24 8.55 -94.82
CA PHE V 115 64.90 9.55 -95.89
C PHE V 115 64.43 10.93 -95.42
N ILE V 116 65.06 11.97 -96.03
CA ILE V 116 64.61 13.32 -95.70
C ILE V 116 64.13 13.92 -96.96
N PHE V 117 63.14 14.76 -96.78
CA PHE V 117 62.30 15.09 -97.88
C PHE V 117 61.87 16.49 -97.58
N PRO V 118 62.43 17.52 -98.24
CA PRO V 118 62.10 18.93 -97.94
C PRO V 118 60.68 19.27 -98.47
N PRO V 119 60.00 20.33 -98.04
CA PRO V 119 58.65 20.58 -98.53
C PRO V 119 58.71 21.01 -99.96
N SER V 120 57.56 20.91 -100.63
CA SER V 120 57.35 21.38 -102.01
C SER V 120 57.41 22.85 -102.09
N ASP V 121 57.92 23.34 -103.21
CA ASP V 121 57.78 24.79 -103.43
C ASP V 121 56.29 25.17 -103.62
N GLU V 122 55.53 24.29 -104.25
CA GLU V 122 54.07 24.39 -104.18
C GLU V 122 53.53 24.82 -102.76
N GLN V 123 53.83 24.05 -101.72
CA GLN V 123 53.19 24.22 -100.39
C GLN V 123 53.64 25.45 -99.69
N LEU V 124 54.95 25.58 -99.68
CA LEU V 124 55.64 26.59 -98.91
C LEU V 124 55.24 27.98 -99.42
N LYS V 125 55.33 28.22 -100.73
CA LYS V 125 54.53 29.26 -101.37
C LYS V 125 53.33 29.69 -100.48
N SER V 126 52.38 28.77 -100.27
CA SER V 126 51.05 29.08 -99.69
C SER V 126 51.01 29.19 -98.17
N GLY V 127 52.18 29.08 -97.52
CA GLY V 127 52.39 29.63 -96.19
C GLY V 127 53.01 28.71 -95.16
N THR V 128 53.10 27.42 -95.49
CA THR V 128 53.43 26.39 -94.51
C THR V 128 54.61 25.44 -94.94
N ALA V 129 55.41 24.99 -94.00
CA ALA V 129 56.56 24.20 -94.38
C ALA V 129 56.48 22.76 -93.77
N SER V 130 56.27 21.77 -94.62
CA SER V 130 56.14 20.46 -94.07
C SER V 130 57.30 19.67 -94.63
N VAL V 131 58.35 19.60 -93.80
CA VAL V 131 59.59 18.86 -94.00
C VAL V 131 59.44 17.50 -93.36
N VAL V 132 59.76 16.42 -94.09
CA VAL V 132 59.50 15.00 -93.67
C VAL V 132 60.68 14.01 -93.71
N CYS V 133 60.66 13.09 -92.73
CA CYS V 133 61.73 12.18 -92.52
C CYS V 133 61.16 10.83 -92.40
N LEU V 134 61.81 9.82 -92.98
CA LEU V 134 61.22 8.48 -93.14
C LEU V 134 62.12 7.41 -92.52
N LEU V 135 61.58 6.48 -91.74
CA LEU V 135 62.29 5.27 -91.28
C LEU V 135 61.46 4.19 -91.93
N ASN V 136 62.09 3.68 -92.97
CA ASN V 136 61.52 2.61 -93.72
C ASN V 136 61.95 1.26 -93.18
N ASN V 137 61.04 0.43 -92.71
CA ASN V 137 61.36 -0.99 -92.71
C ASN V 137 62.49 -1.43 -91.77
N PHE V 138 62.25 -1.19 -90.50
CA PHE V 138 63.22 -1.46 -89.50
C PHE V 138 62.46 -2.33 -88.51
N TYR V 139 63.18 -3.01 -87.64
CA TYR V 139 62.69 -3.72 -86.50
C TYR V 139 64.03 -3.70 -85.67
N PRO V 140 64.02 -3.84 -84.34
CA PRO V 140 62.85 -3.95 -83.48
C PRO V 140 62.24 -2.60 -83.35
N ARG V 141 61.19 -2.43 -82.53
CA ARG V 141 60.28 -1.33 -82.92
C ARG V 141 60.74 0.09 -82.70
N GLU V 142 61.45 0.38 -81.64
CA GLU V 142 61.71 1.74 -81.24
C GLU V 142 62.97 2.38 -81.88
N ALA V 143 62.83 3.68 -82.15
CA ALA V 143 63.83 4.53 -82.83
C ALA V 143 63.77 5.95 -82.29
N LYS V 144 64.93 6.63 -82.31
CA LYS V 144 64.99 8.00 -81.84
C LYS V 144 65.02 8.81 -83.02
N VAL V 145 64.24 9.85 -83.08
CA VAL V 145 64.34 10.67 -84.26
C VAL V 145 64.32 12.12 -83.87
N GLN V 146 65.44 12.80 -83.81
CA GLN V 146 65.36 14.23 -83.53
C GLN V 146 65.73 15.01 -84.78
N TRP V 147 64.97 16.11 -85.00
CA TRP V 147 65.23 17.12 -86.03
C TRP V 147 66.27 18.24 -85.62
N LYS V 148 67.46 18.29 -86.19
CA LYS V 148 68.28 19.41 -85.83
C LYS V 148 68.14 20.48 -86.90
N VAL V 149 67.96 21.76 -86.52
CA VAL V 149 67.56 22.77 -87.51
C VAL V 149 68.52 23.87 -87.32
N ASP V 150 69.42 23.91 -88.26
CA ASP V 150 70.58 24.78 -88.25
C ASP V 150 71.45 24.36 -87.07
N ASN V 151 71.36 23.09 -86.73
CA ASN V 151 72.11 22.66 -85.59
C ASN V 151 71.33 22.93 -84.36
N ALA V 152 70.12 23.42 -84.52
CA ALA V 152 69.35 23.73 -83.35
C ALA V 152 68.46 22.53 -83.11
N LEU V 153 68.56 21.93 -81.91
CA LEU V 153 67.52 20.95 -81.51
C LEU V 153 65.99 21.30 -81.86
N GLN V 154 65.04 20.38 -81.86
CA GLN V 154 63.66 20.85 -81.90
C GLN V 154 62.81 20.17 -80.94
N SER V 155 61.55 20.59 -80.89
CA SER V 155 60.49 19.88 -80.09
C SER V 155 59.17 20.62 -80.17
N GLY V 156 58.10 19.85 -79.96
CA GLY V 156 56.73 20.30 -80.12
C GLY V 156 56.33 20.79 -81.51
N ASN V 157 57.27 21.06 -82.40
CA ASN V 157 56.87 21.51 -83.69
C ASN V 157 56.92 20.36 -84.66
N SER V 158 56.77 19.12 -84.16
CA SER V 158 56.79 17.94 -85.06
C SER V 158 55.98 16.77 -84.48
N GLN V 159 55.24 16.08 -85.37
CA GLN V 159 54.42 14.90 -85.05
C GLN V 159 55.04 13.68 -85.67
N GLU V 160 54.78 12.49 -85.10
CA GLU V 160 55.11 11.26 -85.87
C GLU V 160 54.03 10.21 -85.97
N SER V 161 54.27 9.15 -86.77
CA SER V 161 53.28 8.10 -87.01
C SER V 161 53.91 6.81 -87.48
N VAL V 162 53.48 5.69 -86.95
CA VAL V 162 54.20 4.45 -87.22
C VAL V 162 53.27 3.49 -87.84
N THR V 163 53.80 2.62 -88.60
CA THR V 163 53.01 1.65 -89.29
C THR V 163 52.83 0.47 -88.41
N GLU V 164 51.88 -0.44 -88.68
CA GLU V 164 51.72 -1.66 -87.80
C GLU V 164 52.65 -2.75 -88.43
N GLN V 165 52.91 -3.86 -87.71
CA GLN V 165 53.98 -4.84 -88.11
C GLN V 165 53.66 -5.44 -89.51
N ASP V 166 54.61 -5.23 -90.44
CA ASP V 166 54.44 -5.51 -91.86
C ASP V 166 53.91 -6.80 -92.26
N SER V 167 52.74 -6.62 -92.85
CA SER V 167 52.07 -7.50 -93.83
C SER V 167 52.99 -8.65 -94.34
N LYS V 168 54.29 -8.36 -94.58
CA LYS V 168 55.15 -9.26 -95.38
C LYS V 168 56.50 -9.73 -94.78
N ASP V 169 57.15 -8.83 -94.01
CA ASP V 169 58.50 -9.02 -93.53
C ASP V 169 58.58 -8.42 -92.15
N SER V 170 57.41 -8.12 -91.57
CA SER V 170 57.43 -8.00 -90.09
C SER V 170 58.19 -6.81 -89.55
N THR V 171 58.83 -6.01 -90.40
CA THR V 171 59.38 -4.73 -89.95
C THR V 171 58.26 -3.65 -89.60
N TYR V 172 58.73 -2.55 -88.99
CA TYR V 172 57.93 -1.40 -88.78
C TYR V 172 58.50 -0.34 -89.65
N SER V 173 57.65 0.52 -90.27
CA SER V 173 58.13 1.84 -90.71
C SER V 173 57.33 2.93 -90.02
N LEU V 174 57.89 4.15 -90.12
CA LEU V 174 57.34 5.39 -89.48
C LEU V 174 57.93 6.61 -90.13
N SER V 175 57.04 7.53 -90.48
CA SER V 175 57.47 8.84 -90.94
C SER V 175 57.70 9.73 -89.73
N SER V 176 58.40 10.84 -90.03
CA SER V 176 58.34 12.07 -89.21
C SER V 176 57.95 13.44 -89.86
N THR V 177 57.05 14.22 -89.23
CA THR V 177 56.86 15.54 -89.84
C THR V 177 57.14 16.80 -89.04
N LEU V 178 58.18 17.50 -89.51
CA LEU V 178 58.41 18.92 -89.22
C LEU V 178 57.25 19.76 -89.70
N THR V 179 56.59 20.56 -88.87
CA THR V 179 55.80 21.61 -89.44
C THR V 179 56.26 22.99 -89.10
N LEU V 180 56.58 23.80 -90.08
CA LEU V 180 56.95 25.19 -89.77
C LEU V 180 56.06 26.25 -90.47
N SER V 181 56.00 27.47 -89.93
CA SER V 181 55.55 28.63 -90.73
C SER V 181 56.56 28.86 -91.88
N LYS V 182 56.06 29.45 -92.99
CA LYS V 182 56.83 29.77 -94.22
C LYS V 182 57.90 30.71 -93.89
N ALA V 183 57.56 31.53 -92.91
CA ALA V 183 58.46 32.36 -92.11
C ALA V 183 59.65 31.62 -91.43
N ASP V 184 59.29 30.72 -90.52
CA ASP V 184 60.28 30.14 -89.68
C ASP V 184 61.22 29.32 -90.49
N TYR V 185 60.59 28.78 -91.53
CA TYR V 185 61.29 27.91 -92.48
C TYR V 185 62.24 28.76 -93.28
N GLU V 186 61.68 29.82 -93.81
CA GLU V 186 62.41 30.92 -94.35
C GLU V 186 63.67 31.39 -93.48
N LYS V 187 63.64 31.29 -92.14
CA LYS V 187 64.78 31.84 -91.32
C LYS V 187 66.06 31.00 -91.21
N HIS V 188 66.08 29.79 -91.74
CA HIS V 188 67.10 28.82 -91.37
C HIS V 188 67.61 27.99 -92.54
N LYS V 189 68.92 27.73 -92.57
CA LYS V 189 69.49 27.04 -93.75
C LYS V 189 69.54 25.49 -93.72
N VAL V 190 70.13 24.86 -92.72
CA VAL V 190 70.40 23.42 -92.82
C VAL V 190 69.34 22.59 -92.20
N TYR V 191 68.73 21.64 -92.87
CA TYR V 191 67.73 20.83 -92.14
C TYR V 191 68.16 19.37 -91.83
N ALA V 192 67.89 18.87 -90.65
CA ALA V 192 68.47 17.58 -90.33
C ALA V 192 67.56 16.54 -89.61
N CYS V 193 67.75 15.27 -89.96
CA CYS V 193 67.00 14.20 -89.36
C CYS V 193 68.00 13.23 -88.66
N GLU V 194 67.83 13.02 -87.35
CA GLU V 194 68.80 12.17 -86.64
C GLU V 194 68.32 10.90 -85.92
N VAL V 195 68.35 9.81 -86.69
CA VAL V 195 67.87 8.51 -86.25
C VAL V 195 68.88 7.64 -85.52
N THR V 196 68.35 7.04 -84.48
CA THR V 196 69.06 6.16 -83.61
C THR V 196 68.33 4.87 -83.63
N HIS V 197 69.10 3.80 -83.83
CA HIS V 197 68.58 2.43 -83.86
C HIS V 197 69.56 1.45 -83.35
N GLN V 198 68.99 0.28 -83.06
CA GLN V 198 69.69 -0.74 -82.32
C GLN V 198 70.29 -1.57 -83.38
N GLY V 199 69.68 -1.43 -84.55
CA GLY V 199 70.22 -1.97 -85.78
C GLY V 199 71.36 -1.09 -86.28
N LEU V 200 71.43 0.14 -85.74
CA LEU V 200 72.46 1.07 -86.16
C LEU V 200 73.55 0.97 -85.21
N SER V 201 74.71 0.78 -85.82
CA SER V 201 75.90 0.79 -85.05
C SER V 201 76.31 2.25 -84.81
N SER V 202 75.90 3.23 -85.61
CA SER V 202 75.76 4.56 -84.98
C SER V 202 74.75 5.64 -85.55
N PRO V 203 74.15 6.49 -84.67
CA PRO V 203 73.18 7.53 -85.05
C PRO V 203 73.37 8.03 -86.43
N VAL V 204 72.38 7.76 -87.24
CA VAL V 204 72.38 8.08 -88.63
C VAL V 204 71.59 9.35 -88.77
N THR V 205 72.08 10.22 -89.66
CA THR V 205 71.64 11.58 -89.79
C THR V 205 71.57 11.77 -91.29
N LYS V 206 70.37 11.90 -91.82
CA LYS V 206 70.24 12.29 -93.23
C LYS V 206 69.82 13.71 -93.15
N SER V 207 70.31 14.51 -94.09
CA SER V 207 69.83 15.88 -94.16
C SER V 207 69.92 16.52 -95.52
N PHE V 208 69.35 17.71 -95.58
CA PHE V 208 69.63 18.62 -96.67
C PHE V 208 69.83 20.00 -96.08
N ASN V 209 70.62 20.85 -96.77
CA ASN V 209 70.50 22.27 -96.54
C ASN V 209 69.57 22.74 -97.60
N ARG V 210 68.63 23.56 -97.14
CA ARG V 210 67.49 24.09 -97.87
C ARG V 210 67.85 24.92 -99.07
N GLY V 211 67.00 24.82 -100.07
CA GLY V 211 67.19 25.52 -101.32
C GLY V 211 68.27 24.93 -102.19
N GLU V 212 68.16 23.63 -102.46
CA GLU V 212 69.15 22.95 -103.34
C GLU V 212 68.69 21.77 -104.26
N GLN W 1 1.80 -12.88 30.60
CA GLN W 1 1.03 -13.16 31.85
C GLN W 1 -0.05 -12.11 32.11
N VAL W 2 -1.27 -12.58 32.34
CA VAL W 2 -2.39 -11.70 32.63
C VAL W 2 -2.11 -10.93 33.92
N GLN W 3 -2.43 -9.64 33.91
CA GLN W 3 -2.25 -8.81 35.10
C GLN W 3 -3.40 -7.81 35.23
N LEU W 4 -3.99 -7.78 36.40
CA LEU W 4 -5.06 -6.86 36.72
C LEU W 4 -4.58 -6.01 37.87
N VAL W 5 -4.48 -4.70 37.67
CA VAL W 5 -3.97 -3.80 38.71
C VAL W 5 -5.01 -2.74 39.04
N GLN W 6 -5.43 -2.70 40.30
CA GLN W 6 -6.49 -1.80 40.72
C GLN W 6 -5.95 -0.51 41.31
N SER W 7 -6.83 0.49 41.44
CA SER W 7 -6.45 1.74 42.09
C SER W 7 -6.43 1.52 43.61
N GLY W 8 -5.81 2.46 44.34
CA GLY W 8 -5.51 2.26 45.74
C GLY W 8 -6.71 2.36 46.68
N ALA W 9 -6.50 1.96 47.93
CA ALA W 9 -7.53 2.05 48.96
C ALA W 9 -7.99 3.49 49.17
N VAL W 10 -9.24 3.66 49.57
CA VAL W 10 -9.77 4.99 49.79
C VAL W 10 -10.74 5.02 50.98
N ILE W 11 -10.84 6.17 51.62
CA ILE W 11 -11.84 6.42 52.65
C ILE W 11 -12.96 7.29 52.05
N LYS W 12 -14.20 6.84 52.19
CA LYS W 12 -15.33 7.55 51.59
C LYS W 12 -16.34 7.91 52.66
N THR W 13 -16.97 9.06 52.54
CA THR W 13 -18.03 9.45 53.47
C THR W 13 -19.36 8.86 53.00
N PRO W 14 -20.24 8.51 53.93
CA PRO W 14 -21.56 7.99 53.55
C PRO W 14 -22.26 8.95 52.59
N GLY W 15 -22.89 8.41 51.55
CA GLY W 15 -23.56 9.25 50.55
C GLY W 15 -22.68 9.48 49.34
N SER W 16 -21.39 9.20 49.50
CA SER W 16 -20.39 9.30 48.43
C SER W 16 -20.59 8.26 47.35
N SER W 17 -19.86 8.44 46.26
CA SER W 17 -19.66 7.40 45.26
C SER W 17 -18.17 7.09 45.21
N VAL W 18 -17.82 5.84 44.93
CA VAL W 18 -16.43 5.48 44.74
C VAL W 18 -16.27 4.96 43.31
N LYS W 19 -15.19 5.36 42.66
CA LYS W 19 -14.88 4.86 41.32
C LYS W 19 -13.57 4.09 41.38
N ILE W 20 -13.64 2.80 41.11
CA ILE W 20 -12.46 1.94 41.16
C ILE W 20 -12.03 1.54 39.76
N SER W 21 -10.73 1.61 39.51
CA SER W 21 -10.20 1.24 38.19
C SER W 21 -9.44 -0.08 38.27
N CYS W 22 -9.43 -0.78 37.14
CA CYS W 22 -8.78 -2.08 37.04
C CYS W 22 -8.04 -2.13 35.70
N ARG W 23 -6.73 -1.87 35.72
CA ARG W 23 -5.92 -1.89 34.50
C ARG W 23 -5.58 -3.33 34.13
N ALA W 24 -6.03 -3.77 32.97
CA ALA W 24 -5.86 -5.16 32.55
C ALA W 24 -4.89 -5.25 31.39
N SER W 25 -3.90 -6.15 31.50
CA SER W 25 -2.87 -6.26 30.49
C SER W 25 -2.35 -7.68 30.38
N GLY W 26 -1.60 -7.97 29.31
CA GLY W 26 -1.06 -9.30 29.09
C GLY W 26 -1.96 -10.21 28.28
N TYR W 27 -3.04 -9.65 27.75
CA TYR W 27 -3.95 -10.40 26.89
C TYR W 27 -4.80 -9.42 26.08
N ASN W 28 -5.57 -9.91 25.13
CA ASN W 28 -6.44 -9.05 24.35
C ASN W 28 -7.67 -8.66 25.19
N PHE W 29 -7.72 -7.39 25.58
CA PHE W 29 -8.71 -6.90 26.54
C PHE W 29 -10.15 -7.09 26.06
N ARG W 30 -10.36 -6.98 24.76
CA ARG W 30 -11.70 -7.10 24.20
C ARG W 30 -12.27 -8.51 24.25
N ASP W 31 -11.40 -9.51 24.44
CA ASP W 31 -11.79 -10.91 24.31
C ASP W 31 -12.37 -11.55 25.58
N TYR W 32 -12.29 -10.85 26.70
CA TYR W 32 -12.73 -11.45 27.97
C TYR W 32 -13.53 -10.46 28.81
N SER W 33 -14.61 -10.94 29.41
CA SER W 33 -15.37 -10.16 30.37
C SER W 33 -14.52 -9.90 31.60
N ILE W 34 -14.81 -8.80 32.28
CA ILE W 34 -14.25 -8.56 33.60
C ILE W 34 -15.42 -8.57 34.57
N HIS W 35 -15.27 -9.24 35.70
CA HIS W 35 -16.29 -9.15 36.74
C HIS W 35 -15.76 -8.32 37.88
N TRP W 36 -16.68 -7.84 38.70
CA TRP W 36 -16.33 -7.23 39.96
C TRP W 36 -16.99 -8.01 41.08
N VAL W 37 -16.25 -8.16 42.16
CA VAL W 37 -16.76 -8.89 43.31
C VAL W 37 -16.20 -8.20 44.55
N ARG W 38 -16.99 -8.22 45.62
CA ARG W 38 -16.59 -7.58 46.88
C ARG W 38 -16.56 -8.64 47.97
N LEU W 39 -15.54 -8.56 48.82
CA LEU W 39 -15.44 -9.42 49.99
C LEU W 39 -15.76 -8.59 51.22
N ILE W 40 -16.89 -8.86 51.84
CA ILE W 40 -17.41 -8.06 52.95
C ILE W 40 -17.13 -8.74 54.29
N PRO W 41 -16.53 -7.99 55.23
CA PRO W 41 -16.23 -8.57 56.55
C PRO W 41 -17.47 -9.20 57.17
N ASP W 42 -17.35 -10.45 57.62
CA ASP W 42 -18.43 -11.15 58.32
C ASP W 42 -19.62 -11.50 57.42
N LYS W 43 -19.50 -11.29 56.12
CA LYS W 43 -20.60 -11.62 55.21
C LYS W 43 -20.15 -12.39 53.96
N GLY W 44 -18.87 -12.29 53.64
CA GLY W 44 -18.30 -13.09 52.55
C GLY W 44 -18.32 -12.36 51.22
N PHE W 45 -18.28 -13.13 50.14
CA PHE W 45 -18.21 -12.54 48.81
C PHE W 45 -19.59 -12.17 48.27
N GLU W 46 -19.63 -11.07 47.52
CA GLU W 46 -20.82 -10.67 46.81
C GLU W 46 -20.42 -10.25 45.40
N TRP W 47 -20.95 -10.96 44.41
CA TRP W 47 -20.73 -10.62 43.00
C TRP W 47 -21.44 -9.30 42.71
N ILE W 48 -20.76 -8.41 42.00
CA ILE W 48 -21.33 -7.08 41.71
C ILE W 48 -21.86 -6.99 40.29
N GLY W 49 -21.10 -7.49 39.33
CA GLY W 49 -21.55 -7.51 37.94
C GLY W 49 -20.43 -7.84 36.98
N TRP W 50 -20.71 -7.83 35.68
CA TRP W 50 -19.68 -8.03 34.68
C TRP W 50 -19.81 -7.00 33.60
N ILE W 51 -18.74 -6.84 32.83
CA ILE W 51 -18.74 -5.97 31.68
C ILE W 51 -18.02 -6.71 30.59
N LYS W 52 -18.54 -6.62 29.37
CA LYS W 52 -17.89 -7.18 28.20
C LYS W 52 -17.32 -6.02 27.38
N PRO W 53 -15.99 -5.92 27.32
CA PRO W 53 -15.24 -4.76 26.77
C PRO W 53 -15.52 -4.38 25.31
N LEU W 54 -15.95 -5.31 24.45
CA LEU W 54 -16.19 -4.99 23.04
C LEU W 54 -17.17 -3.83 22.86
N TRP W 55 -18.39 -4.02 23.36
CA TRP W 55 -19.45 -3.01 23.32
C TRP W 55 -19.63 -2.38 24.70
N GLY W 56 -18.97 -2.93 25.69
CA GLY W 56 -19.16 -2.49 27.06
C GLY W 56 -20.52 -2.87 27.62
N ALA W 57 -21.11 -3.94 27.11
CA ALA W 57 -22.34 -4.49 27.67
C ALA W 57 -22.12 -4.90 29.13
N VAL W 58 -23.16 -4.76 29.95
CA VAL W 58 -23.01 -4.98 31.39
C VAL W 58 -24.20 -5.72 31.97
N SER W 59 -23.96 -6.31 33.14
CA SER W 59 -25.01 -6.98 33.91
C SER W 59 -24.67 -6.72 35.37
N TYR W 60 -25.66 -6.23 36.11
CA TYR W 60 -25.47 -5.84 37.51
C TYR W 60 -26.29 -6.75 38.42
N ALA W 61 -25.70 -7.14 39.55
CA ALA W 61 -26.43 -7.89 40.55
C ALA W 61 -27.75 -7.17 40.88
N ARG W 62 -28.85 -7.91 40.80
CA ARG W 62 -30.17 -7.35 41.03
C ARG W 62 -30.20 -6.49 42.29
N GLN W 63 -29.56 -6.93 43.36
CA GLN W 63 -29.71 -6.25 44.64
C GLN W 63 -28.90 -4.97 44.71
N LEU W 64 -28.07 -4.72 43.69
CA LEU W 64 -27.23 -3.51 43.67
C LEU W 64 -27.65 -2.54 42.56
N GLN W 65 -28.65 -2.92 41.79
CA GLN W 65 -29.03 -2.11 40.63
C GLN W 65 -29.49 -0.72 41.07
N GLY W 66 -29.00 0.28 40.36
CA GLY W 66 -29.24 1.66 40.73
C GLY W 66 -28.05 2.26 41.46
N ARG W 67 -27.15 1.42 41.95
CA ARG W 67 -25.99 1.91 42.71
C ARG W 67 -24.67 1.60 42.01
N VAL W 68 -24.70 0.89 40.89
CA VAL W 68 -23.46 0.46 40.28
C VAL W 68 -23.44 0.78 38.79
N SER W 69 -22.27 1.21 38.31
CA SER W 69 -22.09 1.52 36.89
C SER W 69 -20.70 1.07 36.46
N MET W 70 -20.64 0.25 35.42
CA MET W 70 -19.36 -0.24 34.92
C MET W 70 -19.12 0.26 33.51
N THR W 71 -17.89 0.71 33.26
CA THR W 71 -17.48 1.24 31.95
C THR W 71 -16.06 0.74 31.71
N ARG W 72 -15.54 0.96 30.51
CA ARG W 72 -14.17 0.56 30.20
C ARG W 72 -13.53 1.50 29.19
N GLN W 73 -12.20 1.52 29.17
CA GLN W 73 -11.47 2.32 28.21
C GLN W 73 -10.40 1.45 27.58
N LEU W 74 -10.31 1.48 26.26
CA LEU W 74 -9.37 0.63 25.55
C LEU W 74 -8.10 1.43 25.26
N SER W 75 -6.95 0.77 25.39
CA SER W 75 -5.68 1.41 25.11
C SER W 75 -5.71 2.25 23.84
N GLN W 76 -5.05 3.41 23.90
CA GLN W 76 -4.90 4.25 22.71
C GLN W 76 -3.42 4.38 22.33
N ASP W 77 -2.67 3.31 22.58
CA ASP W 77 -1.25 3.32 22.26
C ASP W 77 -0.95 2.37 21.10
N PRO W 78 -0.64 2.92 19.92
CA PRO W 78 -0.48 2.21 18.65
C PRO W 78 0.46 1.00 18.69
N ASP W 79 1.48 1.03 19.55
CA ASP W 79 2.41 -0.09 19.64
C ASP W 79 2.10 -1.00 20.83
N ASP W 80 1.02 -0.67 21.55
CA ASP W 80 0.58 -1.45 22.70
C ASP W 80 -0.94 -1.36 22.83
N PRO W 81 -1.66 -1.85 21.82
CA PRO W 81 -3.09 -1.57 21.63
C PRO W 81 -4.06 -2.55 22.27
N ASP W 82 -3.58 -3.58 22.96
CA ASP W 82 -4.46 -4.68 23.38
C ASP W 82 -4.87 -4.69 24.85
N TRP W 83 -4.28 -3.82 25.67
CA TRP W 83 -4.69 -3.74 27.07
C TRP W 83 -5.84 -2.75 27.20
N GLY W 84 -6.42 -2.65 28.40
CA GLY W 84 -7.52 -1.74 28.64
C GLY W 84 -7.75 -1.54 30.12
N VAL W 85 -8.70 -0.67 30.45
CA VAL W 85 -9.04 -0.44 31.83
C VAL W 85 -10.53 -0.62 32.02
N ALA W 86 -10.90 -1.34 33.07
CA ALA W 86 -12.29 -1.47 33.48
C ALA W 86 -12.51 -0.59 34.71
N TYR W 87 -13.66 0.06 34.77
CA TYR W 87 -13.99 0.97 35.86
C TYR W 87 -15.30 0.50 36.49
N MET W 88 -15.39 0.58 37.81
CA MET W 88 -16.67 0.34 38.49
C MET W 88 -16.93 1.49 39.45
N GLU W 89 -18.12 2.08 39.33
CA GLU W 89 -18.49 3.18 40.19
C GLU W 89 -19.64 2.70 41.05
N PHE W 90 -19.52 2.91 42.35
CA PHE W 90 -20.49 2.40 43.32
C PHE W 90 -20.96 3.59 44.13
N SER W 91 -22.27 3.83 44.15
CA SER W 91 -22.79 5.06 44.72
C SER W 91 -23.69 4.86 45.93
N GLY W 92 -24.00 5.96 46.61
CA GLY W 92 -24.83 5.93 47.81
C GLY W 92 -24.23 5.03 48.87
N LEU W 93 -22.93 5.17 49.11
CA LEU W 93 -22.22 4.29 50.03
C LEU W 93 -22.70 4.46 51.47
N THR W 94 -22.70 3.35 52.20
CA THR W 94 -22.95 3.36 53.64
C THR W 94 -21.82 2.56 54.26
N PRO W 95 -21.70 2.59 55.59
CA PRO W 95 -20.70 1.78 56.29
C PRO W 95 -20.78 0.31 55.91
N ALA W 96 -21.97 -0.17 55.57
CA ALA W 96 -22.14 -1.56 55.18
C ALA W 96 -21.45 -1.88 53.85
N ASP W 97 -21.01 -0.86 53.13
CA ASP W 97 -20.29 -1.04 51.87
C ASP W 97 -18.78 -1.11 52.08
N THR W 98 -18.36 -0.99 53.35
CA THR W 98 -16.96 -1.15 53.69
C THR W 98 -16.54 -2.58 53.35
N ALA W 99 -15.67 -2.72 52.36
CA ALA W 99 -15.30 -4.04 51.87
C ALA W 99 -14.02 -3.93 51.05
N GLU W 100 -13.50 -5.09 50.63
CA GLU W 100 -12.42 -5.11 49.67
C GLU W 100 -13.02 -5.49 48.32
N TYR W 101 -12.79 -4.64 47.32
CA TYR W 101 -13.37 -4.81 45.99
C TYR W 101 -12.34 -5.38 45.04
N PHE W 102 -12.73 -6.40 44.28
CA PHE W 102 -11.84 -7.04 43.31
C PHE W 102 -12.41 -6.98 41.91
N CYS W 103 -11.53 -6.81 40.93
CA CYS W 103 -11.87 -7.09 39.55
C CYS W 103 -11.27 -8.44 39.24
N VAL W 104 -11.97 -9.25 38.46
CA VAL W 104 -11.54 -10.63 38.23
C VAL W 104 -11.83 -11.02 36.78
N ARG W 105 -11.14 -12.05 36.31
CA ARG W 105 -11.30 -12.51 34.93
C ARG W 105 -11.25 -14.03 34.91
N ARG W 106 -12.01 -14.65 34.01
CA ARG W 106 -12.00 -16.12 33.90
C ARG W 106 -10.68 -16.68 33.33
N GLY W 107 -10.48 -17.99 33.46
CA GLY W 107 -9.37 -18.66 32.83
C GLY W 107 -9.63 -18.77 31.33
N SER W 108 -8.62 -19.08 30.54
CA SER W 108 -8.79 -19.11 29.08
C SER W 108 -8.71 -20.50 28.48
N CYS W 109 -8.93 -21.53 29.30
CA CYS W 109 -8.91 -22.90 28.82
C CYS W 109 -10.27 -23.30 28.26
N ASP W 110 -10.31 -24.46 27.60
CA ASP W 110 -11.51 -24.91 26.91
C ASP W 110 -12.70 -25.15 27.85
N TYR W 111 -12.43 -25.66 29.05
CA TYR W 111 -13.52 -25.98 29.99
C TYR W 111 -13.74 -24.90 31.04
N CYS W 112 -13.06 -23.76 30.89
CA CYS W 112 -13.23 -22.63 31.80
C CYS W 112 -14.54 -21.93 31.50
N GLY W 113 -15.42 -21.85 32.50
CA GLY W 113 -16.67 -21.13 32.35
C GLY W 113 -16.45 -19.64 32.60
N ASP W 114 -17.54 -18.91 32.85
CA ASP W 114 -17.45 -17.47 33.03
C ASP W 114 -17.13 -17.06 34.46
N PHE W 115 -17.50 -17.90 35.41
CA PHE W 115 -17.41 -17.51 36.81
C PHE W 115 -16.18 -18.02 37.57
N PRO W 116 -15.54 -19.10 37.09
CA PRO W 116 -14.32 -19.45 37.81
C PRO W 116 -13.23 -18.44 37.50
N TRP W 117 -12.87 -17.61 38.48
CA TRP W 117 -11.97 -16.51 38.23
C TRP W 117 -10.51 -16.88 38.50
N GLN W 118 -9.78 -17.14 37.43
CA GLN W 118 -8.38 -17.52 37.50
C GLN W 118 -7.49 -16.33 37.85
N TYR W 119 -7.90 -15.13 37.45
CA TYR W 119 -7.08 -13.92 37.62
C TYR W 119 -7.80 -12.90 38.47
N TRP W 120 -7.09 -12.36 39.46
CA TRP W 120 -7.64 -11.40 40.42
C TRP W 120 -6.75 -10.15 40.49
N CYS W 121 -7.37 -8.97 40.53
CA CYS W 121 -6.64 -7.77 40.88
C CYS W 121 -6.24 -7.86 42.34
N GLN W 122 -5.38 -6.94 42.79
CA GLN W 122 -4.84 -7.04 44.14
C GLN W 122 -5.88 -6.61 45.18
N GLY W 123 -7.04 -6.18 44.72
CA GLY W 123 -8.08 -5.71 45.61
C GLY W 123 -7.95 -4.23 45.92
N THR W 124 -9.10 -3.61 46.16
CA THR W 124 -9.16 -2.23 46.62
C THR W 124 -10.01 -2.12 47.88
N VAL W 125 -9.41 -1.71 48.98
CA VAL W 125 -10.16 -1.54 50.23
C VAL W 125 -10.87 -0.19 50.22
N VAL W 126 -12.18 -0.23 50.44
CA VAL W 126 -12.98 0.97 50.59
C VAL W 126 -13.58 1.00 51.99
N VAL W 127 -13.24 2.04 52.75
CA VAL W 127 -13.80 2.23 54.08
C VAL W 127 -14.77 3.39 54.02
N VAL W 128 -16.02 3.13 54.38
CA VAL W 128 -17.03 4.19 54.41
C VAL W 128 -17.29 4.62 55.84
N GLU X 1 -32.20 -18.43 43.32
CA GLU X 1 -30.79 -18.29 43.66
C GLU X 1 -30.26 -19.59 44.24
N ILE X 2 -28.94 -19.74 44.26
CA ILE X 2 -28.30 -20.92 44.83
C ILE X 2 -27.69 -20.59 46.19
N VAL X 3 -27.99 -21.41 47.19
CA VAL X 3 -27.42 -21.29 48.51
C VAL X 3 -26.39 -22.40 48.69
N LEU X 4 -25.16 -22.00 48.98
CA LEU X 4 -24.06 -22.92 49.20
C LEU X 4 -23.70 -22.97 50.68
N THR X 5 -23.75 -24.16 51.27
CA THR X 5 -23.50 -24.32 52.70
C THR X 5 -22.23 -25.14 52.91
N GLN X 6 -21.20 -24.48 53.42
CA GLN X 6 -19.93 -25.16 53.62
C GLN X 6 -19.79 -25.70 55.03
N SER X 7 -19.09 -26.82 55.15
CA SER X 7 -18.78 -27.37 56.45
C SER X 7 -17.46 -28.11 56.35
N PRO X 8 -16.77 -28.28 57.48
CA PRO X 8 -17.17 -27.67 58.75
C PRO X 8 -16.78 -26.20 58.75
N GLY X 9 -17.14 -25.44 59.77
CA GLY X 9 -16.72 -24.05 59.83
C GLY X 9 -15.21 -23.97 60.03
N ILE X 10 -14.71 -24.79 60.95
CA ILE X 10 -13.28 -24.86 61.18
C ILE X 10 -12.84 -26.31 61.19
N LEU X 11 -11.74 -26.57 60.50
CA LEU X 11 -11.14 -27.90 60.47
C LEU X 11 -9.73 -27.79 61.04
N SER X 12 -9.42 -28.62 62.03
CA SER X 12 -8.12 -28.58 62.70
C SER X 12 -7.33 -29.86 62.41
N LEU X 13 -6.23 -29.73 61.69
CA LEU X 13 -5.45 -30.90 61.28
C LEU X 13 -3.98 -30.56 61.29
N SER X 14 -3.14 -31.57 61.17
CA SER X 14 -1.70 -31.38 61.16
C SER X 14 -1.12 -31.50 59.75
N PRO X 15 0.02 -30.84 59.51
CA PRO X 15 0.79 -31.04 58.27
C PRO X 15 1.00 -32.53 58.01
N GLY X 16 0.75 -32.97 56.78
CA GLY X 16 0.93 -34.38 56.44
C GLY X 16 -0.39 -35.12 56.35
N GLU X 17 -1.43 -34.58 56.98
CA GLU X 17 -2.72 -35.24 56.99
C GLU X 17 -3.55 -34.82 55.78
N THR X 18 -4.72 -35.43 55.62
CA THR X 18 -5.60 -35.08 54.53
C THR X 18 -6.85 -34.41 55.07
N ALA X 19 -7.20 -33.29 54.46
CA ALA X 19 -8.37 -32.54 54.87
C ALA X 19 -9.49 -32.82 53.89
N THR X 20 -10.70 -32.93 54.40
CA THR X 20 -11.86 -33.02 53.53
C THR X 20 -12.81 -31.91 53.92
N LEU X 21 -13.19 -31.12 52.92
CA LEU X 21 -14.12 -30.00 53.11
C LEU X 21 -15.35 -30.20 52.25
N PHE X 22 -16.50 -29.77 52.75
CA PHE X 22 -17.75 -30.09 52.09
C PHE X 22 -18.47 -28.83 51.67
N CYS X 23 -19.19 -28.89 50.56
CA CYS X 23 -20.07 -27.80 50.15
C CYS X 23 -21.36 -28.42 49.63
N LYS X 24 -22.48 -28.06 50.24
CA LYS X 24 -23.79 -28.54 49.81
C LYS X 24 -24.55 -27.40 49.12
N ALA X 25 -24.93 -27.59 47.85
CA ALA X 25 -25.71 -26.57 47.14
C ALA X 25 -27.21 -26.81 47.32
N SER X 26 -27.99 -25.75 47.31
CA SER X 26 -29.44 -25.88 47.47
C SER X 26 -30.09 -26.40 46.19
N GLN X 27 -29.33 -26.38 45.10
CA GLN X 27 -29.81 -26.88 43.81
C GLN X 27 -28.79 -27.85 43.22
N GLY X 28 -29.27 -28.96 42.70
CA GLY X 28 -28.40 -30.00 42.19
C GLY X 28 -28.07 -29.83 40.71
N GLY X 29 -26.99 -30.48 40.29
CA GLY X 29 -26.70 -30.58 38.87
C GLY X 29 -25.66 -29.61 38.34
N ASN X 30 -25.26 -28.62 39.14
CA ASN X 30 -24.27 -27.66 38.66
C ASN X 30 -22.87 -28.11 39.06
N ALA X 31 -21.86 -27.63 38.33
CA ALA X 31 -20.47 -27.91 38.69
C ALA X 31 -19.99 -26.94 39.76
N MET X 32 -18.93 -27.33 40.48
CA MET X 32 -18.44 -26.55 41.61
C MET X 32 -17.05 -25.96 41.38
N THR X 33 -16.84 -24.77 41.95
CA THR X 33 -15.57 -24.07 41.89
C THR X 33 -15.07 -23.89 43.32
N TRP X 34 -13.77 -23.98 43.53
CA TRP X 34 -13.19 -23.70 44.85
C TRP X 34 -12.08 -22.68 44.77
N TYR X 35 -12.00 -21.83 45.80
CA TYR X 35 -10.92 -20.86 45.95
C TYR X 35 -10.22 -21.05 47.28
N GLN X 36 -8.94 -20.69 47.29
CA GLN X 36 -8.17 -20.63 48.51
C GLN X 36 -7.88 -19.17 48.82
N LYS X 37 -8.08 -18.78 50.08
CA LYS X 37 -7.63 -17.46 50.50
C LYS X 37 -6.77 -17.55 51.74
N ARG X 38 -5.46 -17.44 51.56
CA ARG X 38 -4.55 -17.39 52.68
C ARG X 38 -4.75 -16.05 53.34
N ARG X 39 -4.52 -15.99 54.66
CA ARG X 39 -4.72 -14.75 55.40
C ARG X 39 -4.00 -13.58 54.74
N GLY X 40 -4.72 -12.50 54.48
CA GLY X 40 -4.14 -11.30 53.93
C GLY X 40 -3.67 -11.41 52.49
N GLN X 41 -4.04 -12.47 51.79
CA GLN X 41 -3.58 -12.64 50.40
C GLN X 41 -4.75 -12.64 49.43
N VAL X 42 -4.45 -12.40 48.15
CA VAL X 42 -5.47 -12.42 47.11
C VAL X 42 -6.02 -13.83 46.96
N PRO X 43 -7.35 -13.96 46.77
CA PRO X 43 -7.90 -15.29 46.55
C PRO X 43 -7.31 -15.95 45.32
N ARG X 44 -7.22 -17.28 45.38
CA ARG X 44 -6.59 -18.09 44.34
C ARG X 44 -7.57 -19.17 43.93
N LEU X 45 -7.82 -19.28 42.63
CA LEU X 45 -8.66 -20.35 42.09
C LEU X 45 -7.94 -21.68 42.27
N LEU X 46 -8.64 -22.69 42.78
CA LEU X 46 -8.07 -24.04 42.92
C LEU X 46 -8.68 -25.04 41.95
N ILE X 47 -10.00 -25.11 41.97
CA ILE X 47 -10.75 -26.12 41.23
C ILE X 47 -11.88 -25.47 40.44
N TYR X 48 -12.09 -25.91 39.22
CA TYR X 48 -13.27 -25.49 38.47
C TYR X 48 -13.90 -26.71 37.82
N ASP X 49 -15.13 -26.57 37.35
CA ASP X 49 -15.85 -27.69 36.74
C ASP X 49 -15.78 -28.92 37.68
N THR X 50 -15.87 -28.65 38.97
CA THR X 50 -15.94 -29.67 40.04
C THR X 50 -14.61 -30.38 40.36
N SER X 51 -13.84 -30.75 39.34
CA SER X 51 -12.64 -31.57 39.53
C SER X 51 -11.39 -31.12 38.77
N ARG X 52 -11.48 -30.06 37.99
CA ARG X 52 -10.32 -29.64 37.20
C ARG X 52 -9.47 -28.66 37.99
N ARG X 53 -8.16 -28.90 38.06
CA ARG X 53 -7.27 -28.02 38.82
C ARG X 53 -6.92 -26.79 37.99
N ALA X 54 -6.90 -25.61 38.63
CA ALA X 54 -6.55 -24.36 37.96
C ALA X 54 -5.04 -24.28 37.73
N SER X 55 -4.60 -23.20 37.08
CA SER X 55 -3.20 -23.02 36.75
C SER X 55 -2.30 -23.06 37.99
N GLY X 56 -1.25 -23.86 37.92
CA GLY X 56 -0.26 -23.95 38.99
C GLY X 56 -0.76 -24.56 40.29
N VAL X 57 -1.89 -25.23 40.27
CA VAL X 57 -2.42 -25.84 41.49
C VAL X 57 -1.92 -27.29 41.61
N PRO X 58 -1.24 -27.61 42.72
CA PRO X 58 -0.63 -28.94 42.84
C PRO X 58 -1.66 -30.05 42.99
N ASP X 59 -1.29 -31.28 42.64
CA ASP X 59 -2.25 -32.37 42.55
C ASP X 59 -2.74 -32.92 43.89
N ARG X 60 -2.25 -32.37 45.00
CA ARG X 60 -2.76 -32.80 46.29
C ARG X 60 -4.13 -32.16 46.55
N PHE X 61 -4.48 -31.14 45.79
CA PHE X 61 -5.85 -30.60 45.81
C PHE X 61 -6.72 -31.43 44.89
N VAL X 62 -7.82 -31.96 45.42
CA VAL X 62 -8.68 -32.83 44.63
C VAL X 62 -10.15 -32.45 44.82
N GLY X 63 -10.80 -32.02 43.75
CA GLY X 63 -12.19 -31.63 43.84
C GLY X 63 -13.07 -32.77 43.33
N SER X 64 -14.22 -32.97 43.94
CA SER X 64 -15.15 -33.97 43.46
C SER X 64 -16.55 -33.63 43.95
N GLY X 65 -17.53 -34.45 43.59
CA GLY X 65 -18.89 -34.17 43.99
C GLY X 65 -19.86 -34.50 42.89
N SER X 66 -21.14 -34.43 43.22
CA SER X 66 -22.21 -34.76 42.30
C SER X 66 -23.56 -34.35 42.93
N GLY X 67 -24.52 -33.95 42.10
CA GLY X 67 -25.82 -33.55 42.60
C GLY X 67 -25.75 -32.28 43.43
N THR X 68 -25.96 -32.40 44.74
CA THR X 68 -25.87 -31.26 45.63
C THR X 68 -24.65 -31.30 46.55
N ASP X 69 -23.92 -32.41 46.53
CA ASP X 69 -22.83 -32.63 47.48
C ASP X 69 -21.45 -32.56 46.83
N PHE X 70 -20.62 -31.63 47.31
CA PHE X 70 -19.32 -31.39 46.69
C PHE X 70 -18.24 -31.35 47.74
N PHE X 71 -17.01 -31.68 47.32
CA PHE X 71 -15.93 -31.90 48.27
C PHE X 71 -14.63 -31.32 47.75
N LEU X 72 -13.85 -30.73 48.64
CA LEU X 72 -12.45 -30.43 48.34
C LEU X 72 -11.59 -31.31 49.26
N THR X 73 -10.71 -32.12 48.67
CA THR X 73 -9.81 -32.95 49.45
C THR X 73 -8.39 -32.44 49.28
N ILE X 74 -7.70 -32.21 50.40
CA ILE X 74 -6.32 -31.75 50.33
C ILE X 74 -5.41 -32.81 50.95
N ASN X 75 -4.69 -33.52 50.09
CA ASN X 75 -3.78 -34.56 50.53
C ASN X 75 -2.44 -34.02 51.05
N LYS X 76 -1.81 -34.79 51.92
CA LYS X 76 -0.51 -34.44 52.51
C LYS X 76 -0.37 -32.94 52.73
N LEU X 77 -1.12 -32.43 53.71
CA LEU X 77 -1.21 -31.00 53.96
C LEU X 77 0.14 -30.31 54.12
N ASP X 78 0.33 -29.19 53.43
CA ASP X 78 1.56 -28.41 53.51
C ASP X 78 1.27 -27.20 54.39
N ARG X 79 2.30 -26.60 54.98
CA ARG X 79 2.10 -25.45 55.86
C ARG X 79 1.29 -24.35 55.16
N GLU X 80 1.46 -24.23 53.85
CA GLU X 80 0.79 -23.17 53.11
C GLU X 80 -0.70 -23.45 52.90
N ASP X 81 -1.14 -24.68 53.14
CA ASP X 81 -2.53 -25.06 52.84
C ASP X 81 -3.50 -24.57 53.92
N PHE X 82 -2.95 -24.05 55.01
CA PHE X 82 -3.80 -23.58 56.08
C PHE X 82 -4.27 -22.18 55.76
N ALA X 83 -5.57 -22.10 55.48
CA ALA X 83 -6.16 -20.94 54.85
C ALA X 83 -7.67 -21.12 54.93
N VAL X 84 -8.42 -20.16 54.39
CA VAL X 84 -9.87 -20.29 54.26
C VAL X 84 -10.22 -20.69 52.84
N TYR X 85 -11.16 -21.60 52.70
CA TYR X 85 -11.54 -22.15 51.40
C TYR X 85 -13.01 -21.85 51.10
N TYR X 86 -13.28 -21.36 49.88
CA TYR X 86 -14.63 -20.95 49.51
C TYR X 86 -15.08 -21.71 48.30
N CYS X 87 -16.36 -22.07 48.29
CA CYS X 87 -16.94 -22.71 47.11
C CYS X 87 -17.81 -21.69 46.36
N GLN X 88 -18.03 -21.92 45.07
CA GLN X 88 -18.76 -20.99 44.23
C GLN X 88 -19.48 -21.72 43.12
N GLN X 89 -20.69 -21.28 42.82
CA GLN X 89 -21.36 -21.68 41.60
C GLN X 89 -21.98 -20.44 41.01
N PHE X 90 -21.59 -20.10 39.78
CA PHE X 90 -22.05 -18.88 39.16
C PHE X 90 -21.76 -17.71 40.10
N GLU X 91 -22.71 -16.81 40.30
CA GLU X 91 -22.44 -15.66 41.14
C GLU X 91 -22.60 -15.95 42.64
N PHE X 92 -22.86 -17.20 42.99
CA PHE X 92 -23.16 -17.55 44.39
C PHE X 92 -21.97 -18.18 45.13
N PHE X 93 -21.84 -17.88 46.42
CA PHE X 93 -20.68 -18.31 47.19
C PHE X 93 -21.03 -18.94 48.53
N GLY X 94 -20.22 -19.92 48.93
CA GLY X 94 -20.24 -20.40 50.30
C GLY X 94 -19.57 -19.39 51.22
N LEU X 95 -19.83 -19.50 52.52
CA LEU X 95 -19.29 -18.57 53.49
C LEU X 95 -17.87 -18.92 53.97
N GLY X 96 -17.35 -20.05 53.50
CA GLY X 96 -15.97 -20.41 53.73
C GLY X 96 -15.74 -21.40 54.85
N SER X 97 -14.72 -22.25 54.69
CA SER X 97 -14.27 -23.13 55.77
C SER X 97 -12.82 -22.81 56.08
N GLU X 98 -12.51 -22.66 57.35
CA GLU X 98 -11.14 -22.38 57.73
C GLU X 98 -10.40 -23.68 58.06
N LEU X 99 -9.26 -23.87 57.42
CA LEU X 99 -8.36 -24.97 57.79
C LEU X 99 -7.25 -24.42 58.69
N GLU X 100 -7.22 -24.90 59.94
CA GLU X 100 -6.29 -24.40 60.96
C GLU X 100 -5.35 -25.52 61.44
N VAL X 101 -4.21 -25.14 62.02
CA VAL X 101 -3.22 -26.12 62.45
C VAL X 101 -3.55 -26.71 63.82
#